data_2FFL
#
_entry.id   2FFL
#
_cell.length_a   155.515
_cell.length_b   174.101
_cell.length_c   152.910
_cell.angle_alpha   90.00
_cell.angle_beta   90.00
_cell.angle_gamma   90.00
#
_symmetry.space_group_name_H-M   'P 21 21 2'
#
loop_
_entity.id
_entity.type
_entity.pdbx_description
1 polymer Dicer
2 non-polymer 'MANGANESE (II) ION'
3 water water
#
_entity_poly.entity_id   1
_entity_poly.type   'polypeptide(L)'
_entity_poly.pdbx_seq_one_letter_code
;GAMHALGHCCTVVTTRGPSHWLLLLDTHLGTLPGFKVSAGRGLPAAEVYFEAGPRVSLSRTDATIVAVYQSILFQLLGPT
FPASWTEIGATMPHNEYTFPRFISNPPQFATLAFLPLLSPTSPLDLRALMVTAQLMCDAKRLSDEYTDYSTLSASLHGRM
VATPEISWSLYVVLGIDSTQTSLSYFTRANESITYMRYYATAHNIHLRAADLPLVAAVRLDDLKDHQIPAPGSWDDLAPK
LRFLPPELCLLLPDEFDLIRVQALQFLPEIAKHICDIQNTICALDKSFPDCGRIGGERYFAITAGLRLDQGRGRGLAGWR
TPFGPFGVSHTDVFQRLELLGDAVLGFIVTARLLCLFPDASVGTLVELKMELVRNEALNYLVQTLGLPQLAEFSNNLVAK
SKTWADMYEEIVGSIFTGPNGIYGCEEFLAKTLMSPEHSKTVGSACPDAVTKASKRVCMGEAGAHEFRSLVDYACEQGIS
VFCSSRVSTMFLERLRDIPAEDMLDWYRLGIQFSHRSGLSGPGGVVSVIDIMTHLARGLWLGSPGFYVEQQTDKNESACP
PTIPVLYIYHRSVQCPVLYGSLTETPTGPVASKVLALYEKILAYESSGGSKHIAAQTVSRSLAVPIPSGTIPFLIRLLQI
ALTPHVYQKLELLGDAFLKCSLALHLHALHPTLTEGALTRMRQSAETNSVLGRLTKRFPSVVSEVIIESHPKIQPDSKVY
GDTFEAILAAILLACGEEAAGAFVREHVLPQVVADA
;
_entity_poly.pdbx_strand_id   A,B,C,D
#
loop_
_chem_comp.id
_chem_comp.type
_chem_comp.name
_chem_comp.formula
MN non-polymer 'MANGANESE (II) ION' 'Mn 2'
#
# COMPACT_ATOMS: atom_id res chain seq x y z
N GLY A 1 -28.30 18.72 -40.16
CA GLY A 1 -29.17 17.71 -39.48
C GLY A 1 -30.64 17.79 -39.86
N ALA A 2 -31.50 17.15 -39.06
CA ALA A 2 -32.97 17.13 -39.24
C ALA A 2 -33.52 18.56 -39.20
N MET A 3 -34.15 18.93 -38.10
CA MET A 3 -34.41 20.34 -37.82
C MET A 3 -33.29 20.88 -36.95
N HIS A 4 -32.69 19.98 -36.17
CA HIS A 4 -31.61 20.31 -35.24
C HIS A 4 -30.39 20.89 -35.96
N ALA A 5 -30.41 22.21 -36.22
CA ALA A 5 -29.37 22.88 -36.99
C ALA A 5 -29.27 24.36 -36.63
N LEU A 6 -28.08 24.78 -36.18
CA LEU A 6 -27.85 26.17 -35.75
C LEU A 6 -26.91 26.89 -36.72
N GLY A 7 -27.22 28.15 -37.01
CA GLY A 7 -26.48 28.91 -38.00
C GLY A 7 -25.39 29.78 -37.42
N HIS A 8 -24.37 30.05 -38.24
CA HIS A 8 -23.28 30.97 -37.90
C HIS A 8 -22.83 31.66 -39.19
N CYS A 9 -22.66 32.99 -39.15
CA CYS A 9 -22.26 33.71 -40.35
C CYS A 9 -20.74 33.80 -40.45
N CYS A 10 -20.13 32.64 -40.62
CA CYS A 10 -18.70 32.50 -40.81
C CYS A 10 -18.15 33.35 -41.98
N THR A 11 -17.11 34.13 -41.72
CA THR A 11 -16.49 34.98 -42.74
C THR A 11 -14.97 34.84 -42.83
N VAL A 12 -14.47 34.36 -43.95
CA VAL A 12 -13.03 34.23 -44.16
C VAL A 12 -12.51 35.50 -44.84
N VAL A 13 -11.50 36.12 -44.25
CA VAL A 13 -10.94 37.37 -44.77
C VAL A 13 -9.48 37.22 -45.16
N THR A 14 -9.19 37.41 -46.44
CA THR A 14 -7.83 37.48 -46.93
C THR A 14 -7.46 38.90 -47.38
N THR A 15 -6.20 39.06 -47.78
CA THR A 15 -5.68 40.30 -48.33
C THR A 15 -6.52 40.76 -49.52
N ARG A 16 -7.14 39.81 -50.23
CA ARG A 16 -7.86 40.15 -51.46
C ARG A 16 -9.35 40.37 -51.29
N GLY A 17 -9.83 40.27 -50.05
CA GLY A 17 -11.24 40.52 -49.77
C GLY A 17 -11.87 39.49 -48.83
N PRO A 18 -13.12 39.74 -48.44
CA PRO A 18 -13.90 38.84 -47.58
C PRO A 18 -14.81 37.86 -48.34
N SER A 19 -14.96 36.66 -47.79
CA SER A 19 -15.83 35.64 -48.38
C SER A 19 -16.80 35.15 -47.32
N HIS A 20 -18.08 35.11 -47.66
CA HIS A 20 -19.12 34.80 -46.66
C HIS A 20 -19.72 33.42 -46.83
N TRP A 21 -19.90 32.74 -45.70
CA TRP A 21 -20.40 31.39 -45.67
C TRP A 21 -21.38 31.26 -44.52
N LEU A 22 -22.30 30.32 -44.66
CA LEU A 22 -23.18 29.99 -43.56
C LEU A 22 -22.75 28.64 -42.98
N LEU A 23 -22.25 28.64 -41.75
CA LEU A 23 -21.91 27.40 -41.08
C LEU A 23 -23.15 26.83 -40.37
N LEU A 24 -23.39 25.53 -40.54
CA LEU A 24 -24.47 24.85 -39.84
C LEU A 24 -23.93 23.81 -38.89
N LEU A 25 -24.27 23.94 -37.61
CA LEU A 25 -23.87 22.97 -36.58
C LEU A 25 -25.09 22.28 -36.00
N ASP A 26 -24.94 21.03 -35.61
CA ASP A 26 -26.01 20.29 -34.97
C ASP A 26 -25.82 20.32 -33.45
N THR A 27 -24.95 21.22 -32.99
CA THR A 27 -24.63 21.32 -31.57
C THR A 27 -24.67 22.78 -31.11
N HIS A 28 -25.24 23.03 -29.93
CA HIS A 28 -25.16 24.35 -29.31
C HIS A 28 -23.75 24.61 -28.78
N LEU A 29 -23.01 25.46 -29.50
CA LEU A 29 -21.66 25.87 -29.11
C LEU A 29 -21.61 27.36 -28.79
N GLY A 30 -22.78 27.96 -28.54
CA GLY A 30 -22.86 29.40 -28.30
C GLY A 30 -22.20 30.16 -29.45
N THR A 31 -21.41 31.18 -29.11
CA THR A 31 -20.65 31.89 -30.14
C THR A 31 -19.28 31.24 -30.31
N LEU A 32 -18.76 31.28 -31.53
CA LEU A 32 -17.45 30.72 -31.82
C LEU A 32 -16.43 31.84 -31.86
N PRO A 33 -15.37 31.73 -31.05
CA PRO A 33 -14.31 32.70 -31.08
C PRO A 33 -13.64 32.67 -32.44
N GLY A 34 -13.55 33.82 -33.09
CA GLY A 34 -12.84 33.92 -34.35
C GLY A 34 -11.37 33.59 -34.16
N PHE A 35 -10.72 33.20 -35.25
CA PHE A 35 -9.31 32.91 -35.23
C PHE A 35 -8.67 33.39 -36.52
N LYS A 36 -7.34 33.48 -36.50
CA LYS A 36 -6.58 33.82 -37.70
C LYS A 36 -5.53 32.78 -38.02
N VAL A 37 -5.48 32.41 -39.29
CA VAL A 37 -4.54 31.40 -39.77
C VAL A 37 -3.29 32.06 -40.33
N SER A 38 -2.16 31.47 -39.96
CA SER A 38 -0.84 31.94 -40.31
C SER A 38 -0.57 31.75 -41.79
N ALA A 39 0.43 32.46 -42.32
CA ALA A 39 0.96 32.26 -43.67
C ALA A 39 1.13 30.78 -43.97
N GLY A 40 0.52 30.34 -45.07
CA GLY A 40 0.09 28.95 -45.18
C GLY A 40 0.87 27.90 -45.94
N ARG A 41 0.36 26.67 -45.77
CA ARG A 41 0.73 25.50 -46.54
C ARG A 41 0.10 25.67 -47.91
N GLY A 42 0.69 26.57 -48.69
CA GLY A 42 0.20 26.90 -50.01
C GLY A 42 -0.93 27.91 -50.01
N LEU A 43 -1.28 28.42 -48.82
CA LEU A 43 -2.34 29.42 -48.71
C LEU A 43 -1.88 30.66 -47.95
N PRO A 44 -2.51 31.85 -48.19
CA PRO A 44 -1.98 33.05 -47.54
C PRO A 44 -2.46 33.10 -46.11
N ALA A 45 -1.99 34.09 -45.35
CA ALA A 45 -2.54 34.32 -44.03
C ALA A 45 -3.97 34.79 -44.23
N ALA A 46 -4.84 34.43 -43.31
CA ALA A 46 -6.23 34.87 -43.32
C ALA A 46 -6.80 35.00 -41.91
N GLU A 47 -7.95 35.66 -41.81
CA GLU A 47 -8.66 35.84 -40.54
C GLU A 47 -10.12 35.36 -40.68
N VAL A 48 -10.58 34.56 -39.73
CA VAL A 48 -11.94 34.02 -39.74
C VAL A 48 -12.78 34.59 -38.62
N TYR A 49 -13.88 35.27 -38.96
CA TYR A 49 -14.80 35.82 -37.98
C TYR A 49 -16.11 35.08 -38.02
N PHE A 50 -16.66 34.74 -36.86
CA PHE A 50 -17.97 34.12 -36.79
C PHE A 50 -18.95 35.08 -36.20
N GLU A 51 -20.24 34.79 -36.36
CA GLU A 51 -21.30 35.37 -35.54
C GLU A 51 -22.60 34.58 -35.65
N ALA A 52 -23.12 34.14 -34.50
CA ALA A 52 -24.32 33.31 -34.42
C ALA A 52 -25.48 33.99 -35.11
N GLY A 53 -26.41 33.19 -35.61
CA GLY A 53 -27.55 33.71 -36.36
C GLY A 53 -28.83 32.96 -36.04
N PRO A 54 -29.74 32.83 -37.04
CA PRO A 54 -31.02 32.17 -36.84
C PRO A 54 -30.85 30.70 -36.42
N ARG A 55 -31.94 30.04 -36.01
CA ARG A 55 -31.88 28.61 -35.66
C ARG A 55 -32.43 27.73 -36.79
N VAL A 56 -32.13 28.14 -38.03
CA VAL A 56 -32.52 27.48 -39.30
C VAL A 56 -33.01 26.02 -39.25
N SER A 57 -34.23 25.81 -39.75
CA SER A 57 -34.81 24.46 -39.85
C SER A 57 -34.72 23.89 -41.27
N LEU A 58 -34.54 22.57 -41.37
CA LEU A 58 -34.34 21.93 -42.67
C LEU A 58 -35.17 20.65 -42.80
N SER A 59 -35.90 20.52 -43.91
CA SER A 59 -36.60 19.28 -44.18
C SER A 59 -35.59 18.26 -44.69
N ARG A 60 -35.88 16.98 -44.48
CA ARG A 60 -35.00 15.89 -44.93
C ARG A 60 -34.51 16.09 -46.37
N THR A 61 -35.45 16.47 -47.25
CA THR A 61 -35.20 16.73 -48.65
C THR A 61 -34.21 17.87 -48.86
N ASP A 62 -34.32 18.91 -48.03
CA ASP A 62 -33.43 20.06 -48.13
C ASP A 62 -32.06 19.75 -47.55
N ALA A 63 -32.02 18.96 -46.47
CA ALA A 63 -30.77 18.58 -45.83
C ALA A 63 -29.87 17.80 -46.75
N THR A 64 -30.47 17.05 -47.66
CA THR A 64 -29.71 16.23 -48.60
C THR A 64 -29.24 17.07 -49.79
N ILE A 65 -29.92 18.19 -50.05
CA ILE A 65 -29.43 19.15 -51.06
C ILE A 65 -28.18 19.86 -50.50
N VAL A 66 -28.17 20.12 -49.20
CA VAL A 66 -26.95 20.59 -48.56
C VAL A 66 -25.84 19.55 -48.79
N ALA A 67 -26.14 18.30 -48.45
CA ALA A 67 -25.19 17.20 -48.64
C ALA A 67 -24.57 17.20 -50.04
N VAL A 68 -25.35 17.56 -51.05
CA VAL A 68 -24.83 17.66 -52.42
C VAL A 68 -23.75 18.71 -52.50
N TYR A 69 -24.08 19.93 -52.05
CA TYR A 69 -23.12 21.03 -52.13
C TYR A 69 -21.81 20.67 -51.43
N GLN A 70 -21.91 20.04 -50.26
CA GLN A 70 -20.77 19.53 -49.52
C GLN A 70 -19.81 18.73 -50.40
N SER A 71 -20.32 17.74 -51.11
CA SER A 71 -19.46 16.90 -51.93
C SER A 71 -18.84 17.70 -53.06
N ILE A 72 -19.53 18.73 -53.54
CA ILE A 72 -18.91 19.59 -54.55
C ILE A 72 -17.70 20.26 -53.92
N LEU A 73 -17.83 20.69 -52.68
CA LEU A 73 -16.73 21.32 -51.96
C LEU A 73 -15.62 20.33 -51.72
N PHE A 74 -15.96 19.12 -51.28
CA PHE A 74 -14.93 18.12 -50.97
C PHE A 74 -14.10 17.79 -52.19
N GLN A 75 -14.75 17.77 -53.34
CA GLN A 75 -14.03 17.47 -54.55
C GLN A 75 -12.98 18.54 -54.83
N LEU A 76 -13.40 19.81 -54.77
CA LEU A 76 -12.49 20.94 -54.96
C LEU A 76 -11.36 20.96 -53.94
N LEU A 77 -11.63 20.45 -52.74
CA LEU A 77 -10.62 20.42 -51.69
C LEU A 77 -9.50 19.46 -52.05
N GLY A 78 -9.82 18.47 -52.88
CA GLY A 78 -8.81 17.55 -53.35
C GLY A 78 -8.83 16.24 -52.60
N PRO A 79 -8.08 15.25 -53.12
CA PRO A 79 -8.06 13.90 -52.57
C PRO A 79 -7.32 13.79 -51.25
N THR A 80 -6.67 14.86 -50.82
CA THR A 80 -5.95 14.85 -49.53
C THR A 80 -6.87 14.97 -48.30
N PHE A 81 -8.11 15.37 -48.51
CA PHE A 81 -9.07 15.58 -47.43
C PHE A 81 -10.17 14.54 -47.45
N PRO A 82 -10.41 13.87 -46.30
CA PRO A 82 -11.51 12.91 -46.24
C PRO A 82 -12.83 13.65 -46.45
N ALA A 83 -13.71 13.09 -47.29
CA ALA A 83 -14.96 13.79 -47.64
C ALA A 83 -16.01 13.78 -46.54
N SER A 84 -15.61 14.24 -45.36
CA SER A 84 -16.52 14.47 -44.24
C SER A 84 -15.87 15.55 -43.43
N TRP A 85 -16.63 16.57 -43.03
CA TRP A 85 -16.03 17.65 -42.23
C TRP A 85 -15.59 17.13 -40.88
N THR A 86 -16.37 16.22 -40.31
CA THR A 86 -16.05 15.60 -39.04
C THR A 86 -14.71 14.88 -39.12
N GLU A 87 -14.57 14.00 -40.10
CA GLU A 87 -13.33 13.25 -40.25
C GLU A 87 -12.10 14.15 -40.45
N ILE A 88 -12.30 15.36 -40.97
CA ILE A 88 -11.19 16.28 -41.19
C ILE A 88 -10.58 16.74 -39.86
N GLY A 89 -11.46 17.17 -38.95
CA GLY A 89 -11.06 17.53 -37.59
C GLY A 89 -10.71 16.33 -36.74
N ALA A 90 -11.55 15.30 -36.80
CA ALA A 90 -11.35 14.11 -35.97
C ALA A 90 -10.15 13.25 -36.37
N THR A 91 -9.29 13.78 -37.23
CA THR A 91 -8.02 13.11 -37.51
C THR A 91 -6.86 14.08 -37.46
N MET A 92 -7.09 15.29 -36.93
CA MET A 92 -6.01 16.27 -36.73
C MET A 92 -4.82 15.62 -36.02
N PRO A 93 -3.59 15.93 -36.46
CA PRO A 93 -2.46 15.53 -35.65
C PRO A 93 -2.61 16.21 -34.29
N HIS A 94 -2.23 15.54 -33.21
CA HIS A 94 -2.44 16.11 -31.88
C HIS A 94 -1.84 17.50 -31.73
N ASN A 95 -0.68 17.71 -32.33
CA ASN A 95 -0.01 19.00 -32.25
C ASN A 95 -0.78 20.18 -32.87
N GLU A 96 -1.99 19.94 -33.34
CA GLU A 96 -2.82 20.99 -33.93
C GLU A 96 -3.89 21.49 -32.96
N TYR A 97 -4.11 20.75 -31.88
CA TYR A 97 -5.04 21.17 -30.84
C TYR A 97 -4.45 22.29 -29.98
N THR A 98 -5.30 22.92 -29.18
CA THR A 98 -4.84 23.95 -28.25
C THR A 98 -4.18 23.29 -27.05
N PHE A 99 -4.56 22.04 -26.79
CA PHE A 99 -3.96 21.29 -25.69
C PHE A 99 -3.52 19.89 -26.11
N PRO A 100 -2.43 19.78 -26.91
CA PRO A 100 -1.88 18.49 -27.35
C PRO A 100 -1.71 17.43 -26.23
N ARG A 101 -1.55 17.88 -24.99
CA ARG A 101 -1.33 16.96 -23.88
C ARG A 101 -2.62 16.36 -23.33
N PHE A 102 -3.75 17.00 -23.64
CA PHE A 102 -5.02 16.52 -23.12
C PHE A 102 -5.98 16.26 -24.25
N ILE A 103 -5.64 15.28 -25.10
CA ILE A 103 -6.53 14.93 -26.20
C ILE A 103 -7.53 13.92 -25.71
N SER A 104 -8.77 14.38 -25.50
CA SER A 104 -9.80 13.53 -24.95
C SER A 104 -10.82 13.25 -26.00
N ASN A 105 -11.02 11.96 -26.28
CA ASN A 105 -11.96 11.53 -27.29
C ASN A 105 -13.41 11.78 -26.87
N PRO A 106 -14.03 12.85 -27.44
CA PRO A 106 -15.43 13.20 -27.14
C PRO A 106 -16.38 12.12 -27.65
N PRO A 107 -17.47 11.85 -26.89
CA PRO A 107 -18.47 10.85 -27.31
C PRO A 107 -19.05 11.27 -28.66
N GLN A 108 -19.62 12.47 -28.70
CA GLN A 108 -20.06 13.07 -29.96
C GLN A 108 -18.92 13.83 -30.59
N PHE A 109 -19.04 14.06 -31.89
CA PHE A 109 -18.28 15.11 -32.59
C PHE A 109 -19.35 15.92 -33.28
N ALA A 110 -19.02 17.17 -33.62
CA ALA A 110 -20.04 18.03 -34.22
C ALA A 110 -20.23 17.67 -35.68
N THR A 111 -21.40 18.02 -36.20
CA THR A 111 -21.74 17.78 -37.58
C THR A 111 -21.99 19.11 -38.25
N LEU A 112 -21.07 19.49 -39.13
CA LEU A 112 -21.13 20.79 -39.79
C LEU A 112 -21.33 20.66 -41.27
N ALA A 113 -21.84 21.74 -41.87
CA ALA A 113 -21.98 21.90 -43.32
C ALA A 113 -21.78 23.37 -43.64
N PHE A 114 -21.23 23.66 -44.82
CA PHE A 114 -21.02 25.04 -45.25
C PHE A 114 -21.81 25.34 -46.51
N LEU A 115 -22.29 26.57 -46.60
CA LEU A 115 -23.09 27.02 -47.73
C LEU A 115 -22.65 28.44 -48.06
N PRO A 116 -22.74 28.87 -49.33
CA PRO A 116 -22.31 30.21 -49.70
C PRO A 116 -23.33 31.27 -49.35
N LEU A 117 -22.84 32.46 -49.00
CA LEU A 117 -23.66 33.65 -48.82
C LEU A 117 -23.02 34.77 -49.64
N LEU A 118 -23.86 35.52 -50.32
CA LEU A 118 -23.39 36.63 -51.15
C LEU A 118 -22.97 37.81 -50.29
N SER A 119 -23.74 38.05 -49.23
CA SER A 119 -23.39 39.02 -48.19
C SER A 119 -23.76 38.42 -46.83
N PRO A 120 -23.20 38.97 -45.73
CA PRO A 120 -23.41 38.40 -44.39
C PRO A 120 -24.86 38.44 -43.92
N THR A 121 -25.71 39.04 -44.74
CA THR A 121 -27.12 39.21 -44.40
C THR A 121 -28.06 38.42 -45.32
N SER A 122 -27.63 38.17 -46.56
CA SER A 122 -28.47 37.45 -47.54
C SER A 122 -28.93 36.10 -46.97
N PRO A 123 -30.19 35.71 -47.25
CA PRO A 123 -30.71 34.50 -46.63
C PRO A 123 -30.12 33.25 -47.26
N LEU A 124 -30.41 32.09 -46.67
CA LEU A 124 -30.00 30.81 -47.24
C LEU A 124 -30.88 30.47 -48.42
N ASP A 125 -30.26 30.26 -49.58
CA ASP A 125 -30.98 29.90 -50.77
C ASP A 125 -30.71 28.44 -51.16
N LEU A 126 -31.75 27.61 -51.10
CA LEU A 126 -31.61 26.20 -51.46
C LEU A 126 -31.73 25.95 -52.96
N ARG A 127 -32.59 26.70 -53.62
CA ARG A 127 -32.67 26.60 -55.08
C ARG A 127 -31.33 26.94 -55.73
N ALA A 128 -30.65 27.95 -55.19
CA ALA A 128 -29.34 28.37 -55.67
C ALA A 128 -28.34 27.22 -55.67
N LEU A 129 -28.27 26.50 -54.56
CA LEU A 129 -27.37 25.34 -54.41
C LEU A 129 -27.52 24.35 -55.55
N MET A 130 -28.77 24.03 -55.85
CA MET A 130 -29.12 23.06 -56.88
C MET A 130 -28.72 23.48 -58.29
N VAL A 131 -28.81 24.77 -58.55
CA VAL A 131 -28.31 25.36 -59.78
C VAL A 131 -26.80 25.20 -59.85
N THR A 132 -26.11 25.47 -58.74
CA THR A 132 -24.65 25.37 -58.67
C THR A 132 -24.22 23.93 -58.93
N ALA A 133 -24.98 23.00 -58.39
CA ALA A 133 -24.72 21.60 -58.60
C ALA A 133 -25.00 21.22 -60.05
N GLN A 134 -25.93 21.92 -60.69
CA GLN A 134 -26.24 21.69 -62.11
C GLN A 134 -25.18 22.24 -63.04
N LEU A 135 -24.64 23.40 -62.68
CA LEU A 135 -23.62 24.08 -63.49
C LEU A 135 -22.29 23.35 -63.41
N MET A 136 -22.05 22.70 -62.27
CA MET A 136 -20.86 21.88 -62.05
C MET A 136 -20.96 20.61 -62.85
N CYS A 137 -22.16 20.06 -62.88
CA CYS A 137 -22.47 18.89 -63.68
C CYS A 137 -22.18 19.21 -65.16
N ASP A 138 -22.72 20.33 -65.62
CA ASP A 138 -22.62 20.73 -67.03
C ASP A 138 -21.23 21.21 -67.45
N ALA A 139 -20.46 21.71 -66.49
CA ALA A 139 -19.18 22.39 -66.75
C ALA A 139 -18.27 21.57 -67.65
N LYS A 140 -17.84 22.18 -68.75
CA LYS A 140 -17.06 21.46 -69.76
C LYS A 140 -15.58 21.83 -69.77
N ARG A 141 -14.79 21.06 -70.51
CA ARG A 141 -13.34 21.25 -70.59
C ARG A 141 -13.00 22.46 -71.42
N LEU A 142 -11.78 22.97 -71.27
CA LEU A 142 -11.35 24.14 -72.04
C LEU A 142 -11.23 23.83 -73.53
N SER A 143 -11.00 22.57 -73.87
CA SER A 143 -10.98 22.16 -75.26
C SER A 143 -12.31 22.47 -75.99
N ASP A 144 -13.45 22.09 -75.40
CA ASP A 144 -14.78 22.39 -75.99
C ASP A 144 -15.02 23.87 -76.25
N GLU A 145 -14.69 24.69 -75.26
CA GLU A 145 -14.91 26.12 -75.34
C GLU A 145 -13.75 26.82 -76.04
N LEU A 152 -11.16 35.36 -76.32
CA LEU A 152 -11.52 34.45 -75.25
C LEU A 152 -10.58 34.59 -74.04
N SER A 153 -9.28 34.69 -74.30
CA SER A 153 -8.27 34.78 -73.23
C SER A 153 -8.33 36.10 -72.44
N ALA A 154 -9.42 36.85 -72.63
CA ALA A 154 -9.71 38.03 -71.83
C ALA A 154 -10.98 37.79 -71.01
N SER A 155 -11.82 36.87 -71.49
CA SER A 155 -13.04 36.44 -70.80
C SER A 155 -12.77 35.27 -69.86
N LEU A 156 -11.57 34.69 -69.96
CA LEU A 156 -11.11 33.65 -69.06
C LEU A 156 -10.21 34.20 -67.98
N HIS A 157 -9.71 35.41 -68.18
CA HIS A 157 -8.76 35.98 -67.26
C HIS A 157 -9.30 35.99 -65.84
N GLY A 158 -8.54 35.36 -64.94
CA GLY A 158 -8.89 35.32 -63.52
C GLY A 158 -9.84 34.19 -63.13
N ARG A 159 -10.29 33.42 -64.11
CA ARG A 159 -11.25 32.36 -63.83
C ARG A 159 -10.58 31.10 -63.29
N MET A 160 -11.34 30.39 -62.46
CA MET A 160 -10.87 29.17 -61.80
C MET A 160 -11.02 27.94 -62.67
N VAL A 161 -9.97 27.14 -62.70
CA VAL A 161 -9.98 25.90 -63.46
C VAL A 161 -9.31 24.80 -62.62
N ALA A 162 -9.85 23.58 -62.72
CA ALA A 162 -9.30 22.43 -62.03
C ALA A 162 -8.88 21.41 -63.04
N THR A 163 -7.85 20.62 -62.72
CA THR A 163 -7.41 19.53 -63.59
C THR A 163 -7.79 18.17 -62.97
N PRO A 164 -9.03 17.72 -63.20
CA PRO A 164 -9.58 16.55 -62.53
C PRO A 164 -8.86 15.24 -62.81
N GLU A 165 -8.03 15.21 -63.85
CA GLU A 165 -7.29 14.00 -64.19
C GLU A 165 -6.03 13.89 -63.36
N ILE A 166 -5.68 14.97 -62.67
CA ILE A 166 -4.43 15.06 -61.92
C ILE A 166 -4.67 15.70 -60.55
N SER A 167 -5.20 14.91 -59.63
CA SER A 167 -5.41 15.30 -58.22
C SER A 167 -6.39 16.47 -58.00
N TRP A 168 -7.11 16.85 -59.06
CA TRP A 168 -8.04 17.97 -59.02
C TRP A 168 -7.40 19.26 -58.52
N SER A 169 -6.17 19.52 -58.94
CA SER A 169 -5.46 20.73 -58.54
C SER A 169 -6.21 21.93 -59.08
N LEU A 170 -6.10 23.06 -58.42
CA LEU A 170 -6.79 24.26 -58.85
C LEU A 170 -5.83 25.31 -59.38
N TYR A 171 -6.20 25.94 -60.49
CA TYR A 171 -5.37 26.97 -61.12
C TYR A 171 -6.20 28.19 -61.46
N VAL A 172 -5.54 29.35 -61.53
CA VAL A 172 -6.17 30.56 -62.04
C VAL A 172 -5.64 30.83 -63.47
N VAL A 173 -6.57 31.00 -64.41
CA VAL A 173 -6.23 31.21 -65.82
C VAL A 173 -5.84 32.64 -66.05
N LEU A 174 -4.65 32.85 -66.60
CA LEU A 174 -4.16 34.18 -66.98
C LEU A 174 -4.44 34.50 -68.45
N GLY A 175 -4.61 33.46 -69.26
CA GLY A 175 -4.95 33.64 -70.66
C GLY A 175 -4.52 32.42 -71.44
N ILE A 176 -4.55 32.53 -72.76
CA ILE A 176 -4.13 31.46 -73.64
C ILE A 176 -2.86 31.86 -74.38
N ASP A 177 -1.81 31.05 -74.18
CA ASP A 177 -0.53 31.28 -74.82
C ASP A 177 -0.48 30.55 -76.16
N SER A 178 -0.71 31.30 -77.25
CA SER A 178 -0.70 30.71 -78.60
C SER A 178 0.71 30.40 -79.07
N THR A 179 1.71 30.91 -78.33
CA THR A 179 3.12 30.64 -78.61
C THR A 179 3.41 29.14 -78.59
N GLN A 180 2.73 28.39 -77.71
CA GLN A 180 2.98 26.95 -77.63
C GLN A 180 1.73 26.07 -77.58
N THR A 181 1.94 24.78 -77.82
CA THR A 181 0.89 23.81 -77.99
C THR A 181 1.35 22.52 -77.31
N SER A 182 0.42 21.66 -76.90
CA SER A 182 0.77 20.41 -76.18
C SER A 182 1.86 19.63 -76.90
N LEU A 183 2.06 19.93 -78.17
CA LEU A 183 3.14 19.33 -78.92
C LEU A 183 4.47 20.07 -78.74
N SER A 184 4.42 21.31 -78.26
CA SER A 184 5.63 22.09 -78.01
C SER A 184 6.56 21.37 -77.04
N TYR A 185 7.80 21.87 -76.95
CA TYR A 185 8.77 21.35 -76.02
C TYR A 185 8.95 22.29 -74.84
N PHE A 186 9.38 21.72 -73.72
CA PHE A 186 9.86 22.49 -72.58
C PHE A 186 11.04 21.70 -72.06
N THR A 187 11.95 22.37 -71.37
CA THR A 187 13.17 21.71 -70.90
C THR A 187 13.32 21.77 -69.38
N ARG A 188 13.79 20.67 -68.80
CA ARG A 188 14.39 20.69 -67.47
C ARG A 188 15.86 20.41 -67.70
N ALA A 189 16.74 21.11 -66.99
CA ALA A 189 18.16 21.09 -67.29
C ALA A 189 18.62 19.72 -67.79
N ASN A 190 19.18 19.72 -69.00
CA ASN A 190 19.69 18.52 -69.70
C ASN A 190 18.66 17.71 -70.50
N GLU A 191 17.39 18.00 -70.29
CA GLU A 191 16.34 17.20 -70.90
C GLU A 191 15.23 18.07 -71.50
N SER A 192 14.88 17.81 -72.76
CA SER A 192 13.76 18.50 -73.39
C SER A 192 12.67 17.52 -73.84
N ILE A 193 11.47 17.72 -73.31
CA ILE A 193 10.33 16.84 -73.58
C ILE A 193 9.18 17.68 -74.11
N THR A 194 8.27 17.02 -74.82
CA THR A 194 7.01 17.63 -75.23
C THR A 194 5.97 17.40 -74.16
N TYR A 195 5.21 18.44 -73.85
CA TYR A 195 4.10 18.33 -72.93
C TYR A 195 3.33 17.04 -73.17
N MET A 196 2.99 16.77 -74.44
CA MET A 196 2.21 15.58 -74.80
C MET A 196 2.87 14.30 -74.34
N ARG A 197 4.19 14.29 -74.36
CA ARG A 197 4.93 13.12 -73.96
C ARG A 197 5.02 13.08 -72.45
N TYR A 198 5.21 14.24 -71.83
CA TYR A 198 5.30 14.32 -70.37
C TYR A 198 4.09 13.67 -69.71
N TYR A 199 2.90 14.20 -70.01
CA TYR A 199 1.64 13.73 -69.42
C TYR A 199 1.39 12.25 -69.65
N ALA A 200 2.01 11.70 -70.69
CA ALA A 200 1.92 10.30 -70.98
C ALA A 200 2.93 9.52 -70.14
N THR A 201 4.12 10.09 -70.02
CA THR A 201 5.24 9.48 -69.28
C THR A 201 4.99 9.43 -67.78
N ALA A 202 4.55 10.56 -67.22
CA ALA A 202 4.28 10.68 -65.80
C ALA A 202 2.92 10.11 -65.40
N HIS A 203 1.86 10.67 -65.98
CA HIS A 203 0.50 10.45 -65.50
C HIS A 203 -0.31 9.36 -66.20
N ASN A 204 0.23 8.81 -67.29
CA ASN A 204 -0.50 7.81 -68.08
C ASN A 204 -1.74 8.46 -68.73
N ILE A 205 -1.57 9.70 -69.18
CA ILE A 205 -2.64 10.40 -69.88
C ILE A 205 -2.21 10.56 -71.34
N HIS A 206 -3.03 10.06 -72.25
CA HIS A 206 -2.76 10.18 -73.66
C HIS A 206 -3.62 11.28 -74.23
N LEU A 207 -3.03 12.46 -74.37
CA LEU A 207 -3.74 13.64 -74.84
C LEU A 207 -4.39 13.37 -76.19
N ARG A 208 -5.67 13.70 -76.30
CA ARG A 208 -6.36 13.61 -77.59
C ARG A 208 -6.14 14.90 -78.39
N ALA A 209 -6.72 16.00 -77.91
CA ALA A 209 -6.69 17.30 -78.61
C ALA A 209 -5.34 18.02 -78.53
N ALA A 210 -4.27 17.25 -78.68
CA ALA A 210 -2.89 17.75 -78.50
C ALA A 210 -2.55 19.04 -79.25
N ASP A 211 -3.26 19.30 -80.35
CA ASP A 211 -2.92 20.40 -81.27
C ASP A 211 -3.36 21.79 -80.77
N LEU A 212 -4.05 21.82 -79.63
CA LEU A 212 -4.57 23.07 -79.09
C LEU A 212 -3.54 23.86 -78.26
N PRO A 213 -3.53 25.20 -78.39
CA PRO A 213 -2.69 26.11 -77.61
C PRO A 213 -2.87 25.90 -76.12
N LEU A 214 -1.76 25.88 -75.40
CA LEU A 214 -1.77 25.63 -73.96
C LEU A 214 -2.41 26.77 -73.20
N VAL A 215 -2.89 26.46 -72.00
CA VAL A 215 -3.43 27.46 -71.09
C VAL A 215 -2.33 28.00 -70.19
N ALA A 216 -2.19 29.32 -70.15
CA ALA A 216 -1.26 29.94 -69.24
C ALA A 216 -2.01 30.22 -67.93
N ALA A 217 -1.82 29.33 -66.97
CA ALA A 217 -2.44 29.44 -65.65
C ALA A 217 -1.39 29.41 -64.54
N VAL A 218 -1.80 29.78 -63.34
CA VAL A 218 -0.94 29.73 -62.16
C VAL A 218 -1.65 28.95 -61.06
N ARG A 219 -0.94 28.00 -60.47
CA ARG A 219 -1.49 27.11 -59.45
C ARG A 219 -1.97 27.92 -58.25
N LEU A 220 -3.03 27.47 -57.60
CA LEU A 220 -3.55 28.25 -56.47
C LEU A 220 -2.57 28.18 -55.33
N ASP A 221 -1.89 27.04 -55.19
CA ASP A 221 -0.83 26.85 -54.20
C ASP A 221 0.26 27.92 -54.26
N ASP A 222 0.57 28.37 -55.47
CA ASP A 222 1.69 29.28 -55.72
C ASP A 222 1.34 30.75 -55.61
N LEU A 223 0.15 31.11 -56.09
CA LEU A 223 -0.33 32.48 -56.04
C LEU A 223 -0.77 32.75 -54.61
N LYS A 224 0.19 32.92 -53.70
CA LYS A 224 -0.16 32.94 -52.29
C LYS A 224 -1.15 34.04 -51.96
N ASP A 225 -0.73 35.29 -52.18
CA ASP A 225 -1.56 36.46 -51.91
C ASP A 225 -1.35 37.49 -53.01
N HIS A 226 -0.42 37.17 -53.91
CA HIS A 226 -0.03 38.02 -55.02
C HIS A 226 -1.24 38.46 -55.82
N GLN A 227 -1.19 39.67 -56.34
CA GLN A 227 -2.23 40.18 -57.22
C GLN A 227 -2.13 39.46 -58.55
N ILE A 228 -3.27 39.24 -59.19
CA ILE A 228 -3.30 38.72 -60.55
C ILE A 228 -2.94 39.87 -61.51
N PRO A 229 -2.09 39.60 -62.53
CA PRO A 229 -1.74 40.61 -63.55
C PRO A 229 -2.92 41.08 -64.39
N ALA A 230 -2.68 42.09 -65.24
CA ALA A 230 -3.67 42.54 -66.23
C ALA A 230 -3.64 41.59 -67.45
N PRO A 231 -4.38 41.90 -68.54
CA PRO A 231 -4.18 41.19 -69.82
C PRO A 231 -2.73 40.75 -70.17
N GLY A 232 -1.75 41.20 -69.38
CA GLY A 232 -0.39 40.66 -69.44
C GLY A 232 0.71 41.64 -69.82
N SER A 233 0.86 42.71 -69.03
CA SER A 233 1.82 43.79 -69.34
C SER A 233 3.28 43.35 -69.22
N ASP A 235 2.46 40.29 -67.55
CA ASP A 235 2.64 39.24 -66.54
C ASP A 235 3.67 39.67 -65.48
N ASP A 236 3.15 40.24 -64.39
CA ASP A 236 3.97 40.78 -63.30
C ASP A 236 4.98 39.80 -62.68
N LEU A 237 4.47 38.70 -62.11
CA LEU A 237 5.31 37.68 -61.50
C LEU A 237 5.18 36.34 -62.22
N ALA A 238 6.12 36.08 -63.12
CA ALA A 238 6.02 34.92 -64.03
C ALA A 238 7.05 33.78 -63.88
N PRO A 239 7.82 33.72 -62.76
CA PRO A 239 8.68 32.55 -62.64
C PRO A 239 7.92 31.32 -62.11
N LYS A 240 6.63 31.50 -61.83
CA LYS A 240 5.78 30.46 -61.25
C LYS A 240 4.68 30.02 -62.22
N LEU A 241 4.58 30.72 -63.35
CA LEU A 241 3.60 30.44 -64.41
C LEU A 241 3.72 29.02 -64.96
N ARG A 242 2.58 28.42 -65.30
CA ARG A 242 2.55 27.07 -65.85
C ARG A 242 1.65 27.00 -67.06
N PHE A 243 1.99 26.08 -67.95
CA PHE A 243 1.24 25.90 -69.17
C PHE A 243 0.67 24.49 -69.15
N LEU A 244 -0.62 24.36 -69.44
CA LEU A 244 -1.25 23.06 -69.39
C LEU A 244 -2.31 22.90 -70.47
N PRO A 245 -2.45 21.67 -71.01
CA PRO A 245 -3.32 21.31 -72.13
C PRO A 245 -4.79 21.62 -71.90
N PRO A 246 -5.48 22.20 -72.89
CA PRO A 246 -6.85 22.63 -72.66
C PRO A 246 -7.79 21.48 -72.32
N GLU A 247 -7.49 20.28 -72.80
CA GLU A 247 -8.37 19.15 -72.57
C GLU A 247 -8.30 18.62 -71.12
N LEU A 248 -7.39 19.17 -70.34
CA LEU A 248 -7.23 18.77 -68.95
C LEU A 248 -7.94 19.69 -67.98
N CYS A 249 -8.15 20.94 -68.41
CA CYS A 249 -8.70 21.97 -67.56
C CYS A 249 -10.22 21.94 -67.54
N LEU A 250 -10.80 21.64 -66.39
CA LEU A 250 -12.24 21.68 -66.26
C LEU A 250 -12.64 23.08 -65.78
N LEU A 251 -13.35 23.83 -66.61
CA LEU A 251 -13.69 25.20 -66.26
C LEU A 251 -14.80 25.30 -65.21
N LEU A 252 -14.42 25.79 -64.03
CA LEU A 252 -15.37 25.93 -62.93
C LEU A 252 -16.33 27.08 -63.19
N PRO A 253 -17.62 26.89 -62.83
CA PRO A 253 -18.70 27.88 -62.93
C PRO A 253 -18.41 29.24 -62.27
N ASP A 254 -19.09 30.29 -62.73
CA ASP A 254 -18.84 31.68 -62.30
C ASP A 254 -18.98 31.93 -60.80
N GLU A 255 -19.75 31.06 -60.14
CA GLU A 255 -19.95 31.12 -58.70
C GLU A 255 -18.64 30.89 -57.97
N PHE A 256 -17.84 29.96 -58.50
CA PHE A 256 -16.53 29.61 -57.96
C PHE A 256 -15.44 30.49 -58.55
N ASP A 257 -15.41 31.75 -58.13
CA ASP A 257 -14.35 32.67 -58.53
C ASP A 257 -13.13 32.46 -57.63
N LEU A 258 -12.09 33.25 -57.86
CA LEU A 258 -10.86 33.18 -57.08
C LEU A 258 -11.12 33.34 -55.59
N ILE A 259 -11.95 34.31 -55.22
CA ILE A 259 -12.26 34.57 -53.82
C ILE A 259 -12.86 33.36 -53.09
N ARG A 260 -13.90 32.75 -53.65
CA ARG A 260 -14.54 31.55 -53.07
C ARG A 260 -13.53 30.44 -52.87
N VAL A 261 -12.89 30.07 -53.96
CA VAL A 261 -12.07 28.87 -54.05
C VAL A 261 -10.91 28.92 -53.07
N GLN A 262 -10.35 30.10 -52.87
CA GLN A 262 -9.29 30.28 -51.89
C GLN A 262 -9.84 30.20 -50.48
N ALA A 263 -10.88 30.99 -50.21
CA ALA A 263 -11.54 30.93 -48.92
C ALA A 263 -11.90 29.49 -48.59
N LEU A 264 -12.32 28.73 -49.60
CA LEU A 264 -12.65 27.34 -49.41
C LEU A 264 -11.46 26.53 -48.86
N GLN A 265 -10.23 26.91 -49.23
CA GLN A 265 -9.06 26.19 -48.73
C GLN A 265 -8.95 26.28 -47.21
N PHE A 266 -9.64 27.25 -46.60
CA PHE A 266 -9.58 27.45 -45.16
C PHE A 266 -10.69 26.75 -44.41
N LEU A 267 -11.69 26.25 -45.13
CA LEU A 267 -12.82 25.59 -44.47
C LEU A 267 -12.39 24.40 -43.62
N PRO A 268 -11.41 23.61 -44.09
CA PRO A 268 -10.81 22.61 -43.21
C PRO A 268 -10.31 23.14 -41.85
N GLU A 269 -9.75 24.35 -41.82
CA GLU A 269 -9.33 24.96 -40.55
C GLU A 269 -10.53 25.28 -39.66
N ILE A 270 -11.63 25.74 -40.25
CA ILE A 270 -12.83 26.01 -39.46
C ILE A 270 -13.40 24.73 -38.88
N ALA A 271 -13.23 23.62 -39.59
CA ALA A 271 -13.68 22.32 -39.10
C ALA A 271 -12.80 21.85 -37.96
N LYS A 272 -11.48 22.06 -38.10
CA LYS A 272 -10.50 21.76 -37.05
C LYS A 272 -10.73 22.59 -35.80
N HIS A 273 -11.13 23.84 -35.99
CA HIS A 273 -11.40 24.78 -34.92
C HIS A 273 -12.59 24.33 -34.06
N ILE A 274 -13.70 24.01 -34.72
CA ILE A 274 -14.89 23.53 -34.04
C ILE A 274 -14.58 22.23 -33.31
N CYS A 275 -13.73 21.43 -33.95
CA CYS A 275 -13.32 20.17 -33.38
C CYS A 275 -12.46 20.39 -32.15
N ASP A 276 -11.54 21.34 -32.25
CA ASP A 276 -10.63 21.77 -31.18
C ASP A 276 -11.42 22.28 -29.97
N ILE A 277 -12.39 23.16 -30.25
CA ILE A 277 -13.30 23.68 -29.24
C ILE A 277 -13.92 22.53 -28.44
N GLN A 278 -14.56 21.61 -29.13
CA GLN A 278 -15.18 20.46 -28.47
C GLN A 278 -14.23 19.59 -27.64
N ASN A 279 -13.03 19.32 -28.14
CA ASN A 279 -12.08 18.55 -27.35
C ASN A 279 -11.77 19.27 -26.05
N THR A 280 -11.21 20.47 -26.17
CA THR A 280 -10.86 21.31 -25.05
C THR A 280 -11.92 21.26 -23.95
N ILE A 281 -13.17 21.52 -24.31
CA ILE A 281 -14.27 21.41 -23.35
C ILE A 281 -14.28 20.07 -22.63
N CYS A 282 -14.48 18.97 -23.34
CA CYS A 282 -14.60 17.70 -22.64
C CYS A 282 -13.23 17.08 -22.42
N ALA A 283 -12.33 17.89 -21.84
CA ALA A 283 -11.01 17.44 -21.47
C ALA A 283 -10.63 18.26 -20.27
N LEU A 284 -11.10 19.49 -20.25
CA LEU A 284 -10.66 20.46 -19.26
C LEU A 284 -11.80 21.16 -18.53
N ASP A 285 -13.04 20.98 -19.01
CA ASP A 285 -14.18 21.70 -18.44
C ASP A 285 -14.39 21.33 -16.98
N LYS A 286 -14.10 20.08 -16.64
CA LYS A 286 -14.22 19.65 -15.25
C LYS A 286 -12.95 19.90 -14.42
N SER A 287 -11.87 20.31 -15.06
CA SER A 287 -10.63 20.57 -14.32
C SER A 287 -10.29 22.05 -14.25
N PHE A 288 -11.17 22.89 -14.79
CA PHE A 288 -10.93 24.32 -14.77
C PHE A 288 -12.13 25.03 -14.18
N PRO A 289 -11.91 25.83 -13.11
CA PRO A 289 -12.99 26.39 -12.32
C PRO A 289 -14.11 26.95 -13.18
N ASP A 290 -15.33 26.52 -12.85
CA ASP A 290 -16.51 26.76 -13.66
C ASP A 290 -16.94 28.23 -13.66
N CYS A 291 -17.09 28.79 -14.85
CA CYS A 291 -17.55 30.17 -15.01
C CYS A 291 -18.99 30.24 -15.53
N GLY A 292 -19.51 29.08 -15.93
CA GLY A 292 -20.87 28.96 -16.45
C GLY A 292 -20.98 29.25 -17.94
N ARG A 293 -19.85 29.52 -18.58
CA ARG A 293 -19.86 29.64 -20.02
C ARG A 293 -19.97 28.26 -20.64
N ILE A 294 -20.41 28.22 -21.90
CA ILE A 294 -20.48 26.97 -22.66
C ILE A 294 -19.83 27.12 -24.04
N GLY A 295 -19.57 26.00 -24.69
CA GLY A 295 -19.10 26.00 -26.07
C GLY A 295 -17.93 26.92 -26.29
N GLY A 296 -18.00 27.68 -27.38
CA GLY A 296 -16.89 28.48 -27.87
C GLY A 296 -16.28 29.39 -26.83
N GLU A 297 -17.12 30.09 -26.08
CA GLU A 297 -16.65 30.98 -25.02
C GLU A 297 -15.99 30.26 -23.86
N ARG A 298 -16.52 29.08 -23.51
CA ARG A 298 -15.89 28.26 -22.51
C ARG A 298 -14.52 27.85 -22.99
N TYR A 299 -14.41 27.54 -24.28
CA TYR A 299 -13.11 27.23 -24.87
C TYR A 299 -12.16 28.41 -24.67
N PHE A 300 -12.55 29.58 -25.20
CA PHE A 300 -11.70 30.76 -25.14
C PHE A 300 -11.33 31.17 -23.71
N ALA A 301 -12.20 30.83 -22.76
CA ALA A 301 -11.92 31.06 -21.35
C ALA A 301 -10.81 30.14 -20.89
N ILE A 302 -10.94 28.85 -21.20
CA ILE A 302 -9.93 27.88 -20.77
C ILE A 302 -8.61 28.19 -21.47
N THR A 303 -8.70 28.56 -22.74
CA THR A 303 -7.53 28.95 -23.52
C THR A 303 -6.84 30.16 -22.88
N ALA A 304 -7.59 31.23 -22.65
CA ALA A 304 -7.01 32.44 -22.08
C ALA A 304 -6.39 32.12 -20.73
N GLY A 305 -7.03 31.18 -20.05
CA GLY A 305 -6.72 30.86 -18.66
C GLY A 305 -5.52 29.96 -18.46
N LEU A 306 -5.29 29.04 -19.40
CA LEU A 306 -4.21 28.06 -19.22
C LEU A 306 -3.10 28.14 -20.26
N ARG A 307 -3.39 28.69 -21.42
CA ARG A 307 -2.36 28.91 -22.42
C ARG A 307 -1.72 30.24 -22.13
N LEU A 308 -0.65 30.22 -21.34
CA LEU A 308 -0.10 31.44 -20.74
C LEU A 308 0.80 32.21 -21.68
N ASP A 309 1.41 31.47 -22.61
CA ASP A 309 2.27 32.04 -23.62
C ASP A 309 1.46 32.23 -24.88
N GLN A 310 2.14 32.68 -25.92
CA GLN A 310 1.57 32.80 -27.24
C GLN A 310 2.02 31.60 -28.04
N GLY A 311 1.43 31.42 -29.22
CA GLY A 311 1.82 30.33 -30.08
C GLY A 311 3.30 30.30 -30.42
N ARG A 312 3.69 29.29 -31.19
CA ARG A 312 5.04 29.25 -31.71
C ARG A 312 5.02 29.42 -33.23
N GLY A 313 5.20 30.68 -33.65
CA GLY A 313 5.33 31.04 -35.07
C GLY A 313 4.08 30.75 -35.88
N ARG A 314 3.93 29.46 -36.20
CA ARG A 314 2.75 28.98 -36.92
C ARG A 314 1.45 29.43 -36.24
N GLY A 315 1.34 29.28 -34.93
CA GLY A 315 0.12 29.67 -34.23
C GLY A 315 -0.05 28.99 -32.89
N LEU A 316 -1.12 29.34 -32.18
CA LEU A 316 -1.39 28.78 -30.87
C LEU A 316 -1.75 27.32 -31.02
N ALA A 317 -2.81 27.07 -31.78
CA ALA A 317 -3.31 25.73 -32.04
C ALA A 317 -3.13 25.45 -33.51
N GLY A 318 -2.08 24.71 -33.83
CA GLY A 318 -1.78 24.41 -35.23
C GLY A 318 -1.36 25.68 -35.95
N TRP A 319 -2.14 26.04 -36.97
CA TRP A 319 -1.83 27.21 -37.77
C TRP A 319 -2.75 28.37 -37.42
N ARG A 320 -3.64 28.13 -36.46
CA ARG A 320 -4.65 29.11 -36.06
C ARG A 320 -4.50 29.61 -34.63
N THR A 321 -4.78 30.89 -34.44
CA THR A 321 -4.58 31.58 -33.19
C THR A 321 -5.87 32.30 -32.88
N PRO A 322 -6.68 31.78 -31.94
CA PRO A 322 -7.98 32.33 -31.57
C PRO A 322 -7.87 33.69 -30.96
N PHE A 323 -8.86 34.54 -31.24
CA PHE A 323 -8.95 35.85 -30.64
C PHE A 323 -10.37 36.15 -30.15
N GLY A 324 -10.47 36.92 -29.07
CA GLY A 324 -11.75 37.33 -28.50
C GLY A 324 -12.42 38.49 -29.24
N PRO A 325 -13.56 38.99 -28.70
CA PRO A 325 -14.26 40.15 -29.29
C PRO A 325 -13.38 41.39 -29.31
N PHE A 326 -13.50 42.16 -30.40
CA PHE A 326 -12.65 43.32 -30.66
C PHE A 326 -11.21 42.93 -30.94
N GLY A 327 -11.02 41.72 -31.46
CA GLY A 327 -9.69 41.23 -31.83
C GLY A 327 -8.67 41.22 -30.69
N VAL A 328 -9.11 40.77 -29.52
CA VAL A 328 -8.24 40.75 -28.35
C VAL A 328 -7.50 39.42 -28.22
N SER A 329 -6.18 39.50 -28.14
CA SER A 329 -5.30 38.36 -27.87
C SER A 329 -5.76 37.59 -26.62
N HIS A 330 -5.63 36.26 -26.63
CA HIS A 330 -6.00 35.47 -25.45
C HIS A 330 -5.13 35.83 -24.27
N THR A 331 -3.90 36.25 -24.54
CA THR A 331 -2.97 36.74 -23.52
C THR A 331 -3.49 38.05 -22.91
N ASP A 332 -3.83 39.02 -23.77
CA ASP A 332 -4.43 40.28 -23.34
C ASP A 332 -5.63 40.03 -22.45
N VAL A 333 -6.47 39.07 -22.84
CA VAL A 333 -7.61 38.72 -22.02
C VAL A 333 -7.13 38.31 -20.63
N PHE A 334 -6.26 37.30 -20.53
CA PHE A 334 -5.73 36.87 -19.23
C PHE A 334 -5.19 38.05 -18.45
N GLN A 335 -4.58 38.97 -19.17
CA GLN A 335 -3.94 40.14 -18.58
C GLN A 335 -4.97 41.08 -17.95
N ARG A 336 -6.07 41.32 -18.66
CA ARG A 336 -7.08 42.22 -18.14
C ARG A 336 -8.08 41.55 -17.21
N LEU A 337 -8.24 40.23 -17.33
CA LEU A 337 -9.09 39.51 -16.39
C LEU A 337 -8.38 39.37 -15.06
N GLU A 338 -7.05 39.30 -15.07
CA GLU A 338 -6.29 39.20 -13.83
C GLU A 338 -6.44 40.49 -13.07
N LEU A 339 -6.32 41.60 -13.79
CA LEU A 339 -6.41 42.94 -13.21
C LEU A 339 -7.73 43.15 -12.50
N LEU A 340 -8.82 42.76 -13.17
CA LEU A 340 -10.17 42.91 -12.67
C LEU A 340 -10.46 41.92 -11.56
N GLY A 341 -9.98 40.69 -11.75
CA GLY A 341 -10.20 39.62 -10.80
C GLY A 341 -9.48 39.93 -9.50
N ASP A 342 -8.27 40.46 -9.62
CA ASP A 342 -7.50 40.89 -8.47
C ASP A 342 -8.29 41.93 -7.70
N ALA A 343 -9.00 42.79 -8.43
CA ALA A 343 -9.74 43.92 -7.85
C ALA A 343 -11.01 43.52 -7.12
N VAL A 344 -11.64 42.42 -7.54
CA VAL A 344 -12.88 42.01 -6.90
C VAL A 344 -12.61 41.08 -5.75
N LEU A 345 -11.55 40.30 -5.85
CA LEU A 345 -11.10 39.46 -4.74
C LEU A 345 -10.86 40.36 -3.53
N GLY A 346 -10.27 41.52 -3.78
CA GLY A 346 -10.08 42.53 -2.75
C GLY A 346 -11.39 43.01 -2.17
N PHE A 347 -12.36 43.29 -3.03
CA PHE A 347 -13.65 43.73 -2.52
C PHE A 347 -14.31 42.70 -1.63
N ILE A 348 -14.55 41.49 -2.15
CA ILE A 348 -15.23 40.42 -1.40
C ILE A 348 -14.50 40.07 -0.11
N VAL A 349 -13.16 39.99 -0.15
CA VAL A 349 -12.42 39.65 1.06
C VAL A 349 -12.57 40.72 2.10
N THR A 350 -12.53 41.98 1.67
CA THR A 350 -12.79 43.10 2.59
C THR A 350 -14.17 42.97 3.22
N ALA A 351 -15.22 42.94 2.41
CA ALA A 351 -16.59 42.92 2.92
C ALA A 351 -16.86 41.76 3.86
N ARG A 352 -16.25 40.61 3.61
CA ARG A 352 -16.52 39.44 4.42
C ARG A 352 -15.71 39.37 5.73
N LEU A 353 -14.43 39.74 5.67
CA LEU A 353 -13.60 39.87 6.87
C LEU A 353 -14.19 40.91 7.80
N LEU A 354 -14.80 41.92 7.21
CA LEU A 354 -15.40 43.01 7.92
C LEU A 354 -16.50 42.49 8.85
N CYS A 355 -17.20 41.43 8.42
CA CYS A 355 -18.30 40.86 9.17
C CYS A 355 -17.88 39.66 9.98
N LEU A 356 -16.88 38.94 9.48
CA LEU A 356 -16.40 37.73 10.14
C LEU A 356 -15.73 38.12 11.46
N PHE A 357 -15.00 39.23 11.43
CA PHE A 357 -14.42 39.80 12.62
C PHE A 357 -15.00 41.21 12.82
N PRO A 358 -16.23 41.26 13.36
CA PRO A 358 -16.93 42.53 13.52
C PRO A 358 -16.19 43.55 14.38
N ASP A 359 -15.34 43.06 15.28
CA ASP A 359 -14.70 43.89 16.27
C ASP A 359 -13.33 44.38 15.85
N ALA A 360 -12.71 43.68 14.91
CA ALA A 360 -11.38 44.02 14.41
C ALA A 360 -11.24 45.48 13.94
N SER A 361 -10.06 46.06 14.17
CA SER A 361 -9.77 47.43 13.75
C SER A 361 -9.37 47.48 12.29
N VAL A 362 -9.47 48.65 11.66
CA VAL A 362 -9.12 48.81 10.25
C VAL A 362 -7.69 48.37 10.03
N GLY A 363 -6.86 48.59 11.05
CA GLY A 363 -5.49 48.12 11.04
C GLY A 363 -5.41 46.65 10.69
N THR A 364 -6.04 45.83 11.52
CA THR A 364 -5.91 44.39 11.38
C THR A 364 -6.77 43.80 10.27
N LEU A 365 -7.87 44.47 9.90
CA LEU A 365 -8.64 44.00 8.76
C LEU A 365 -7.75 44.02 7.55
N VAL A 366 -7.06 45.14 7.32
CA VAL A 366 -6.09 45.25 6.23
C VAL A 366 -5.02 44.17 6.33
N GLU A 367 -4.44 43.98 7.51
CA GLU A 367 -3.45 42.92 7.77
C GLU A 367 -3.98 41.54 7.35
N LEU A 368 -5.21 41.22 7.76
CA LEU A 368 -5.83 39.93 7.48
C LEU A 368 -6.10 39.70 6.00
N LYS A 369 -6.51 40.75 5.30
CA LYS A 369 -6.79 40.67 3.87
C LYS A 369 -5.52 40.24 3.15
N MET A 370 -4.44 40.97 3.39
CA MET A 370 -3.16 40.68 2.78
C MET A 370 -2.65 39.29 3.16
N GLU A 371 -3.23 38.70 4.19
CA GLU A 371 -2.84 37.35 4.58
C GLU A 371 -3.56 36.32 3.72
N LEU A 372 -4.68 36.73 3.13
CA LEU A 372 -5.51 35.86 2.29
C LEU A 372 -5.33 36.12 0.81
N VAL A 373 -4.84 37.32 0.46
CA VAL A 373 -4.68 37.72 -0.95
C VAL A 373 -3.20 37.73 -1.42
N ARG A 374 -2.31 37.88 -0.44
CA ARG A 374 -0.88 37.62 -0.59
C ARG A 374 -0.59 36.55 -1.66
N ASN A 375 0.41 36.84 -2.50
CA ASN A 375 0.98 35.89 -3.46
C ASN A 375 1.22 34.53 -2.80
N GLU A 376 2.09 34.52 -1.80
CA GLU A 376 2.38 33.31 -1.03
C GLU A 376 1.17 32.41 -0.81
N ALA A 377 0.04 33.00 -0.43
CA ALA A 377 -1.19 32.24 -0.19
C ALA A 377 -1.88 31.82 -1.49
N LEU A 378 -2.22 32.78 -2.35
CA LEU A 378 -2.84 32.44 -3.63
C LEU A 378 -2.04 31.42 -4.39
N ASN A 379 -0.71 31.52 -4.30
CA ASN A 379 0.17 30.58 -4.99
C ASN A 379 -0.10 29.13 -4.58
N TYR A 380 -0.19 28.93 -3.27
CA TYR A 380 -0.60 27.66 -2.67
C TYR A 380 -2.00 27.21 -3.09
N LEU A 381 -2.94 28.15 -3.11
CA LEU A 381 -4.29 27.85 -3.58
C LEU A 381 -4.31 27.37 -5.01
N VAL A 382 -3.45 27.92 -5.86
CA VAL A 382 -3.43 27.51 -7.25
C VAL A 382 -2.84 26.10 -7.39
N GLN A 383 -1.89 25.77 -6.52
CA GLN A 383 -1.31 24.42 -6.46
C GLN A 383 -2.39 23.39 -6.14
N THR A 384 -3.20 23.65 -5.13
CA THR A 384 -4.23 22.69 -4.71
C THR A 384 -5.35 22.58 -5.73
N LEU A 385 -5.47 23.55 -6.63
CA LEU A 385 -6.43 23.43 -7.71
C LEU A 385 -5.84 22.58 -8.81
N GLY A 386 -4.53 22.41 -8.79
CA GLY A 386 -3.87 21.62 -9.80
C GLY A 386 -3.77 22.29 -11.17
N LEU A 387 -3.84 23.61 -11.20
CA LEU A 387 -3.68 24.35 -12.45
C LEU A 387 -2.27 24.28 -13.03
N PRO A 388 -1.21 24.41 -12.19
CA PRO A 388 0.13 24.33 -12.74
C PRO A 388 0.31 23.15 -13.70
N GLN A 389 -0.20 21.99 -13.31
CA GLN A 389 -0.13 20.79 -14.14
C GLN A 389 -0.73 21.01 -15.54
N LEU A 390 -1.86 21.73 -15.61
CA LEU A 390 -2.58 21.98 -16.87
C LEU A 390 -2.06 23.15 -17.67
N ALA A 391 -1.46 24.12 -17.00
CA ALA A 391 -0.94 25.30 -17.66
C ALA A 391 0.23 24.93 -18.55
N GLU A 392 0.19 25.43 -19.78
CA GLU A 392 1.32 25.25 -20.69
C GLU A 392 1.81 26.54 -21.35
N PHE A 393 3.14 26.67 -21.36
CA PHE A 393 3.85 27.86 -21.80
C PHE A 393 5.25 27.45 -22.26
N SER A 394 5.85 28.20 -23.17
CA SER A 394 7.27 28.08 -23.43
C SER A 394 7.95 29.12 -22.56
N ASN A 395 8.89 28.70 -21.70
CA ASN A 395 9.53 29.67 -20.79
C ASN A 395 10.53 30.60 -21.48
N ASN A 396 10.07 31.09 -22.63
CA ASN A 396 10.53 32.30 -23.28
C ASN A 396 9.28 33.20 -23.40
N LEU A 397 8.56 33.35 -22.28
CA LEU A 397 7.32 34.13 -22.18
C LEU A 397 7.52 35.48 -21.46
N LYS A 400 8.09 36.69 -17.66
CA LYS A 400 9.11 36.66 -16.59
C LYS A 400 8.52 37.02 -15.23
N SER A 401 7.64 38.02 -15.25
CA SER A 401 7.08 38.64 -14.06
C SER A 401 5.80 37.95 -13.59
N LYS A 402 5.32 36.99 -14.39
CA LYS A 402 4.09 36.26 -14.12
C LYS A 402 4.26 35.28 -12.96
N THR A 403 3.21 35.07 -12.19
CA THR A 403 3.28 34.15 -11.08
C THR A 403 2.16 33.15 -11.17
N TRP A 404 2.36 31.98 -10.58
CA TRP A 404 1.31 30.98 -10.37
C TRP A 404 0.08 31.62 -9.74
N ALA A 405 0.33 32.47 -8.76
CA ALA A 405 -0.71 33.13 -8.00
C ALA A 405 -1.64 33.97 -8.87
N ASP A 406 -1.15 34.41 -10.02
CA ASP A 406 -1.94 35.26 -10.91
C ASP A 406 -3.09 34.50 -11.53
N MET A 407 -2.89 33.19 -11.70
CA MET A 407 -3.94 32.38 -12.26
C MET A 407 -5.18 32.50 -11.40
N TYR A 408 -4.99 32.52 -10.08
CA TYR A 408 -6.11 32.63 -9.19
C TYR A 408 -6.87 33.92 -9.46
N GLU A 409 -6.17 35.05 -9.49
CA GLU A 409 -6.83 36.33 -9.71
C GLU A 409 -7.60 36.30 -11.03
N GLU A 410 -6.94 35.84 -12.09
CA GLU A 410 -7.54 35.87 -13.41
C GLU A 410 -8.83 35.06 -13.47
N ILE A 411 -8.84 33.93 -12.77
CA ILE A 411 -10.03 33.07 -12.69
C ILE A 411 -11.19 33.86 -12.09
N VAL A 412 -10.95 34.50 -10.94
CA VAL A 412 -12.00 35.27 -10.28
C VAL A 412 -12.56 36.30 -11.23
N GLY A 413 -11.67 36.93 -12.01
CA GLY A 413 -12.06 37.80 -13.12
C GLY A 413 -12.94 37.11 -14.14
N SER A 414 -12.49 35.98 -14.67
CA SER A 414 -13.28 35.20 -15.61
C SER A 414 -14.67 34.84 -15.06
N ILE A 415 -14.73 34.24 -13.87
CA ILE A 415 -15.98 33.89 -13.23
C ILE A 415 -16.91 35.11 -13.12
N PHE A 416 -16.34 36.25 -12.73
CA PHE A 416 -17.10 37.50 -12.54
C PHE A 416 -17.73 38.00 -13.83
N THR A 417 -16.92 38.09 -14.89
CA THR A 417 -17.37 38.62 -16.17
C THR A 417 -18.20 37.61 -16.95
N GLY A 418 -18.22 36.37 -16.46
CA GLY A 418 -19.06 35.32 -17.03
C GLY A 418 -20.46 35.35 -16.47
N PRO A 419 -21.36 34.49 -17.00
CA PRO A 419 -22.77 34.41 -16.62
C PRO A 419 -23.05 34.17 -15.13
N ASN A 420 -22.17 33.50 -14.41
CA ASN A 420 -22.41 33.24 -12.99
C ASN A 420 -22.41 34.47 -12.09
N GLY A 421 -21.69 35.51 -12.53
CA GLY A 421 -21.72 36.80 -11.84
C GLY A 421 -20.85 36.88 -10.61
N ILE A 422 -21.22 37.78 -9.70
CA ILE A 422 -20.51 37.93 -8.44
C ILE A 422 -20.83 36.75 -7.51
N TYR A 423 -22.00 36.13 -7.73
CA TYR A 423 -22.38 34.90 -7.06
C TYR A 423 -21.38 33.79 -7.32
N GLY A 424 -20.86 33.73 -8.53
CA GLY A 424 -19.87 32.73 -8.86
C GLY A 424 -18.59 32.96 -8.08
N CYS A 425 -18.23 34.23 -7.92
CA CYS A 425 -16.98 34.58 -7.26
C CYS A 425 -17.05 34.26 -5.78
N GLU A 426 -18.13 34.68 -5.14
CA GLU A 426 -18.38 34.33 -3.75
C GLU A 426 -18.21 32.82 -3.56
N GLU A 427 -18.89 32.06 -4.41
CA GLU A 427 -18.80 30.61 -4.35
C GLU A 427 -17.35 30.10 -4.50
N PHE A 428 -16.62 30.63 -5.48
CA PHE A 428 -15.27 30.16 -5.76
C PHE A 428 -14.34 30.48 -4.61
N LEU A 429 -14.50 31.64 -3.99
CA LEU A 429 -13.63 32.01 -2.88
C LEU A 429 -13.93 31.19 -1.65
N ALA A 430 -15.19 30.85 -1.46
CA ALA A 430 -15.60 30.10 -0.27
C ALA A 430 -15.17 28.65 -0.35
N LYS A 431 -15.03 28.13 -1.57
CA LYS A 431 -14.57 26.76 -1.77
C LYS A 431 -13.08 26.65 -1.48
N THR A 432 -12.36 27.75 -1.70
CA THR A 432 -10.91 27.70 -1.85
C THR A 432 -10.14 28.33 -0.71
N LEU A 433 -10.60 29.45 -0.19
CA LEU A 433 -9.90 30.09 0.92
C LEU A 433 -10.01 29.25 2.19
N MET A 434 -11.16 28.61 2.38
CA MET A 434 -11.35 27.68 3.49
C MET A 434 -11.52 26.31 2.93
N SER A 435 -10.86 25.33 3.54
CA SER A 435 -10.91 23.94 3.09
C SER A 435 -10.21 23.07 4.11
N PRO A 436 -10.75 21.86 4.38
CA PRO A 436 -10.10 20.94 5.30
C PRO A 436 -8.69 20.61 4.85
N GLU A 437 -8.41 20.79 3.56
CA GLU A 437 -7.07 20.56 3.03
C GLU A 437 -5.98 21.48 3.61
N HIS A 438 -6.36 22.40 4.51
CA HIS A 438 -5.40 23.36 5.06
C HIS A 438 -4.89 23.07 6.47
N SER A 439 -5.16 21.89 7.00
CA SER A 439 -4.59 21.53 8.29
C SER A 439 -4.04 20.11 8.24
N LYS A 440 -3.50 19.63 9.36
CA LYS A 440 -2.85 18.32 9.44
C LYS A 440 -3.42 17.43 10.54
N THR A 441 -3.35 16.11 10.36
CA THR A 441 -3.72 15.14 11.41
C THR A 441 -2.85 13.87 11.41
N ALA A 445 -4.46 10.21 16.41
CA ALA A 445 -5.87 9.95 16.72
C ALA A 445 -6.42 11.00 17.70
N CYS A 446 -7.74 11.03 17.87
CA CYS A 446 -8.41 12.01 18.72
C CYS A 446 -9.18 11.38 19.88
N PRO A 447 -9.27 12.10 21.03
CA PRO A 447 -9.99 11.63 22.22
C PRO A 447 -11.38 11.06 21.98
N ASP A 448 -11.86 10.30 22.97
CA ASP A 448 -13.13 9.58 22.90
C ASP A 448 -14.32 10.53 22.86
N ALA A 449 -14.44 11.36 23.88
CA ALA A 449 -15.54 12.32 24.02
C ALA A 449 -15.68 13.28 22.83
N VAL A 450 -14.68 13.30 21.96
CA VAL A 450 -14.66 14.20 20.79
C VAL A 450 -15.31 13.55 19.56
N THR A 451 -15.15 12.24 19.43
CA THR A 451 -15.79 11.50 18.35
C THR A 451 -17.30 11.43 18.56
N LYS A 452 -17.72 11.38 19.82
CA LYS A 452 -19.15 11.31 20.14
C LYS A 452 -19.85 12.60 19.76
N ALA A 453 -19.22 13.73 20.07
CA ALA A 453 -19.73 15.05 19.67
C ALA A 453 -19.78 15.20 18.15
N SER A 454 -18.66 14.95 17.48
CA SER A 454 -18.61 14.98 16.02
C SER A 454 -19.73 14.21 15.37
N LYS A 455 -19.94 12.97 15.81
CA LYS A 455 -21.01 12.12 15.30
C LYS A 455 -22.38 12.77 15.46
N ARG A 456 -22.58 13.41 16.61
CA ARG A 456 -23.86 14.02 16.94
C ARG A 456 -24.09 15.28 16.13
N VAL A 457 -23.02 15.95 15.77
CA VAL A 457 -23.09 17.16 14.95
C VAL A 457 -23.55 16.81 13.55
N CYS A 458 -23.09 15.68 13.02
CA CYS A 458 -23.39 15.27 11.66
C CYS A 458 -24.83 14.86 11.44
N MET A 459 -25.45 14.25 12.44
CA MET A 459 -26.84 13.82 12.34
C MET A 459 -27.81 14.78 13.02
N GLY A 460 -27.41 16.05 13.14
CA GLY A 460 -28.28 17.09 13.67
C GLY A 460 -28.67 16.98 15.14
N GLU A 461 -28.32 15.86 15.77
CA GLU A 461 -28.67 15.63 17.17
C GLU A 461 -27.77 16.45 18.11
N ALA A 462 -26.90 17.29 17.55
CA ALA A 462 -25.94 18.06 18.35
C ALA A 462 -26.49 19.37 18.89
N GLY A 463 -25.97 19.76 20.05
CA GLY A 463 -26.42 20.98 20.72
C GLY A 463 -25.31 21.90 21.17
N ALA A 464 -25.61 22.73 22.16
CA ALA A 464 -24.72 23.79 22.64
C ALA A 464 -23.33 23.29 22.97
N HIS A 465 -23.24 22.37 23.92
CA HIS A 465 -21.95 21.96 24.46
C HIS A 465 -21.11 21.10 23.52
N GLU A 466 -21.77 20.31 22.67
CA GLU A 466 -21.05 19.48 21.70
C GLU A 466 -20.14 20.38 20.86
N PHE A 467 -20.67 21.47 20.35
CA PHE A 467 -19.87 22.44 19.60
C PHE A 467 -18.75 23.00 20.46
N ARG A 468 -19.09 23.46 21.66
CA ARG A 468 -18.08 23.96 22.60
C ARG A 468 -16.90 23.03 22.67
N SER A 469 -17.18 21.75 22.95
CA SER A 469 -16.15 20.72 23.04
C SER A 469 -15.27 20.65 21.80
N LEU A 470 -15.93 20.65 20.64
CA LEU A 470 -15.25 20.58 19.37
C LEU A 470 -14.40 21.82 19.07
N VAL A 471 -14.91 23.00 19.45
CA VAL A 471 -14.17 24.24 19.22
C VAL A 471 -12.95 24.23 20.11
N ASP A 472 -13.19 24.17 21.43
CA ASP A 472 -12.13 24.13 22.41
C ASP A 472 -11.04 23.13 22.05
N TYR A 473 -11.43 22.01 21.46
CA TYR A 473 -10.47 21.00 21.03
C TYR A 473 -9.60 21.52 19.90
N ALA A 474 -10.23 21.95 18.80
CA ALA A 474 -9.53 22.47 17.63
C ALA A 474 -8.74 23.71 17.97
N CYS A 475 -9.26 24.44 18.96
CA CYS A 475 -8.64 25.65 19.47
C CYS A 475 -7.29 25.39 20.10
N GLU A 476 -7.04 24.12 20.44
CA GLU A 476 -5.84 23.72 21.15
C GLU A 476 -5.01 22.73 20.34
N GLN A 477 -5.67 22.04 19.43
CA GLN A 477 -4.97 21.16 18.50
C GLN A 477 -4.49 21.95 17.30
N GLY A 478 -4.65 23.28 17.35
CA GLY A 478 -4.22 24.16 16.25
C GLY A 478 -4.68 23.72 14.86
N ILE A 479 -6.00 23.69 14.68
CA ILE A 479 -6.59 23.34 13.40
C ILE A 479 -6.76 24.61 12.58
N SER A 480 -6.24 24.58 11.36
CA SER A 480 -6.34 25.74 10.49
C SER A 480 -7.18 25.44 9.24
N VAL A 481 -8.35 26.07 9.16
CA VAL A 481 -9.24 25.87 8.03
C VAL A 481 -9.12 26.92 6.93
N PHE A 482 -8.42 28.02 7.21
CA PHE A 482 -8.06 29.01 6.21
C PHE A 482 -6.62 28.81 5.74
N CYS A 483 -6.30 29.31 4.55
CA CYS A 483 -4.96 29.19 3.97
C CYS A 483 -4.01 30.24 4.55
N SER A 484 -4.29 30.64 5.78
CA SER A 484 -3.42 31.52 6.55
C SER A 484 -3.40 31.08 8.00
N SER A 485 -2.22 31.02 8.60
CA SER A 485 -2.13 30.58 9.98
C SER A 485 -2.67 31.63 10.94
N ARG A 486 -2.54 32.90 10.58
CA ARG A 486 -3.07 33.98 11.41
C ARG A 486 -4.59 34.05 11.35
N VAL A 487 -5.12 33.98 10.13
CA VAL A 487 -6.57 34.03 9.91
C VAL A 487 -7.23 32.82 10.60
N SER A 488 -6.61 31.64 10.45
CA SER A 488 -7.11 30.42 11.05
C SER A 488 -7.17 30.55 12.57
N THR A 489 -6.09 31.06 13.15
CA THR A 489 -5.99 31.31 14.59
C THR A 489 -7.01 32.33 15.04
N MET A 490 -7.18 33.38 14.25
CA MET A 490 -8.14 34.40 14.58
C MET A 490 -9.58 33.92 14.37
N PHE A 491 -9.76 32.97 13.45
CA PHE A 491 -11.07 32.37 13.27
C PHE A 491 -11.44 31.62 14.54
N LEU A 492 -10.52 30.80 15.05
CA LEU A 492 -10.77 30.05 16.29
C LEU A 492 -11.23 30.88 17.50
N GLU A 493 -10.64 32.06 17.73
CA GLU A 493 -11.12 32.94 18.82
C GLU A 493 -12.44 33.62 18.47
N ARG A 494 -12.71 33.89 17.19
CA ARG A 494 -14.03 34.43 16.85
C ARG A 494 -15.10 33.41 17.21
N LEU A 495 -14.74 32.13 17.08
CA LEU A 495 -15.64 31.04 17.40
C LEU A 495 -16.02 31.00 18.87
N ARG A 496 -15.04 31.23 19.74
CA ARG A 496 -15.28 31.27 21.18
C ARG A 496 -16.26 32.38 21.57
N ASP A 497 -16.29 33.45 20.80
CA ASP A 497 -17.12 34.60 21.11
C ASP A 497 -18.54 34.46 20.56
N ILE A 498 -18.81 33.36 19.86
CA ILE A 498 -20.12 33.17 19.25
C ILE A 498 -20.95 32.22 20.09
N PRO A 499 -22.16 32.67 20.50
CA PRO A 499 -23.16 31.91 21.24
C PRO A 499 -23.36 30.50 20.69
N ALA A 500 -23.12 29.48 21.51
CA ALA A 500 -23.14 28.09 21.05
C ALA A 500 -24.51 27.63 20.52
N GLU A 501 -25.57 28.34 20.88
CA GLU A 501 -26.90 28.09 20.34
C GLU A 501 -26.98 28.51 18.89
N ASP A 502 -26.03 29.34 18.48
CA ASP A 502 -25.96 29.78 17.10
C ASP A 502 -25.17 28.88 16.19
N MET A 503 -24.23 28.11 16.76
CA MET A 503 -23.29 27.35 15.96
C MET A 503 -23.92 26.30 15.07
N LEU A 504 -25.04 25.74 15.52
CA LEU A 504 -25.72 24.72 14.73
C LEU A 504 -26.30 25.27 13.42
N ASP A 505 -26.71 26.54 13.45
CA ASP A 505 -27.27 27.21 12.28
C ASP A 505 -26.17 27.55 11.30
N TRP A 506 -25.06 28.08 11.80
CA TRP A 506 -23.90 28.38 10.97
C TRP A 506 -23.39 27.13 10.26
N TYR A 507 -23.22 26.06 11.03
CA TYR A 507 -22.76 24.79 10.48
C TYR A 507 -23.70 24.37 9.36
N ARG A 508 -25.00 24.30 9.65
CA ARG A 508 -25.96 23.90 8.63
C ARG A 508 -25.79 24.76 7.38
N LEU A 509 -25.67 26.07 7.56
CA LEU A 509 -25.49 26.97 6.44
C LEU A 509 -24.24 26.64 5.65
N GLY A 510 -23.18 26.24 6.36
CA GLY A 510 -21.92 25.89 5.75
C GLY A 510 -22.02 24.62 4.94
N ILE A 511 -22.62 23.59 5.54
CA ILE A 511 -22.76 22.28 4.89
C ILE A 511 -23.73 22.35 3.69
N GLN A 512 -24.77 23.16 3.85
CA GLN A 512 -25.72 23.50 2.80
C GLN A 512 -24.99 24.05 1.57
N PHE A 513 -24.09 25.01 1.80
CA PHE A 513 -23.29 25.61 0.73
C PHE A 513 -22.32 24.61 0.11
N SER A 514 -21.76 23.74 0.95
CA SER A 514 -20.78 22.75 0.50
C SER A 514 -21.45 21.78 -0.45
N HIS A 515 -22.70 21.44 -0.13
CA HIS A 515 -23.51 20.51 -0.89
C HIS A 515 -23.81 21.04 -2.28
N ARG A 516 -24.32 22.27 -2.38
CA ARG A 516 -24.70 22.84 -3.65
C ARG A 516 -23.50 23.14 -4.52
N SER A 517 -22.34 23.32 -3.88
CA SER A 517 -21.04 23.57 -4.55
C SER A 517 -20.46 22.33 -5.22
N GLY A 518 -21.08 21.18 -4.97
CA GLY A 518 -20.64 19.91 -5.51
C GLY A 518 -19.40 19.33 -4.87
N LEU A 519 -19.04 19.79 -3.67
CA LEU A 519 -17.83 19.29 -3.02
C LEU A 519 -18.10 18.47 -1.76
N SER A 520 -19.35 18.05 -1.59
CA SER A 520 -19.72 17.21 -0.47
C SER A 520 -21.11 16.66 -0.70
N GLY A 521 -21.51 15.72 0.13
CA GLY A 521 -22.91 15.29 0.18
C GLY A 521 -23.63 16.12 1.22
N PRO A 522 -24.90 15.78 1.49
CA PRO A 522 -25.66 16.52 2.49
C PRO A 522 -25.12 16.32 3.90
N GLY A 523 -24.45 15.20 4.12
CA GLY A 523 -23.81 14.93 5.41
C GLY A 523 -22.36 15.37 5.39
N GLY A 524 -21.86 15.75 6.57
CA GLY A 524 -20.44 16.10 6.75
C GLY A 524 -19.56 14.89 6.92
N VAL A 525 -18.27 15.12 7.14
CA VAL A 525 -17.30 14.02 7.10
C VAL A 525 -17.15 13.31 8.46
N VAL A 526 -17.61 13.95 9.54
CA VAL A 526 -17.50 13.38 10.89
C VAL A 526 -16.06 13.52 11.42
N SER A 527 -15.41 14.60 11.01
CA SER A 527 -14.11 15.00 11.56
C SER A 527 -14.20 16.42 12.11
N VAL A 528 -13.37 16.72 13.11
CA VAL A 528 -13.37 18.05 13.71
C VAL A 528 -12.84 19.05 12.70
N ILE A 529 -12.05 18.58 11.75
CA ILE A 529 -11.56 19.43 10.67
C ILE A 529 -12.70 19.85 9.72
N ASP A 530 -13.48 18.88 9.26
CA ASP A 530 -14.62 19.16 8.37
C ASP A 530 -15.67 20.03 9.06
N ILE A 531 -15.99 19.70 10.31
CA ILE A 531 -16.91 20.50 11.11
C ILE A 531 -16.38 21.92 11.25
N MET A 532 -15.08 22.04 11.51
CA MET A 532 -14.44 23.32 11.68
C MET A 532 -14.54 24.14 10.40
N THR A 533 -14.35 23.47 9.27
CA THR A 533 -14.48 24.09 7.96
C THR A 533 -15.89 24.60 7.64
N HIS A 534 -16.91 23.77 7.89
CA HIS A 534 -18.29 24.17 7.60
C HIS A 534 -18.73 25.38 8.42
N LEU A 535 -18.33 25.39 9.68
CA LEU A 535 -18.55 26.52 10.54
C LEU A 535 -17.95 27.75 9.90
N ALA A 536 -16.74 27.59 9.35
CA ALA A 536 -16.07 28.71 8.72
C ALA A 536 -16.91 29.24 7.57
N ARG A 537 -17.16 28.40 6.58
CA ARG A 537 -17.89 28.83 5.39
C ARG A 537 -19.24 29.46 5.69
N GLY A 538 -19.95 28.93 6.67
CA GLY A 538 -21.18 29.57 7.11
C GLY A 538 -20.89 31.01 7.46
N LEU A 539 -20.01 31.20 8.44
CA LEU A 539 -19.70 32.51 9.02
C LEU A 539 -19.06 33.46 8.03
N TRP A 540 -18.30 32.91 7.10
CA TRP A 540 -17.75 33.68 5.99
C TRP A 540 -18.88 34.28 5.17
N LEU A 541 -19.75 33.42 4.67
CA LEU A 541 -20.84 33.83 3.82
C LEU A 541 -21.92 34.66 4.51
N GLY A 542 -22.16 34.40 5.80
CA GLY A 542 -23.39 34.88 6.39
C GLY A 542 -23.31 35.78 7.60
N SER A 543 -22.10 36.05 8.11
CA SER A 543 -22.00 36.95 9.25
C SER A 543 -22.74 38.24 8.89
N PRO A 544 -23.63 38.71 9.78
CA PRO A 544 -24.62 39.76 9.45
C PRO A 544 -24.10 41.21 9.39
N GLY A 545 -23.18 41.59 10.26
CA GLY A 545 -22.65 42.95 10.27
C GLY A 545 -21.29 43.13 10.94
N PHE A 546 -20.87 44.38 11.03
CA PHE A 546 -19.63 44.75 11.67
C PHE A 546 -19.91 45.91 12.58
N TYR A 547 -19.10 46.06 13.62
CA TYR A 547 -19.28 47.12 14.58
C TYR A 547 -18.45 48.32 14.18
N VAL A 548 -19.03 49.50 14.29
CA VAL A 548 -18.23 50.71 14.19
C VAL A 548 -17.83 51.13 15.59
N GLU A 549 -16.52 51.32 15.78
CA GLU A 549 -15.97 51.61 17.11
C GLU A 549 -16.33 53.02 17.60
N GLN A 550 -16.15 53.25 18.90
CA GLN A 550 -16.44 54.55 19.53
C GLN A 550 -15.44 55.63 19.11
N PRO A 560 -23.69 54.62 18.23
CA PRO A 560 -22.74 53.58 17.78
C PRO A 560 -23.31 52.14 17.84
N PRO A 561 -24.20 51.78 16.88
CA PRO A 561 -24.77 50.44 16.89
C PRO A 561 -23.97 49.47 16.00
N THR A 562 -24.65 48.47 15.41
CA THR A 562 -24.01 47.56 14.47
C THR A 562 -24.54 47.79 13.08
N ILE A 563 -23.62 48.02 12.14
CA ILE A 563 -24.00 48.20 10.77
C ILE A 563 -24.19 46.84 10.12
N PRO A 564 -25.40 46.56 9.59
CA PRO A 564 -25.71 45.31 8.90
C PRO A 564 -25.32 45.32 7.43
N VAL A 565 -24.67 44.25 7.02
CA VAL A 565 -24.26 44.08 5.63
C VAL A 565 -25.28 43.21 4.89
N LEU A 566 -26.08 43.87 4.03
CA LEU A 566 -27.17 43.22 3.31
C LEU A 566 -27.30 43.62 1.84
N TYR A 567 -26.23 44.17 1.26
CA TYR A 567 -26.29 44.61 -0.13
C TYR A 567 -26.59 43.46 -1.09
N ILE A 568 -26.63 42.25 -0.56
CA ILE A 568 -26.88 41.07 -1.36
C ILE A 568 -28.36 40.91 -1.69
N TYR A 569 -29.21 41.35 -0.77
CA TYR A 569 -30.65 41.20 -0.92
C TYR A 569 -31.22 42.17 -1.92
N HIS A 570 -30.42 43.16 -2.30
CA HIS A 570 -30.77 44.09 -3.36
C HIS A 570 -30.43 43.53 -4.75
N ARG A 571 -29.69 42.42 -4.78
CA ARG A 571 -29.34 41.79 -6.05
C ARG A 571 -30.59 41.40 -6.78
N SER A 572 -30.62 41.63 -8.08
CA SER A 572 -31.82 41.35 -8.88
C SER A 572 -32.06 39.85 -9.08
N VAL A 573 -31.08 39.02 -8.71
CA VAL A 573 -31.24 37.57 -8.70
C VAL A 573 -30.93 37.06 -7.31
N GLN A 574 -31.90 36.42 -6.68
CA GLN A 574 -31.74 35.98 -5.29
C GLN A 574 -31.30 34.53 -5.13
N CYS A 575 -30.89 34.17 -3.93
CA CYS A 575 -30.45 32.81 -3.65
C CYS A 575 -30.95 32.35 -2.29
N PRO A 576 -32.23 31.96 -2.21
CA PRO A 576 -32.88 31.66 -0.94
C PRO A 576 -32.24 30.47 -0.24
N VAL A 577 -31.72 29.52 -1.03
CA VAL A 577 -31.07 28.32 -0.51
C VAL A 577 -30.04 28.63 0.57
N LEU A 578 -29.26 29.69 0.37
CA LEU A 578 -28.21 30.06 1.31
C LEU A 578 -28.59 31.24 2.19
N TYR A 579 -29.01 32.33 1.57
CA TYR A 579 -29.24 33.60 2.26
C TYR A 579 -30.67 33.82 2.78
N GLY A 580 -31.65 33.21 2.11
CA GLY A 580 -33.05 33.33 2.51
C GLY A 580 -33.73 34.53 1.88
N SER A 581 -34.69 35.09 2.59
CA SER A 581 -35.40 36.29 2.12
C SER A 581 -35.84 37.14 3.29
N LEU A 582 -35.94 38.44 3.04
CA LEU A 582 -36.49 39.37 4.02
C LEU A 582 -38.02 39.43 3.81
N THR A 583 -38.73 38.63 4.61
CA THR A 583 -40.18 38.28 4.47
C THR A 583 -40.36 36.95 3.73
N THR A 587 -38.44 33.93 7.03
CA THR A 587 -37.25 34.77 7.15
C THR A 587 -36.06 34.04 7.78
N GLY A 588 -35.76 32.83 7.28
CA GLY A 588 -34.57 32.04 7.68
C GLY A 588 -33.93 32.11 9.08
N PRO A 589 -32.63 31.72 9.17
CA PRO A 589 -31.75 31.80 10.34
C PRO A 589 -30.60 32.85 10.25
N VAL A 590 -30.30 33.30 9.03
CA VAL A 590 -29.26 34.31 8.76
C VAL A 590 -29.95 35.62 8.43
N ALA A 591 -30.89 35.57 7.48
CA ALA A 591 -31.69 36.71 7.08
C ALA A 591 -32.27 37.40 8.28
N SER A 592 -32.80 36.61 9.22
CA SER A 592 -33.36 37.15 10.46
C SER A 592 -32.38 38.00 11.27
N LYS A 593 -31.13 37.55 11.42
CA LYS A 593 -30.05 38.29 12.11
C LYS A 593 -29.75 39.62 11.44
N VAL A 594 -29.68 39.59 10.12
CA VAL A 594 -29.42 40.78 9.31
C VAL A 594 -30.56 41.77 9.47
N LEU A 595 -31.79 41.24 9.37
CA LEU A 595 -33.00 42.04 9.52
C LEU A 595 -33.03 42.66 10.92
N ALA A 596 -32.78 41.85 11.95
CA ALA A 596 -32.67 42.33 13.34
C ALA A 596 -31.81 43.59 13.46
N LEU A 597 -30.61 43.54 12.88
CA LEU A 597 -29.68 44.67 12.91
C LEU A 597 -30.21 45.85 12.13
N TYR A 598 -30.89 45.55 11.03
CA TYR A 598 -31.48 46.58 10.20
C TYR A 598 -32.55 47.33 10.98
N GLU A 599 -33.40 46.61 11.70
CA GLU A 599 -34.47 47.26 12.43
C GLU A 599 -33.95 48.05 13.62
N LYS A 600 -32.86 47.60 14.20
CA LYS A 600 -32.27 48.29 15.34
C LYS A 600 -31.58 49.60 14.95
N ILE A 601 -31.05 49.66 13.73
CA ILE A 601 -30.33 50.86 13.27
C ILE A 601 -31.30 51.96 12.84
N LEU A 602 -32.51 51.57 12.44
CA LEU A 602 -33.54 52.53 12.07
C LEU A 602 -34.12 53.17 13.32
N ALA A 603 -34.33 52.32 14.33
CA ALA A 603 -34.94 52.70 15.61
C ALA A 603 -34.00 53.54 16.47
N TYR A 604 -32.72 53.58 16.07
CA TYR A 604 -31.74 54.43 16.75
C TYR A 604 -32.27 55.88 16.80
N GLU A 605 -32.37 56.43 18.01
CA GLU A 605 -32.90 57.77 18.22
C GLU A 605 -32.02 58.82 17.54
N SER A 606 -32.57 59.42 16.48
CA SER A 606 -31.81 60.31 15.59
C SER A 606 -31.64 61.69 16.23
N SER A 607 -30.43 61.97 16.71
CA SER A 607 -30.17 63.26 17.37
C SER A 607 -29.97 64.38 16.35
N GLY A 608 -30.47 64.10 15.15
CA GLY A 608 -30.40 64.98 14.00
C GLY A 608 -30.18 66.47 14.22
N GLY A 609 -28.90 66.83 14.33
CA GLY A 609 -28.53 68.23 14.31
C GLY A 609 -28.21 68.62 12.89
N SER A 610 -26.99 69.12 12.70
CA SER A 610 -26.51 69.54 11.39
C SER A 610 -26.04 68.36 10.55
N LYS A 611 -25.55 67.30 11.20
CA LYS A 611 -25.15 66.07 10.51
C LYS A 611 -26.34 65.43 9.82
N HIS A 612 -27.43 65.27 10.57
CA HIS A 612 -28.67 64.73 10.02
C HIS A 612 -29.17 65.57 8.84
N ILE A 613 -28.91 66.87 8.83
CA ILE A 613 -29.27 67.71 7.70
C ILE A 613 -28.34 67.44 6.52
N ALA A 614 -27.06 67.27 6.81
CA ALA A 614 -26.09 66.96 5.78
C ALA A 614 -26.41 65.60 5.14
N ALA A 615 -26.79 64.65 5.97
CA ALA A 615 -27.21 63.34 5.50
C ALA A 615 -28.33 63.48 4.48
N GLN A 616 -29.37 64.23 4.82
CA GLN A 616 -30.51 64.43 3.94
C GLN A 616 -30.16 65.10 2.61
N THR A 617 -29.32 66.13 2.65
CA THR A 617 -28.93 66.84 1.43
C THR A 617 -28.03 65.98 0.54
N VAL A 618 -27.23 65.11 1.15
CA VAL A 618 -26.46 64.10 0.42
C VAL A 618 -27.40 63.06 -0.18
N SER A 619 -28.39 62.67 0.63
CA SER A 619 -29.41 61.71 0.25
C SER A 619 -30.08 62.02 -1.09
N ARG A 620 -30.22 63.30 -1.40
CA ARG A 620 -30.91 63.70 -2.62
C ARG A 620 -29.96 64.10 -3.74
N SER A 621 -28.69 64.32 -3.38
CA SER A 621 -27.70 64.79 -4.35
C SER A 621 -26.92 63.68 -5.07
N LEU A 622 -27.44 62.45 -5.01
CA LEU A 622 -26.74 61.30 -5.60
C LEU A 622 -26.81 61.26 -7.12
N ALA A 623 -27.68 62.08 -7.72
CA ALA A 623 -27.82 62.18 -9.18
C ALA A 623 -28.05 60.83 -9.85
N VAL A 624 -28.48 59.87 -9.04
CA VAL A 624 -28.60 58.49 -9.46
C VAL A 624 -29.83 57.86 -8.80
N PRO A 625 -30.62 57.11 -9.58
CA PRO A 625 -31.82 56.50 -9.04
C PRO A 625 -31.50 55.41 -8.02
N ILE A 626 -32.05 55.56 -6.81
CA ILE A 626 -31.92 54.56 -5.75
C ILE A 626 -33.22 53.74 -5.62
N PRO A 627 -33.12 52.46 -5.20
CA PRO A 627 -34.32 51.67 -4.88
C PRO A 627 -35.26 52.40 -3.91
N SER A 628 -36.51 51.92 -3.81
CA SER A 628 -37.53 52.64 -3.02
C SER A 628 -37.52 52.32 -1.52
N GLY A 629 -37.87 53.33 -0.72
CA GLY A 629 -37.99 53.17 0.73
C GLY A 629 -36.73 52.63 1.38
N THR A 630 -35.61 53.00 0.78
CA THR A 630 -34.32 52.59 1.25
C THR A 630 -33.64 53.80 1.89
N ILE A 631 -34.31 54.95 1.78
CA ILE A 631 -33.78 56.25 2.21
C ILE A 631 -33.50 56.29 3.71
N PRO A 632 -34.48 55.95 4.57
CA PRO A 632 -34.24 56.18 6.01
C PRO A 632 -32.97 55.48 6.53
N PHE A 633 -32.66 54.32 5.96
CA PHE A 633 -31.45 53.60 6.32
C PHE A 633 -30.19 54.27 5.74
N LEU A 634 -30.31 54.79 4.51
CA LEU A 634 -29.21 55.49 3.85
C LEU A 634 -28.81 56.72 4.65
N ILE A 635 -29.81 57.43 5.18
CA ILE A 635 -29.57 58.62 5.98
C ILE A 635 -28.75 58.26 7.22
N ARG A 636 -29.13 57.18 7.90
CA ARG A 636 -28.45 56.70 9.11
C ARG A 636 -26.98 56.41 8.89
N LEU A 637 -26.67 55.82 7.73
CA LEU A 637 -25.31 55.51 7.38
C LEU A 637 -24.60 56.75 6.90
N LEU A 638 -25.26 57.53 6.06
CA LEU A 638 -24.67 58.78 5.60
C LEU A 638 -24.24 59.65 6.79
N GLN A 639 -24.99 59.54 7.89
CA GLN A 639 -24.65 60.21 9.14
C GLN A 639 -23.34 59.65 9.64
N ILE A 640 -23.30 58.34 9.88
CA ILE A 640 -22.08 57.65 10.29
C ILE A 640 -20.89 58.03 9.39
N ALA A 641 -21.11 58.06 8.08
CA ALA A 641 -20.06 58.47 7.15
C ALA A 641 -19.55 59.89 7.47
N LEU A 642 -20.45 60.74 7.93
CA LEU A 642 -20.15 62.14 8.22
C LEU A 642 -19.70 62.42 9.66
N THR A 643 -19.71 61.42 10.53
CA THR A 643 -19.11 61.57 11.87
C THR A 643 -17.61 61.21 11.90
N PRO A 644 -16.79 62.01 12.62
CA PRO A 644 -15.32 61.99 12.66
C PRO A 644 -14.58 60.69 13.05
N HIS A 645 -14.96 60.01 14.12
CA HIS A 645 -14.15 58.85 14.49
C HIS A 645 -14.69 57.51 13.98
N VAL A 646 -15.85 57.55 13.33
CA VAL A 646 -16.59 56.35 12.98
C VAL A 646 -16.47 55.91 11.51
N TYR A 647 -16.27 56.86 10.60
CA TYR A 647 -16.26 56.53 9.17
C TYR A 647 -15.17 55.52 8.76
N GLN A 648 -14.19 55.34 9.63
CA GLN A 648 -13.01 54.48 9.41
C GLN A 648 -13.29 53.20 8.63
N LYS A 649 -14.24 52.40 9.10
CA LYS A 649 -14.54 51.12 8.45
C LYS A 649 -15.35 51.29 7.15
N LEU A 650 -16.29 52.23 7.15
CA LEU A 650 -17.01 52.53 5.94
C LEU A 650 -16.03 52.97 4.87
N GLU A 651 -15.06 53.80 5.25
CA GLU A 651 -14.00 54.22 4.35
C GLU A 651 -13.30 53.02 3.75
N LEU A 652 -12.89 52.09 4.60
CA LEU A 652 -12.20 50.88 4.16
C LEU A 652 -13.00 50.13 3.10
N LEU A 653 -14.30 49.98 3.32
CA LEU A 653 -15.18 49.26 2.41
C LEU A 653 -15.43 50.06 1.13
N GLY A 654 -15.65 51.35 1.28
CA GLY A 654 -15.83 52.21 0.12
C GLY A 654 -14.61 52.18 -0.78
N ASP A 655 -13.43 52.25 -0.18
CA ASP A 655 -12.17 52.24 -0.94
C ASP A 655 -12.11 50.99 -1.78
N ALA A 656 -12.36 49.85 -1.15
CA ALA A 656 -12.37 48.54 -1.80
C ALA A 656 -13.31 48.45 -3.00
N PHE A 657 -14.55 48.89 -2.79
CA PHE A 657 -15.59 48.84 -3.82
C PHE A 657 -15.22 49.73 -5.01
N LEU A 658 -14.67 50.90 -4.73
CA LEU A 658 -14.40 51.89 -5.75
C LEU A 658 -13.39 51.38 -6.74
N LYS A 659 -12.39 50.67 -6.25
CA LYS A 659 -11.36 50.06 -7.09
C LYS A 659 -12.07 49.11 -8.02
N CYS A 660 -12.80 48.18 -7.43
CA CYS A 660 -13.50 47.14 -8.16
C CYS A 660 -14.58 47.62 -9.13
N SER A 661 -15.35 48.64 -8.74
CA SER A 661 -16.35 49.21 -9.63
C SER A 661 -15.69 49.94 -10.79
N LEU A 662 -14.73 50.80 -10.49
CA LEU A 662 -13.97 51.49 -11.51
C LEU A 662 -13.26 50.55 -12.46
N ALA A 663 -12.66 49.49 -11.91
CA ALA A 663 -11.96 48.50 -12.71
C ALA A 663 -12.94 47.95 -13.74
N LEU A 664 -14.12 47.58 -13.27
CA LEU A 664 -15.18 47.05 -14.11
C LEU A 664 -15.55 48.05 -15.21
N HIS A 665 -15.99 49.23 -14.81
CA HIS A 665 -16.40 50.23 -15.78
C HIS A 665 -15.37 50.46 -16.89
N LEU A 666 -14.10 50.51 -16.52
CA LEU A 666 -13.05 50.72 -17.51
C LEU A 666 -12.89 49.48 -18.34
N HIS A 667 -12.88 48.32 -17.69
CA HIS A 667 -12.79 47.04 -18.38
C HIS A 667 -13.77 46.95 -19.54
N ALA A 668 -14.96 47.51 -19.33
CA ALA A 668 -16.01 47.52 -20.35
C ALA A 668 -15.81 48.64 -21.38
N LEU A 669 -15.41 49.81 -20.91
CA LEU A 669 -15.28 50.95 -21.80
C LEU A 669 -14.11 50.81 -22.76
N HIS A 670 -13.14 49.99 -22.38
CA HIS A 670 -11.92 49.89 -23.16
C HIS A 670 -11.55 48.45 -23.41
N PRO A 671 -12.34 47.76 -24.26
CA PRO A 671 -12.19 46.34 -24.57
C PRO A 671 -10.80 45.90 -25.06
N THR A 672 -10.00 46.82 -25.60
CA THR A 672 -8.72 46.44 -26.19
C THR A 672 -7.53 46.82 -25.34
N LEU A 673 -7.76 47.50 -24.23
CA LEU A 673 -6.67 47.99 -23.40
C LEU A 673 -6.25 46.93 -22.40
N THR A 674 -4.98 46.96 -22.01
CA THR A 674 -4.40 45.89 -21.21
C THR A 674 -4.04 46.37 -19.81
N GLU A 675 -3.33 45.51 -19.06
CA GLU A 675 -2.96 45.72 -17.66
C GLU A 675 -2.48 47.14 -17.37
N GLY A 676 -1.38 47.53 -18.02
CA GLY A 676 -0.74 48.83 -17.77
C GLY A 676 -1.69 50.01 -17.90
N ALA A 677 -2.30 50.14 -19.08
CA ALA A 677 -3.20 51.25 -19.38
C ALA A 677 -4.35 51.37 -18.38
N LEU A 678 -5.06 50.26 -18.18
CA LEU A 678 -6.23 50.25 -17.30
C LEU A 678 -5.88 50.55 -15.86
N THR A 679 -4.67 50.19 -15.45
CA THR A 679 -4.21 50.47 -14.11
C THR A 679 -3.91 51.95 -13.98
N ARG A 680 -2.96 52.44 -14.78
CA ARG A 680 -2.66 53.87 -14.82
C ARG A 680 -3.92 54.73 -14.91
N MET A 681 -4.94 54.22 -15.60
CA MET A 681 -6.18 54.95 -15.78
C MET A 681 -6.97 55.09 -14.49
N ARG A 682 -7.42 53.99 -13.90
CA ARG A 682 -8.24 54.07 -12.70
C ARG A 682 -7.50 54.65 -11.48
N GLN A 683 -6.18 54.55 -11.45
CA GLN A 683 -5.37 55.10 -10.37
C GLN A 683 -5.45 56.62 -10.34
N SER A 684 -5.73 57.20 -11.50
CA SER A 684 -5.76 58.63 -11.70
C SER A 684 -7.03 59.26 -11.12
N ALA A 685 -8.08 58.44 -10.99
CA ALA A 685 -9.37 58.91 -10.50
C ALA A 685 -9.72 58.34 -9.13
N GLU A 686 -8.74 57.71 -8.49
CA GLU A 686 -8.97 57.04 -7.23
C GLU A 686 -8.19 57.71 -6.12
N THR A 687 -7.38 58.71 -6.49
CA THR A 687 -6.50 59.40 -5.53
C THR A 687 -7.25 60.35 -4.61
N ASN A 688 -6.79 60.42 -3.37
CA ASN A 688 -7.43 61.22 -2.34
C ASN A 688 -7.71 62.69 -2.70
N SER A 689 -6.78 63.34 -3.40
CA SER A 689 -7.01 64.71 -3.86
C SER A 689 -8.19 64.78 -4.85
N VAL A 690 -8.31 63.77 -5.71
CA VAL A 690 -9.39 63.70 -6.72
C VAL A 690 -10.77 63.49 -6.09
N LEU A 691 -10.84 62.50 -5.19
CA LEU A 691 -12.09 62.17 -4.48
C LEU A 691 -12.51 63.29 -3.56
N GLY A 692 -11.53 63.93 -2.92
CA GLY A 692 -11.78 65.08 -2.07
C GLY A 692 -12.54 66.17 -2.80
N ARG A 693 -12.05 66.52 -3.98
CA ARG A 693 -12.70 67.50 -4.85
C ARG A 693 -14.18 67.18 -5.05
N LEU A 694 -14.47 65.91 -5.32
CA LEU A 694 -15.85 65.45 -5.58
C LEU A 694 -16.75 65.64 -4.38
N THR A 695 -16.16 65.63 -3.19
CA THR A 695 -16.93 65.80 -1.95
C THR A 695 -17.36 67.24 -1.78
N LYS A 696 -16.57 68.16 -2.33
CA LYS A 696 -16.85 69.58 -2.22
C LYS A 696 -17.96 70.00 -3.16
N ARG A 697 -18.16 69.22 -4.22
CA ARG A 697 -19.25 69.49 -5.17
C ARG A 697 -20.64 69.21 -4.61
N PHE A 698 -20.72 68.57 -3.44
CA PHE A 698 -22.01 68.41 -2.76
C PHE A 698 -22.40 69.75 -2.17
N PRO A 699 -23.71 69.96 -1.97
CA PRO A 699 -24.18 71.18 -1.31
C PRO A 699 -23.20 71.62 -0.23
N SER A 700 -22.84 72.90 -0.23
CA SER A 700 -21.86 73.46 0.72
C SER A 700 -22.18 73.13 2.20
N VAL A 701 -23.38 72.61 2.45
CA VAL A 701 -23.81 72.18 3.78
C VAL A 701 -22.96 71.01 4.25
N VAL A 702 -22.52 70.18 3.30
CA VAL A 702 -21.70 69.00 3.56
C VAL A 702 -20.28 69.39 3.96
N SER A 703 -19.65 70.25 3.16
CA SER A 703 -18.32 70.78 3.46
C SER A 703 -18.33 71.46 4.82
N GLU A 704 -19.40 72.22 5.07
CA GLU A 704 -19.60 72.90 6.34
C GLU A 704 -19.53 71.94 7.52
N VAL A 705 -20.24 70.82 7.41
CA VAL A 705 -20.29 69.83 8.49
C VAL A 705 -18.94 69.15 8.66
N ILE A 706 -18.23 68.92 7.55
CA ILE A 706 -16.89 68.36 7.63
C ILE A 706 -15.93 69.28 8.37
N ILE A 707 -15.91 70.57 8.01
CA ILE A 707 -15.03 71.54 8.68
C ILE A 707 -15.44 71.79 10.13
N GLU A 708 -16.73 71.57 10.43
CA GLU A 708 -17.26 71.72 11.79
C GLU A 708 -16.81 70.58 12.71
N SER A 709 -16.59 69.40 12.14
CA SER A 709 -16.18 68.22 12.90
C SER A 709 -14.67 68.20 13.11
N HIS A 710 -13.95 68.76 12.14
CA HIS A 710 -12.49 68.77 12.16
C HIS A 710 -12.03 70.23 12.19
N PRO A 711 -11.77 70.78 13.39
CA PRO A 711 -11.34 72.18 13.51
C PRO A 711 -10.06 72.46 12.74
N LYS A 712 -10.02 73.63 12.10
CA LYS A 712 -8.85 74.07 11.33
C LYS A 712 -8.24 72.96 10.46
N ILE A 713 -8.93 72.63 9.36
CA ILE A 713 -8.42 71.70 8.36
C ILE A 713 -8.47 72.36 6.99
N GLN A 714 -7.64 71.90 6.07
CA GLN A 714 -7.45 72.62 4.82
C GLN A 714 -7.93 71.88 3.58
N PRO A 715 -8.33 72.64 2.52
CA PRO A 715 -8.83 72.10 1.24
C PRO A 715 -8.08 70.92 0.65
N ASP A 716 -6.81 70.75 1.00
CA ASP A 716 -6.02 69.62 0.48
C ASP A 716 -5.95 68.44 1.47
N SER A 717 -6.86 68.41 2.44
CA SER A 717 -6.85 67.38 3.48
C SER A 717 -7.20 66.00 2.98
N LYS A 718 -6.86 65.01 3.79
CA LYS A 718 -7.14 63.63 3.50
C LYS A 718 -8.62 63.36 3.77
N VAL A 719 -9.24 64.21 4.58
CA VAL A 719 -10.55 63.91 5.15
C VAL A 719 -11.69 63.98 4.14
N TYR A 720 -11.63 64.95 3.24
CA TYR A 720 -12.63 65.04 2.20
C TYR A 720 -12.57 63.78 1.38
N GLY A 721 -11.38 63.38 0.95
CA GLY A 721 -11.22 62.18 0.13
C GLY A 721 -11.84 60.95 0.77
N ASP A 722 -11.55 60.77 2.05
CA ASP A 722 -11.96 59.59 2.77
C ASP A 722 -13.47 59.57 3.08
N THR A 723 -14.05 60.73 3.33
CA THR A 723 -15.49 60.78 3.55
C THR A 723 -16.24 60.46 2.26
N PHE A 724 -15.67 60.77 1.11
CA PHE A 724 -16.27 60.36 -0.15
C PHE A 724 -16.30 58.83 -0.21
N GLU A 725 -15.15 58.20 0.05
CA GLU A 725 -15.03 56.74 0.15
C GLU A 725 -16.07 56.20 1.14
N ALA A 726 -16.13 56.84 2.31
CA ALA A 726 -17.11 56.52 3.34
C ALA A 726 -18.54 56.64 2.83
N ILE A 727 -18.84 57.69 2.06
CA ILE A 727 -20.17 57.91 1.49
C ILE A 727 -20.51 56.81 0.50
N LEU A 728 -19.53 56.45 -0.34
CA LEU A 728 -19.75 55.43 -1.34
C LEU A 728 -20.20 54.15 -0.66
N ALA A 729 -19.58 53.83 0.46
CA ALA A 729 -19.94 52.65 1.25
C ALA A 729 -21.34 52.77 1.84
N ALA A 730 -21.68 53.96 2.33
CA ALA A 730 -23.02 54.22 2.82
C ALA A 730 -24.04 53.91 1.72
N ILE A 731 -23.78 54.36 0.50
CA ILE A 731 -24.68 54.08 -0.62
C ILE A 731 -24.71 52.59 -0.92
N LEU A 732 -23.54 51.95 -0.99
CA LEU A 732 -23.47 50.53 -1.27
C LEU A 732 -24.25 49.71 -0.24
N LEU A 733 -24.06 50.05 1.04
CA LEU A 733 -24.62 49.26 2.14
C LEU A 733 -26.12 49.42 2.24
N ALA A 734 -26.62 50.60 1.90
CA ALA A 734 -28.01 50.89 2.09
C ALA A 734 -28.85 50.68 0.84
N CYS A 735 -28.24 50.84 -0.34
CA CYS A 735 -28.97 50.78 -1.61
C CYS A 735 -28.49 49.68 -2.54
N GLY A 736 -27.33 49.12 -2.24
CA GLY A 736 -26.86 47.96 -2.97
C GLY A 736 -25.82 48.25 -4.04
N GLU A 737 -25.39 47.17 -4.70
CA GLU A 737 -24.22 47.21 -5.57
C GLU A 737 -24.41 48.00 -6.86
N GLU A 738 -25.61 47.95 -7.46
CA GLU A 738 -25.82 48.66 -8.73
C GLU A 738 -26.03 50.16 -8.54
N ALA A 739 -26.69 50.54 -7.45
CA ALA A 739 -26.81 51.95 -7.10
C ALA A 739 -25.44 52.56 -6.86
N ALA A 740 -24.63 51.88 -6.05
CA ALA A 740 -23.28 52.35 -5.73
C ALA A 740 -22.38 52.45 -6.96
N GLY A 741 -22.51 51.48 -7.87
CA GLY A 741 -21.72 51.45 -9.09
C GLY A 741 -22.18 52.50 -10.08
N ALA A 742 -23.46 52.83 -10.03
CA ALA A 742 -24.02 53.93 -10.83
C ALA A 742 -23.41 55.24 -10.37
N PHE A 743 -23.40 55.43 -9.05
CA PHE A 743 -22.81 56.59 -8.43
C PHE A 743 -21.34 56.75 -8.78
N VAL A 744 -20.66 55.64 -8.97
CA VAL A 744 -19.26 55.63 -9.41
C VAL A 744 -19.14 56.12 -10.85
N ARG A 745 -19.98 55.59 -11.75
CA ARG A 745 -19.88 55.97 -13.16
C ARG A 745 -20.30 57.41 -13.38
N GLU A 746 -21.27 57.85 -12.60
CA GLU A 746 -21.78 59.20 -12.75
C GLU A 746 -20.86 60.28 -12.20
N HIS A 747 -20.06 59.96 -11.20
CA HIS A 747 -19.27 60.98 -10.52
C HIS A 747 -17.77 60.76 -10.57
N VAL A 748 -17.33 59.51 -10.47
CA VAL A 748 -15.91 59.19 -10.38
C VAL A 748 -15.31 58.93 -11.74
N LEU A 749 -16.03 58.17 -12.57
CA LEU A 749 -15.56 57.80 -13.90
C LEU A 749 -15.19 58.98 -14.81
N PRO A 750 -16.01 60.07 -14.81
CA PRO A 750 -15.64 61.20 -15.67
C PRO A 750 -14.31 61.85 -15.32
N GLN A 751 -13.76 61.53 -14.15
CA GLN A 751 -12.48 62.09 -13.72
C GLN A 751 -11.27 61.27 -14.16
N VAL A 752 -11.49 60.16 -14.83
CA VAL A 752 -10.38 59.33 -15.27
C VAL A 752 -9.63 60.04 -16.39
N VAL A 753 -8.33 60.24 -16.19
CA VAL A 753 -7.51 60.90 -17.20
C VAL A 753 -6.93 59.92 -18.24
N ALA A 754 -7.30 60.13 -19.50
CA ALA A 754 -6.81 59.33 -20.62
C ALA A 754 -5.28 59.22 -20.63
N ASP A 755 -4.78 58.04 -21.01
CA ASP A 755 -3.34 57.77 -21.07
C ASP A 755 -2.62 58.54 -22.20
N ALA A 756 -3.38 58.94 -23.24
CA ALA A 756 -2.86 59.72 -24.37
C ALA A 756 -2.36 61.11 -23.93
N ALA B 2 59.05 32.71 3.16
CA ALA B 2 58.64 34.07 3.61
C ALA B 2 57.65 34.00 4.77
N MET B 3 57.58 35.09 5.53
CA MET B 3 56.67 35.24 6.69
C MET B 3 55.21 35.03 6.29
N HIS B 4 54.80 35.70 5.21
CA HIS B 4 53.41 35.73 4.74
C HIS B 4 52.85 34.31 4.58
N ALA B 5 52.16 33.85 5.62
CA ALA B 5 51.52 32.55 5.61
C ALA B 5 50.46 32.48 6.67
N LEU B 6 49.23 32.16 6.26
CA LEU B 6 48.13 32.03 7.20
C LEU B 6 47.79 30.57 7.43
N GLY B 7 47.32 30.25 8.64
CA GLY B 7 47.03 28.88 9.03
C GLY B 7 45.55 28.53 9.09
N HIS B 8 45.27 27.23 9.00
CA HIS B 8 43.91 26.69 9.14
C HIS B 8 44.03 25.26 9.65
N CYS B 9 43.39 24.94 10.77
CA CYS B 9 43.40 23.57 11.28
C CYS B 9 42.44 22.72 10.51
N CYS B 10 42.94 22.23 9.39
CA CYS B 10 42.20 21.45 8.44
C CYS B 10 42.01 20.02 8.97
N THR B 11 40.76 19.56 9.10
CA THR B 11 40.51 18.20 9.60
C THR B 11 39.69 17.35 8.62
N VAL B 12 40.31 16.29 8.09
CA VAL B 12 39.65 15.37 7.18
C VAL B 12 39.07 14.22 8.00
N VAL B 13 37.76 14.04 7.96
CA VAL B 13 37.09 13.04 8.81
C VAL B 13 36.40 11.95 8.01
N THR B 14 36.86 10.71 8.18
CA THR B 14 36.20 9.56 7.58
C THR B 14 35.70 8.62 8.67
N THR B 15 34.96 7.60 8.24
CA THR B 15 34.43 6.57 9.13
C THR B 15 35.49 5.99 10.05
N ARG B 16 36.71 5.82 9.52
CA ARG B 16 37.81 5.23 10.32
C ARG B 16 38.49 6.20 11.28
N GLY B 17 38.14 7.47 11.20
CA GLY B 17 38.62 8.46 12.17
C GLY B 17 39.00 9.81 11.61
N PRO B 18 39.31 10.76 12.50
CA PRO B 18 39.73 12.11 12.13
C PRO B 18 41.25 12.24 11.89
N SER B 19 41.63 13.00 10.87
CA SER B 19 43.04 13.24 10.54
C SER B 19 43.32 14.72 10.38
N HIS B 20 44.32 15.21 11.10
CA HIS B 20 44.57 16.65 11.19
C HIS B 20 45.74 17.18 10.37
N TRP B 21 45.49 18.31 9.71
CA TRP B 21 46.44 18.90 8.79
C TRP B 21 46.48 20.36 9.07
N LEU B 22 47.59 20.99 8.72
CA LEU B 22 47.69 22.43 8.75
C LEU B 22 47.79 22.92 7.33
N LEU B 23 46.84 23.74 6.92
CA LEU B 23 46.85 24.30 5.58
C LEU B 23 47.48 25.68 5.64
N LEU B 24 48.53 25.89 4.85
CA LEU B 24 49.23 27.17 4.79
C LEU B 24 48.91 27.90 3.52
N LEU B 25 48.19 29.01 3.63
CA LEU B 25 47.80 29.82 2.49
C LEU B 25 48.56 31.13 2.49
N ASP B 26 48.73 31.70 1.31
CA ASP B 26 49.35 33.01 1.18
C ASP B 26 48.32 34.08 0.84
N THR B 27 47.06 33.84 1.19
CA THR B 27 46.01 34.80 0.91
C THR B 27 45.00 34.85 2.06
N HIS B 28 44.63 36.06 2.48
CA HIS B 28 43.58 36.22 3.49
C HIS B 28 42.26 35.78 2.86
N LEU B 29 41.73 34.64 3.33
CA LEU B 29 40.41 34.15 2.93
C LEU B 29 39.48 33.93 4.14
N GLY B 30 39.68 34.72 5.19
CA GLY B 30 38.90 34.58 6.41
C GLY B 30 38.83 33.13 6.86
N THR B 31 37.62 32.64 7.09
CA THR B 31 37.40 31.23 7.44
C THR B 31 36.81 30.52 6.22
N LEU B 32 37.19 29.26 6.04
CA LEU B 32 36.74 28.47 4.90
C LEU B 32 35.54 27.59 5.27
N PRO B 33 34.49 27.59 4.44
CA PRO B 33 33.38 26.68 4.68
C PRO B 33 33.85 25.25 4.57
N GLY B 34 33.45 24.40 5.51
CA GLY B 34 33.77 22.98 5.41
C GLY B 34 33.02 22.40 4.22
N PHE B 35 33.44 21.24 3.75
CA PHE B 35 32.70 20.56 2.69
C PHE B 35 32.77 19.06 2.91
N LYS B 36 31.77 18.35 2.37
CA LYS B 36 31.87 16.92 2.34
C LYS B 36 32.02 16.36 0.92
N VAL B 37 32.86 15.32 0.81
CA VAL B 37 33.07 14.67 -0.46
C VAL B 37 32.28 13.38 -0.51
N SER B 38 31.66 13.19 -1.67
CA SER B 38 30.82 12.07 -1.99
C SER B 38 31.60 10.76 -2.00
N ALA B 39 30.87 9.65 -1.92
CA ALA B 39 31.41 8.30 -2.21
C ALA B 39 32.29 8.31 -3.48
N GLY B 40 33.46 7.71 -3.37
CA GLY B 40 34.60 8.16 -4.17
C GLY B 40 35.02 7.50 -5.47
N ARG B 41 35.89 8.24 -6.17
CA ARG B 41 36.72 7.73 -7.24
C ARG B 41 37.74 6.86 -6.52
N GLY B 42 37.26 5.68 -6.09
CA GLY B 42 38.05 4.73 -5.31
C GLY B 42 38.38 5.14 -3.88
N LEU B 43 37.91 6.31 -3.46
CA LEU B 43 38.07 6.74 -2.06
C LEU B 43 36.70 6.81 -1.36
N PRO B 44 36.64 6.66 0.01
CA PRO B 44 35.33 6.68 0.69
C PRO B 44 34.70 8.07 0.67
N ALA B 45 33.47 8.18 1.15
CA ALA B 45 32.88 9.46 1.44
C ALA B 45 33.60 10.04 2.66
N ALA B 46 33.75 11.36 2.68
CA ALA B 46 34.47 12.03 3.77
C ALA B 46 33.94 13.42 4.01
N GLU B 47 34.31 14.00 5.16
CA GLU B 47 33.94 15.38 5.55
C GLU B 47 35.20 16.17 5.89
N VAL B 48 35.35 17.36 5.32
CA VAL B 48 36.51 18.21 5.60
C VAL B 48 36.07 19.48 6.31
N TYR B 49 36.68 19.74 7.46
CA TYR B 49 36.38 20.92 8.26
C TYR B 49 37.62 21.81 8.32
N PHE B 50 37.38 23.12 8.44
CA PHE B 50 38.46 24.08 8.62
C PHE B 50 38.21 24.92 9.87
N GLU B 51 39.29 25.43 10.45
CA GLU B 51 39.15 26.52 11.42
C GLU B 51 40.44 27.35 11.45
N ALA B 52 40.33 28.60 10.99
CA ALA B 52 41.44 29.56 10.97
C ALA B 52 42.25 29.52 12.27
N GLY B 53 43.57 29.64 12.16
CA GLY B 53 44.46 29.54 13.31
C GLY B 53 45.30 30.79 13.45
N PRO B 54 46.55 30.63 13.96
CA PRO B 54 47.47 31.77 14.08
C PRO B 54 47.90 32.30 12.70
N ARG B 55 49.05 32.97 12.63
CA ARG B 55 49.58 33.50 11.37
C ARG B 55 51.05 33.16 11.20
N VAL B 56 51.33 31.84 11.18
CA VAL B 56 52.68 31.23 11.04
C VAL B 56 53.72 31.92 10.13
N SER B 57 54.91 32.14 10.67
CA SER B 57 56.01 32.75 9.93
C SER B 57 57.22 31.81 9.81
N LEU B 58 57.72 31.65 8.59
CA LEU B 58 58.77 30.69 8.30
C LEU B 58 60.00 31.34 7.70
N SER B 59 61.16 30.95 8.20
CA SER B 59 62.43 31.40 7.66
C SER B 59 62.63 30.75 6.30
N ARG B 60 63.51 31.32 5.48
CA ARG B 60 63.75 30.82 4.13
C ARG B 60 64.13 29.34 4.09
N THR B 61 64.85 28.87 5.11
CA THR B 61 65.24 27.46 5.18
C THR B 61 64.11 26.58 5.70
N ASP B 62 63.38 27.07 6.69
CA ASP B 62 62.16 26.40 7.17
C ASP B 62 61.22 26.14 5.99
N ALA B 63 61.09 27.15 5.13
CA ALA B 63 60.16 27.14 4.00
C ALA B 63 60.46 26.11 2.91
N THR B 64 61.74 25.81 2.71
CA THR B 64 62.09 24.80 1.70
C THR B 64 62.05 23.40 2.30
N ILE B 65 62.02 23.32 3.63
CA ILE B 65 61.75 22.06 4.31
C ILE B 65 60.28 21.72 4.14
N VAL B 66 59.43 22.74 4.22
CA VAL B 66 58.01 22.59 3.95
C VAL B 66 57.82 22.02 2.55
N ALA B 67 58.57 22.55 1.59
CA ALA B 67 58.51 22.15 0.19
C ALA B 67 58.97 20.71 -0.05
N VAL B 68 59.86 20.20 0.80
CA VAL B 68 60.26 18.79 0.70
C VAL B 68 59.07 17.92 1.07
N TYR B 69 58.50 18.13 2.25
CA TYR B 69 57.34 17.34 2.66
C TYR B 69 56.24 17.42 1.62
N GLN B 70 56.12 18.58 0.97
CA GLN B 70 55.18 18.73 -0.14
C GLN B 70 55.36 17.64 -1.20
N SER B 71 56.53 17.54 -1.82
CA SER B 71 56.74 16.50 -2.81
C SER B 71 56.53 15.09 -2.27
N ILE B 72 56.86 14.84 -0.99
CA ILE B 72 56.64 13.52 -0.37
C ILE B 72 55.18 13.16 -0.49
N LEU B 73 54.31 14.15 -0.29
CA LEU B 73 52.88 13.95 -0.47
C LEU B 73 52.56 13.73 -1.95
N PHE B 74 53.09 14.60 -2.81
CA PHE B 74 52.81 14.54 -4.23
C PHE B 74 53.16 13.19 -4.80
N GLN B 75 54.28 12.65 -4.36
CA GLN B 75 54.67 11.35 -4.84
C GLN B 75 53.66 10.29 -4.41
N LEU B 76 53.25 10.35 -3.14
CA LEU B 76 52.26 9.43 -2.62
C LEU B 76 50.93 9.60 -3.32
N LEU B 77 50.63 10.82 -3.75
CA LEU B 77 49.38 11.06 -4.46
C LEU B 77 49.27 10.31 -5.78
N GLY B 78 50.42 9.92 -6.34
CA GLY B 78 50.45 9.21 -7.61
C GLY B 78 50.84 10.11 -8.77
N PRO B 79 50.95 9.55 -9.98
CA PRO B 79 51.37 10.25 -11.19
C PRO B 79 50.22 10.90 -11.94
N THR B 80 49.00 10.77 -11.42
CA THR B 80 47.83 11.40 -12.03
C THR B 80 47.61 12.83 -11.56
N PHE B 81 48.37 13.27 -10.58
CA PHE B 81 48.26 14.63 -10.06
C PHE B 81 49.56 15.35 -10.31
N PRO B 82 49.50 16.58 -10.84
CA PRO B 82 50.71 17.37 -11.04
C PRO B 82 51.28 17.81 -9.69
N ALA B 83 52.61 17.88 -9.58
CA ALA B 83 53.23 18.23 -8.30
C ALA B 83 53.14 19.72 -7.97
N SER B 84 51.92 20.24 -7.93
CA SER B 84 51.67 21.60 -7.51
C SER B 84 50.22 21.66 -7.09
N TRP B 85 49.95 22.13 -5.88
CA TRP B 85 48.58 22.23 -5.40
C TRP B 85 47.83 23.27 -6.17
N THR B 86 48.53 24.32 -6.56
CA THR B 86 47.94 25.40 -7.32
C THR B 86 47.46 24.82 -8.65
N GLU B 87 48.36 24.12 -9.33
CA GLU B 87 48.06 23.59 -10.61
C GLU B 87 46.95 22.53 -10.57
N ILE B 88 46.73 21.93 -9.42
CA ILE B 88 45.67 20.92 -9.28
C ILE B 88 44.31 21.60 -9.43
N GLY B 89 44.15 22.74 -8.76
CA GLY B 89 42.93 23.51 -8.81
C GLY B 89 42.82 24.23 -10.14
N ALA B 90 43.94 24.78 -10.59
CA ALA B 90 43.98 25.62 -11.80
C ALA B 90 43.71 24.83 -13.07
N THR B 91 43.64 23.51 -12.97
CA THR B 91 43.30 22.67 -14.11
C THR B 91 42.06 21.83 -13.85
N MET B 92 41.14 22.33 -13.00
CA MET B 92 39.88 21.65 -12.75
C MET B 92 39.09 21.64 -14.04
N PRO B 93 38.35 20.54 -14.30
CA PRO B 93 37.34 20.59 -15.34
C PRO B 93 36.29 21.64 -14.93
N HIS B 94 35.72 22.38 -15.88
CA HIS B 94 34.83 23.50 -15.54
C HIS B 94 33.65 23.08 -14.67
N ASN B 95 33.17 21.87 -14.87
CA ASN B 95 32.00 21.34 -14.18
C ASN B 95 32.31 20.89 -12.76
N GLU B 96 33.49 21.22 -12.25
CA GLU B 96 33.81 20.95 -10.86
C GLU B 96 33.73 22.21 -10.00
N TYR B 97 33.45 23.35 -10.65
CA TYR B 97 33.29 24.62 -9.97
C TYR B 97 31.86 24.77 -9.51
N THR B 98 31.66 25.59 -8.47
CA THR B 98 30.32 25.84 -7.93
C THR B 98 29.47 26.57 -8.97
N PHE B 99 30.11 27.40 -9.79
CA PHE B 99 29.41 28.11 -10.83
C PHE B 99 30.05 27.87 -12.18
N PRO B 100 29.75 26.70 -12.79
CA PRO B 100 30.35 26.33 -14.07
C PRO B 100 30.14 27.37 -15.17
N ARG B 101 29.08 28.16 -15.05
CA ARG B 101 28.72 29.11 -16.10
C ARG B 101 29.49 30.42 -16.00
N PHE B 102 30.18 30.63 -14.88
CA PHE B 102 30.91 31.85 -14.62
C PHE B 102 32.32 31.53 -14.11
N ILE B 103 33.15 31.01 -15.01
CA ILE B 103 34.55 30.76 -14.71
C ILE B 103 35.37 32.01 -15.02
N SER B 104 36.04 32.55 -14.02
CA SER B 104 36.96 33.66 -14.22
C SER B 104 38.35 33.25 -13.83
N ASN B 105 39.31 33.57 -14.71
CA ASN B 105 40.70 33.30 -14.42
C ASN B 105 41.27 34.39 -13.53
N PRO B 106 41.36 34.12 -12.21
CA PRO B 106 41.85 35.16 -11.28
C PRO B 106 43.30 35.54 -11.60
N PRO B 107 43.69 36.80 -11.28
CA PRO B 107 45.12 37.11 -11.43
C PRO B 107 45.95 36.23 -10.47
N GLN B 108 45.73 36.40 -9.17
CA GLN B 108 46.39 35.57 -8.19
C GLN B 108 45.77 34.17 -8.10
N PHE B 109 46.61 33.21 -7.77
CA PHE B 109 46.19 31.87 -7.43
C PHE B 109 46.82 31.54 -6.10
N ALA B 110 45.98 31.25 -5.11
CA ALA B 110 46.46 30.92 -3.79
C ALA B 110 47.50 29.80 -3.89
N THR B 111 48.59 29.96 -3.16
CA THR B 111 49.61 28.92 -3.05
C THR B 111 49.37 28.24 -1.72
N LEU B 112 49.29 26.92 -1.73
CA LEU B 112 49.01 26.23 -0.48
C LEU B 112 50.12 25.28 -0.09
N ALA B 113 50.12 24.86 1.18
CA ALA B 113 50.96 23.75 1.66
C ALA B 113 50.24 23.02 2.77
N PHE B 114 50.51 21.72 2.90
CA PHE B 114 49.90 20.92 3.93
C PHE B 114 50.97 20.32 4.81
N LEU B 115 50.69 20.22 6.11
CA LEU B 115 51.67 19.71 7.07
C LEU B 115 50.94 18.93 8.14
N PRO B 116 51.53 17.84 8.65
CA PRO B 116 50.89 16.97 9.63
C PRO B 116 50.65 17.67 10.95
N LEU B 117 49.62 17.24 11.68
CA LEU B 117 49.34 17.65 13.07
C LEU B 117 48.85 16.44 13.85
N LEU B 118 49.50 16.15 14.97
CA LEU B 118 49.10 15.01 15.80
C LEU B 118 47.66 15.15 16.30
N SER B 119 47.36 16.32 16.88
CA SER B 119 46.02 16.69 17.32
C SER B 119 45.78 18.14 16.86
N PRO B 120 44.52 18.63 16.89
CA PRO B 120 44.30 19.98 16.37
C PRO B 120 44.81 21.11 17.29
N THR B 121 45.32 20.74 18.46
CA THR B 121 45.89 21.71 19.40
C THR B 121 47.42 21.76 19.34
N SER B 122 48.03 20.62 18.98
CA SER B 122 49.49 20.47 18.97
C SER B 122 50.15 21.43 17.95
N PRO B 123 51.31 22.02 18.33
CA PRO B 123 51.92 23.08 17.52
C PRO B 123 52.57 22.51 16.27
N LEU B 124 52.95 23.39 15.36
CA LEU B 124 53.68 22.99 14.17
C LEU B 124 55.12 22.63 14.52
N ASP B 125 55.51 21.42 14.18
CA ASP B 125 56.86 20.96 14.47
C ASP B 125 57.62 20.76 13.16
N LEU B 126 58.69 21.52 12.99
CA LEU B 126 59.47 21.47 11.74
C LEU B 126 60.59 20.45 11.78
N ARG B 127 61.16 20.23 12.95
CA ARG B 127 62.17 19.20 13.10
C ARG B 127 61.55 17.83 12.82
N ALA B 128 60.30 17.66 13.22
CA ALA B 128 59.54 16.45 12.93
C ALA B 128 59.46 16.16 11.43
N LEU B 129 59.24 17.20 10.63
CA LEU B 129 59.20 17.06 9.19
C LEU B 129 60.53 16.56 8.65
N MET B 130 61.70 17.29 9.08
CA MET B 130 63.05 16.84 8.65
C MET B 130 63.29 15.36 8.97
N VAL B 131 62.81 14.93 10.15
CA VAL B 131 62.83 13.53 10.57
C VAL B 131 62.14 12.65 9.51
N THR B 132 60.79 12.96 9.20
CA THR B 132 59.98 12.22 8.21
C THR B 132 60.69 12.06 6.86
N ALA B 133 61.15 13.17 6.29
CA ALA B 133 61.83 13.15 5.01
C ALA B 133 63.06 12.23 4.99
N GLN B 134 63.63 12.01 6.18
CA GLN B 134 64.72 11.06 6.34
C GLN B 134 64.20 9.62 6.33
N LEU B 135 63.21 9.32 7.15
CA LEU B 135 62.67 7.97 7.22
C LEU B 135 62.11 7.60 5.86
N MET B 136 61.60 8.59 5.13
CA MET B 136 61.11 8.43 3.76
C MET B 136 62.24 8.29 2.75
N CYS B 137 63.44 8.67 3.16
CA CYS B 137 64.60 8.52 2.30
C CYS B 137 65.38 7.26 2.68
N ASP B 138 65.22 6.83 3.93
CA ASP B 138 65.81 5.59 4.43
C ASP B 138 64.92 4.40 4.12
N ALA B 139 63.64 4.69 3.85
CA ALA B 139 62.62 3.65 3.70
C ALA B 139 63.03 2.66 2.62
N LYS B 140 63.22 1.41 3.06
CA LYS B 140 63.74 0.35 2.19
C LYS B 140 62.68 -0.67 1.87
N ARG B 141 62.91 -1.43 0.80
CA ARG B 141 61.99 -2.46 0.36
C ARG B 141 61.78 -3.52 1.41
N LEU B 142 60.59 -4.11 1.40
CA LEU B 142 60.29 -5.23 2.30
C LEU B 142 61.26 -6.41 2.13
N SER B 143 61.98 -6.42 1.01
CA SER B 143 63.01 -7.43 0.77
C SER B 143 64.14 -7.32 1.80
N ASP B 144 64.52 -6.09 2.14
CA ASP B 144 65.60 -5.83 3.10
C ASP B 144 65.30 -6.27 4.54
N GLU B 145 64.10 -5.93 5.02
CA GLU B 145 63.70 -6.28 6.39
C GLU B 145 63.26 -7.74 6.49
N LEU B 152 57.21 -11.58 11.98
CA LEU B 152 57.32 -10.41 11.10
C LEU B 152 55.96 -9.95 10.55
N SER B 153 55.18 -10.90 10.04
CA SER B 153 53.88 -10.61 9.40
C SER B 153 52.80 -10.13 10.39
N ALA B 154 53.14 -10.15 11.68
CA ALA B 154 52.25 -9.63 12.70
C ALA B 154 52.61 -8.17 13.02
N SER B 155 53.89 -7.83 12.88
CA SER B 155 54.37 -6.47 13.12
C SER B 155 54.30 -5.59 11.86
N LEU B 156 53.81 -6.15 10.76
CA LEU B 156 53.54 -5.40 9.55
C LEU B 156 52.07 -5.15 9.34
N HIS B 157 51.24 -5.82 10.15
CA HIS B 157 49.79 -5.75 9.98
C HIS B 157 49.25 -4.33 10.09
N GLY B 158 48.51 -3.92 9.07
CA GLY B 158 47.89 -2.59 9.04
C GLY B 158 48.80 -1.49 8.53
N ARG B 159 50.07 -1.78 8.34
CA ARG B 159 51.03 -0.79 7.88
C ARG B 159 50.93 -0.51 6.37
N MET B 160 51.49 0.63 5.97
CA MET B 160 51.37 1.12 4.60
C MET B 160 52.55 0.78 3.71
N VAL B 161 52.26 0.37 2.49
CA VAL B 161 53.31 0.04 1.55
C VAL B 161 52.98 0.59 0.16
N ALA B 162 54.01 0.97 -0.59
CA ALA B 162 53.80 1.48 -1.96
C ALA B 162 54.74 0.79 -2.93
N THR B 163 54.30 0.64 -4.17
CA THR B 163 55.10 -0.03 -5.18
C THR B 163 55.58 0.97 -6.23
N PRO B 164 56.73 1.61 -5.97
CA PRO B 164 57.22 2.71 -6.82
C PRO B 164 57.54 2.32 -8.26
N GLU B 165 57.70 1.03 -8.53
CA GLU B 165 57.90 0.57 -9.90
C GLU B 165 56.57 0.42 -10.65
N ILE B 166 55.46 0.58 -9.94
CA ILE B 166 54.13 0.41 -10.53
C ILE B 166 53.16 1.49 -10.05
N SER B 167 53.25 2.67 -10.69
CA SER B 167 52.35 3.81 -10.42
C SER B 167 52.29 4.28 -8.96
N TRP B 168 53.31 3.92 -8.17
CA TRP B 168 53.36 4.28 -6.77
C TRP B 168 52.05 3.95 -6.05
N SER B 169 51.43 2.84 -6.45
CA SER B 169 50.16 2.41 -5.87
C SER B 169 50.33 2.09 -4.40
N LEU B 170 49.30 2.36 -3.62
CA LEU B 170 49.40 2.19 -2.18
C LEU B 170 48.56 1.00 -1.74
N TYR B 171 49.18 0.12 -0.97
CA TYR B 171 48.51 -1.05 -0.41
C TYR B 171 48.57 -1.00 1.11
N VAL B 172 47.65 -1.69 1.76
CA VAL B 172 47.77 -1.92 3.19
C VAL B 172 48.18 -3.36 3.39
N VAL B 173 49.31 -3.55 4.05
CA VAL B 173 49.84 -4.89 4.31
C VAL B 173 48.95 -5.62 5.31
N LEU B 174 48.62 -6.87 5.00
CA LEU B 174 47.90 -7.70 5.96
C LEU B 174 48.86 -8.64 6.68
N GLY B 175 49.68 -9.34 5.91
CA GLY B 175 50.67 -10.26 6.47
C GLY B 175 51.65 -10.77 5.44
N ILE B 176 52.17 -11.97 5.67
CA ILE B 176 53.09 -12.62 4.73
C ILE B 176 52.57 -14.02 4.39
N ASP B 177 52.37 -14.26 3.10
CA ASP B 177 51.91 -15.57 2.65
C ASP B 177 53.10 -16.45 2.36
N SER B 178 53.25 -17.50 3.15
CA SER B 178 54.33 -18.48 2.94
C SER B 178 53.93 -19.57 1.96
N THR B 179 52.62 -19.76 1.77
CA THR B 179 52.09 -20.61 0.69
C THR B 179 52.81 -20.32 -0.63
N GLN B 180 53.03 -19.04 -0.92
CA GLN B 180 53.60 -18.65 -2.21
C GLN B 180 54.80 -17.70 -2.21
N THR B 181 55.42 -17.65 -3.39
CA THR B 181 56.65 -16.94 -3.70
C THR B 181 56.47 -16.42 -5.11
N SER B 182 57.23 -15.39 -5.46
CA SER B 182 57.21 -14.83 -6.82
C SER B 182 57.32 -15.88 -7.93
N LEU B 183 57.75 -17.09 -7.56
CA LEU B 183 57.90 -18.19 -8.50
C LEU B 183 56.66 -19.07 -8.60
N SER B 184 55.66 -18.80 -7.75
CA SER B 184 54.40 -19.55 -7.73
C SER B 184 53.44 -19.10 -8.83
N TYR B 185 52.46 -19.96 -9.11
CA TYR B 185 51.50 -19.71 -10.17
C TYR B 185 50.22 -19.11 -9.64
N PHE B 186 49.55 -18.32 -10.48
CA PHE B 186 48.18 -17.88 -10.26
C PHE B 186 47.46 -18.00 -11.61
N THR B 187 46.13 -17.87 -11.63
CA THR B 187 45.37 -18.05 -12.87
C THR B 187 44.31 -16.98 -13.19
N ARG B 188 44.32 -16.52 -14.45
CA ARG B 188 43.16 -15.89 -15.08
C ARG B 188 42.66 -16.92 -16.09
N ALA B 189 41.34 -17.06 -16.25
CA ALA B 189 40.74 -18.13 -17.07
C ALA B 189 41.52 -18.47 -18.36
N ASN B 190 41.71 -19.77 -18.61
CA ASN B 190 42.39 -20.29 -19.82
C ASN B 190 43.92 -20.23 -19.81
N GLU B 191 44.51 -19.70 -18.73
CA GLU B 191 45.94 -19.36 -18.69
C GLU B 191 46.49 -19.32 -17.25
N SER B 192 47.72 -19.80 -17.06
CA SER B 192 48.39 -19.75 -15.75
C SER B 192 49.86 -19.31 -15.84
N ILE B 193 50.16 -18.16 -15.25
CA ILE B 193 51.49 -17.55 -15.30
C ILE B 193 52.10 -17.54 -13.89
N THR B 194 53.42 -17.55 -13.79
CA THR B 194 54.10 -17.27 -12.52
C THR B 194 54.14 -15.77 -12.27
N TYR B 195 54.19 -15.38 -10.99
CA TYR B 195 54.31 -13.97 -10.63
C TYR B 195 55.51 -13.32 -11.29
N MET B 196 56.64 -14.03 -11.29
CA MET B 196 57.88 -13.52 -11.84
C MET B 196 57.78 -13.26 -13.33
N ARG B 197 56.92 -14.03 -13.99
CA ARG B 197 56.71 -13.92 -15.42
C ARG B 197 55.77 -12.76 -15.71
N TYR B 198 54.71 -12.66 -14.91
CA TYR B 198 53.76 -11.55 -15.04
C TYR B 198 54.49 -10.20 -15.06
N TYR B 199 55.32 -9.97 -14.06
CA TYR B 199 56.05 -8.71 -13.97
C TYR B 199 57.08 -8.54 -15.09
N ALA B 200 57.58 -9.64 -15.64
CA ALA B 200 58.45 -9.57 -16.80
C ALA B 200 57.61 -9.26 -18.02
N THR B 201 56.50 -9.99 -18.19
CA THR B 201 55.61 -9.88 -19.35
C THR B 201 54.84 -8.57 -19.41
N ALA B 202 54.27 -8.16 -18.28
CA ALA B 202 53.44 -6.97 -18.22
C ALA B 202 54.24 -5.69 -18.01
N HIS B 203 55.04 -5.66 -16.94
CA HIS B 203 55.64 -4.42 -16.50
C HIS B 203 57.12 -4.29 -16.85
N ASN B 204 57.66 -5.27 -17.57
CA ASN B 204 59.08 -5.28 -17.94
C ASN B 204 60.04 -5.16 -16.74
N ILE B 205 59.57 -5.65 -15.59
CA ILE B 205 60.34 -5.71 -14.35
C ILE B 205 60.85 -7.13 -14.16
N HIS B 206 62.17 -7.26 -14.02
CA HIS B 206 62.81 -8.56 -13.85
C HIS B 206 63.18 -8.73 -12.39
N LEU B 207 62.31 -9.43 -11.65
CA LEU B 207 62.44 -9.63 -10.21
C LEU B 207 63.78 -10.21 -9.84
N ARG B 208 64.51 -9.55 -8.93
CA ARG B 208 65.77 -10.07 -8.44
C ARG B 208 65.57 -11.02 -7.27
N ALA B 209 64.92 -10.55 -6.22
CA ALA B 209 64.68 -11.35 -5.04
C ALA B 209 63.49 -12.31 -5.24
N ALA B 210 63.44 -12.92 -6.42
CA ALA B 210 62.27 -13.70 -6.86
C ALA B 210 61.93 -14.93 -6.00
N ASP B 211 62.76 -15.21 -5.00
CA ASP B 211 62.59 -16.42 -4.18
C ASP B 211 61.95 -16.18 -2.82
N LEU B 212 61.61 -14.93 -2.52
CA LEU B 212 61.06 -14.56 -1.21
C LEU B 212 59.54 -14.74 -1.13
N PRO B 213 59.01 -14.90 0.11
CA PRO B 213 57.57 -15.05 0.34
C PRO B 213 56.76 -13.77 0.07
N LEU B 214 55.64 -13.93 -0.63
CA LEU B 214 54.81 -12.80 -1.09
C LEU B 214 54.08 -12.06 0.03
N VAL B 215 54.05 -10.73 -0.08
CA VAL B 215 53.30 -9.89 0.86
C VAL B 215 51.84 -9.95 0.50
N ALA B 216 51.00 -10.27 1.48
CA ALA B 216 49.56 -10.18 1.28
C ALA B 216 49.13 -8.78 1.66
N ALA B 217 48.42 -8.12 0.75
CA ALA B 217 48.02 -6.74 0.95
C ALA B 217 46.65 -6.48 0.36
N VAL B 218 46.14 -5.26 0.60
CA VAL B 218 44.94 -4.78 -0.06
C VAL B 218 45.25 -3.42 -0.66
N ARG B 219 44.90 -3.23 -1.93
CA ARG B 219 45.05 -1.95 -2.59
C ARG B 219 44.21 -0.94 -1.82
N LEU B 220 44.70 0.28 -1.69
CA LEU B 220 43.99 1.30 -0.92
C LEU B 220 42.74 1.73 -1.68
N ASP B 221 42.84 1.72 -3.01
CA ASP B 221 41.72 1.92 -3.92
C ASP B 221 40.56 1.01 -3.58
N ASP B 222 40.87 -0.25 -3.26
CA ASP B 222 39.86 -1.28 -3.04
C ASP B 222 39.34 -1.37 -1.61
N LEU B 223 40.15 -0.91 -0.64
CA LEU B 223 39.76 -0.94 0.78
C LEU B 223 38.89 0.26 1.16
N LYS B 224 37.79 0.42 0.43
CA LYS B 224 37.08 1.71 0.42
C LYS B 224 36.82 2.30 1.80
N ASP B 225 36.36 1.48 2.74
CA ASP B 225 36.09 1.91 4.10
C ASP B 225 36.03 0.70 5.02
N HIS B 226 35.94 -0.47 4.39
CA HIS B 226 35.92 -1.78 5.08
C HIS B 226 36.98 -1.82 6.18
N GLN B 227 36.61 -2.40 7.31
CA GLN B 227 37.52 -2.61 8.44
C GLN B 227 38.57 -3.65 8.04
N ILE B 228 39.78 -3.48 8.56
CA ILE B 228 40.89 -4.40 8.31
C ILE B 228 40.78 -5.63 9.21
N PRO B 229 41.01 -6.85 8.67
CA PRO B 229 40.92 -8.08 9.47
C PRO B 229 41.98 -8.16 10.57
N ALA B 230 41.94 -9.25 11.33
CA ALA B 230 42.99 -9.59 12.29
C ALA B 230 44.06 -10.41 11.56
N PRO B 231 45.11 -10.88 12.28
CA PRO B 231 46.09 -11.84 11.72
C PRO B 231 45.55 -12.94 10.78
N GLY B 232 44.22 -13.01 10.61
CA GLY B 232 43.60 -13.86 9.58
C GLY B 232 42.51 -14.78 10.09
N SER B 233 41.49 -14.19 10.72
CA SER B 233 40.37 -14.96 11.28
C SER B 233 39.38 -15.37 10.19
N ASP B 235 40.04 -14.26 7.03
CA ASP B 235 39.97 -13.00 6.29
C ASP B 235 38.54 -12.65 5.88
N ASP B 236 38.13 -11.42 6.20
CA ASP B 236 36.77 -10.93 5.90
C ASP B 236 36.43 -10.88 4.40
N LEU B 237 37.07 -9.94 3.67
CA LEU B 237 36.82 -9.80 2.23
C LEU B 237 38.08 -10.11 1.40
N ALA B 238 38.10 -11.33 0.86
CA ALA B 238 39.24 -11.90 0.12
C ALA B 238 39.13 -11.95 -1.42
N PRO B 239 37.95 -11.59 -2.01
CA PRO B 239 37.93 -11.48 -3.48
C PRO B 239 38.59 -10.22 -4.03
N LYS B 240 38.95 -9.28 -3.15
CA LYS B 240 39.67 -8.06 -3.51
C LYS B 240 41.13 -8.08 -3.04
N LEU B 241 41.59 -9.26 -2.61
CA LEU B 241 42.93 -9.45 -2.06
C LEU B 241 43.98 -9.66 -3.14
N ARG B 242 45.20 -9.22 -2.86
CA ARG B 242 46.34 -9.36 -3.77
C ARG B 242 47.64 -9.67 -3.03
N PHE B 243 48.51 -10.42 -3.69
CA PHE B 243 49.83 -10.75 -3.16
C PHE B 243 50.88 -10.12 -4.06
N LEU B 244 51.95 -9.59 -3.50
CA LEU B 244 52.96 -8.94 -4.30
C LEU B 244 54.37 -9.14 -3.76
N PRO B 245 55.35 -9.29 -4.65
CA PRO B 245 56.77 -9.44 -4.35
C PRO B 245 57.32 -8.39 -3.39
N PRO B 246 58.00 -8.82 -2.33
CA PRO B 246 58.59 -7.97 -1.31
C PRO B 246 59.54 -6.92 -1.85
N GLU B 247 60.22 -7.21 -2.95
CA GLU B 247 61.19 -6.27 -3.50
C GLU B 247 60.56 -5.14 -4.32
N LEU B 248 59.23 -5.15 -4.44
CA LEU B 248 58.51 -4.08 -5.10
C LEU B 248 57.82 -3.22 -4.06
N CYS B 249 57.81 -3.70 -2.82
CA CYS B 249 57.11 -3.06 -1.72
C CYS B 249 57.99 -2.13 -0.90
N LEU B 250 57.97 -0.85 -1.23
CA LEU B 250 58.60 0.17 -0.42
C LEU B 250 57.77 0.43 0.84
N LEU B 251 58.33 0.08 1.99
CA LEU B 251 57.62 0.23 3.25
C LEU B 251 57.65 1.67 3.79
N LEU B 252 56.47 2.26 3.87
CA LEU B 252 56.33 3.63 4.31
C LEU B 252 56.52 3.74 5.82
N PRO B 253 57.23 4.81 6.28
CA PRO B 253 57.44 5.16 7.69
C PRO B 253 56.23 5.00 8.60
N ASP B 254 56.50 4.80 9.89
CA ASP B 254 55.47 4.63 10.93
C ASP B 254 54.37 5.67 10.86
N GLU B 255 54.75 6.90 10.52
CA GLU B 255 53.87 8.06 10.53
C GLU B 255 52.78 7.95 9.47
N PHE B 256 53.18 7.66 8.24
CA PHE B 256 52.21 7.44 7.16
C PHE B 256 51.45 6.14 7.42
N ASP B 257 50.46 6.21 8.28
CA ASP B 257 49.64 5.07 8.61
C ASP B 257 48.35 5.19 7.81
N LEU B 258 47.49 4.17 7.89
CA LEU B 258 46.27 4.12 7.09
C LEU B 258 45.46 5.40 7.13
N ILE B 259 45.24 5.96 8.32
CA ILE B 259 44.42 7.17 8.46
C ILE B 259 44.95 8.37 7.66
N ARG B 260 46.26 8.62 7.76
CA ARG B 260 46.96 9.66 7.00
C ARG B 260 46.82 9.44 5.51
N VAL B 261 47.47 8.40 5.02
CA VAL B 261 47.49 8.10 3.60
C VAL B 261 46.12 8.28 2.97
N GLN B 262 45.09 7.81 3.66
CA GLN B 262 43.72 7.96 3.20
C GLN B 262 43.35 9.42 3.14
N ALA B 263 43.50 10.12 4.27
CA ALA B 263 43.15 11.53 4.34
C ALA B 263 43.88 12.30 3.25
N LEU B 264 45.11 11.91 3.01
CA LEU B 264 45.95 12.51 1.99
C LEU B 264 45.29 12.50 0.59
N GLN B 265 44.55 11.44 0.26
CA GLN B 265 43.84 11.39 -1.02
C GLN B 265 42.84 12.53 -1.16
N PHE B 266 42.42 13.13 -0.06
CA PHE B 266 41.43 14.20 -0.08
C PHE B 266 42.03 15.60 -0.12
N LEU B 267 43.35 15.69 -0.10
CA LEU B 267 43.99 16.99 -0.16
C LEU B 267 43.76 17.69 -1.51
N PRO B 268 43.86 16.95 -2.64
CA PRO B 268 43.50 17.58 -3.91
C PRO B 268 42.12 18.28 -3.92
N GLU B 269 41.13 17.70 -3.24
CA GLU B 269 39.80 18.31 -3.12
C GLU B 269 39.86 19.64 -2.38
N ILE B 270 40.53 19.65 -1.23
CA ILE B 270 40.77 20.90 -0.51
C ILE B 270 41.43 21.93 -1.42
N ALA B 271 42.28 21.46 -2.33
CA ALA B 271 42.96 22.37 -3.24
C ALA B 271 42.01 22.97 -4.28
N LYS B 272 41.07 22.16 -4.78
CA LYS B 272 40.05 22.59 -5.73
C LYS B 272 39.03 23.50 -5.06
N HIS B 273 38.73 23.20 -3.80
CA HIS B 273 37.85 24.01 -2.98
C HIS B 273 38.38 25.43 -2.89
N ILE B 274 39.62 25.61 -2.43
CA ILE B 274 40.21 26.94 -2.33
C ILE B 274 40.24 27.66 -3.68
N CYS B 275 40.42 26.90 -4.76
CA CYS B 275 40.39 27.45 -6.10
C CYS B 275 38.97 27.79 -6.54
N ASP B 276 38.01 26.97 -6.12
CA ASP B 276 36.58 27.25 -6.33
C ASP B 276 36.16 28.56 -5.64
N ILE B 277 36.45 28.66 -4.35
CA ILE B 277 36.22 29.87 -3.58
C ILE B 277 36.75 31.12 -4.29
N GLN B 278 38.05 31.15 -4.56
CA GLN B 278 38.71 32.29 -5.20
C GLN B 278 38.09 32.72 -6.53
N ASN B 279 37.76 31.73 -7.37
CA ASN B 279 37.12 32.01 -8.65
C ASN B 279 35.77 32.68 -8.42
N THR B 280 34.88 31.92 -7.78
CA THR B 280 33.55 32.38 -7.40
C THR B 280 33.53 33.82 -6.90
N ILE B 281 34.42 34.15 -5.98
CA ILE B 281 34.56 35.53 -5.49
C ILE B 281 34.84 36.50 -6.62
N CYS B 282 36.01 36.41 -7.24
CA CYS B 282 36.36 37.40 -8.23
C CYS B 282 35.71 37.10 -9.58
N ALA B 283 34.40 36.92 -9.54
CA ALA B 283 33.56 36.68 -10.72
C ALA B 283 32.14 37.13 -10.43
N LEU B 284 31.73 37.01 -9.17
CA LEU B 284 30.38 37.32 -8.73
C LEU B 284 30.33 38.30 -7.56
N ASP B 285 31.45 38.53 -6.87
CA ASP B 285 31.50 39.45 -5.74
C ASP B 285 30.90 40.80 -6.11
N LYS B 286 31.30 41.34 -7.27
CA LYS B 286 30.89 42.68 -7.65
C LYS B 286 29.46 42.73 -8.23
N SER B 287 28.88 41.57 -8.49
CA SER B 287 27.54 41.50 -9.07
C SER B 287 26.50 40.98 -8.08
N PHE B 288 26.95 40.67 -6.87
CA PHE B 288 26.04 40.18 -5.87
C PHE B 288 26.19 41.03 -4.64
N PRO B 289 25.06 41.61 -4.17
CA PRO B 289 25.00 42.61 -3.10
C PRO B 289 26.00 42.38 -1.98
N ASP B 290 26.69 43.44 -1.59
CA ASP B 290 27.76 43.37 -0.60
C ASP B 290 27.22 43.17 0.81
N CYS B 291 27.61 42.07 1.43
CA CYS B 291 27.24 41.76 2.81
C CYS B 291 28.35 42.15 3.78
N GLY B 292 29.54 42.42 3.25
CA GLY B 292 30.70 42.78 4.05
C GLY B 292 31.63 41.61 4.31
N ARG B 293 31.16 40.42 3.99
CA ARG B 293 31.97 39.21 4.14
C ARG B 293 33.08 39.16 3.12
N ILE B 294 34.13 38.40 3.43
CA ILE B 294 35.25 38.20 2.50
C ILE B 294 35.63 36.72 2.36
N GLY B 295 36.15 36.38 1.19
CA GLY B 295 36.74 35.07 0.96
C GLY B 295 35.79 33.94 1.27
N GLY B 296 36.22 33.05 2.17
CA GLY B 296 35.49 31.84 2.51
C GLY B 296 34.00 32.03 2.72
N GLU B 297 33.65 32.90 3.65
CA GLU B 297 32.24 33.15 3.96
C GLU B 297 31.52 33.84 2.81
N ARG B 298 32.16 34.84 2.21
CA ARG B 298 31.64 35.50 1.02
C ARG B 298 31.29 34.51 -0.10
N TYR B 299 32.16 33.53 -0.33
CA TYR B 299 31.87 32.46 -1.27
C TYR B 299 30.55 31.81 -0.87
N PHE B 300 30.50 31.29 0.36
CA PHE B 300 29.36 30.49 0.81
C PHE B 300 28.06 31.29 0.75
N ALA B 301 28.17 32.59 1.00
CA ALA B 301 27.04 33.51 0.92
C ALA B 301 26.52 33.64 -0.52
N ILE B 302 27.42 33.85 -1.46
CA ILE B 302 27.07 33.88 -2.87
C ILE B 302 26.43 32.55 -3.29
N THR B 303 27.06 31.45 -2.88
CA THR B 303 26.56 30.12 -3.16
C THR B 303 25.14 29.92 -2.67
N ALA B 304 24.91 30.26 -1.39
CA ALA B 304 23.59 30.16 -0.77
C ALA B 304 22.59 31.03 -1.50
N GLY B 305 23.05 32.19 -1.97
CA GLY B 305 22.20 33.17 -2.62
C GLY B 305 21.86 32.85 -4.07
N LEU B 306 22.79 32.25 -4.80
CA LEU B 306 22.60 32.01 -6.23
C LEU B 306 22.50 30.55 -6.66
N ARG B 307 23.08 29.64 -5.87
CA ARG B 307 22.87 28.21 -6.14
C ARG B 307 21.56 27.78 -5.51
N LEU B 308 20.50 27.84 -6.29
CA LEU B 308 19.17 27.65 -5.73
C LEU B 308 18.78 26.18 -5.56
N ASP B 309 19.28 25.33 -6.46
CA ASP B 309 19.09 23.90 -6.31
C ASP B 309 20.20 23.34 -5.43
N GLN B 310 20.02 22.09 -5.01
CA GLN B 310 21.06 21.32 -4.36
C GLN B 310 21.79 20.57 -5.46
N GLY B 311 22.97 20.06 -5.17
CA GLY B 311 23.79 19.39 -6.18
C GLY B 311 23.08 18.30 -7.01
N ARG B 312 23.88 17.59 -7.80
CA ARG B 312 23.35 16.52 -8.61
C ARG B 312 24.13 15.24 -8.32
N GLY B 313 23.61 14.45 -7.38
CA GLY B 313 24.14 13.12 -7.03
C GLY B 313 25.54 13.14 -6.45
N ARG B 314 26.51 13.46 -7.30
CA ARG B 314 27.92 13.53 -6.91
C ARG B 314 28.24 14.68 -5.94
N GLY B 315 27.58 15.82 -6.11
CA GLY B 315 27.82 16.97 -5.25
C GLY B 315 27.52 18.31 -5.91
N LEU B 316 27.61 19.39 -5.13
CA LEU B 316 27.26 20.70 -5.63
C LEU B 316 28.26 21.18 -6.66
N ALA B 317 29.54 21.05 -6.32
CA ALA B 317 30.63 21.44 -7.19
C ALA B 317 31.53 20.24 -7.29
N GLY B 318 31.55 19.62 -8.47
CA GLY B 318 32.27 18.37 -8.68
C GLY B 318 31.82 17.28 -7.73
N TRP B 319 32.67 16.95 -6.79
CA TRP B 319 32.42 15.87 -5.86
C TRP B 319 32.25 16.40 -4.45
N ARG B 320 32.20 17.73 -4.33
CA ARG B 320 32.13 18.32 -3.01
C ARG B 320 30.91 19.20 -2.84
N THR B 321 30.36 19.17 -1.63
CA THR B 321 29.19 19.92 -1.24
C THR B 321 29.55 20.71 0.01
N PRO B 322 29.70 22.05 -0.14
CA PRO B 322 30.06 22.92 0.97
C PRO B 322 28.91 23.07 1.94
N PHE B 323 29.23 23.16 3.23
CA PHE B 323 28.23 23.36 4.25
C PHE B 323 28.66 24.45 5.24
N GLY B 324 27.71 25.21 5.77
CA GLY B 324 28.01 26.28 6.72
C GLY B 324 28.22 25.76 8.14
N PRO B 325 28.10 26.65 9.16
CA PRO B 325 28.37 26.21 10.53
C PRO B 325 27.23 25.31 11.02
N PHE B 326 27.55 24.37 11.90
CA PHE B 326 26.59 23.36 12.38
C PHE B 326 26.11 22.45 11.24
N GLY B 327 26.85 22.51 10.13
CA GLY B 327 26.70 21.59 9.00
C GLY B 327 25.41 21.82 8.24
N VAL B 328 25.01 23.08 8.16
CA VAL B 328 23.76 23.41 7.53
C VAL B 328 24.00 23.35 6.03
N SER B 329 23.03 22.79 5.30
CA SER B 329 23.05 22.77 3.83
C SER B 329 22.98 24.19 3.28
N HIS B 330 23.58 24.46 2.12
CA HIS B 330 23.58 25.84 1.58
C HIS B 330 22.18 26.33 1.26
N THR B 331 21.33 25.37 0.88
CA THR B 331 19.90 25.58 0.70
C THR B 331 19.19 25.95 2.01
N ASP B 332 19.41 25.16 3.07
CA ASP B 332 18.93 25.47 4.41
C ASP B 332 19.26 26.92 4.78
N VAL B 333 20.46 27.35 4.43
CA VAL B 333 20.86 28.71 4.71
C VAL B 333 19.98 29.72 3.95
N PHE B 334 19.75 29.46 2.66
CA PHE B 334 18.86 30.34 1.89
C PHE B 334 17.50 30.38 2.59
N GLN B 335 17.00 29.20 2.91
CA GLN B 335 15.69 29.07 3.52
C GLN B 335 15.57 29.95 4.75
N ARG B 336 16.53 29.85 5.65
CA ARG B 336 16.38 30.55 6.91
C ARG B 336 16.83 32.01 6.85
N LEU B 337 17.66 32.36 5.89
CA LEU B 337 18.02 33.78 5.74
C LEU B 337 16.91 34.53 5.09
N GLU B 338 16.08 33.85 4.29
CA GLU B 338 14.97 34.50 3.64
C GLU B 338 13.99 34.91 4.72
N LEU B 339 13.66 33.94 5.59
CA LEU B 339 12.68 34.12 6.64
C LEU B 339 13.08 35.24 7.59
N LEU B 340 14.36 35.27 7.93
CA LEU B 340 14.90 36.31 8.77
C LEU B 340 14.88 37.65 8.04
N GLY B 341 15.37 37.65 6.80
CA GLY B 341 15.43 38.87 6.00
C GLY B 341 14.06 39.47 5.78
N ASP B 342 13.11 38.61 5.49
CA ASP B 342 11.72 38.97 5.37
C ASP B 342 11.27 39.76 6.61
N ALA B 343 11.55 39.20 7.78
CA ALA B 343 11.10 39.78 9.06
C ALA B 343 11.72 41.13 9.31
N VAL B 344 12.92 41.36 8.78
CA VAL B 344 13.62 42.61 9.08
C VAL B 344 13.46 43.65 7.98
N LEU B 345 13.01 43.21 6.81
CA LEU B 345 12.58 44.13 5.78
C LEU B 345 11.31 44.77 6.29
N GLY B 346 10.38 43.91 6.71
CA GLY B 346 9.12 44.33 7.31
C GLY B 346 9.33 45.27 8.48
N PHE B 347 10.34 45.02 9.31
CA PHE B 347 10.57 45.92 10.45
C PHE B 347 11.07 47.31 10.04
N ILE B 348 12.16 47.34 9.27
CA ILE B 348 12.73 48.58 8.74
C ILE B 348 11.69 49.43 8.00
N VAL B 349 10.96 48.78 7.10
CA VAL B 349 10.01 49.49 6.28
C VAL B 349 8.87 50.04 7.12
N THR B 350 8.42 49.31 8.14
CA THR B 350 7.39 49.83 9.04
C THR B 350 7.91 51.07 9.76
N ALA B 351 9.14 51.00 10.23
CA ALA B 351 9.71 52.07 11.04
C ALA B 351 9.97 53.33 10.21
N ARG B 352 10.35 53.16 8.96
CA ARG B 352 10.63 54.32 8.13
C ARG B 352 9.38 54.99 7.55
N LEU B 353 8.40 54.18 7.13
CA LEU B 353 7.10 54.68 6.65
C LEU B 353 6.38 55.43 7.74
N LEU B 354 6.52 54.92 8.96
CA LEU B 354 5.97 55.51 10.17
C LEU B 354 6.41 56.98 10.33
N CYS B 355 7.61 57.30 9.87
CA CYS B 355 8.14 58.66 9.96
C CYS B 355 8.08 59.44 8.64
N LEU B 356 8.13 58.75 7.51
CA LEU B 356 8.06 59.40 6.22
C LEU B 356 6.67 59.98 6.00
N PHE B 357 5.65 59.31 6.55
CA PHE B 357 4.29 59.79 6.53
C PHE B 357 3.82 59.83 7.97
N PRO B 358 4.23 60.88 8.72
CA PRO B 358 4.01 60.88 10.15
C PRO B 358 2.53 60.98 10.51
N ASP B 359 1.71 61.50 9.60
CA ASP B 359 0.30 61.69 9.90
C ASP B 359 -0.59 60.48 9.52
N ALA B 360 -0.11 59.65 8.61
CA ALA B 360 -0.87 58.49 8.13
C ALA B 360 -1.50 57.66 9.26
N SER B 361 -2.75 57.25 9.02
CA SER B 361 -3.44 56.30 9.87
C SER B 361 -2.73 54.94 9.84
N VAL B 362 -2.86 54.16 10.92
CA VAL B 362 -2.35 52.79 10.90
C VAL B 362 -2.91 52.02 9.72
N GLY B 363 -4.15 52.31 9.38
CA GLY B 363 -4.80 51.72 8.22
C GLY B 363 -3.98 51.79 6.95
N THR B 364 -3.64 53.01 6.54
CA THR B 364 -2.93 53.18 5.27
C THR B 364 -1.43 52.90 5.40
N LEU B 365 -0.91 53.02 6.62
CA LEU B 365 0.47 52.65 6.88
C LEU B 365 0.73 51.20 6.51
N VAL B 366 -0.07 50.28 7.06
CA VAL B 366 -0.02 48.87 6.69
C VAL B 366 -0.14 48.70 5.18
N GLU B 367 -1.18 49.29 4.60
CA GLU B 367 -1.39 49.29 3.14
C GLU B 367 -0.12 49.67 2.36
N LEU B 368 0.61 50.66 2.86
CA LEU B 368 1.84 51.14 2.23
C LEU B 368 3.02 50.19 2.37
N LYS B 369 3.10 49.51 3.51
CA LYS B 369 4.12 48.52 3.73
C LYS B 369 3.94 47.43 2.71
N MET B 370 2.73 46.89 2.65
CA MET B 370 2.44 45.77 1.76
C MET B 370 2.61 46.18 0.31
N GLU B 371 2.82 47.46 0.08
CA GLU B 371 2.97 47.96 -1.27
C GLU B 371 4.43 47.96 -1.68
N LEU B 372 5.33 47.90 -0.70
CA LEU B 372 6.77 47.90 -0.95
C LEU B 372 7.40 46.52 -0.66
N VAL B 373 6.70 45.70 0.10
CA VAL B 373 7.19 44.40 0.50
C VAL B 373 6.49 43.33 -0.34
N ARG B 374 5.36 43.74 -0.93
CA ARG B 374 4.57 42.95 -1.86
C ARG B 374 5.46 42.18 -2.80
N ASN B 375 5.10 40.93 -3.04
CA ASN B 375 5.81 40.05 -3.95
C ASN B 375 6.06 40.71 -5.30
N GLU B 376 5.00 41.26 -5.87
CA GLU B 376 5.05 41.95 -7.16
C GLU B 376 6.16 43.01 -7.31
N ALA B 377 6.51 43.67 -6.21
CA ALA B 377 7.49 44.76 -6.21
C ALA B 377 8.90 44.27 -5.96
N LEU B 378 9.08 43.41 -4.94
CA LEU B 378 10.38 42.79 -4.66
C LEU B 378 10.86 42.05 -5.89
N ASN B 379 9.93 41.32 -6.49
CA ASN B 379 10.14 40.61 -7.73
C ASN B 379 10.78 41.47 -8.79
N TYR B 380 10.32 42.72 -8.89
CA TYR B 380 10.82 43.69 -9.85
C TYR B 380 12.19 44.19 -9.42
N LEU B 381 12.35 44.45 -8.12
CA LEU B 381 13.63 44.86 -7.58
C LEU B 381 14.73 43.82 -7.84
N VAL B 382 14.39 42.54 -7.75
CA VAL B 382 15.36 41.47 -7.97
C VAL B 382 15.81 41.44 -9.44
N GLN B 383 14.87 41.70 -10.36
CA GLN B 383 15.15 41.73 -11.80
C GLN B 383 16.13 42.84 -12.13
N THR B 384 15.91 44.02 -11.54
CA THR B 384 16.72 45.19 -11.79
C THR B 384 18.09 45.06 -11.14
N LEU B 385 18.19 44.26 -10.08
CA LEU B 385 19.49 43.90 -9.51
C LEU B 385 20.24 42.95 -10.42
N GLY B 386 19.51 42.34 -11.35
CA GLY B 386 20.09 41.47 -12.37
C GLY B 386 20.43 40.08 -11.90
N LEU B 387 19.78 39.62 -10.83
CA LEU B 387 20.04 38.31 -10.23
C LEU B 387 19.50 37.07 -10.97
N PRO B 388 18.27 37.13 -11.51
CA PRO B 388 17.78 36.03 -12.30
C PRO B 388 18.85 35.44 -13.21
N GLN B 389 19.54 36.29 -13.95
CA GLN B 389 20.59 35.85 -14.87
C GLN B 389 21.68 35.00 -14.16
N LEU B 390 22.18 35.51 -13.03
CA LEU B 390 23.26 34.87 -12.30
C LEU B 390 22.85 33.58 -11.60
N ALA B 391 21.62 33.54 -11.10
CA ALA B 391 21.21 32.52 -10.14
C ALA B 391 21.21 31.11 -10.70
N GLU B 392 20.62 30.95 -11.88
CA GLU B 392 20.54 29.62 -12.49
C GLU B 392 19.62 29.72 -13.71
N ASN B 395 14.93 32.17 -14.72
CA ASN B 395 14.36 33.08 -15.75
C ASN B 395 12.96 32.62 -16.19
N ASN B 396 11.93 33.10 -15.48
CA ASN B 396 10.50 33.06 -15.92
C ASN B 396 9.45 32.95 -14.80
N LEU B 397 9.89 32.44 -13.64
CA LEU B 397 9.03 32.25 -12.45
C LEU B 397 8.24 30.93 -12.35
N VAL B 398 8.70 29.87 -13.04
CA VAL B 398 8.17 28.50 -12.87
C VAL B 398 8.94 27.66 -11.81
N ALA B 399 8.48 27.81 -10.58
CA ALA B 399 8.87 26.99 -9.47
C ALA B 399 7.56 26.81 -8.73
N LYS B 400 7.44 25.72 -7.97
CA LYS B 400 6.18 25.46 -7.30
C LYS B 400 6.01 26.38 -6.08
N SER B 401 7.11 26.58 -5.36
CA SER B 401 7.07 27.18 -4.05
C SER B 401 7.81 28.52 -4.00
N LYS B 402 8.98 28.59 -4.66
CA LYS B 402 9.86 29.78 -4.64
C LYS B 402 9.64 30.78 -5.76
N THR B 403 10.06 32.01 -5.50
CA THR B 403 9.85 33.12 -6.39
C THR B 403 11.13 33.94 -6.48
N TRP B 404 11.25 34.70 -7.56
CA TRP B 404 12.31 35.68 -7.71
C TRP B 404 12.34 36.67 -6.54
N ALA B 405 11.17 37.04 -6.05
CA ALA B 405 11.08 37.95 -4.91
C ALA B 405 11.81 37.44 -3.67
N ASP B 406 11.78 36.12 -3.43
CA ASP B 406 12.44 35.52 -2.28
C ASP B 406 13.91 35.86 -2.21
N MET B 407 14.52 36.01 -3.37
CA MET B 407 15.93 36.35 -3.45
C MET B 407 16.24 37.67 -2.77
N TYR B 408 15.27 38.58 -2.80
CA TYR B 408 15.45 39.88 -2.19
C TYR B 408 15.50 39.75 -0.69
N GLU B 409 14.52 39.04 -0.14
CA GLU B 409 14.43 38.78 1.29
C GLU B 409 15.68 38.06 1.82
N GLU B 410 16.17 37.06 1.09
CA GLU B 410 17.36 36.31 1.47
C GLU B 410 18.60 37.19 1.55
N ILE B 411 18.73 38.13 0.62
CA ILE B 411 19.84 39.06 0.69
C ILE B 411 19.73 39.90 1.98
N VAL B 412 18.62 40.59 2.18
CA VAL B 412 18.42 41.38 3.38
C VAL B 412 18.84 40.55 4.58
N GLY B 413 18.47 39.28 4.58
CA GLY B 413 18.82 38.36 5.64
C GLY B 413 20.32 38.17 5.79
N SER B 414 20.99 37.88 4.67
CA SER B 414 22.45 37.70 4.67
C SER B 414 23.20 38.96 5.09
N ILE B 415 22.75 40.12 4.61
CA ILE B 415 23.40 41.38 4.96
C ILE B 415 23.32 41.60 6.47
N PHE B 416 22.17 41.28 7.02
CA PHE B 416 21.88 41.47 8.44
C PHE B 416 22.74 40.57 9.31
N THR B 417 22.96 39.36 8.86
CA THR B 417 23.64 38.38 9.67
C THR B 417 25.15 38.40 9.46
N GLY B 418 25.62 39.18 8.47
CA GLY B 418 27.05 39.41 8.27
C GLY B 418 27.57 40.67 8.95
N PRO B 419 28.87 41.01 8.77
CA PRO B 419 29.55 42.08 9.50
C PRO B 419 28.96 43.47 9.35
N ASN B 420 28.24 43.73 8.25
CA ASN B 420 27.60 45.04 8.07
C ASN B 420 26.38 45.22 8.95
N GLY B 421 25.63 44.14 9.14
CA GLY B 421 24.50 44.15 10.06
C GLY B 421 23.39 45.06 9.61
N ILE B 422 22.70 45.67 10.56
CA ILE B 422 21.50 46.42 10.23
C ILE B 422 21.77 47.70 9.43
N TYR B 423 22.97 48.27 9.58
CA TYR B 423 23.40 49.40 8.73
C TYR B 423 23.38 49.01 7.25
N GLY B 424 23.94 47.84 6.95
CA GLY B 424 23.95 47.33 5.59
C GLY B 424 22.55 47.15 5.03
N CYS B 425 21.63 46.69 5.88
CA CYS B 425 20.26 46.45 5.46
C CYS B 425 19.55 47.71 5.03
N GLU B 426 19.62 48.74 5.89
CA GLU B 426 19.03 50.05 5.65
C GLU B 426 19.62 50.61 4.37
N GLU B 427 20.95 50.50 4.26
CA GLU B 427 21.70 50.87 3.05
C GLU B 427 21.08 50.21 1.82
N PHE B 428 21.04 48.88 1.82
CA PHE B 428 20.52 48.12 0.70
C PHE B 428 19.12 48.56 0.30
N LEU B 429 18.22 48.68 1.27
CA LEU B 429 16.82 49.01 0.98
C LEU B 429 16.68 50.40 0.38
N ALA B 430 17.45 51.35 0.89
CA ALA B 430 17.42 52.73 0.43
C ALA B 430 18.03 52.90 -0.98
N LYS B 431 19.02 52.07 -1.31
CA LYS B 431 19.56 51.97 -2.67
C LYS B 431 18.53 51.42 -3.65
N THR B 432 17.66 50.52 -3.18
CA THR B 432 16.79 49.78 -4.07
C THR B 432 15.31 50.22 -4.10
N LEU B 433 14.69 50.46 -2.94
CA LEU B 433 13.27 50.85 -2.91
C LEU B 433 13.02 52.16 -3.64
N MET B 434 13.96 53.11 -3.47
CA MET B 434 13.98 54.37 -4.21
C MET B 434 15.15 54.42 -5.16
N SER B 435 14.83 54.73 -6.41
CA SER B 435 15.82 54.79 -7.46
C SER B 435 15.27 55.67 -8.56
N PRO B 436 16.13 56.49 -9.19
CA PRO B 436 15.69 57.30 -10.32
C PRO B 436 15.17 56.43 -11.45
N GLU B 437 15.64 55.18 -11.46
CA GLU B 437 15.31 54.18 -12.47
C GLU B 437 13.85 53.69 -12.43
N HIS B 438 13.09 54.14 -11.44
CA HIS B 438 11.70 53.71 -11.26
C HIS B 438 10.66 54.62 -11.91
N SER B 439 11.07 55.47 -12.84
CA SER B 439 10.12 56.32 -13.55
C SER B 439 10.39 56.26 -15.04
N LYS B 440 9.68 57.09 -15.81
CA LYS B 440 9.88 57.17 -17.28
C LYS B 440 9.94 58.61 -17.81
N THR B 441 10.74 58.80 -18.86
CA THR B 441 10.93 60.12 -19.48
C THR B 441 11.28 59.97 -20.96
N ALA B 445 11.00 65.78 -22.96
CA ALA B 445 11.68 67.08 -22.77
C ALA B 445 10.84 68.01 -21.88
N CYS B 446 11.49 68.53 -20.84
CA CYS B 446 10.85 69.41 -19.85
C CYS B 446 10.91 70.89 -20.24
N PRO B 447 10.06 71.74 -19.62
CA PRO B 447 10.11 73.20 -19.81
C PRO B 447 11.44 73.83 -19.41
N ASP B 448 11.66 75.07 -19.84
CA ASP B 448 12.94 75.75 -19.72
C ASP B 448 13.27 76.18 -18.27
N ALA B 449 12.24 76.60 -17.55
CA ALA B 449 12.38 77.11 -16.18
C ALA B 449 12.92 76.06 -15.19
N VAL B 450 12.63 74.80 -15.48
CA VAL B 450 13.00 73.70 -14.59
C VAL B 450 14.49 73.37 -14.69
N THR B 451 15.01 73.29 -15.92
CA THR B 451 16.42 72.93 -16.19
C THR B 451 17.41 73.85 -15.46
N LYS B 452 17.07 75.14 -15.37
CA LYS B 452 17.90 76.13 -14.69
C LYS B 452 17.94 75.89 -13.18
N ALA B 453 16.80 75.52 -12.60
CA ALA B 453 16.73 75.15 -11.19
C ALA B 453 17.56 73.89 -10.89
N SER B 454 17.43 72.87 -11.74
CA SER B 454 18.23 71.64 -11.65
C SER B 454 19.72 71.93 -11.51
N LYS B 455 20.24 72.79 -12.38
CA LYS B 455 21.63 73.23 -12.33
C LYS B 455 21.97 73.87 -10.99
N ARG B 456 21.09 74.77 -10.54
CA ARG B 456 21.29 75.51 -9.30
C ARG B 456 21.36 74.59 -8.08
N VAL B 457 20.56 73.53 -8.08
CA VAL B 457 20.54 72.60 -6.96
C VAL B 457 21.85 71.83 -6.92
N CYS B 458 22.35 71.45 -8.10
CA CYS B 458 23.56 70.65 -8.23
C CYS B 458 24.81 71.29 -7.65
N MET B 459 25.00 72.57 -7.93
CA MET B 459 26.18 73.30 -7.44
C MET B 459 25.93 74.01 -6.10
N GLY B 460 24.79 73.71 -5.46
CA GLY B 460 24.50 74.22 -4.13
C GLY B 460 23.91 75.62 -4.07
N GLU B 461 23.84 76.29 -5.21
CA GLU B 461 23.31 77.66 -5.31
C GLU B 461 21.77 77.76 -5.13
N ALA B 462 21.13 76.62 -4.88
CA ALA B 462 19.67 76.54 -4.78
C ALA B 462 19.13 76.91 -3.40
N GLY B 463 18.02 77.65 -3.39
CA GLY B 463 17.34 78.02 -2.16
C GLY B 463 15.95 77.43 -2.08
N ALA B 464 15.07 78.14 -1.37
CA ALA B 464 13.69 77.70 -1.13
C ALA B 464 12.86 77.43 -2.39
N HIS B 465 12.61 78.48 -3.18
CA HIS B 465 11.68 78.36 -4.32
C HIS B 465 12.22 77.50 -5.47
N GLU B 466 13.55 77.46 -5.63
CA GLU B 466 14.20 76.56 -6.58
C GLU B 466 13.69 75.13 -6.37
N PHE B 467 13.80 74.65 -5.14
CA PHE B 467 13.26 73.35 -4.78
C PHE B 467 11.78 73.26 -5.09
N ARG B 468 11.02 74.28 -4.72
CA ARG B 468 9.59 74.24 -4.96
C ARG B 468 9.20 74.01 -6.41
N SER B 469 9.77 74.81 -7.32
CA SER B 469 9.59 74.60 -8.76
C SER B 469 9.76 73.12 -9.09
N LEU B 470 10.91 72.58 -8.68
CA LEU B 470 11.26 71.19 -8.93
C LEU B 470 10.23 70.25 -8.33
N VAL B 471 9.84 70.49 -7.07
CA VAL B 471 8.81 69.68 -6.43
C VAL B 471 7.49 69.76 -7.20
N ASP B 472 7.03 70.99 -7.44
CA ASP B 472 5.74 71.24 -8.08
C ASP B 472 5.70 70.76 -9.54
N TYR B 473 6.81 70.89 -10.24
CA TYR B 473 6.93 70.32 -11.57
C TYR B 473 6.79 68.79 -11.49
N ALA B 474 7.54 68.18 -10.56
CA ALA B 474 7.52 66.73 -10.34
C ALA B 474 6.15 66.26 -9.91
N CYS B 475 5.50 67.08 -9.10
CA CYS B 475 4.19 66.81 -8.56
C CYS B 475 3.10 66.71 -9.66
N GLU B 476 3.30 67.43 -10.76
CA GLU B 476 2.30 67.46 -11.83
C GLU B 476 2.69 66.64 -13.05
N GLN B 477 3.99 66.44 -13.23
CA GLN B 477 4.48 65.48 -14.19
C GLN B 477 4.44 64.06 -13.60
N GLY B 478 4.09 63.98 -12.32
CA GLY B 478 3.95 62.72 -11.58
C GLY B 478 5.18 61.83 -11.63
N ILE B 479 6.26 62.28 -11.02
CA ILE B 479 7.50 61.50 -11.05
C ILE B 479 7.47 60.46 -9.95
N SER B 480 7.77 59.21 -10.31
CA SER B 480 7.76 58.09 -9.36
C SER B 480 9.16 57.61 -9.00
N VAL B 481 9.63 57.97 -7.80
CA VAL B 481 10.95 57.56 -7.33
C VAL B 481 10.94 56.26 -6.53
N PHE B 482 9.75 55.82 -6.10
CA PHE B 482 9.56 54.53 -5.42
C PHE B 482 9.14 53.46 -6.41
N CYS B 483 9.38 52.20 -6.03
CA CYS B 483 8.98 51.02 -6.82
C CYS B 483 7.49 50.68 -6.63
N SER B 484 6.70 51.70 -6.26
CA SER B 484 5.27 51.55 -6.08
C SER B 484 4.55 52.80 -6.60
N SER B 485 3.66 52.61 -7.55
CA SER B 485 2.86 53.72 -8.06
C SER B 485 2.21 54.51 -6.92
N ARG B 486 1.58 53.81 -5.98
CA ARG B 486 0.86 54.51 -4.90
C ARG B 486 1.75 55.26 -3.92
N VAL B 487 2.89 54.68 -3.57
CA VAL B 487 3.79 55.30 -2.61
C VAL B 487 4.49 56.51 -3.23
N SER B 488 4.80 56.45 -4.52
CA SER B 488 5.39 57.58 -5.21
C SER B 488 4.46 58.78 -5.21
N THR B 489 3.20 58.55 -5.54
CA THR B 489 2.14 59.55 -5.44
C THR B 489 2.01 60.16 -4.02
N MET B 490 2.18 59.34 -2.99
CA MET B 490 2.01 59.84 -1.64
C MET B 490 3.26 60.54 -1.14
N PHE B 491 4.39 60.18 -1.73
CA PHE B 491 5.63 60.79 -1.34
C PHE B 491 5.59 62.23 -1.80
N LEU B 492 5.14 62.44 -3.04
CA LEU B 492 5.07 63.77 -3.62
C LEU B 492 4.17 64.71 -2.81
N GLU B 493 3.04 64.20 -2.33
CA GLU B 493 2.14 65.00 -1.50
C GLU B 493 2.76 65.27 -0.11
N ARG B 494 3.62 64.38 0.35
CA ARG B 494 4.35 64.60 1.59
C ARG B 494 5.43 65.67 1.43
N LEU B 495 5.98 65.79 0.23
CA LEU B 495 6.96 66.83 -0.07
C LEU B 495 6.35 68.21 -0.14
N ARG B 496 5.13 68.30 -0.65
CA ARG B 496 4.35 69.53 -0.61
C ARG B 496 4.33 70.11 0.81
N ASP B 497 4.00 69.25 1.78
CA ASP B 497 3.84 69.64 3.18
C ASP B 497 5.14 70.02 3.92
N ILE B 498 6.28 69.73 3.31
CA ILE B 498 7.57 70.10 3.90
C ILE B 498 7.96 71.53 3.49
N PRO B 499 8.37 72.36 4.47
CA PRO B 499 8.81 73.75 4.23
C PRO B 499 10.07 73.79 3.36
N ALA B 500 10.02 74.52 2.24
CA ALA B 500 11.08 74.44 1.23
C ALA B 500 12.50 74.72 1.74
N GLU B 501 12.62 75.53 2.79
CA GLU B 501 13.91 75.83 3.40
C GLU B 501 14.54 74.59 4.05
N ASP B 502 13.70 73.61 4.40
CA ASP B 502 14.17 72.34 4.94
C ASP B 502 14.67 71.37 3.88
N MET B 503 14.24 71.58 2.63
CA MET B 503 14.52 70.63 1.55
C MET B 503 15.99 70.54 1.20
N LEU B 504 16.72 71.65 1.31
CA LEU B 504 18.16 71.64 1.03
C LEU B 504 18.89 70.63 1.92
N ASP B 505 18.50 70.57 3.18
CA ASP B 505 19.12 69.66 4.13
C ASP B 505 18.83 68.22 3.78
N TRP B 506 17.56 67.93 3.49
CA TRP B 506 17.17 66.59 3.10
C TRP B 506 17.89 66.15 1.86
N TYR B 507 17.94 67.03 0.86
CA TYR B 507 18.68 66.77 -0.38
C TYR B 507 20.10 66.37 -0.04
N ARG B 508 20.80 67.22 0.71
CA ARG B 508 22.18 66.94 1.06
C ARG B 508 22.33 65.63 1.77
N LEU B 509 21.48 65.34 2.76
CA LEU B 509 21.56 64.04 3.42
C LEU B 509 21.40 62.91 2.41
N GLY B 510 20.50 63.09 1.45
CA GLY B 510 20.24 62.09 0.42
C GLY B 510 21.43 61.87 -0.48
N ILE B 511 21.92 62.95 -1.08
CA ILE B 511 23.06 62.92 -1.99
C ILE B 511 24.34 62.42 -1.32
N GLN B 512 24.53 62.85 -0.07
CA GLN B 512 25.60 62.39 0.80
C GLN B 512 25.59 60.87 0.91
N PHE B 513 24.39 60.32 1.03
CA PHE B 513 24.20 58.89 1.16
C PHE B 513 24.46 58.19 -0.16
N SER B 514 24.03 58.82 -1.25
CA SER B 514 24.23 58.26 -2.57
C SER B 514 25.71 58.12 -2.87
N HIS B 515 26.46 59.15 -2.52
CA HIS B 515 27.91 59.19 -2.72
C HIS B 515 28.64 58.14 -1.89
N ARG B 516 28.31 58.04 -0.61
CA ARG B 516 28.96 57.06 0.26
C ARG B 516 28.59 55.63 -0.13
N SER B 517 27.39 55.44 -0.67
CA SER B 517 26.97 54.12 -1.16
C SER B 517 27.62 53.76 -2.48
N GLY B 518 28.26 54.73 -3.10
CA GLY B 518 28.99 54.53 -4.34
C GLY B 518 28.08 54.26 -5.53
N LEU B 519 26.98 55.00 -5.61
CA LEU B 519 26.05 54.89 -6.73
C LEU B 519 25.81 56.26 -7.38
N SER B 520 26.67 57.20 -7.02
CA SER B 520 26.64 58.56 -7.55
C SER B 520 27.96 59.25 -7.16
N GLY B 521 28.32 60.30 -7.91
CA GLY B 521 29.52 61.10 -7.60
C GLY B 521 29.23 62.32 -6.71
N VAL B 526 21.64 65.74 -12.11
CA VAL B 526 21.21 67.03 -12.68
C VAL B 526 19.78 66.97 -13.27
N SER B 527 19.07 65.88 -13.01
CA SER B 527 17.69 65.77 -13.51
C SER B 527 16.71 65.87 -12.35
N VAL B 528 15.50 66.33 -12.65
CA VAL B 528 14.44 66.44 -11.67
C VAL B 528 14.18 65.08 -11.03
N ILE B 529 14.26 64.03 -11.85
CA ILE B 529 14.10 62.66 -11.40
C ILE B 529 15.17 62.35 -10.36
N ASP B 530 16.43 62.68 -10.67
CA ASP B 530 17.55 62.43 -9.77
C ASP B 530 17.48 63.21 -8.45
N ILE B 531 17.18 64.49 -8.52
CA ILE B 531 16.98 65.30 -7.32
C ILE B 531 15.88 64.69 -6.45
N MET B 532 14.78 64.31 -7.10
CA MET B 532 13.61 63.81 -6.40
C MET B 532 13.91 62.51 -5.64
N THR B 533 14.87 61.74 -6.12
CA THR B 533 15.28 60.53 -5.44
C THR B 533 16.17 60.83 -4.22
N HIS B 534 16.97 61.88 -4.28
CA HIS B 534 17.83 62.24 -3.15
C HIS B 534 17.02 62.80 -1.99
N LEU B 535 16.03 63.61 -2.32
CA LEU B 535 15.07 64.09 -1.35
C LEU B 535 14.38 62.91 -0.73
N ALA B 536 14.04 61.93 -1.58
CA ALA B 536 13.33 60.75 -1.13
C ALA B 536 14.20 59.97 -0.17
N ARG B 537 15.41 59.58 -0.57
CA ARG B 537 16.31 58.85 0.31
C ARG B 537 16.64 59.65 1.56
N GLY B 538 16.76 60.97 1.42
CA GLY B 538 16.96 61.87 2.56
C GLY B 538 15.87 61.71 3.61
N LEU B 539 14.62 61.89 3.19
CA LEU B 539 13.47 61.76 4.09
C LEU B 539 13.23 60.34 4.59
N TRP B 540 13.47 59.35 3.74
CA TRP B 540 13.34 57.97 4.16
C TRP B 540 14.29 57.74 5.32
N LEU B 541 15.57 58.04 5.13
CA LEU B 541 16.59 57.65 6.11
C LEU B 541 16.51 58.38 7.43
N GLY B 542 16.08 59.64 7.40
CA GLY B 542 16.21 60.47 8.58
C GLY B 542 15.07 61.37 8.97
N SER B 543 13.85 61.05 8.55
CA SER B 543 12.70 61.78 9.07
C SER B 543 12.63 61.53 10.59
N PRO B 544 12.30 62.60 11.36
CA PRO B 544 12.47 62.64 12.82
C PRO B 544 11.54 61.77 13.64
N GLY B 545 10.27 61.67 13.25
CA GLY B 545 9.30 60.92 14.05
C GLY B 545 7.91 60.93 13.49
N PHE B 546 6.97 60.41 14.28
CA PHE B 546 5.59 60.25 13.83
C PHE B 546 4.58 60.83 14.82
N TYR B 547 3.44 61.24 14.30
CA TYR B 547 2.35 61.73 15.14
C TYR B 547 1.48 60.58 15.61
N VAL B 548 0.98 60.69 16.83
CA VAL B 548 -0.12 59.86 17.29
C VAL B 548 -1.40 60.69 17.30
N GLU B 549 -2.41 60.21 16.59
CA GLU B 549 -3.66 60.96 16.43
C GLU B 549 -4.32 61.34 17.76
N PRO B 560 -0.62 64.31 24.01
CA PRO B 560 -0.29 63.75 22.69
C PRO B 560 0.75 64.59 21.88
N PRO B 561 2.06 64.53 22.26
CA PRO B 561 3.05 65.20 21.41
C PRO B 561 3.45 64.34 20.20
N THR B 562 4.56 64.68 19.54
CA THR B 562 5.11 63.86 18.46
C THR B 562 6.12 62.90 19.08
N ILE B 563 6.17 61.66 18.60
CA ILE B 563 7.14 60.73 19.12
C ILE B 563 8.36 60.70 18.24
N PRO B 564 9.55 60.91 18.84
CA PRO B 564 10.82 60.84 18.11
C PRO B 564 11.33 59.40 17.94
N VAL B 565 11.78 59.10 16.73
CA VAL B 565 12.33 57.79 16.41
C VAL B 565 13.86 57.91 16.38
N LEU B 566 14.51 57.55 17.47
CA LEU B 566 15.96 57.74 17.58
C LEU B 566 16.74 56.53 18.12
N TYR B 567 16.20 55.33 17.91
CA TYR B 567 16.81 54.12 18.46
C TYR B 567 18.13 53.83 17.76
N ILE B 568 18.33 54.49 16.63
CA ILE B 568 19.55 54.34 15.84
C ILE B 568 20.76 54.90 16.58
N TYR B 569 20.49 55.83 17.49
CA TYR B 569 21.54 56.55 18.20
C TYR B 569 22.05 55.74 19.38
N HIS B 570 21.25 54.76 19.78
CA HIS B 570 21.61 53.84 20.85
C HIS B 570 22.45 52.67 20.34
N ARG B 571 22.61 52.57 19.02
CA ARG B 571 23.47 51.55 18.45
C ARG B 571 24.87 51.83 18.95
N SER B 572 25.52 50.78 19.43
CA SER B 572 26.87 50.91 19.99
C SER B 572 27.93 51.24 18.92
N VAL B 573 27.49 51.28 17.66
CA VAL B 573 28.36 51.68 16.54
C VAL B 573 27.69 52.79 15.70
N GLN B 574 28.09 54.02 15.96
CA GLN B 574 27.46 55.19 15.33
C GLN B 574 27.93 55.47 13.91
N CYS B 575 27.08 56.13 13.14
CA CYS B 575 27.40 56.51 11.78
C CYS B 575 27.17 58.02 11.57
N PRO B 576 28.14 58.85 12.00
CA PRO B 576 28.00 60.32 12.10
C PRO B 576 27.89 61.01 10.73
N VAL B 577 28.36 60.33 9.70
CA VAL B 577 28.30 60.84 8.34
C VAL B 577 26.86 61.16 7.93
N LEU B 578 25.96 60.22 8.23
CA LEU B 578 24.53 60.32 7.88
C LEU B 578 23.69 60.94 8.98
N TYR B 579 23.80 60.38 10.18
CA TYR B 579 22.92 60.76 11.30
C TYR B 579 23.51 61.86 12.19
N GLY B 580 24.83 61.94 12.24
CA GLY B 580 25.49 62.91 13.09
C GLY B 580 25.38 62.47 14.54
N SER B 581 25.40 63.43 15.45
CA SER B 581 25.33 63.13 16.88
C SER B 581 24.45 64.05 17.69
N LEU B 582 23.99 63.53 18.83
CA LEU B 582 23.24 64.28 19.81
C LEU B 582 24.25 64.83 20.82
N THR B 583 24.65 66.09 20.61
CA THR B 583 25.81 66.77 21.24
C THR B 583 27.12 66.49 20.48
N THR B 587 25.59 68.94 16.55
CA THR B 587 24.19 68.50 16.59
C THR B 587 23.51 68.48 15.20
N GLY B 588 24.29 68.64 14.14
CA GLY B 588 23.82 68.57 12.74
C GLY B 588 22.57 69.33 12.32
N PRO B 589 21.97 68.93 11.18
CA PRO B 589 20.69 69.44 10.67
C PRO B 589 19.54 68.42 10.87
N VAL B 590 19.83 67.14 10.58
CA VAL B 590 18.87 66.05 10.76
C VAL B 590 18.75 65.68 12.23
N ALA B 591 19.89 65.50 12.89
CA ALA B 591 19.94 65.14 14.32
C ALA B 591 19.23 66.17 15.19
N SER B 592 19.26 67.43 14.76
CA SER B 592 18.66 68.55 15.49
C SER B 592 17.13 68.48 15.57
N LYS B 593 16.49 68.10 14.45
CA LYS B 593 15.03 67.96 14.41
C LYS B 593 14.59 66.88 15.38
N VAL B 594 15.37 65.81 15.45
CA VAL B 594 15.07 64.68 16.31
C VAL B 594 15.17 65.11 17.76
N LEU B 595 16.28 65.76 18.11
CA LEU B 595 16.50 66.32 19.45
C LEU B 595 15.37 67.26 19.89
N ALA B 596 14.94 68.15 19.01
CA ALA B 596 13.80 69.03 19.27
C ALA B 596 12.59 68.27 19.78
N LEU B 597 12.17 67.23 19.04
CA LEU B 597 11.01 66.42 19.41
C LEU B 597 11.20 65.71 20.73
N TYR B 598 12.45 65.40 21.05
CA TYR B 598 12.80 64.66 22.25
C TYR B 598 12.67 65.56 23.47
N GLU B 599 13.26 66.75 23.38
CA GLU B 599 13.22 67.73 24.46
C GLU B 599 11.81 68.24 24.67
N LYS B 600 11.00 68.18 23.62
CA LYS B 600 9.62 68.63 23.70
C LYS B 600 8.71 67.57 24.32
N ILE B 601 9.13 66.30 24.27
CA ILE B 601 8.31 65.22 24.82
C ILE B 601 8.57 65.08 26.30
N LEU B 602 9.73 65.58 26.72
CA LEU B 602 10.12 65.54 28.12
C LEU B 602 9.48 66.73 28.87
N ALA B 603 9.36 67.85 28.17
CA ALA B 603 8.69 69.02 28.72
C ALA B 603 7.21 68.73 29.01
N TYR B 604 6.60 67.85 28.21
CA TYR B 604 5.22 67.43 28.43
C TYR B 604 5.08 66.91 29.83
N GLU B 605 4.06 67.39 30.52
CA GLU B 605 3.88 67.05 31.92
C GLU B 605 2.54 66.38 32.10
N SER B 606 2.59 65.07 32.31
CA SER B 606 1.37 64.26 32.33
C SER B 606 0.44 64.58 33.48
N SER B 607 -0.80 64.15 33.33
CA SER B 607 -1.92 64.53 34.19
C SER B 607 -1.81 64.05 35.64
N GLY B 608 -0.72 63.37 35.98
CA GLY B 608 -0.54 62.81 37.31
C GLY B 608 -1.62 61.82 37.68
N GLY B 609 -2.26 61.27 36.64
CA GLY B 609 -3.30 60.27 36.81
C GLY B 609 -2.68 58.92 37.12
N SER B 610 -3.54 57.90 37.16
CA SER B 610 -3.12 56.54 37.47
C SER B 610 -2.27 55.90 36.36
N LYS B 611 -2.43 56.37 35.13
CA LYS B 611 -1.61 55.93 33.99
C LYS B 611 -0.12 56.16 34.23
N HIS B 612 0.24 57.40 34.62
CA HIS B 612 1.61 57.76 34.95
C HIS B 612 2.20 56.82 36.02
N ILE B 613 1.35 56.33 36.92
CA ILE B 613 1.79 55.38 37.95
C ILE B 613 2.04 53.99 37.35
N ALA B 614 1.13 53.57 36.48
CA ALA B 614 1.25 52.28 35.80
C ALA B 614 2.52 52.28 34.96
N ALA B 615 2.72 53.36 34.20
CA ALA B 615 3.93 53.53 33.41
C ALA B 615 5.19 53.39 34.25
N GLN B 616 5.20 54.01 35.43
CA GLN B 616 6.33 53.91 36.33
C GLN B 616 6.62 52.47 36.75
N THR B 617 5.58 51.71 37.08
CA THR B 617 5.76 50.32 37.54
C THR B 617 6.28 49.39 36.44
N VAL B 618 5.82 49.63 35.21
CA VAL B 618 6.34 48.90 34.05
C VAL B 618 7.84 49.17 33.91
N SER B 619 8.23 50.42 34.14
CA SER B 619 9.63 50.85 34.03
C SER B 619 10.58 50.13 34.99
N ARG B 620 10.07 49.74 36.16
CA ARG B 620 10.87 49.01 37.12
C ARG B 620 10.65 47.51 37.00
N SER B 621 9.72 47.11 36.12
CA SER B 621 9.35 45.71 35.95
C SER B 621 9.99 45.00 34.76
N LEU B 622 10.75 45.73 33.96
CA LEU B 622 11.34 45.20 32.72
C LEU B 622 12.29 43.99 32.92
N ALA B 623 12.78 43.82 34.15
CA ALA B 623 13.75 42.77 34.50
C ALA B 623 14.90 42.65 33.49
N VAL B 624 15.32 43.80 32.97
CA VAL B 624 16.36 43.88 31.95
C VAL B 624 17.13 45.21 32.00
N PRO B 625 18.47 45.15 31.86
CA PRO B 625 19.31 46.35 31.89
C PRO B 625 19.03 47.32 30.74
N ILE B 626 18.68 48.55 31.08
CA ILE B 626 18.48 49.60 30.10
C ILE B 626 19.54 50.68 30.30
N PRO B 627 19.92 51.40 29.22
CA PRO B 627 20.91 52.47 29.35
C PRO B 627 20.49 53.55 30.35
N SER B 628 21.46 54.29 30.89
CA SER B 628 21.16 55.30 31.90
C SER B 628 20.46 56.54 31.35
N GLY B 629 19.65 57.18 32.20
CA GLY B 629 18.98 58.43 31.88
C GLY B 629 17.99 58.31 30.74
N THR B 630 17.72 57.07 30.36
CA THR B 630 16.78 56.76 29.28
C THR B 630 15.36 56.57 29.84
N ILE B 631 15.23 56.72 31.17
CA ILE B 631 14.01 56.36 31.89
C ILE B 631 12.89 57.39 31.78
N PRO B 632 13.18 58.69 32.03
CA PRO B 632 12.08 59.66 31.94
C PRO B 632 11.40 59.66 30.57
N PHE B 633 12.19 59.48 29.50
CA PHE B 633 11.64 59.33 28.16
C PHE B 633 10.86 58.02 28.02
N LEU B 634 11.35 56.98 28.67
CA LEU B 634 10.66 55.68 28.68
C LEU B 634 9.28 55.79 29.32
N ILE B 635 9.21 56.47 30.46
CA ILE B 635 7.94 56.73 31.16
C ILE B 635 6.91 57.41 30.26
N ARG B 636 7.34 58.45 29.54
CA ARG B 636 6.48 59.22 28.63
C ARG B 636 5.80 58.30 27.60
N LEU B 637 6.61 57.45 26.98
CA LEU B 637 6.14 56.52 25.97
C LEU B 637 5.27 55.42 26.56
N LEU B 638 5.66 54.90 27.72
CA LEU B 638 4.87 53.88 28.40
C LEU B 638 3.44 54.36 28.70
N GLN B 639 3.29 55.64 29.03
CA GLN B 639 1.96 56.24 29.19
C GLN B 639 1.18 56.09 27.91
N ILE B 640 1.74 56.62 26.83
CA ILE B 640 1.16 56.55 25.49
C ILE B 640 0.69 55.14 25.15
N ALA B 641 1.52 54.14 25.46
CA ALA B 641 1.18 52.73 25.25
C ALA B 641 -0.03 52.28 26.09
N LEU B 642 -0.24 52.95 27.23
CA LEU B 642 -1.30 52.58 28.16
C LEU B 642 -2.59 53.39 27.99
N THR B 643 -2.55 54.47 27.22
CA THR B 643 -3.77 55.25 26.95
C THR B 643 -4.55 54.72 25.73
N PRO B 644 -5.89 54.65 25.84
CA PRO B 644 -6.82 53.98 24.92
C PRO B 644 -6.71 54.29 23.42
N HIS B 645 -6.70 55.55 23.01
CA HIS B 645 -6.79 55.79 21.57
C HIS B 645 -5.47 55.97 20.83
N VAL B 646 -4.38 56.01 21.59
CA VAL B 646 -3.11 56.52 21.11
C VAL B 646 -2.06 55.45 20.81
N TYR B 647 -2.18 54.27 21.44
CA TYR B 647 -1.17 53.22 21.29
C TYR B 647 -1.18 52.53 19.91
N GLN B 648 -2.19 52.83 19.09
CA GLN B 648 -2.31 52.28 17.74
C GLN B 648 -0.98 52.15 17.01
N LYS B 649 -0.27 53.27 16.84
CA LYS B 649 0.98 53.23 16.10
C LYS B 649 2.12 52.57 16.87
N LEU B 650 2.11 52.67 18.20
CA LEU B 650 3.10 51.95 19.01
C LEU B 650 2.90 50.44 18.87
N GLU B 651 1.64 50.00 18.95
CA GLU B 651 1.26 48.62 18.68
C GLU B 651 1.89 48.16 17.37
N LEU B 652 1.67 48.95 16.31
CA LEU B 652 2.17 48.64 14.96
C LEU B 652 3.66 48.36 14.89
N LEU B 653 4.45 49.28 15.44
CA LEU B 653 5.89 49.13 15.44
C LEU B 653 6.31 47.97 16.33
N GLY B 654 5.68 47.86 17.50
CA GLY B 654 5.99 46.80 18.46
C GLY B 654 5.79 45.45 17.83
N ASP B 655 4.61 45.25 17.25
CA ASP B 655 4.26 44.06 16.48
C ASP B 655 5.37 43.72 15.50
N ALA B 656 5.78 44.70 14.71
CA ALA B 656 6.82 44.55 13.70
C ALA B 656 8.15 44.15 14.29
N PHE B 657 8.59 44.87 15.31
CA PHE B 657 9.86 44.57 15.97
C PHE B 657 9.87 43.16 16.54
N LEU B 658 8.82 42.82 17.27
CA LEU B 658 8.67 41.52 17.88
C LEU B 658 8.91 40.40 16.88
N LYS B 659 8.28 40.50 15.71
CA LYS B 659 8.44 39.48 14.67
C LYS B 659 9.91 39.30 14.31
N CYS B 660 10.56 40.41 13.99
CA CYS B 660 11.96 40.38 13.62
C CYS B 660 12.88 39.92 14.77
N SER B 661 12.65 40.41 15.99
CA SER B 661 13.45 39.99 17.14
C SER B 661 13.35 38.50 17.45
N LEU B 662 12.15 38.01 17.70
CA LEU B 662 11.93 36.58 17.87
C LEU B 662 12.56 35.77 16.75
N ALA B 663 12.48 36.28 15.53
CA ALA B 663 13.03 35.58 14.38
C ALA B 663 14.54 35.49 14.49
N LEU B 664 15.18 36.60 14.89
CA LEU B 664 16.62 36.62 15.08
C LEU B 664 16.98 35.62 16.17
N HIS B 665 16.27 35.66 17.29
CA HIS B 665 16.57 34.79 18.43
C HIS B 665 16.50 33.30 18.12
N LEU B 666 15.44 32.89 17.45
CA LEU B 666 15.27 31.50 17.11
C LEU B 666 16.29 31.11 16.07
N HIS B 667 16.62 32.04 15.19
CA HIS B 667 17.63 31.79 14.19
C HIS B 667 18.93 31.37 14.84
N ALA B 668 19.26 31.96 15.97
CA ALA B 668 20.52 31.67 16.64
C ALA B 668 20.44 30.49 17.59
N LEU B 669 19.34 30.40 18.34
CA LEU B 669 19.13 29.29 19.27
C LEU B 669 18.95 27.93 18.58
N HIS B 670 18.75 27.95 17.27
CA HIS B 670 18.42 26.74 16.53
C HIS B 670 19.06 26.74 15.17
N PRO B 671 20.41 26.62 15.12
CA PRO B 671 21.10 26.80 13.83
C PRO B 671 20.71 25.81 12.72
N THR B 672 20.22 24.63 13.09
CA THR B 672 19.98 23.57 12.10
C THR B 672 18.55 23.51 11.58
N LEU B 673 17.64 24.25 12.18
CA LEU B 673 16.22 24.18 11.81
C LEU B 673 15.94 25.07 10.60
N THR B 674 15.02 24.64 9.74
CA THR B 674 14.69 25.42 8.53
C THR B 674 13.42 26.28 8.63
N GLU B 675 12.93 26.69 7.46
CA GLU B 675 11.78 27.58 7.30
C GLU B 675 10.58 27.19 8.16
N GLY B 676 10.15 25.94 8.04
CA GLY B 676 8.95 25.45 8.70
C GLY B 676 8.99 25.56 10.20
N ALA B 677 9.91 24.83 10.82
CA ALA B 677 10.00 24.78 12.28
C ALA B 677 10.19 26.15 12.88
N LEU B 678 11.05 26.95 12.26
CA LEU B 678 11.33 28.30 12.74
C LEU B 678 10.12 29.21 12.68
N THR B 679 9.22 28.95 11.72
CA THR B 679 8.00 29.73 11.59
C THR B 679 6.96 29.29 12.63
N ARG B 680 6.66 27.99 12.64
CA ARG B 680 5.71 27.43 13.60
C ARG B 680 6.10 27.73 15.04
N MET B 681 7.39 27.93 15.28
CA MET B 681 7.88 28.29 16.60
C MET B 681 7.56 29.73 16.94
N ARG B 682 8.07 30.68 16.17
CA ARG B 682 7.88 32.09 16.50
C ARG B 682 6.39 32.49 16.50
N GLN B 683 5.60 31.80 15.69
CA GLN B 683 4.17 32.08 15.59
C GLN B 683 3.44 31.66 16.83
N SER B 684 4.05 30.76 17.60
CA SER B 684 3.40 30.24 18.79
C SER B 684 3.52 31.19 19.96
N ALA B 685 4.53 32.05 19.95
CA ALA B 685 4.73 33.00 21.03
C ALA B 685 4.40 34.42 20.62
N GLU B 686 3.65 34.58 19.53
CA GLU B 686 3.38 35.90 18.98
C GLU B 686 1.88 36.24 19.00
N THR B 687 1.07 35.26 19.38
CA THR B 687 -0.39 35.37 19.30
C THR B 687 -0.95 36.26 20.38
N ASN B 688 -1.96 37.04 20.03
CA ASN B 688 -2.57 37.98 20.97
C ASN B 688 -2.88 37.41 22.35
N SER B 689 -3.29 36.14 22.39
CA SER B 689 -3.61 35.49 23.66
C SER B 689 -2.36 35.29 24.52
N VAL B 690 -1.27 34.87 23.89
CA VAL B 690 0.00 34.66 24.58
C VAL B 690 0.54 35.98 25.12
N LEU B 691 0.67 36.97 24.25
CA LEU B 691 1.17 38.28 24.63
C LEU B 691 0.25 38.93 25.67
N GLY B 692 -1.03 38.59 25.63
CA GLY B 692 -2.00 39.08 26.60
C GLY B 692 -1.63 38.66 27.99
N ARG B 693 -1.26 37.40 28.15
CA ARG B 693 -0.90 36.84 29.45
C ARG B 693 0.30 37.55 30.04
N LEU B 694 1.32 37.76 29.21
CA LEU B 694 2.52 38.49 29.61
C LEU B 694 2.23 39.85 30.22
N THR B 695 1.24 40.58 29.68
CA THR B 695 0.85 41.90 30.21
C THR B 695 0.34 41.77 31.64
N LYS B 696 -0.38 40.70 31.91
CA LYS B 696 -0.94 40.47 33.24
C LYS B 696 0.09 40.01 34.26
N ARG B 697 1.31 39.74 33.82
CA ARG B 697 2.37 39.38 34.75
C ARG B 697 3.08 40.60 35.33
N PHE B 698 2.76 41.79 34.81
CA PHE B 698 3.17 43.03 35.45
C PHE B 698 2.29 43.22 36.70
N PRO B 699 2.83 43.91 37.74
CA PRO B 699 2.03 44.17 38.95
C PRO B 699 0.62 44.60 38.59
N SER B 700 -0.37 44.07 39.29
CA SER B 700 -1.78 44.24 38.90
C SER B 700 -2.23 45.71 38.80
N VAL B 701 -1.27 46.63 38.90
CA VAL B 701 -1.50 48.06 38.71
C VAL B 701 -1.78 48.36 37.24
N VAL B 702 -1.09 47.63 36.36
CA VAL B 702 -1.20 47.78 34.92
C VAL B 702 -2.54 47.24 34.44
N SER B 703 -2.86 46.02 34.86
CA SER B 703 -4.14 45.39 34.53
C SER B 703 -5.30 46.26 35.01
N GLU B 704 -5.12 46.89 36.17
CA GLU B 704 -6.07 47.86 36.72
C GLU B 704 -6.37 49.01 35.76
N VAL B 705 -5.31 49.66 35.28
CA VAL B 705 -5.43 50.82 34.40
C VAL B 705 -6.15 50.48 33.11
N ILE B 706 -5.88 49.29 32.59
CA ILE B 706 -6.46 48.83 31.34
C ILE B 706 -7.97 48.63 31.45
N ILE B 707 -8.41 48.07 32.57
CA ILE B 707 -9.85 47.92 32.83
C ILE B 707 -10.51 49.27 33.16
N GLU B 708 -9.74 50.20 33.72
CA GLU B 708 -10.22 51.55 33.98
C GLU B 708 -10.36 52.35 32.69
N SER B 709 -9.44 52.13 31.76
CA SER B 709 -9.47 52.80 30.45
C SER B 709 -10.47 52.15 29.52
N HIS B 710 -10.66 50.85 29.68
CA HIS B 710 -11.61 50.10 28.87
C HIS B 710 -12.66 49.44 29.78
N PRO B 711 -13.87 50.04 29.86
CA PRO B 711 -14.89 49.52 30.75
C PRO B 711 -15.46 48.20 30.23
N LYS B 712 -15.74 47.26 31.14
CA LYS B 712 -16.36 45.98 30.80
C LYS B 712 -15.69 45.22 29.63
N ILE B 713 -14.37 45.04 29.72
CA ILE B 713 -13.64 44.18 28.79
C ILE B 713 -13.15 42.94 29.54
N GLN B 714 -12.97 41.85 28.81
CA GLN B 714 -12.77 40.56 29.47
C GLN B 714 -11.34 40.06 29.40
N PRO B 715 -10.92 39.18 30.35
CA PRO B 715 -9.55 38.67 30.38
C PRO B 715 -8.97 38.24 29.02
N ASP B 716 -9.81 37.71 28.13
CA ASP B 716 -9.36 37.26 26.81
C ASP B 716 -9.52 38.31 25.71
N SER B 717 -9.49 39.58 26.09
CA SER B 717 -9.61 40.66 25.11
C SER B 717 -8.32 40.84 24.36
N LYS B 718 -8.42 41.50 23.22
CA LYS B 718 -7.29 41.68 22.33
C LYS B 718 -6.34 42.73 22.90
N VAL B 719 -6.91 43.62 23.72
CA VAL B 719 -6.26 44.84 24.20
C VAL B 719 -5.05 44.60 25.10
N TYR B 720 -5.02 43.45 25.76
CA TYR B 720 -3.91 43.08 26.61
C TYR B 720 -2.72 42.73 25.75
N GLY B 721 -2.95 41.86 24.78
CA GLY B 721 -1.91 41.47 23.84
C GLY B 721 -1.36 42.68 23.10
N ASP B 722 -2.27 43.55 22.66
CA ASP B 722 -1.89 44.73 21.90
C ASP B 722 -1.10 45.75 22.71
N THR B 723 -1.48 45.98 23.96
CA THR B 723 -0.69 46.88 24.82
C THR B 723 0.66 46.29 25.16
N PHE B 724 0.78 44.97 25.12
CA PHE B 724 2.10 44.36 25.25
C PHE B 724 2.97 44.76 24.06
N GLU B 725 2.44 44.58 22.86
CA GLU B 725 3.09 45.05 21.64
C GLU B 725 3.37 46.55 21.73
N ALA B 726 2.42 47.31 22.28
CA ALA B 726 2.57 48.74 22.43
C ALA B 726 3.73 49.08 23.36
N ILE B 727 3.81 48.36 24.48
CA ILE B 727 4.90 48.52 25.43
C ILE B 727 6.25 48.19 24.80
N LEU B 728 6.31 47.10 24.03
CA LEU B 728 7.55 46.68 23.39
C LEU B 728 8.13 47.78 22.52
N ALA B 729 7.27 48.46 21.78
CA ALA B 729 7.70 49.60 20.98
C ALA B 729 8.30 50.68 21.87
N ALA B 730 7.60 51.01 22.96
CA ALA B 730 8.06 52.05 23.88
C ALA B 730 9.47 51.77 24.40
N ILE B 731 9.73 50.51 24.78
CA ILE B 731 11.08 50.07 25.16
C ILE B 731 12.06 50.23 23.99
N LEU B 732 11.64 49.91 22.78
CA LEU B 732 12.49 50.07 21.62
C LEU B 732 12.80 51.55 21.36
N LEU B 733 11.76 52.39 21.29
CA LEU B 733 11.89 53.80 20.95
C LEU B 733 12.70 54.59 21.94
N ALA B 734 12.61 54.20 23.22
CA ALA B 734 13.26 54.92 24.32
C ALA B 734 14.59 54.34 24.80
N CYS B 735 14.77 53.03 24.69
CA CYS B 735 15.95 52.38 25.24
C CYS B 735 16.82 51.71 24.18
N GLY B 736 16.32 51.63 22.96
CA GLY B 736 17.10 51.11 21.87
C GLY B 736 16.78 49.68 21.47
N GLU B 737 17.44 49.23 20.41
CA GLU B 737 17.17 47.94 19.81
C GLU B 737 17.58 46.81 20.74
N GLU B 738 18.81 46.84 21.23
CA GLU B 738 19.33 45.73 22.07
C GLU B 738 18.52 45.52 23.36
N ALA B 739 18.09 46.62 23.98
CA ALA B 739 17.30 46.55 25.21
C ALA B 739 15.95 45.89 24.97
N ALA B 740 15.35 46.24 23.83
CA ALA B 740 14.05 45.68 23.44
C ALA B 740 14.20 44.22 23.07
N GLY B 741 15.29 43.89 22.38
CA GLY B 741 15.61 42.51 22.05
C GLY B 741 15.84 41.66 23.30
N ALA B 742 16.47 42.26 24.31
CA ALA B 742 16.67 41.65 25.63
C ALA B 742 15.33 41.35 26.26
N PHE B 743 14.48 42.37 26.26
CA PHE B 743 13.13 42.23 26.77
C PHE B 743 12.39 41.08 26.11
N VAL B 744 12.55 40.94 24.80
CA VAL B 744 11.92 39.86 24.05
C VAL B 744 12.43 38.50 24.51
N ARG B 745 13.74 38.36 24.68
CA ARG B 745 14.31 37.06 25.05
C ARG B 745 14.01 36.68 26.49
N GLU B 746 13.69 37.66 27.33
CA GLU B 746 13.41 37.39 28.74
C GLU B 746 11.98 36.98 29.00
N HIS B 747 11.04 37.61 28.29
CA HIS B 747 9.61 37.43 28.57
C HIS B 747 8.86 36.66 27.50
N VAL B 748 9.14 36.98 26.24
CA VAL B 748 8.37 36.42 25.13
C VAL B 748 8.94 35.07 24.70
N LEU B 749 10.26 35.00 24.58
CA LEU B 749 10.92 33.81 24.04
C LEU B 749 10.71 32.52 24.82
N PRO B 750 10.74 32.56 26.18
CA PRO B 750 10.40 31.34 26.92
C PRO B 750 9.04 30.74 26.57
N GLN B 751 8.11 31.55 26.07
CA GLN B 751 6.76 31.08 25.73
C GLN B 751 6.71 30.27 24.43
N VAL B 752 7.78 30.25 23.66
CA VAL B 752 7.79 29.56 22.36
C VAL B 752 7.61 28.07 22.56
N VAL B 753 6.65 27.48 21.86
CA VAL B 753 6.40 26.06 22.01
C VAL B 753 7.19 25.23 20.99
N ALA B 754 8.16 24.48 21.50
CA ALA B 754 9.04 23.62 20.69
C ALA B 754 8.23 22.59 19.88
N ASP B 755 8.78 22.17 18.75
CA ASP B 755 7.99 21.48 17.72
C ASP B 755 7.59 20.03 18.02
N ALA B 756 8.23 19.43 19.03
CA ALA B 756 8.05 17.99 19.32
C ALA B 756 6.68 17.59 19.93
N ALA C 2 -33.58 -79.26 -5.67
CA ALA C 2 -34.39 -78.16 -6.28
C ALA C 2 -33.67 -77.49 -7.44
N MET C 3 -34.44 -76.80 -8.29
CA MET C 3 -33.91 -76.02 -9.42
C MET C 3 -33.03 -74.84 -8.95
N HIS C 4 -33.17 -74.48 -7.68
CA HIS C 4 -32.50 -73.33 -7.09
C HIS C 4 -31.00 -73.52 -6.95
N ALA C 5 -30.26 -73.14 -8.00
CA ALA C 5 -28.79 -73.23 -8.01
C ALA C 5 -28.20 -72.33 -9.10
N LEU C 6 -27.19 -71.55 -8.75
CA LEU C 6 -26.56 -70.63 -9.68
C LEU C 6 -25.12 -71.05 -9.96
N GLY C 7 -24.75 -71.05 -11.24
CA GLY C 7 -23.41 -71.46 -11.66
C GLY C 7 -22.36 -70.38 -11.54
N HIS C 8 -21.10 -70.80 -11.46
CA HIS C 8 -19.95 -69.90 -11.43
C HIS C 8 -18.75 -70.62 -12.02
N CYS C 9 -18.20 -70.11 -13.12
CA CYS C 9 -17.02 -70.74 -13.73
C CYS C 9 -15.80 -70.41 -12.91
N CYS C 10 -15.47 -71.39 -12.07
CA CYS C 10 -14.39 -71.27 -11.11
C CYS C 10 -13.11 -71.76 -11.75
N THR C 11 -12.04 -70.99 -11.60
CA THR C 11 -10.74 -71.36 -12.18
C THR C 11 -9.59 -71.20 -11.19
N VAL C 12 -9.01 -72.31 -10.78
CA VAL C 12 -7.84 -72.32 -9.91
C VAL C 12 -6.58 -72.42 -10.76
N VAL C 13 -5.71 -71.41 -10.66
CA VAL C 13 -4.51 -71.34 -11.49
C VAL C 13 -3.23 -71.39 -10.66
N THR C 14 -2.35 -72.32 -11.02
CA THR C 14 -1.04 -72.45 -10.37
C THR C 14 0.07 -72.32 -11.43
N THR C 15 1.32 -72.48 -11.00
CA THR C 15 2.47 -72.52 -11.91
C THR C 15 2.29 -73.59 -13.00
N ARG C 16 1.78 -74.76 -12.61
CA ARG C 16 1.63 -75.88 -13.54
C ARG C 16 0.39 -75.84 -14.46
N GLY C 17 -0.64 -75.07 -14.09
CA GLY C 17 -1.79 -74.95 -14.98
C GLY C 17 -3.13 -74.56 -14.39
N PRO C 18 -4.13 -74.35 -15.27
CA PRO C 18 -5.50 -73.99 -14.90
C PRO C 18 -6.47 -75.17 -14.77
N SER C 19 -7.19 -75.24 -13.66
CA SER C 19 -8.20 -76.26 -13.44
C SER C 19 -9.58 -75.62 -13.26
N HIS C 20 -10.57 -76.09 -14.02
CA HIS C 20 -11.90 -75.47 -14.03
C HIS C 20 -12.97 -76.26 -13.27
N TRP C 21 -13.74 -75.55 -12.46
CA TRP C 21 -14.77 -76.16 -11.64
C TRP C 21 -16.07 -75.40 -11.77
N LEU C 22 -17.19 -76.09 -11.87
CA LEU C 22 -18.48 -75.42 -11.78
C LEU C 22 -18.90 -75.29 -10.33
N LEU C 23 -19.11 -74.06 -9.89
CA LEU C 23 -19.54 -73.78 -8.53
C LEU C 23 -21.03 -73.47 -8.47
N LEU C 24 -21.76 -74.28 -7.71
CA LEU C 24 -23.21 -74.12 -7.56
C LEU C 24 -23.58 -73.55 -6.19
N LEU C 25 -23.97 -72.28 -6.18
CA LEU C 25 -24.48 -71.62 -4.98
C LEU C 25 -25.99 -71.60 -4.99
N ASP C 26 -26.58 -71.74 -3.82
CA ASP C 26 -28.03 -71.70 -3.65
C ASP C 26 -28.49 -70.27 -3.35
N THR C 27 -27.56 -69.34 -3.35
CA THR C 27 -27.83 -67.93 -3.02
C THR C 27 -27.31 -66.99 -4.11
N HIS C 28 -28.13 -66.00 -4.47
CA HIS C 28 -27.69 -64.94 -5.36
C HIS C 28 -26.59 -64.17 -4.62
N LEU C 29 -25.39 -64.19 -5.19
CA LEU C 29 -24.26 -63.39 -4.70
C LEU C 29 -23.61 -62.66 -5.87
N GLY C 30 -24.39 -62.37 -6.89
CA GLY C 30 -23.88 -61.72 -8.10
C GLY C 30 -22.60 -62.36 -8.62
N THR C 31 -21.60 -61.53 -8.91
CA THR C 31 -20.28 -62.00 -9.30
C THR C 31 -19.38 -62.02 -8.06
N LEU C 32 -18.57 -63.06 -7.94
CA LEU C 32 -17.64 -63.21 -6.82
C LEU C 32 -16.28 -62.59 -7.15
N PRO C 33 -15.67 -61.87 -6.19
CA PRO C 33 -14.38 -61.23 -6.45
C PRO C 33 -13.26 -62.26 -6.34
N GLY C 34 -12.53 -62.45 -7.44
CA GLY C 34 -11.42 -63.42 -7.44
C GLY C 34 -10.48 -63.17 -6.27
N PHE C 35 -9.79 -64.21 -5.82
CA PHE C 35 -8.79 -64.06 -4.75
C PHE C 35 -7.57 -64.90 -5.06
N LYS C 36 -6.44 -64.60 -4.41
CA LYS C 36 -5.27 -65.47 -4.54
C LYS C 36 -4.72 -65.97 -3.21
N VAL C 37 -4.43 -67.19 -3.13
CA VAL C 37 -3.87 -67.82 -1.94
C VAL C 37 -2.35 -67.78 -1.98
N SER C 38 -1.77 -67.52 -0.78
CA SER C 38 -0.33 -67.42 -0.61
C SER C 38 0.38 -68.79 -0.62
N ALA C 39 1.71 -68.77 -0.77
CA ALA C 39 2.57 -69.97 -0.69
C ALA C 39 2.20 -70.74 0.57
N GLY C 40 1.83 -72.01 0.41
CA GLY C 40 0.98 -72.62 1.41
C GLY C 40 1.40 -73.77 2.29
N ARG C 41 0.46 -74.08 3.19
CA ARG C 41 0.51 -75.15 4.18
C ARG C 41 0.44 -76.52 3.48
N GLY C 42 1.48 -76.79 2.68
CA GLY C 42 1.59 -78.01 1.86
C GLY C 42 1.18 -77.80 0.40
N LEU C 43 0.68 -76.59 0.10
CA LEU C 43 0.25 -76.26 -1.26
C LEU C 43 0.89 -74.96 -1.76
N PRO C 44 1.05 -74.80 -3.10
CA PRO C 44 1.76 -73.65 -3.62
C PRO C 44 0.88 -72.40 -3.64
N ALA C 45 1.46 -71.28 -4.06
CA ALA C 45 0.69 -70.07 -4.31
C ALA C 45 -0.21 -70.30 -5.52
N ALA C 46 -1.44 -69.79 -5.43
CA ALA C 46 -2.39 -69.94 -6.52
C ALA C 46 -3.33 -68.75 -6.64
N GLU C 47 -4.04 -68.69 -7.77
CA GLU C 47 -4.98 -67.60 -8.04
C GLU C 47 -6.31 -68.22 -8.45
N VAL C 48 -7.39 -67.74 -7.83
CA VAL C 48 -8.73 -68.23 -8.12
C VAL C 48 -9.56 -67.16 -8.80
N TYR C 49 -9.95 -67.42 -10.05
CA TYR C 49 -10.83 -66.53 -10.80
C TYR C 49 -12.25 -67.09 -10.85
N PHE C 50 -13.23 -66.20 -10.84
CA PHE C 50 -14.64 -66.60 -11.00
C PHE C 50 -15.23 -65.90 -12.21
N GLU C 51 -16.40 -66.36 -12.63
CA GLU C 51 -17.28 -65.62 -13.56
C GLU C 51 -18.65 -66.29 -13.68
N ALA C 52 -19.66 -65.59 -13.16
CA ALA C 52 -21.03 -66.10 -13.10
C ALA C 52 -21.51 -66.59 -14.46
N GLY C 53 -22.16 -67.75 -14.47
CA GLY C 53 -22.65 -68.35 -15.70
C GLY C 53 -24.16 -68.47 -15.71
N PRO C 54 -24.69 -69.53 -16.37
CA PRO C 54 -26.14 -69.77 -16.45
C PRO C 54 -26.74 -70.08 -15.07
N ARG C 55 -28.03 -70.40 -15.04
CA ARG C 55 -28.71 -70.72 -13.79
C ARG C 55 -29.29 -72.13 -13.86
N VAL C 56 -28.38 -73.11 -13.75
CA VAL C 56 -28.70 -74.54 -13.88
C VAL C 56 -29.92 -75.00 -13.06
N SER C 57 -30.71 -75.88 -13.68
CA SER C 57 -31.81 -76.56 -13.01
C SER C 57 -31.38 -77.98 -12.68
N LEU C 58 -31.84 -78.49 -11.56
CA LEU C 58 -31.48 -79.85 -11.13
C LEU C 58 -32.68 -80.55 -10.52
N SER C 59 -33.05 -81.71 -11.07
CA SER C 59 -34.09 -82.54 -10.48
C SER C 59 -33.53 -83.13 -9.18
N ARG C 60 -34.41 -83.55 -8.27
CA ARG C 60 -33.99 -84.14 -7.00
C ARG C 60 -32.98 -85.30 -7.16
N THR C 61 -33.19 -86.15 -8.17
CA THR C 61 -32.26 -87.23 -8.48
C THR C 61 -30.90 -86.68 -8.96
N ASP C 62 -30.94 -85.63 -9.78
CA ASP C 62 -29.72 -84.94 -10.19
C ASP C 62 -28.96 -84.43 -8.95
N ALA C 63 -29.71 -83.95 -7.96
CA ALA C 63 -29.16 -83.33 -6.76
C ALA C 63 -28.37 -84.28 -5.88
N THR C 64 -28.82 -85.53 -5.80
CA THR C 64 -28.12 -86.57 -5.02
C THR C 64 -26.93 -87.17 -5.78
N ILE C 65 -26.98 -87.09 -7.11
CA ILE C 65 -25.84 -87.46 -7.97
C ILE C 65 -24.72 -86.45 -7.79
N VAL C 66 -25.07 -85.20 -7.54
CA VAL C 66 -24.11 -84.16 -7.25
C VAL C 66 -23.43 -84.42 -5.89
N ALA C 67 -24.24 -84.77 -4.90
CA ALA C 67 -23.76 -85.07 -3.54
C ALA C 67 -22.79 -86.25 -3.47
N VAL C 68 -22.93 -87.19 -4.40
CA VAL C 68 -22.02 -88.32 -4.54
C VAL C 68 -20.65 -87.79 -4.93
N TYR C 69 -20.58 -87.02 -6.01
CA TYR C 69 -19.31 -86.46 -6.43
C TYR C 69 -18.67 -85.61 -5.33
N GLN C 70 -19.53 -85.00 -4.50
CA GLN C 70 -19.06 -84.21 -3.36
C GLN C 70 -18.27 -85.05 -2.36
N SER C 71 -18.87 -86.14 -1.91
CA SER C 71 -18.21 -87.02 -0.93
C SER C 71 -16.91 -87.65 -1.43
N ILE C 72 -16.84 -87.89 -2.74
CA ILE C 72 -15.62 -88.33 -3.40
C ILE C 72 -14.53 -87.29 -3.18
N LEU C 73 -14.90 -86.01 -3.34
CA LEU C 73 -13.97 -84.91 -3.13
C LEU C 73 -13.49 -84.85 -1.68
N PHE C 74 -14.43 -84.74 -0.75
CA PHE C 74 -14.13 -84.70 0.69
C PHE C 74 -13.12 -85.75 1.17
N GLN C 75 -13.23 -86.99 0.68
CA GLN C 75 -12.32 -88.04 1.10
C GLN C 75 -10.91 -87.75 0.62
N LEU C 76 -10.81 -87.31 -0.63
CA LEU C 76 -9.54 -86.89 -1.23
C LEU C 76 -8.89 -85.76 -0.45
N LEU C 77 -9.71 -84.87 0.11
CA LEU C 77 -9.22 -83.78 0.94
C LEU C 77 -8.59 -84.28 2.22
N GLY C 78 -9.09 -85.42 2.69
CA GLY C 78 -8.60 -86.04 3.92
C GLY C 78 -9.53 -85.86 5.11
N PRO C 79 -9.10 -86.33 6.30
CA PRO C 79 -9.94 -86.36 7.49
C PRO C 79 -9.86 -85.09 8.32
N THR C 80 -9.03 -84.14 7.90
CA THR C 80 -8.89 -82.85 8.59
C THR C 80 -10.02 -81.87 8.30
N PHE C 81 -10.66 -81.99 7.13
CA PHE C 81 -11.81 -81.17 6.78
C PHE C 81 -13.09 -81.98 6.96
N PRO C 82 -14.11 -81.40 7.62
CA PRO C 82 -15.40 -82.08 7.73
C PRO C 82 -16.04 -82.20 6.35
N ALA C 83 -16.85 -83.24 6.13
CA ALA C 83 -17.45 -83.44 4.82
C ALA C 83 -18.72 -82.61 4.64
N SER C 84 -18.50 -81.30 4.50
CA SER C 84 -19.52 -80.30 4.17
C SER C 84 -18.81 -78.99 3.85
N TRP C 85 -19.00 -78.48 2.64
CA TRP C 85 -18.41 -77.20 2.24
C TRP C 85 -18.88 -76.10 3.18
N THR C 86 -20.17 -76.14 3.49
CA THR C 86 -20.78 -75.21 4.43
C THR C 86 -20.02 -75.20 5.75
N GLU C 87 -19.84 -76.39 6.33
CA GLU C 87 -19.22 -76.52 7.64
C GLU C 87 -17.73 -76.14 7.68
N ILE C 88 -17.03 -76.30 6.55
CA ILE C 88 -15.62 -75.90 6.43
C ILE C 88 -15.40 -74.40 6.69
N GLY C 89 -16.18 -73.58 6.00
CA GLY C 89 -16.13 -72.13 6.20
C GLY C 89 -16.78 -71.71 7.51
N ALA C 90 -17.89 -72.36 7.86
CA ALA C 90 -18.62 -72.01 9.08
C ALA C 90 -17.87 -72.37 10.36
N THR C 91 -16.64 -72.87 10.22
CA THR C 91 -15.80 -73.13 11.37
C THR C 91 -14.40 -72.55 11.20
N MET C 92 -14.25 -71.57 10.31
CA MET C 92 -12.99 -70.85 10.18
C MET C 92 -12.58 -70.29 11.53
N PRO C 93 -11.26 -70.27 11.82
CA PRO C 93 -10.83 -69.44 12.94
C PRO C 93 -11.08 -67.96 12.61
N HIS C 94 -11.47 -67.20 13.62
CA HIS C 94 -11.81 -65.77 13.47
C HIS C 94 -10.86 -65.00 12.56
N ASN C 95 -9.56 -65.13 12.81
CA ASN C 95 -8.49 -64.40 12.12
C ASN C 95 -8.28 -64.78 10.65
N GLU C 96 -9.26 -65.45 10.06
CA GLU C 96 -9.22 -65.77 8.64
C GLU C 96 -10.28 -64.98 7.85
N TYR C 97 -11.12 -64.23 8.58
CA TYR C 97 -12.12 -63.37 7.97
C TYR C 97 -11.46 -62.06 7.53
N THR C 98 -12.15 -61.29 6.70
CA THR C 98 -11.65 -60.00 6.24
C THR C 98 -11.83 -58.96 7.34
N PHE C 99 -12.88 -59.12 8.13
CA PHE C 99 -13.11 -58.26 9.29
C PHE C 99 -13.21 -59.07 10.59
N PRO C 100 -12.06 -59.54 11.12
CA PRO C 100 -12.03 -60.43 12.29
C PRO C 100 -12.66 -59.81 13.53
N ARG C 101 -12.76 -58.49 13.55
CA ARG C 101 -13.36 -57.77 14.67
C ARG C 101 -14.89 -57.69 14.59
N PHE C 102 -15.45 -58.03 13.42
CA PHE C 102 -16.90 -58.03 13.22
C PHE C 102 -17.34 -59.36 12.63
N ILE C 103 -17.52 -60.36 13.48
CA ILE C 103 -18.01 -61.66 13.02
C ILE C 103 -19.49 -61.78 13.33
N SER C 104 -20.31 -61.70 12.30
CA SER C 104 -21.77 -61.86 12.47
C SER C 104 -22.20 -63.23 11.97
N ASN C 105 -22.91 -63.97 12.83
CA ASN C 105 -23.47 -65.26 12.43
C ASN C 105 -24.72 -65.06 11.58
N PRO C 106 -24.60 -65.25 10.26
CA PRO C 106 -25.76 -65.07 9.39
C PRO C 106 -26.85 -66.12 9.67
N PRO C 107 -28.13 -65.74 9.46
CA PRO C 107 -29.21 -66.71 9.55
C PRO C 107 -28.95 -67.86 8.57
N GLN C 108 -28.69 -67.51 7.30
CA GLN C 108 -28.39 -68.50 6.27
C GLN C 108 -26.89 -68.63 6.03
N PHE C 109 -26.50 -69.82 5.59
CA PHE C 109 -25.15 -70.05 5.12
C PHE C 109 -25.24 -70.60 3.72
N ALA C 110 -24.36 -70.10 2.85
CA ALA C 110 -24.35 -70.55 1.47
C ALA C 110 -24.12 -72.06 1.41
N THR C 111 -24.82 -72.70 0.47
CA THR C 111 -24.63 -74.11 0.18
C THR C 111 -23.97 -74.20 -1.16
N LEU C 112 -22.82 -74.85 -1.21
CA LEU C 112 -22.07 -74.94 -2.46
C LEU C 112 -21.78 -76.37 -2.89
N ALA C 113 -21.40 -76.52 -4.15
CA ALA C 113 -21.00 -77.80 -4.71
C ALA C 113 -20.00 -77.55 -5.83
N PHE C 114 -19.03 -78.45 -5.94
CA PHE C 114 -18.01 -78.36 -6.97
C PHE C 114 -18.07 -79.56 -7.91
N LEU C 115 -18.21 -79.26 -9.20
CA LEU C 115 -18.24 -80.27 -10.25
C LEU C 115 -17.16 -79.92 -11.27
N PRO C 116 -16.54 -80.94 -11.88
CA PRO C 116 -15.43 -80.73 -12.81
C PRO C 116 -15.86 -80.13 -14.13
N LEU C 117 -14.93 -79.43 -14.78
CA LEU C 117 -15.14 -78.94 -16.14
C LEU C 117 -13.90 -79.20 -16.98
N LEU C 118 -14.11 -79.68 -18.21
CA LEU C 118 -13.02 -79.95 -19.14
C LEU C 118 -12.37 -78.64 -19.61
N SER C 119 -13.19 -77.78 -20.24
CA SER C 119 -12.83 -76.40 -20.54
C SER C 119 -13.89 -75.52 -19.89
N PRO C 120 -13.62 -74.21 -19.72
CA PRO C 120 -14.67 -73.39 -19.11
C PRO C 120 -15.93 -73.30 -19.98
N THR C 121 -15.78 -73.60 -21.28
CA THR C 121 -16.88 -73.51 -22.25
C THR C 121 -17.79 -74.74 -22.32
N SER C 122 -17.25 -75.92 -22.02
CA SER C 122 -18.01 -77.18 -22.09
C SER C 122 -19.12 -77.23 -21.04
N PRO C 123 -20.32 -77.72 -21.42
CA PRO C 123 -21.46 -77.76 -20.49
C PRO C 123 -21.28 -78.80 -19.38
N LEU C 124 -22.18 -78.78 -18.40
CA LEU C 124 -22.16 -79.77 -17.33
C LEU C 124 -22.64 -81.15 -17.80
N ASP C 125 -21.79 -82.16 -17.60
CA ASP C 125 -22.15 -83.53 -17.92
C ASP C 125 -22.45 -84.29 -16.62
N LEU C 126 -23.72 -84.66 -16.44
CA LEU C 126 -24.15 -85.41 -15.26
C LEU C 126 -23.83 -86.91 -15.36
N ARG C 127 -23.98 -87.47 -16.56
CA ARG C 127 -23.61 -88.87 -16.81
C ARG C 127 -22.12 -89.08 -16.53
N ALA C 128 -21.32 -88.06 -16.83
CA ALA C 128 -19.88 -88.05 -16.54
C ALA C 128 -19.63 -88.27 -15.05
N LEU C 129 -20.34 -87.52 -14.20
CA LEU C 129 -20.25 -87.68 -12.75
C LEU C 129 -20.45 -89.13 -12.34
N MET C 130 -21.56 -89.71 -12.80
CA MET C 130 -21.92 -91.09 -12.50
C MET C 130 -20.87 -92.11 -12.93
N VAL C 131 -20.26 -91.88 -14.10
CA VAL C 131 -19.17 -92.72 -14.60
C VAL C 131 -17.99 -92.68 -13.63
N THR C 132 -17.63 -91.48 -13.19
CA THR C 132 -16.47 -91.25 -12.33
C THR C 132 -16.62 -91.89 -10.95
N ALA C 133 -17.83 -91.81 -10.38
CA ALA C 133 -18.12 -92.43 -9.09
C ALA C 133 -18.04 -93.96 -9.15
N GLN C 134 -18.29 -94.52 -10.34
CA GLN C 134 -18.11 -95.94 -10.58
C GLN C 134 -16.63 -96.27 -10.72
N LEU C 135 -15.89 -95.39 -11.39
CA LEU C 135 -14.44 -95.55 -11.58
C LEU C 135 -13.68 -95.55 -10.25
N MET C 136 -14.09 -94.67 -9.34
CA MET C 136 -13.56 -94.63 -7.97
C MET C 136 -13.87 -95.90 -7.19
N CYS C 137 -15.11 -96.36 -7.35
CA CYS C 137 -15.59 -97.56 -6.70
C CYS C 137 -14.83 -98.79 -7.22
N ASP C 138 -14.53 -98.77 -8.51
CA ASP C 138 -13.79 -99.85 -9.16
C ASP C 138 -12.27 -99.73 -8.96
N ALA C 139 -11.80 -98.50 -8.76
CA ALA C 139 -10.37 -98.21 -8.65
C ALA C 139 -9.64 -99.12 -7.66
N LYS C 140 -8.78 -99.97 -8.20
CA LYS C 140 -8.10 -100.98 -7.39
C LYS C 140 -6.69 -100.56 -6.97
N ARG C 141 -6.13 -101.32 -6.04
CA ARG C 141 -4.75 -101.12 -5.60
C ARG C 141 -3.74 -101.45 -6.69
N LEU C 142 -2.51 -100.97 -6.50
CA LEU C 142 -1.41 -101.24 -7.41
C LEU C 142 -0.93 -102.70 -7.38
N SER C 143 -1.10 -103.36 -6.24
CA SER C 143 -0.81 -104.79 -6.11
C SER C 143 -1.51 -105.59 -7.21
N ASP C 144 -2.80 -105.31 -7.42
CA ASP C 144 -3.60 -105.99 -8.46
C ASP C 144 -3.02 -105.82 -9.86
N GLU C 145 -2.63 -104.59 -10.18
CA GLU C 145 -2.11 -104.27 -11.51
C GLU C 145 -0.60 -104.50 -11.60
N LEU C 152 5.44 -101.23 -17.05
CA LEU C 152 4.39 -100.71 -16.17
C LEU C 152 4.76 -99.36 -15.58
N SER C 153 5.99 -99.24 -15.07
CA SER C 153 6.48 -98.03 -14.39
C SER C 153 6.60 -96.79 -15.29
N ALA C 154 6.43 -97.00 -16.60
CA ALA C 154 6.42 -95.91 -17.57
C ALA C 154 5.00 -95.39 -17.78
N SER C 155 4.03 -96.29 -17.67
CA SER C 155 2.60 -95.97 -17.86
C SER C 155 1.96 -95.32 -16.63
N LEU C 156 2.54 -95.55 -15.45
CA LEU C 156 2.04 -94.99 -14.20
C LEU C 156 2.66 -93.64 -13.86
N HIS C 157 3.53 -93.14 -14.75
CA HIS C 157 4.28 -91.91 -14.49
C HIS C 157 3.38 -90.69 -14.38
N GLY C 158 3.61 -89.88 -13.35
CA GLY C 158 2.84 -88.65 -13.12
C GLY C 158 1.43 -88.84 -12.61
N ARG C 159 1.01 -90.11 -12.43
CA ARG C 159 -0.35 -90.45 -12.00
C ARG C 159 -0.57 -90.39 -10.48
N MET C 160 -1.84 -90.25 -10.11
CA MET C 160 -2.20 -89.96 -8.73
C MET C 160 -2.54 -91.20 -7.95
N VAL C 161 -2.11 -91.21 -6.69
CA VAL C 161 -2.37 -92.33 -5.80
C VAL C 161 -2.66 -91.85 -4.37
N ALA C 162 -3.54 -92.56 -3.68
CA ALA C 162 -3.87 -92.26 -2.28
C ALA C 162 -3.66 -93.48 -1.40
N THR C 163 -3.39 -93.25 -0.12
CA THR C 163 -3.23 -94.34 0.83
C THR C 163 -4.38 -94.34 1.83
N PRO C 164 -5.52 -94.95 1.45
CA PRO C 164 -6.74 -94.97 2.27
C PRO C 164 -6.56 -95.50 3.68
N GLU C 165 -5.55 -96.36 3.86
CA GLU C 165 -5.21 -96.89 5.17
C GLU C 165 -4.46 -95.88 6.04
N ILE C 166 -3.86 -94.87 5.40
CA ILE C 166 -3.11 -93.84 6.12
C ILE C 166 -3.61 -92.45 5.75
N SER C 167 -4.74 -92.04 6.36
CA SER C 167 -5.31 -90.68 6.22
C SER C 167 -5.75 -90.27 4.81
N TRP C 168 -5.70 -91.19 3.87
CA TRP C 168 -5.92 -90.90 2.45
C TRP C 168 -4.94 -89.84 1.95
N SER C 169 -3.69 -89.93 2.39
CA SER C 169 -2.64 -89.03 1.94
C SER C 169 -2.43 -89.20 0.44
N LEU C 170 -2.03 -88.12 -0.23
CA LEU C 170 -1.95 -88.12 -1.68
C LEU C 170 -0.53 -88.08 -2.20
N TYR C 171 -0.21 -89.00 -3.11
CA TYR C 171 1.15 -89.18 -3.64
C TYR C 171 1.13 -89.17 -5.17
N VAL C 172 2.17 -88.59 -5.75
CA VAL C 172 2.36 -88.62 -7.20
C VAL C 172 3.35 -89.72 -7.55
N VAL C 173 2.89 -90.71 -8.31
CA VAL C 173 3.69 -91.87 -8.68
C VAL C 173 4.77 -91.52 -9.70
N LEU C 174 6.02 -91.69 -9.28
CA LEU C 174 7.15 -91.48 -10.17
C LEU C 174 7.43 -92.74 -10.96
N GLY C 175 7.28 -93.90 -10.30
CA GLY C 175 7.52 -95.20 -10.94
C GLY C 175 7.63 -96.35 -9.93
N ILE C 176 8.29 -97.42 -10.35
CA ILE C 176 8.51 -98.58 -9.47
C ILE C 176 10.01 -98.81 -9.25
N ASP C 177 10.37 -99.11 -8.00
CA ASP C 177 11.76 -99.40 -7.64
C ASP C 177 11.94 -100.87 -7.29
N SER C 178 12.53 -101.61 -8.23
CA SER C 178 12.82 -103.03 -8.02
C SER C 178 14.01 -103.25 -7.07
N THR C 179 14.74 -102.19 -6.76
CA THR C 179 15.84 -102.24 -5.79
C THR C 179 15.35 -102.79 -4.47
N GLN C 180 14.17 -102.32 -4.05
CA GLN C 180 13.64 -102.69 -2.74
C GLN C 180 12.19 -103.15 -2.73
N THR C 181 11.79 -103.69 -1.59
CA THR C 181 10.50 -104.31 -1.37
C THR C 181 10.06 -103.94 0.05
N SER C 182 8.81 -104.24 0.39
CA SER C 182 8.30 -104.03 1.73
C SER C 182 9.15 -104.75 2.79
N LEU C 183 9.93 -105.75 2.35
CA LEU C 183 10.82 -106.50 3.23
C LEU C 183 12.24 -105.94 3.30
N SER C 184 12.45 -104.79 2.64
CA SER C 184 13.73 -104.10 2.67
C SER C 184 13.84 -103.13 3.85
N TYR C 185 15.07 -102.92 4.30
CA TYR C 185 15.35 -102.03 5.42
C TYR C 185 15.50 -100.60 4.97
N PHE C 186 15.14 -99.66 5.85
CA PHE C 186 15.46 -98.26 5.70
C PHE C 186 15.87 -97.73 7.07
N THR C 187 16.63 -96.64 7.10
CA THR C 187 17.21 -96.16 8.36
C THR C 187 16.76 -94.76 8.81
N ARG C 188 16.63 -94.62 10.12
CA ARG C 188 16.67 -93.33 10.82
C ARG C 188 17.92 -93.41 11.68
N ALA C 189 18.57 -92.28 11.95
CA ALA C 189 19.82 -92.28 12.74
C ALA C 189 19.83 -93.30 13.90
N ASN C 190 20.77 -94.23 13.85
CA ASN C 190 20.96 -95.28 14.88
C ASN C 190 20.16 -96.58 14.70
N GLU C 191 19.00 -96.47 14.04
CA GLU C 191 18.05 -97.59 13.95
C GLU C 191 17.83 -98.03 12.49
N SER C 192 17.50 -99.31 12.29
CA SER C 192 17.13 -99.83 10.95
C SER C 192 15.96 -100.81 10.98
N ILE C 193 14.87 -100.44 10.30
CA ILE C 193 13.63 -101.21 10.30
C ILE C 193 13.21 -101.59 8.87
N THR C 194 12.58 -102.75 8.72
CA THR C 194 11.94 -103.13 7.47
C THR C 194 10.66 -102.34 7.30
N TYR C 195 10.30 -102.04 6.05
CA TYR C 195 9.06 -101.33 5.76
C TYR C 195 7.86 -102.05 6.35
N MET C 196 7.79 -103.35 6.10
CA MET C 196 6.71 -104.21 6.57
C MET C 196 6.50 -104.12 8.07
N ARG C 197 7.60 -103.94 8.79
CA ARG C 197 7.60 -103.86 10.24
C ARG C 197 7.13 -102.47 10.69
N TYR C 198 7.61 -101.43 10.01
CA TYR C 198 7.22 -100.04 10.28
C TYR C 198 5.71 -99.82 10.28
N TYR C 199 5.04 -100.33 9.25
CA TYR C 199 3.58 -100.24 9.14
C TYR C 199 2.85 -101.07 10.19
N ALA C 200 3.46 -102.17 10.61
CA ALA C 200 2.93 -102.98 11.71
C ALA C 200 3.18 -102.27 13.04
N THR C 201 4.36 -101.66 13.16
CA THR C 201 4.76 -100.92 14.36
C THR C 201 3.94 -99.66 14.54
N ALA C 202 3.88 -98.84 13.49
CA ALA C 202 3.22 -97.54 13.58
C ALA C 202 1.69 -97.60 13.44
N HIS C 203 1.23 -98.15 12.31
CA HIS C 203 -0.19 -98.04 11.91
C HIS C 203 -1.04 -99.30 12.17
N ASN C 204 -0.43 -100.34 12.74
CA ASN C 204 -1.11 -101.63 12.90
C ASN C 204 -1.72 -102.13 11.58
N ILE C 205 -0.95 -101.97 10.49
CA ILE C 205 -1.28 -102.49 9.17
C ILE C 205 -0.34 -103.64 8.82
N HIS C 206 -0.89 -104.84 8.72
CA HIS C 206 -0.09 -106.03 8.45
C HIS C 206 -0.13 -106.35 6.97
N LEU C 207 0.95 -106.01 6.27
CA LEU C 207 1.04 -106.12 4.82
C LEU C 207 0.88 -107.54 4.30
N ARG C 208 -0.09 -107.71 3.41
CA ARG C 208 -0.37 -109.02 2.81
C ARG C 208 0.64 -109.38 1.71
N ALA C 209 0.64 -108.58 0.63
CA ALA C 209 1.54 -108.80 -0.50
C ALA C 209 2.87 -108.06 -0.31
N ALA C 210 3.53 -108.36 0.81
CA ALA C 210 4.74 -107.66 1.24
C ALA C 210 6.01 -107.99 0.43
N ASP C 211 5.86 -108.79 -0.62
CA ASP C 211 7.00 -109.17 -1.45
C ASP C 211 7.02 -108.47 -2.82
N LEU C 212 6.19 -107.44 -2.98
CA LEU C 212 6.11 -106.68 -4.23
C LEU C 212 7.01 -105.43 -4.22
N PRO C 213 7.67 -105.14 -5.37
CA PRO C 213 8.63 -104.04 -5.42
C PRO C 213 7.99 -102.70 -5.10
N LEU C 214 8.59 -101.96 -4.18
CA LEU C 214 8.03 -100.70 -3.68
C LEU C 214 7.84 -99.64 -4.77
N VAL C 215 6.84 -98.79 -4.56
CA VAL C 215 6.51 -97.70 -5.46
C VAL C 215 7.23 -96.42 -5.03
N ALA C 216 8.04 -95.86 -5.92
CA ALA C 216 8.71 -94.58 -5.67
C ALA C 216 7.78 -93.45 -6.07
N ALA C 217 7.35 -92.69 -5.07
CA ALA C 217 6.38 -91.62 -5.28
C ALA C 217 6.65 -90.44 -4.35
N VAL C 218 6.21 -89.25 -4.76
CA VAL C 218 6.35 -88.05 -3.94
C VAL C 218 5.02 -87.68 -3.31
N ARG C 219 5.06 -87.30 -2.03
CA ARG C 219 3.89 -86.80 -1.33
C ARG C 219 3.48 -85.50 -2.02
N LEU C 220 2.17 -85.27 -2.18
CA LEU C 220 1.71 -84.05 -2.83
C LEU C 220 2.07 -82.81 -2.01
N ASP C 221 1.92 -82.92 -0.69
CA ASP C 221 2.34 -81.88 0.25
C ASP C 221 3.76 -81.38 -0.01
N ASP C 222 4.65 -82.30 -0.36
CA ASP C 222 6.07 -81.99 -0.58
C ASP C 222 6.38 -81.54 -2.00
N LEU C 223 5.58 -82.02 -2.97
CA LEU C 223 5.71 -81.55 -4.36
C LEU C 223 4.95 -80.23 -4.50
N LYS C 224 5.52 -79.19 -3.90
CA LYS C 224 4.81 -77.95 -3.66
C LYS C 224 4.46 -77.25 -4.98
N ASP C 225 5.44 -77.19 -5.89
CA ASP C 225 5.22 -76.63 -7.24
C ASP C 225 6.32 -77.12 -8.20
N HIS C 226 7.28 -77.85 -7.64
CA HIS C 226 8.43 -78.39 -8.37
C HIS C 226 7.97 -79.27 -9.54
N GLN C 227 8.79 -79.29 -10.60
CA GLN C 227 8.50 -80.06 -11.81
C GLN C 227 8.59 -81.56 -11.51
N ILE C 228 7.87 -82.36 -12.30
CA ILE C 228 7.98 -83.83 -12.20
C ILE C 228 9.12 -84.29 -13.11
N PRO C 229 10.09 -85.06 -12.53
CA PRO C 229 11.18 -85.62 -13.33
C PRO C 229 10.67 -86.59 -14.41
N ALA C 230 11.59 -87.09 -15.24
CA ALA C 230 11.25 -88.11 -16.23
C ALA C 230 11.42 -89.50 -15.62
N PRO C 231 10.99 -90.57 -16.35
CA PRO C 231 11.29 -91.95 -15.95
C PRO C 231 12.77 -92.19 -15.62
N ASP C 235 16.67 -88.33 -11.29
CA ASP C 235 15.73 -87.73 -10.34
C ASP C 235 16.29 -86.42 -9.77
N ASP C 236 15.59 -85.32 -10.06
CA ASP C 236 15.98 -83.96 -9.64
C ASP C 236 16.16 -83.84 -8.13
N LEU C 237 15.03 -83.72 -7.42
CA LEU C 237 15.04 -83.60 -5.96
C LEU C 237 14.62 -84.92 -5.32
N ALA C 238 15.63 -85.67 -4.85
CA ALA C 238 15.45 -87.00 -4.26
C ALA C 238 15.47 -87.08 -2.71
N PRO C 239 15.85 -85.99 -2.00
CA PRO C 239 15.73 -86.03 -0.53
C PRO C 239 14.27 -86.03 -0.02
N LYS C 240 13.32 -85.76 -0.91
CA LYS C 240 11.89 -85.76 -0.57
C LYS C 240 11.13 -86.97 -1.15
N LEU C 241 11.87 -87.91 -1.73
CA LEU C 241 11.30 -89.09 -2.37
C LEU C 241 10.90 -90.14 -1.33
N ARG C 242 9.75 -90.78 -1.54
CA ARG C 242 9.25 -91.80 -0.62
C ARG C 242 8.85 -93.08 -1.35
N PHE C 243 9.21 -94.21 -0.76
CA PHE C 243 8.87 -95.52 -1.30
C PHE C 243 7.79 -96.14 -0.46
N LEU C 244 6.73 -96.61 -1.11
CA LEU C 244 5.57 -97.13 -0.39
C LEU C 244 4.95 -98.38 -1.03
N PRO C 245 4.50 -99.32 -0.19
CA PRO C 245 3.99 -100.61 -0.65
C PRO C 245 2.82 -100.48 -1.61
N PRO C 246 2.86 -101.23 -2.72
CA PRO C 246 1.84 -101.27 -3.79
C PRO C 246 0.44 -101.60 -3.30
N GLU C 247 0.33 -102.46 -2.29
CA GLU C 247 -0.97 -102.87 -1.76
C GLU C 247 -1.62 -101.83 -0.84
N LEU C 248 -0.91 -100.75 -0.55
CA LEU C 248 -1.46 -99.64 0.23
C LEU C 248 -1.85 -98.46 -0.65
N CYS C 249 -1.59 -98.61 -1.95
CA CYS C 249 -1.77 -97.55 -2.93
C CYS C 249 -3.01 -97.72 -3.78
N LEU C 250 -4.00 -96.85 -3.55
CA LEU C 250 -5.24 -96.84 -4.33
C LEU C 250 -5.12 -95.91 -5.53
N LEU C 251 -4.97 -96.48 -6.72
CA LEU C 251 -4.73 -95.72 -7.95
C LEU C 251 -6.00 -95.01 -8.46
N LEU C 252 -5.98 -93.67 -8.36
CA LEU C 252 -7.10 -92.82 -8.76
C LEU C 252 -7.27 -92.84 -10.27
N PRO C 253 -8.53 -92.91 -10.75
CA PRO C 253 -8.87 -92.88 -12.18
C PRO C 253 -8.18 -91.75 -12.97
N ASP C 254 -8.09 -91.95 -14.28
CA ASP C 254 -7.39 -91.04 -15.19
C ASP C 254 -7.90 -89.60 -15.12
N GLU C 255 -9.11 -89.46 -14.59
CA GLU C 255 -9.77 -88.16 -14.47
C GLU C 255 -9.12 -87.27 -13.40
N PHE C 256 -8.67 -87.88 -12.30
CA PHE C 256 -7.98 -87.16 -11.24
C PHE C 256 -6.47 -87.20 -11.47
N ASP C 257 -5.99 -86.39 -12.41
CA ASP C 257 -4.55 -86.29 -12.62
C ASP C 257 -3.96 -85.24 -11.68
N LEU C 258 -2.67 -84.94 -11.84
CA LEU C 258 -1.96 -84.02 -10.96
C LEU C 258 -2.65 -82.67 -10.79
N ILE C 259 -3.01 -82.05 -11.91
CA ILE C 259 -3.61 -80.71 -11.91
C ILE C 259 -4.91 -80.67 -11.10
N ARG C 260 -5.86 -81.56 -11.43
CA ARG C 260 -7.13 -81.70 -10.72
C ARG C 260 -7.03 -81.85 -9.21
N VAL C 261 -6.19 -82.79 -8.78
CA VAL C 261 -6.05 -83.15 -7.37
C VAL C 261 -5.41 -82.00 -6.58
N GLN C 262 -4.40 -81.36 -7.15
CA GLN C 262 -3.76 -80.22 -6.50
C GLN C 262 -4.71 -79.03 -6.34
N ALA C 263 -5.41 -78.67 -7.41
CA ALA C 263 -6.41 -77.62 -7.37
C ALA C 263 -7.51 -77.92 -6.34
N LEU C 264 -7.79 -79.20 -6.16
CA LEU C 264 -8.82 -79.66 -5.21
C LEU C 264 -8.54 -79.19 -3.77
N GLN C 265 -7.27 -79.18 -3.37
CA GLN C 265 -6.87 -78.70 -2.04
C GLN C 265 -7.30 -77.24 -1.81
N PHE C 266 -7.46 -76.49 -2.91
CA PHE C 266 -7.80 -75.07 -2.83
C PHE C 266 -9.29 -74.84 -2.65
N LEU C 267 -10.11 -75.80 -3.06
CA LEU C 267 -11.56 -75.68 -2.86
C LEU C 267 -11.96 -75.22 -1.44
N PRO C 268 -11.43 -75.86 -0.38
CA PRO C 268 -11.73 -75.37 0.97
C PRO C 268 -11.59 -73.86 1.13
N GLU C 269 -10.57 -73.27 0.51
CA GLU C 269 -10.40 -71.82 0.55
C GLU C 269 -11.54 -71.11 -0.16
N ILE C 270 -11.96 -71.64 -1.30
CA ILE C 270 -13.11 -71.08 -2.03
C ILE C 270 -14.38 -71.12 -1.16
N ALA C 271 -14.49 -72.13 -0.30
CA ALA C 271 -15.62 -72.24 0.61
C ALA C 271 -15.53 -71.21 1.73
N LYS C 272 -14.30 -70.96 2.19
CA LYS C 272 -13.99 -69.96 3.22
C LYS C 272 -14.21 -68.57 2.66
N HIS C 273 -13.80 -68.38 1.41
CA HIS C 273 -14.00 -67.15 0.70
C HIS C 273 -15.49 -66.78 0.63
N ILE C 274 -16.32 -67.73 0.22
CA ILE C 274 -17.77 -67.51 0.10
C ILE C 274 -18.43 -67.35 1.48
N CYS C 275 -17.86 -68.00 2.48
CA CYS C 275 -18.33 -67.80 3.84
C CYS C 275 -18.00 -66.36 4.27
N ASP C 276 -16.77 -65.94 4.00
CA ASP C 276 -16.29 -64.60 4.33
C ASP C 276 -17.17 -63.53 3.68
N ILE C 277 -17.34 -63.63 2.36
CA ILE C 277 -18.19 -62.71 1.62
C ILE C 277 -19.50 -62.55 2.36
N GLN C 278 -20.26 -63.64 2.49
CA GLN C 278 -21.58 -63.63 3.11
C GLN C 278 -21.64 -63.04 4.51
N ASN C 279 -20.55 -63.22 5.27
CA ASN C 279 -20.46 -62.69 6.62
C ASN C 279 -20.32 -61.17 6.59
N THR C 280 -19.23 -60.72 5.95
CA THR C 280 -18.94 -59.30 5.74
C THR C 280 -20.20 -58.51 5.36
N ILE C 281 -20.99 -59.08 4.44
CA ILE C 281 -22.25 -58.49 4.01
C ILE C 281 -23.27 -58.35 5.12
N CYS C 282 -23.69 -59.44 5.75
CA CYS C 282 -24.62 -59.32 6.87
C CYS C 282 -23.87 -59.02 8.17
N ALA C 283 -22.97 -58.03 8.09
CA ALA C 283 -22.22 -57.52 9.22
C ALA C 283 -21.91 -56.05 9.01
N LEU C 284 -21.90 -55.60 7.76
CA LEU C 284 -21.52 -54.23 7.47
C LEU C 284 -22.37 -53.53 6.43
N ASP C 285 -23.08 -54.29 5.61
CA ASP C 285 -23.87 -53.70 4.51
C ASP C 285 -24.71 -52.51 4.99
N LYS C 286 -25.35 -52.67 6.15
CA LYS C 286 -26.20 -51.62 6.70
C LYS C 286 -25.41 -50.47 7.33
N SER C 287 -24.12 -50.70 7.62
CA SER C 287 -23.27 -49.70 8.27
C SER C 287 -22.30 -49.02 7.31
N PHE C 288 -22.24 -49.49 6.07
CA PHE C 288 -21.41 -48.86 5.05
C PHE C 288 -22.30 -48.31 3.92
N PRO C 289 -22.16 -47.00 3.62
CA PRO C 289 -22.96 -46.30 2.61
C PRO C 289 -23.34 -47.19 1.43
N ASP C 290 -24.65 -47.29 1.18
CA ASP C 290 -25.19 -48.15 0.13
C ASP C 290 -24.82 -47.67 -1.28
N CYS C 291 -24.21 -48.56 -2.05
CA CYS C 291 -23.86 -48.27 -3.43
C CYS C 291 -24.76 -49.01 -4.40
N GLY C 292 -25.41 -50.08 -3.90
CA GLY C 292 -26.33 -50.87 -4.71
C GLY C 292 -25.80 -52.21 -5.18
N ARG C 293 -24.51 -52.45 -4.93
CA ARG C 293 -23.92 -53.73 -5.28
C ARG C 293 -24.42 -54.79 -4.32
N ILE C 294 -24.47 -56.03 -4.80
CA ILE C 294 -24.79 -57.18 -3.94
C ILE C 294 -23.67 -58.23 -3.92
N GLY C 295 -23.66 -59.02 -2.84
CA GLY C 295 -22.79 -60.19 -2.72
C GLY C 295 -21.29 -59.95 -2.86
N GLY C 296 -20.64 -60.77 -3.69
CA GLY C 296 -19.22 -60.65 -3.95
C GLY C 296 -18.73 -59.22 -4.13
N GLU C 297 -19.29 -58.52 -5.11
CA GLU C 297 -18.91 -57.14 -5.38
C GLU C 297 -19.11 -56.27 -4.14
N ARG C 298 -20.27 -56.40 -3.49
CA ARG C 298 -20.56 -55.63 -2.28
C ARG C 298 -19.54 -55.94 -1.20
N TYR C 299 -19.05 -57.17 -1.14
CA TYR C 299 -17.98 -57.54 -0.22
C TYR C 299 -16.73 -56.74 -0.58
N PHE C 300 -16.28 -56.85 -1.83
CA PHE C 300 -15.05 -56.22 -2.28
C PHE C 300 -15.08 -54.70 -2.14
N ALA C 301 -16.25 -54.11 -2.40
CA ALA C 301 -16.46 -52.68 -2.22
C ALA C 301 -16.22 -52.26 -0.77
N ILE C 302 -16.78 -53.04 0.16
CA ILE C 302 -16.61 -52.80 1.60
C ILE C 302 -15.18 -53.10 2.04
N THR C 303 -14.59 -54.14 1.45
CA THR C 303 -13.19 -54.47 1.70
C THR C 303 -12.33 -53.26 1.32
N ALA C 304 -12.51 -52.79 0.09
CA ALA C 304 -11.71 -51.69 -0.43
C ALA C 304 -11.99 -50.43 0.35
N GLY C 305 -13.21 -50.32 0.88
CA GLY C 305 -13.61 -49.16 1.65
C GLY C 305 -13.07 -49.10 3.07
N LEU C 306 -12.93 -50.25 3.72
CA LEU C 306 -12.57 -50.26 5.14
C LEU C 306 -11.28 -50.98 5.48
N ARG C 307 -10.80 -51.86 4.61
CA ARG C 307 -9.50 -52.51 4.83
C ARG C 307 -8.43 -51.61 4.24
N LEU C 308 -7.90 -50.70 5.07
CA LEU C 308 -7.07 -49.61 4.57
C LEU C 308 -5.58 -49.97 4.44
N ASP C 309 -5.16 -50.95 5.24
CA ASP C 309 -3.85 -51.56 5.08
C ASP C 309 -3.97 -52.68 4.06
N GLN C 310 -2.85 -53.24 3.62
CA GLN C 310 -2.88 -54.49 2.88
C GLN C 310 -2.59 -55.60 3.89
N GLY C 311 -2.64 -56.86 3.44
CA GLY C 311 -2.47 -58.02 4.34
C GLY C 311 -1.24 -58.03 5.23
N ARG C 312 -1.11 -59.09 6.04
CA ARG C 312 0.07 -59.27 6.87
C ARG C 312 0.80 -60.56 6.52
N GLY C 313 1.59 -60.51 5.44
CA GLY C 313 2.38 -61.66 4.98
C GLY C 313 1.54 -62.77 4.35
N ARG C 314 0.91 -63.57 5.22
CA ARG C 314 0.04 -64.68 4.81
C ARG C 314 -1.08 -64.22 3.87
N GLY C 315 -1.64 -63.05 4.16
CA GLY C 315 -2.72 -62.47 3.35
C GLY C 315 -3.66 -61.57 4.11
N LEU C 316 -4.58 -60.96 3.36
CA LEU C 316 -5.55 -60.02 3.93
C LEU C 316 -6.55 -60.74 4.83
N ALA C 317 -7.20 -61.75 4.29
CA ALA C 317 -8.11 -62.60 5.06
C ALA C 317 -7.52 -64.02 5.10
N GLY C 318 -7.02 -64.39 6.28
CA GLY C 318 -6.29 -65.64 6.43
C GLY C 318 -5.21 -65.74 5.38
N TRP C 319 -5.29 -66.78 4.55
CA TRP C 319 -4.26 -67.06 3.57
C TRP C 319 -4.59 -66.49 2.19
N ARG C 320 -5.76 -65.89 2.07
CA ARG C 320 -6.19 -65.37 0.78
C ARG C 320 -6.26 -63.84 0.74
N THR C 321 -6.01 -63.29 -0.44
CA THR C 321 -6.00 -61.87 -0.69
C THR C 321 -6.88 -61.56 -1.91
N PRO C 322 -8.06 -60.95 -1.71
CA PRO C 322 -8.96 -60.66 -2.84
C PRO C 322 -8.37 -59.66 -3.82
N PHE C 323 -8.82 -59.73 -5.06
CA PHE C 323 -8.42 -58.77 -6.08
C PHE C 323 -9.59 -58.42 -6.98
N GLY C 324 -9.68 -57.15 -7.37
CA GLY C 324 -10.69 -56.69 -8.33
C GLY C 324 -10.43 -57.19 -9.74
N PRO C 325 -11.18 -56.66 -10.73
CA PRO C 325 -10.95 -57.11 -12.11
C PRO C 325 -9.64 -56.52 -12.64
N PHE C 326 -9.11 -57.13 -13.71
CA PHE C 326 -7.78 -56.84 -14.23
C PHE C 326 -6.71 -56.98 -13.14
N GLY C 327 -7.05 -57.78 -12.13
CA GLY C 327 -6.13 -58.16 -11.07
C GLY C 327 -5.61 -57.00 -10.26
N VAL C 328 -6.53 -56.11 -9.88
CA VAL C 328 -6.16 -54.89 -9.15
C VAL C 328 -6.25 -55.11 -7.64
N SER C 329 -5.27 -54.57 -6.91
CA SER C 329 -5.24 -54.65 -5.47
C SER C 329 -6.43 -53.91 -4.88
N HIS C 330 -6.93 -54.38 -3.74
CA HIS C 330 -8.04 -53.72 -3.06
C HIS C 330 -7.65 -52.33 -2.55
N THR C 331 -6.36 -52.17 -2.26
CA THR C 331 -5.79 -50.89 -1.88
C THR C 331 -5.77 -49.95 -3.06
N ASP C 332 -5.29 -50.44 -4.22
CA ASP C 332 -5.27 -49.65 -5.45
C ASP C 332 -6.68 -49.20 -5.81
N VAL C 333 -7.64 -50.09 -5.65
CA VAL C 333 -9.02 -49.73 -5.96
C VAL C 333 -9.41 -48.51 -5.12
N PHE C 334 -9.20 -48.57 -3.81
CA PHE C 334 -9.48 -47.42 -2.94
C PHE C 334 -8.74 -46.16 -3.39
N GLN C 335 -7.48 -46.34 -3.80
CA GLN C 335 -6.62 -45.25 -4.26
C GLN C 335 -7.22 -44.60 -5.50
N ARG C 336 -7.72 -45.41 -6.45
CA ARG C 336 -8.25 -44.83 -7.67
C ARG C 336 -9.72 -44.41 -7.60
N LEU C 337 -10.48 -45.03 -6.70
CA LEU C 337 -11.88 -44.65 -6.48
C LEU C 337 -11.96 -43.31 -5.76
N GLU C 338 -10.97 -43.06 -4.91
CA GLU C 338 -10.86 -41.79 -4.19
C GLU C 338 -10.68 -40.69 -5.21
N LEU C 339 -9.63 -40.82 -6.03
CA LEU C 339 -9.32 -39.87 -7.09
C LEU C 339 -10.52 -39.52 -7.97
N LEU C 340 -11.29 -40.55 -8.31
CA LEU C 340 -12.44 -40.40 -9.18
C LEU C 340 -13.60 -39.71 -8.46
N GLY C 341 -13.97 -40.24 -7.30
CA GLY C 341 -15.08 -39.70 -6.52
C GLY C 341 -14.80 -38.29 -6.06
N ASP C 342 -13.51 -37.99 -5.91
CA ASP C 342 -12.99 -36.65 -5.64
C ASP C 342 -13.35 -35.70 -6.78
N ALA C 343 -13.29 -36.20 -8.03
CA ALA C 343 -13.62 -35.40 -9.21
C ALA C 343 -15.13 -35.20 -9.40
N VAL C 344 -15.93 -36.21 -9.05
CA VAL C 344 -17.39 -36.10 -9.18
C VAL C 344 -18.03 -35.45 -7.96
N LEU C 345 -17.29 -35.31 -6.86
CA LEU C 345 -17.78 -34.53 -5.74
C LEU C 345 -17.64 -33.07 -6.11
N GLY C 346 -16.50 -32.73 -6.72
CA GLY C 346 -16.25 -31.39 -7.22
C GLY C 346 -17.28 -30.92 -8.23
N PHE C 347 -17.62 -31.79 -9.18
CA PHE C 347 -18.60 -31.45 -10.20
C PHE C 347 -20.02 -31.27 -9.65
N ILE C 348 -20.53 -32.27 -8.93
CA ILE C 348 -21.86 -32.18 -8.33
C ILE C 348 -21.98 -30.95 -7.45
N VAL C 349 -20.99 -30.72 -6.60
CA VAL C 349 -21.00 -29.57 -5.69
C VAL C 349 -21.02 -28.27 -6.48
N THR C 350 -20.19 -28.15 -7.51
CA THR C 350 -20.16 -26.91 -8.30
C THR C 350 -21.50 -26.61 -8.94
N ALA C 351 -22.08 -27.60 -9.60
CA ALA C 351 -23.32 -27.42 -10.37
C ALA C 351 -24.50 -27.07 -9.49
N ARG C 352 -24.54 -27.64 -8.30
CA ARG C 352 -25.62 -27.37 -7.39
C ARG C 352 -25.48 -26.00 -6.73
N LEU C 353 -24.27 -25.67 -6.31
CA LEU C 353 -23.98 -24.36 -5.74
C LEU C 353 -24.28 -23.26 -6.73
N LEU C 354 -23.97 -23.52 -8.00
CA LEU C 354 -24.25 -22.62 -9.10
C LEU C 354 -25.72 -22.22 -9.14
N CYS C 355 -26.58 -23.12 -8.68
CA CYS C 355 -28.02 -22.91 -8.71
C CYS C 355 -28.61 -22.47 -7.38
N LEU C 356 -28.11 -23.03 -6.28
CA LEU C 356 -28.57 -22.63 -4.95
C LEU C 356 -28.23 -21.18 -4.67
N PHE C 357 -27.07 -20.74 -5.15
CA PHE C 357 -26.66 -19.34 -5.08
C PHE C 357 -26.48 -18.77 -6.49
N PRO C 358 -27.60 -18.45 -7.16
CA PRO C 358 -27.61 -18.13 -8.58
C PRO C 358 -26.99 -16.79 -8.89
N ASP C 359 -26.83 -15.95 -7.87
CA ASP C 359 -26.34 -14.58 -8.04
C ASP C 359 -24.86 -14.48 -7.75
N ALA C 360 -24.38 -15.35 -6.86
CA ALA C 360 -22.98 -15.39 -6.43
C ALA C 360 -21.96 -15.24 -7.57
N SER C 361 -20.85 -14.56 -7.29
CA SER C 361 -19.75 -14.43 -8.24
C SER C 361 -19.03 -15.76 -8.36
N VAL C 362 -18.29 -15.95 -9.45
CA VAL C 362 -17.44 -17.14 -9.60
C VAL C 362 -16.45 -17.17 -8.45
N GLY C 363 -16.00 -15.98 -8.07
CA GLY C 363 -15.12 -15.80 -6.92
C GLY C 363 -15.60 -16.57 -5.70
N THR C 364 -16.72 -16.15 -5.14
CA THR C 364 -17.23 -16.76 -3.91
C THR C 364 -17.78 -18.18 -4.09
N LEU C 365 -18.18 -18.52 -5.31
CA LEU C 365 -18.66 -19.87 -5.60
C LEU C 365 -17.58 -20.88 -5.27
N VAL C 366 -16.40 -20.70 -5.87
CA VAL C 366 -15.22 -21.53 -5.57
C VAL C 366 -14.99 -21.55 -4.05
N GLU C 367 -14.93 -20.37 -3.44
CA GLU C 367 -14.77 -20.22 -2.00
C GLU C 367 -15.76 -21.13 -1.25
N LEU C 368 -17.02 -21.12 -1.67
CA LEU C 368 -18.04 -21.96 -1.04
C LEU C 368 -17.90 -23.45 -1.35
N LYS C 369 -17.51 -23.80 -2.57
CA LYS C 369 -17.25 -25.19 -2.92
C LYS C 369 -16.19 -25.70 -1.95
N MET C 370 -15.05 -25.00 -1.91
CA MET C 370 -13.91 -25.41 -1.09
C MET C 370 -14.27 -25.54 0.37
N GLU C 371 -15.42 -25.02 0.74
CA GLU C 371 -15.84 -25.02 2.12
C GLU C 371 -16.61 -26.30 2.41
N LEU C 372 -17.07 -26.98 1.36
CA LEU C 372 -17.81 -28.24 1.51
C LEU C 372 -16.97 -29.46 1.10
N VAL C 373 -15.94 -29.23 0.29
CA VAL C 373 -15.06 -30.31 -0.15
C VAL C 373 -13.77 -30.32 0.68
N ARG C 374 -13.58 -29.23 1.43
CA ARG C 374 -12.46 -29.04 2.33
C ARG C 374 -12.26 -30.28 3.19
N ASN C 375 -11.00 -30.66 3.39
CA ASN C 375 -10.63 -31.80 4.23
C ASN C 375 -11.26 -31.66 5.60
N GLU C 376 -10.97 -30.56 6.28
CA GLU C 376 -11.59 -30.23 7.56
C GLU C 376 -13.06 -30.67 7.61
N ALA C 377 -13.79 -30.43 6.52
CA ALA C 377 -15.23 -30.68 6.44
C ALA C 377 -15.59 -32.15 6.19
N LEU C 378 -14.99 -32.76 5.17
CA LEU C 378 -15.27 -34.17 4.86
C LEU C 378 -14.87 -35.02 6.04
N ASN C 379 -13.76 -34.66 6.65
CA ASN C 379 -13.27 -35.36 7.83
C ASN C 379 -14.31 -35.47 8.94
N TYR C 380 -15.18 -34.47 9.02
CA TYR C 380 -16.22 -34.47 10.04
C TYR C 380 -17.43 -35.28 9.58
N LEU C 381 -17.70 -35.28 8.28
CA LEU C 381 -18.77 -36.07 7.71
C LEU C 381 -18.48 -37.57 7.87
N VAL C 382 -17.21 -37.94 7.74
CA VAL C 382 -16.76 -39.32 7.92
C VAL C 382 -16.94 -39.76 9.38
N GLN C 383 -16.74 -38.83 10.31
CA GLN C 383 -16.98 -39.07 11.73
C GLN C 383 -18.46 -39.35 12.00
N THR C 384 -19.34 -38.55 11.40
CA THR C 384 -20.78 -38.71 11.62
C THR C 384 -21.29 -39.99 10.98
N LEU C 385 -20.71 -40.37 9.84
CA LEU C 385 -21.06 -41.62 9.17
C LEU C 385 -20.62 -42.82 9.99
N GLY C 386 -19.76 -42.59 10.98
CA GLY C 386 -19.26 -43.63 11.86
C GLY C 386 -18.30 -44.61 11.21
N LEU C 387 -17.56 -44.15 10.20
CA LEU C 387 -16.65 -45.02 9.46
C LEU C 387 -15.30 -45.32 10.12
N PRO C 388 -14.75 -44.40 10.92
CA PRO C 388 -13.48 -44.69 11.60
C PRO C 388 -13.52 -45.94 12.47
N GLN C 389 -14.62 -46.13 13.20
CA GLN C 389 -14.76 -47.25 14.13
C GLN C 389 -14.61 -48.59 13.38
N LEU C 390 -15.13 -48.63 12.16
CA LEU C 390 -15.12 -49.85 11.34
C LEU C 390 -13.82 -50.03 10.56
N ALA C 391 -13.15 -48.92 10.26
CA ALA C 391 -11.92 -48.91 9.47
C ALA C 391 -10.78 -49.66 10.14
N GLU C 392 -10.09 -50.47 9.35
CA GLU C 392 -9.03 -51.35 9.85
C GLU C 392 -7.67 -51.06 9.18
N PHE C 393 -6.61 -51.10 9.99
CA PHE C 393 -5.24 -50.84 9.54
C PHE C 393 -4.26 -51.02 10.71
N SER C 394 -2.96 -50.89 10.42
CA SER C 394 -1.94 -50.89 11.48
C SER C 394 -0.91 -49.76 11.31
N LYS C 400 0.64 -42.61 5.60
CA LYS C 400 0.96 -41.42 6.40
C LYS C 400 0.22 -40.19 5.86
N SER C 401 -0.07 -40.21 4.56
CA SER C 401 -0.73 -39.10 3.89
C SER C 401 -2.22 -39.38 3.67
N LYS C 402 -2.68 -40.56 4.06
CA LYS C 402 -4.08 -40.90 4.00
C LYS C 402 -4.79 -40.11 5.10
N THR C 403 -6.05 -39.79 4.89
CA THR C 403 -6.85 -39.06 5.88
C THR C 403 -8.24 -39.67 5.96
N TRP C 404 -8.86 -39.52 7.13
CA TRP C 404 -10.26 -39.88 7.33
C TRP C 404 -11.13 -39.29 6.21
N ALA C 405 -10.79 -38.08 5.79
CA ALA C 405 -11.47 -37.39 4.69
C ALA C 405 -11.47 -38.17 3.38
N ASP C 406 -10.36 -38.88 3.10
CA ASP C 406 -10.20 -39.64 1.86
C ASP C 406 -11.27 -40.71 1.70
N MET C 407 -11.76 -41.22 2.83
CA MET C 407 -12.82 -42.22 2.83
C MET C 407 -14.13 -41.69 2.24
N TYR C 408 -14.37 -40.40 2.41
CA TYR C 408 -15.57 -39.79 1.86
C TYR C 408 -15.52 -39.76 0.34
N GLU C 409 -14.42 -39.25 -0.20
CA GLU C 409 -14.22 -39.22 -1.65
C GLU C 409 -14.35 -40.63 -2.25
N GLU C 410 -13.67 -41.59 -1.63
CA GLU C 410 -13.70 -42.97 -2.10
C GLU C 410 -15.12 -43.54 -2.24
N ILE C 411 -15.94 -43.31 -1.21
CA ILE C 411 -17.33 -43.76 -1.24
C ILE C 411 -18.08 -43.14 -2.42
N VAL C 412 -17.92 -41.83 -2.60
CA VAL C 412 -18.59 -41.13 -3.70
C VAL C 412 -18.20 -41.76 -5.03
N GLY C 413 -16.95 -42.22 -5.11
CA GLY C 413 -16.44 -42.93 -6.27
C GLY C 413 -16.98 -44.34 -6.36
N SER C 414 -17.10 -44.99 -5.20
CA SER C 414 -17.64 -46.33 -5.13
C SER C 414 -19.10 -46.32 -5.60
N ILE C 415 -19.89 -45.34 -5.15
CA ILE C 415 -21.29 -45.23 -5.54
C ILE C 415 -21.43 -44.93 -7.03
N PHE C 416 -20.54 -44.08 -7.54
CA PHE C 416 -20.55 -43.64 -8.95
C PHE C 416 -20.29 -44.77 -9.93
N THR C 417 -19.27 -45.58 -9.64
CA THR C 417 -18.90 -46.71 -10.49
C THR C 417 -19.85 -47.89 -10.34
N GLY C 418 -20.82 -47.74 -9.44
CA GLY C 418 -21.79 -48.80 -9.14
C GLY C 418 -23.12 -48.59 -9.85
N PRO C 419 -24.03 -49.59 -9.73
CA PRO C 419 -25.34 -49.61 -10.38
C PRO C 419 -26.22 -48.40 -10.13
N ASN C 420 -25.98 -47.64 -9.05
CA ASN C 420 -26.83 -46.48 -8.72
C ASN C 420 -26.49 -45.18 -9.49
N GLY C 421 -25.31 -45.17 -10.10
CA GLY C 421 -24.87 -44.09 -10.99
C GLY C 421 -24.62 -42.79 -10.27
N ILE C 422 -24.77 -41.70 -11.01
CA ILE C 422 -24.63 -40.35 -10.46
C ILE C 422 -25.83 -39.99 -9.56
N TYR C 423 -26.97 -40.67 -9.77
CA TYR C 423 -28.14 -40.53 -8.91
C TYR C 423 -27.78 -40.86 -7.47
N GLY C 424 -27.02 -41.93 -7.29
CA GLY C 424 -26.58 -42.37 -5.97
C GLY C 424 -25.71 -41.35 -5.27
N CYS C 425 -24.77 -40.77 -6.03
CA CYS C 425 -23.88 -39.75 -5.48
C CYS C 425 -24.65 -38.51 -5.04
N GLU C 426 -25.48 -38.00 -5.94
CA GLU C 426 -26.37 -36.88 -5.62
C GLU C 426 -27.14 -37.19 -4.36
N GLU C 427 -27.70 -38.40 -4.31
CA GLU C 427 -28.48 -38.86 -3.16
C GLU C 427 -27.61 -38.92 -1.90
N PHE C 428 -26.37 -39.37 -2.06
CA PHE C 428 -25.45 -39.52 -0.94
C PHE C 428 -25.07 -38.18 -0.36
N LEU C 429 -24.65 -37.27 -1.25
CA LEU C 429 -24.22 -35.95 -0.85
C LEU C 429 -25.31 -35.19 -0.13
N ALA C 430 -26.54 -35.28 -0.64
CA ALA C 430 -27.67 -34.58 -0.05
C ALA C 430 -28.04 -35.07 1.35
N LYS C 431 -27.79 -36.37 1.62
CA LYS C 431 -27.98 -36.98 2.95
C LYS C 431 -26.92 -36.53 3.96
N THR C 432 -25.73 -36.21 3.47
CA THR C 432 -24.58 -35.98 4.34
C THR C 432 -24.21 -34.51 4.51
N LEU C 433 -24.19 -33.76 3.41
CA LEU C 433 -23.84 -32.33 3.44
C LEU C 433 -24.85 -31.53 4.23
N MET C 434 -26.13 -31.82 4.05
CA MET C 434 -27.21 -31.19 4.80
C MET C 434 -27.78 -32.17 5.81
N SER C 435 -27.82 -31.76 7.07
CA SER C 435 -28.35 -32.60 8.15
C SER C 435 -28.74 -31.77 9.36
N PRO C 436 -29.88 -32.09 10.00
CA PRO C 436 -30.21 -31.44 11.26
C PRO C 436 -29.10 -31.59 12.31
N GLU C 437 -28.32 -32.66 12.20
CA GLU C 437 -27.25 -32.97 13.13
C GLU C 437 -26.12 -31.93 13.14
N HIS C 438 -26.16 -31.00 12.18
CA HIS C 438 -25.10 -30.01 12.01
C HIS C 438 -25.31 -28.69 12.77
N SER C 439 -26.20 -28.72 13.77
CA SER C 439 -26.44 -27.57 14.60
C SER C 439 -26.71 -27.98 16.06
N LYS C 440 -26.71 -26.98 16.95
CA LYS C 440 -27.02 -27.18 18.37
C LYS C 440 -28.33 -26.49 18.77
N THR C 441 -28.92 -26.93 19.89
CA THR C 441 -30.16 -26.31 20.42
C THR C 441 -30.12 -26.20 21.96
N ALA C 445 -34.86 -24.30 24.76
CA ALA C 445 -36.27 -24.14 24.38
C ALA C 445 -36.45 -22.95 23.44
N CYS C 446 -37.44 -23.05 22.55
CA CYS C 446 -37.75 -21.98 21.60
C CYS C 446 -39.09 -21.33 21.94
N PRO C 447 -39.29 -20.05 21.56
CA PRO C 447 -40.55 -19.35 21.79
C PRO C 447 -41.80 -20.10 21.33
N ASP C 448 -42.95 -19.69 21.87
CA ASP C 448 -44.23 -20.37 21.68
C ASP C 448 -44.74 -20.33 20.24
N ALA C 449 -44.81 -19.11 19.68
CA ALA C 449 -45.32 -18.86 18.32
C ALA C 449 -44.64 -19.70 17.25
N VAL C 450 -43.44 -20.18 17.56
CA VAL C 450 -42.62 -20.94 16.63
C VAL C 450 -42.96 -22.44 16.62
N THR C 451 -43.31 -22.99 17.78
CA THR C 451 -43.70 -24.40 17.90
C THR C 451 -45.03 -24.69 17.18
N LYS C 452 -45.92 -23.69 17.18
CA LYS C 452 -47.21 -23.78 16.47
C LYS C 452 -47.03 -23.85 14.94
N ALA C 453 -46.24 -22.90 14.40
CA ALA C 453 -45.92 -22.87 12.97
C ALA C 453 -45.25 -24.16 12.51
N SER C 454 -44.37 -24.69 13.36
CA SER C 454 -43.70 -25.97 13.11
C SER C 454 -44.70 -27.10 12.82
N LYS C 455 -45.64 -27.31 13.74
CA LYS C 455 -46.69 -28.32 13.59
C LYS C 455 -47.54 -28.10 12.35
N ARG C 456 -47.83 -26.83 12.05
CA ARG C 456 -48.61 -26.45 10.89
C ARG C 456 -47.94 -26.84 9.57
N VAL C 457 -46.61 -26.68 9.50
CA VAL C 457 -45.85 -27.05 8.30
C VAL C 457 -45.87 -28.57 8.10
N CYS C 458 -45.75 -29.30 9.22
CA CYS C 458 -45.80 -30.77 9.21
C CYS C 458 -47.01 -31.34 8.50
N MET C 459 -48.20 -30.91 8.93
CA MET C 459 -49.44 -31.47 8.40
C MET C 459 -50.06 -30.65 7.26
N GLY C 460 -49.20 -30.04 6.45
CA GLY C 460 -49.63 -29.36 5.22
C GLY C 460 -50.40 -28.06 5.36
N GLU C 461 -51.07 -27.89 6.50
CA GLU C 461 -51.86 -26.68 6.78
C GLU C 461 -50.99 -25.42 6.84
N ALA C 462 -49.71 -25.58 6.51
CA ALA C 462 -48.73 -24.52 6.49
C ALA C 462 -49.02 -23.50 5.39
N GLY C 463 -48.92 -22.21 5.75
CA GLY C 463 -49.15 -21.12 4.81
C GLY C 463 -47.90 -20.30 4.58
N ALA C 464 -48.09 -19.12 3.99
CA ALA C 464 -46.99 -18.25 3.60
C ALA C 464 -46.15 -17.75 4.79
N HIS C 465 -46.80 -17.08 5.74
CA HIS C 465 -46.07 -16.47 6.86
C HIS C 465 -45.67 -17.47 7.96
N GLU C 466 -46.33 -18.63 7.99
CA GLU C 466 -45.91 -19.72 8.89
C GLU C 466 -44.45 -20.05 8.61
N PHE C 467 -44.11 -20.14 7.33
CA PHE C 467 -42.73 -20.33 6.88
C PHE C 467 -41.87 -19.12 7.23
N ARG C 468 -42.31 -17.94 6.83
CA ARG C 468 -41.54 -16.72 7.07
C ARG C 468 -41.08 -16.64 8.52
N SER C 469 -41.96 -17.04 9.44
CA SER C 469 -41.64 -17.06 10.87
C SER C 469 -40.47 -17.98 11.17
N LEU C 470 -40.64 -19.26 10.85
CA LEU C 470 -39.60 -20.28 11.06
C LEU C 470 -38.30 -19.85 10.41
N VAL C 471 -38.39 -19.39 9.16
CA VAL C 471 -37.24 -18.81 8.47
C VAL C 471 -36.62 -17.72 9.33
N ASP C 472 -37.41 -16.69 9.65
CA ASP C 472 -36.94 -15.54 10.42
C ASP C 472 -36.39 -15.93 11.77
N TYR C 473 -37.01 -16.92 12.40
CA TYR C 473 -36.56 -17.43 13.69
C TYR C 473 -35.18 -18.08 13.60
N ALA C 474 -35.04 -19.02 12.66
CA ALA C 474 -33.79 -19.72 12.44
C ALA C 474 -32.72 -18.73 12.01
N CYS C 475 -33.09 -17.91 11.02
CA CYS C 475 -32.24 -16.90 10.44
C CYS C 475 -31.57 -16.02 11.49
N GLU C 476 -32.17 -15.95 12.68
CA GLU C 476 -31.62 -15.14 13.76
C GLU C 476 -31.03 -15.97 14.90
N GLN C 477 -31.61 -17.13 15.15
CA GLN C 477 -31.02 -18.09 16.09
C GLN C 477 -29.76 -18.75 15.49
N GLY C 478 -29.43 -18.36 14.26
CA GLY C 478 -28.23 -18.87 13.58
C GLY C 478 -28.22 -20.37 13.43
N ILE C 479 -29.21 -20.89 12.70
CA ILE C 479 -29.37 -22.33 12.47
C ILE C 479 -28.57 -22.74 11.25
N SER C 480 -27.70 -23.72 11.44
CA SER C 480 -26.82 -24.18 10.38
C SER C 480 -27.12 -25.62 10.01
N VAL C 481 -27.62 -25.81 8.79
CA VAL C 481 -27.99 -27.13 8.29
C VAL C 481 -26.95 -27.71 7.32
N PHE C 482 -25.91 -26.92 7.04
CA PHE C 482 -24.78 -27.40 6.26
C PHE C 482 -23.61 -27.67 7.19
N CYS C 483 -22.69 -28.50 6.73
CA CYS C 483 -21.48 -28.83 7.46
C CYS C 483 -20.45 -27.70 7.38
N SER C 484 -20.93 -26.49 7.13
CA SER C 484 -20.08 -25.31 7.02
C SER C 484 -20.75 -24.06 7.59
N SER C 485 -20.12 -23.45 8.58
CA SER C 485 -20.65 -22.23 9.19
C SER C 485 -20.96 -21.13 8.18
N ARG C 486 -20.17 -21.04 7.12
CA ARG C 486 -20.44 -20.02 6.10
C ARG C 486 -21.59 -20.38 5.19
N VAL C 487 -21.54 -21.54 4.53
CA VAL C 487 -22.60 -21.92 3.59
C VAL C 487 -23.97 -21.96 4.26
N SER C 488 -24.00 -22.36 5.54
CA SER C 488 -25.24 -22.35 6.34
C SER C 488 -25.81 -20.93 6.46
N THR C 489 -24.98 -20.00 6.91
CA THR C 489 -25.32 -18.58 6.94
C THR C 489 -25.84 -18.11 5.57
N MET C 490 -25.08 -18.39 4.52
CA MET C 490 -25.41 -17.92 3.19
C MET C 490 -26.69 -18.54 2.67
N PHE C 491 -26.95 -19.78 3.09
CA PHE C 491 -28.20 -20.44 2.77
C PHE C 491 -29.35 -19.71 3.44
N LEU C 492 -29.18 -19.39 4.72
CA LEU C 492 -30.21 -18.66 5.44
C LEU C 492 -30.60 -17.38 4.70
N GLU C 493 -29.60 -16.59 4.30
CA GLU C 493 -29.85 -15.35 3.54
C GLU C 493 -30.44 -15.60 2.12
N ARG C 494 -30.16 -16.77 1.55
CA ARG C 494 -30.78 -17.17 0.28
C ARG C 494 -32.26 -17.51 0.43
N LEU C 495 -32.62 -18.12 1.57
CA LEU C 495 -34.03 -18.42 1.88
C LEU C 495 -34.89 -17.16 1.96
N ARG C 496 -34.32 -16.09 2.52
CA ARG C 496 -34.97 -14.79 2.63
C ARG C 496 -35.46 -14.28 1.26
N ASP C 497 -34.55 -14.31 0.28
CA ASP C 497 -34.83 -13.81 -1.06
C ASP C 497 -35.88 -14.63 -1.82
N ILE C 498 -36.18 -15.83 -1.32
CA ILE C 498 -37.12 -16.75 -1.97
C ILE C 498 -38.54 -16.49 -1.47
N PRO C 499 -39.51 -16.33 -2.40
CA PRO C 499 -40.90 -16.03 -2.03
C PRO C 499 -41.58 -17.15 -1.25
N ALA C 500 -42.24 -16.80 -0.16
CA ALA C 500 -42.84 -17.77 0.78
C ALA C 500 -43.85 -18.75 0.19
N GLU C 501 -44.37 -18.45 -1.00
CA GLU C 501 -45.26 -19.37 -1.71
C GLU C 501 -44.50 -20.53 -2.36
N ASP C 502 -43.23 -20.30 -2.68
CA ASP C 502 -42.38 -21.33 -3.29
C ASP C 502 -41.76 -22.25 -2.23
N MET C 503 -41.79 -21.81 -0.98
CA MET C 503 -41.17 -22.57 0.11
C MET C 503 -41.88 -23.87 0.44
N LEU C 504 -43.22 -23.90 0.32
CA LEU C 504 -43.97 -25.14 0.54
C LEU C 504 -43.56 -26.21 -0.48
N ASP C 505 -43.30 -25.77 -1.70
CA ASP C 505 -42.92 -26.67 -2.78
C ASP C 505 -41.51 -27.23 -2.61
N TRP C 506 -40.57 -26.41 -2.13
CA TRP C 506 -39.21 -26.90 -1.82
C TRP C 506 -39.23 -27.86 -0.63
N TYR C 507 -39.78 -27.39 0.50
CA TYR C 507 -39.97 -28.25 1.68
C TYR C 507 -40.48 -29.63 1.28
N ARG C 508 -41.55 -29.68 0.49
CA ARG C 508 -42.16 -30.95 0.10
C ARG C 508 -41.26 -31.82 -0.76
N LEU C 509 -40.52 -31.21 -1.69
CA LEU C 509 -39.50 -31.96 -2.44
C LEU C 509 -38.45 -32.53 -1.50
N GLY C 510 -37.94 -31.68 -0.62
CA GLY C 510 -36.92 -32.08 0.34
C GLY C 510 -37.37 -33.21 1.25
N ILE C 511 -38.61 -33.12 1.73
CA ILE C 511 -39.16 -34.12 2.62
C ILE C 511 -39.52 -35.38 1.83
N GLN C 512 -39.90 -35.20 0.57
CA GLN C 512 -40.14 -36.30 -0.34
C GLN C 512 -38.87 -37.12 -0.50
N PHE C 513 -37.76 -36.40 -0.72
CA PHE C 513 -36.43 -37.01 -0.82
C PHE C 513 -36.00 -37.70 0.47
N SER C 514 -36.29 -37.05 1.60
CA SER C 514 -35.92 -37.54 2.91
C SER C 514 -36.56 -38.88 3.20
N HIS C 515 -37.84 -39.00 2.80
CA HIS C 515 -38.61 -40.22 3.02
C HIS C 515 -38.10 -41.38 2.15
N ARG C 516 -37.86 -41.12 0.86
CA ARG C 516 -37.42 -42.20 -0.04
C ARG C 516 -35.98 -42.63 0.22
N SER C 517 -35.17 -41.73 0.79
CA SER C 517 -33.82 -42.07 1.25
C SER C 517 -33.83 -42.89 2.55
N GLY C 518 -35.02 -43.08 3.12
CA GLY C 518 -35.22 -43.93 4.28
C GLY C 518 -34.63 -43.39 5.58
N LEU C 519 -34.54 -42.07 5.68
CA LEU C 519 -33.97 -41.44 6.88
C LEU C 519 -35.03 -40.65 7.64
N SER C 520 -36.30 -40.95 7.37
CA SER C 520 -37.42 -40.20 7.94
C SER C 520 -38.73 -40.96 7.76
N VAL C 526 -40.69 -32.21 13.14
CA VAL C 526 -41.56 -31.17 13.70
C VAL C 526 -40.71 -30.04 14.28
N SER C 527 -39.38 -30.20 14.18
CA SER C 527 -38.47 -29.16 14.66
C SER C 527 -38.14 -28.18 13.55
N VAL C 528 -37.83 -26.95 13.96
CA VAL C 528 -37.43 -25.90 13.04
C VAL C 528 -36.13 -26.27 12.31
N ILE C 529 -35.22 -26.96 13.01
CA ILE C 529 -34.00 -27.48 12.41
C ILE C 529 -34.37 -28.45 11.29
N ASP C 530 -35.36 -29.30 11.56
CA ASP C 530 -35.78 -30.32 10.61
C ASP C 530 -36.48 -29.73 9.41
N ILE C 531 -37.29 -28.71 9.66
CA ILE C 531 -37.97 -28.00 8.58
C ILE C 531 -36.98 -27.20 7.74
N MET C 532 -35.96 -26.67 8.42
CA MET C 532 -34.89 -25.93 7.76
C MET C 532 -34.02 -26.84 6.89
N THR C 533 -33.92 -28.10 7.30
CA THR C 533 -33.10 -29.07 6.58
C THR C 533 -33.79 -29.59 5.31
N HIS C 534 -35.12 -29.64 5.31
CA HIS C 534 -35.87 -30.09 4.15
C HIS C 534 -35.94 -29.01 3.08
N LEU C 535 -36.05 -27.77 3.53
CA LEU C 535 -35.97 -26.61 2.65
C LEU C 535 -34.61 -26.64 1.96
N ALA C 536 -33.58 -26.89 2.77
CA ALA C 536 -32.22 -27.03 2.30
C ALA C 536 -32.17 -28.02 1.14
N ARG C 537 -32.34 -29.30 1.47
CA ARG C 537 -32.24 -30.39 0.50
C ARG C 537 -33.10 -30.18 -0.75
N GLY C 538 -34.26 -29.56 -0.59
CA GLY C 538 -35.11 -29.22 -1.72
C GLY C 538 -34.39 -28.28 -2.68
N LEU C 539 -33.87 -27.20 -2.14
CA LEU C 539 -33.20 -26.19 -2.96
C LEU C 539 -31.90 -26.72 -3.54
N TRP C 540 -31.14 -27.44 -2.71
CA TRP C 540 -29.91 -28.05 -3.14
C TRP C 540 -30.13 -28.80 -4.43
N LEU C 541 -30.94 -29.86 -4.35
CA LEU C 541 -31.30 -30.71 -5.47
C LEU C 541 -32.05 -30.01 -6.60
N GLY C 542 -32.94 -29.07 -6.23
CA GLY C 542 -33.98 -28.62 -7.15
C GLY C 542 -33.96 -27.21 -7.75
N SER C 543 -33.07 -26.35 -7.27
CA SER C 543 -33.01 -24.98 -7.80
C SER C 543 -32.80 -24.99 -9.32
N PRO C 544 -33.66 -24.26 -10.06
CA PRO C 544 -33.80 -24.29 -11.52
C PRO C 544 -32.59 -23.85 -12.34
N GLY C 545 -31.82 -22.89 -11.85
CA GLY C 545 -30.69 -22.37 -12.62
C GLY C 545 -29.94 -21.24 -11.96
N PHE C 546 -29.10 -20.56 -12.73
CA PHE C 546 -28.23 -19.49 -12.23
C PHE C 546 -28.22 -18.29 -13.16
N TYR C 547 -27.83 -17.13 -12.65
CA TYR C 547 -27.69 -15.94 -13.48
C TYR C 547 -26.27 -15.72 -13.98
N VAL C 548 -26.16 -15.34 -15.25
CA VAL C 548 -24.92 -14.78 -15.78
C VAL C 548 -25.00 -13.27 -15.62
N GLU C 549 -23.95 -12.69 -15.06
CA GLU C 549 -23.99 -11.30 -14.62
C GLU C 549 -23.76 -10.31 -15.76
N GLN C 550 -23.98 -9.02 -15.48
CA GLN C 550 -23.80 -7.93 -16.44
C GLN C 550 -22.33 -7.73 -16.83
N PRO C 560 -28.83 -10.85 -21.25
CA PRO C 560 -28.30 -11.49 -20.03
C PRO C 560 -29.39 -12.23 -19.21
N PRO C 561 -29.90 -13.35 -19.75
CA PRO C 561 -30.99 -14.06 -19.06
C PRO C 561 -30.53 -15.11 -18.02
N THR C 562 -31.47 -15.89 -17.50
CA THR C 562 -31.19 -16.92 -16.50
C THR C 562 -31.00 -18.26 -17.20
N ILE C 563 -29.86 -18.90 -16.94
CA ILE C 563 -29.55 -20.20 -17.57
C ILE C 563 -30.10 -21.37 -16.75
N PRO C 564 -30.98 -22.16 -17.38
CA PRO C 564 -31.59 -23.32 -16.74
C PRO C 564 -30.70 -24.59 -16.76
N VAL C 565 -30.35 -25.07 -15.56
CA VAL C 565 -29.56 -26.28 -15.40
C VAL C 565 -30.50 -27.48 -15.46
N LEU C 566 -30.52 -28.17 -16.60
CA LEU C 566 -31.48 -29.27 -16.81
C LEU C 566 -30.93 -30.57 -17.41
N TYR C 567 -29.61 -30.77 -17.31
CA TYR C 567 -28.93 -31.95 -17.90
C TYR C 567 -29.39 -33.27 -17.27
N ILE C 568 -30.11 -33.15 -16.15
CA ILE C 568 -30.69 -34.28 -15.42
C ILE C 568 -31.84 -34.97 -16.19
N TYR C 569 -32.60 -34.17 -16.95
CA TYR C 569 -33.73 -34.71 -17.70
C TYR C 569 -33.29 -35.38 -19.00
N HIS C 570 -32.03 -35.20 -19.39
CA HIS C 570 -31.48 -35.91 -20.55
C HIS C 570 -30.95 -37.28 -20.19
N ARG C 571 -30.87 -37.59 -18.90
CA ARG C 571 -30.45 -38.92 -18.45
C ARG C 571 -31.40 -39.99 -18.97
N SER C 572 -30.83 -41.13 -19.35
CA SER C 572 -31.59 -42.25 -19.92
C SER C 572 -32.45 -42.97 -18.89
N VAL C 573 -32.19 -42.71 -17.60
CA VAL C 573 -33.06 -43.16 -16.52
C VAL C 573 -33.61 -41.91 -15.83
N GLN C 574 -34.93 -41.80 -15.77
CA GLN C 574 -35.55 -40.64 -15.13
C GLN C 574 -35.89 -40.88 -13.65
N CYS C 575 -36.27 -39.81 -12.97
CA CYS C 575 -36.70 -39.88 -11.58
C CYS C 575 -37.82 -38.85 -11.36
N PRO C 576 -39.06 -39.24 -11.70
CA PRO C 576 -40.21 -38.34 -11.63
C PRO C 576 -40.57 -38.01 -10.18
N VAL C 577 -40.53 -39.02 -9.31
CA VAL C 577 -40.78 -38.85 -7.87
C VAL C 577 -40.20 -37.52 -7.38
N LEU C 578 -38.90 -37.33 -7.60
CA LEU C 578 -38.23 -36.10 -7.20
C LEU C 578 -38.41 -34.99 -8.23
N TYR C 579 -37.95 -35.26 -9.46
CA TYR C 579 -37.78 -34.19 -10.45
C TYR C 579 -39.00 -33.86 -11.30
N GLY C 580 -39.95 -34.78 -11.37
CA GLY C 580 -41.09 -34.63 -12.27
C GLY C 580 -40.63 -34.84 -13.71
N SER C 581 -41.34 -34.22 -14.66
CA SER C 581 -40.95 -34.29 -16.07
C SER C 581 -41.41 -33.13 -16.93
N LEU C 582 -40.64 -32.86 -17.98
CA LEU C 582 -40.99 -31.85 -18.98
C LEU C 582 -42.08 -32.41 -19.92
N THR C 583 -43.34 -32.25 -19.48
CA THR C 583 -44.58 -32.75 -20.11
C THR C 583 -45.14 -33.99 -19.41
N THR C 587 -46.24 -31.75 -15.28
CA THR C 587 -45.07 -30.88 -15.36
C THR C 587 -44.57 -30.41 -13.97
N GLY C 588 -44.91 -31.16 -12.93
CA GLY C 588 -44.46 -30.88 -11.55
C GLY C 588 -44.52 -29.44 -11.05
N PRO C 589 -44.02 -29.20 -9.83
CA PRO C 589 -43.84 -27.84 -9.29
C PRO C 589 -42.39 -27.36 -9.38
N VAL C 590 -41.51 -28.23 -9.83
CA VAL C 590 -40.09 -27.95 -9.91
C VAL C 590 -39.64 -27.94 -11.36
N ALA C 591 -40.12 -28.94 -12.12
CA ALA C 591 -39.85 -29.05 -13.54
C ALA C 591 -40.42 -27.87 -14.32
N SER C 592 -41.53 -27.34 -13.83
CA SER C 592 -42.18 -26.20 -14.47
C SER C 592 -41.34 -24.92 -14.35
N LYS C 593 -40.64 -24.77 -13.23
CA LYS C 593 -39.75 -23.62 -13.03
C LYS C 593 -38.53 -23.67 -13.96
N VAL C 594 -38.06 -24.88 -14.25
CA VAL C 594 -36.93 -25.10 -15.15
C VAL C 594 -37.35 -24.81 -16.59
N LEU C 595 -38.50 -25.33 -16.99
CA LEU C 595 -39.06 -25.15 -18.33
C LEU C 595 -39.36 -23.68 -18.63
N ALA C 596 -39.80 -22.95 -17.60
CA ALA C 596 -40.07 -21.53 -17.72
C ALA C 596 -38.81 -20.72 -18.04
N LEU C 597 -37.69 -21.11 -17.41
CA LEU C 597 -36.39 -20.51 -17.72
C LEU C 597 -35.88 -21.01 -19.08
N TYR C 598 -36.25 -22.24 -19.44
CA TYR C 598 -35.89 -22.82 -20.74
C TYR C 598 -36.58 -22.11 -21.90
N GLU C 599 -37.86 -21.78 -21.73
CA GLU C 599 -38.64 -21.08 -22.76
C GLU C 599 -38.29 -19.61 -22.85
N LYS C 600 -37.89 -19.03 -21.72
CA LYS C 600 -37.54 -17.61 -21.68
C LYS C 600 -36.19 -17.34 -22.33
N ILE C 601 -35.38 -18.39 -22.50
CA ILE C 601 -34.06 -18.27 -23.13
C ILE C 601 -34.09 -18.47 -24.65
N LEU C 602 -35.16 -19.11 -25.13
CA LEU C 602 -35.33 -19.34 -26.56
C LEU C 602 -35.83 -18.10 -27.35
N ALA C 603 -36.06 -16.99 -26.64
CA ALA C 603 -36.52 -15.75 -27.27
C ALA C 603 -35.68 -14.54 -26.85
N SER C 607 -30.12 -12.36 -30.10
CA SER C 607 -30.69 -12.91 -31.34
C SER C 607 -29.74 -12.81 -32.53
N GLY C 608 -29.18 -11.61 -32.74
CA GLY C 608 -28.36 -11.31 -33.92
C GLY C 608 -26.89 -10.98 -33.65
N GLY C 609 -26.17 -10.72 -34.74
CA GLY C 609 -24.72 -10.49 -34.70
C GLY C 609 -23.92 -11.59 -35.38
N SER C 610 -22.60 -11.50 -35.31
CA SER C 610 -21.71 -12.51 -35.90
C SER C 610 -21.32 -13.61 -34.90
N LYS C 611 -21.65 -13.38 -33.63
CA LYS C 611 -21.51 -14.42 -32.59
C LYS C 611 -22.48 -15.55 -32.89
N HIS C 612 -23.67 -15.20 -33.38
CA HIS C 612 -24.69 -16.16 -33.79
C HIS C 612 -24.17 -17.12 -34.87
N ILE C 613 -23.43 -16.57 -35.84
CA ILE C 613 -22.86 -17.36 -36.93
C ILE C 613 -21.72 -18.23 -36.42
N ALA C 614 -20.98 -17.71 -35.45
CA ALA C 614 -19.92 -18.47 -34.78
C ALA C 614 -20.48 -19.65 -33.99
N ALA C 615 -21.58 -19.42 -33.26
CA ALA C 615 -22.24 -20.44 -32.45
C ALA C 615 -22.90 -21.51 -33.32
N GLN C 616 -23.37 -21.11 -34.51
CA GLN C 616 -23.98 -22.05 -35.46
C GLN C 616 -22.95 -23.03 -36.02
N THR C 617 -21.76 -22.52 -36.31
CA THR C 617 -20.68 -23.31 -36.88
C THR C 617 -20.15 -24.31 -35.86
N VAL C 618 -20.05 -23.88 -34.61
CA VAL C 618 -19.63 -24.75 -33.50
C VAL C 618 -20.65 -25.87 -33.28
N SER C 619 -21.92 -25.53 -33.47
CA SER C 619 -23.04 -26.47 -33.34
C SER C 619 -22.93 -27.69 -34.26
N ARG C 620 -22.46 -27.46 -35.48
CA ARG C 620 -22.23 -28.56 -36.42
C ARG C 620 -20.83 -29.17 -36.23
N SER C 621 -19.93 -28.41 -35.64
CA SER C 621 -18.54 -28.83 -35.49
C SER C 621 -18.29 -29.81 -34.33
N LEU C 622 -19.35 -30.20 -33.62
CA LEU C 622 -19.21 -31.07 -32.44
C LEU C 622 -18.62 -32.47 -32.71
N ALA C 623 -18.80 -32.97 -33.93
CA ALA C 623 -18.34 -34.32 -34.33
C ALA C 623 -18.81 -35.42 -33.39
N VAL C 624 -19.94 -35.18 -32.71
CA VAL C 624 -20.50 -36.08 -31.70
C VAL C 624 -22.05 -36.00 -31.69
N PRO C 625 -22.72 -37.17 -31.68
CA PRO C 625 -24.20 -37.22 -31.73
C PRO C 625 -24.88 -36.62 -30.51
N ILE C 626 -25.69 -35.59 -30.75
CA ILE C 626 -26.51 -34.97 -29.71
C ILE C 626 -27.97 -35.35 -29.94
N PRO C 627 -28.80 -35.35 -28.87
CA PRO C 627 -30.26 -35.50 -29.07
C PRO C 627 -30.87 -34.47 -30.04
N SER C 628 -32.07 -34.75 -30.55
CA SER C 628 -32.68 -33.89 -31.57
C SER C 628 -33.44 -32.73 -30.98
N GLY C 629 -33.70 -31.71 -31.80
CA GLY C 629 -34.43 -30.51 -31.36
C GLY C 629 -33.75 -29.80 -30.19
N THR C 630 -32.56 -30.29 -29.84
CA THR C 630 -31.77 -29.76 -28.74
C THR C 630 -30.85 -28.63 -29.22
N ILE C 631 -30.91 -28.36 -30.53
CA ILE C 631 -30.03 -27.39 -31.19
C ILE C 631 -30.30 -25.92 -30.83
N PRO C 632 -31.55 -25.43 -31.04
CA PRO C 632 -31.75 -23.98 -30.86
C PRO C 632 -31.40 -23.48 -29.46
N PHE C 633 -31.41 -24.39 -28.48
CA PHE C 633 -30.99 -24.10 -27.11
C PHE C 633 -29.47 -24.09 -27.01
N LEU C 634 -28.84 -25.04 -27.71
CA LEU C 634 -27.39 -25.14 -27.71
C LEU C 634 -26.75 -23.88 -28.28
N ILE C 635 -27.30 -23.39 -29.38
CA ILE C 635 -26.86 -22.15 -30.02
C ILE C 635 -26.91 -20.96 -29.04
N ARG C 636 -28.06 -20.81 -28.38
CA ARG C 636 -28.27 -19.77 -27.37
C ARG C 636 -27.14 -19.74 -26.34
N LEU C 637 -26.82 -20.91 -25.80
CA LEU C 637 -25.78 -21.07 -24.79
C LEU C 637 -24.39 -20.89 -25.37
N LEU C 638 -24.18 -21.43 -26.57
CA LEU C 638 -22.91 -21.26 -27.27
C LEU C 638 -22.61 -19.78 -27.48
N GLN C 639 -23.64 -19.01 -27.81
CA GLN C 639 -23.51 -17.55 -27.89
C GLN C 639 -22.87 -17.03 -26.61
N ILE C 640 -23.55 -17.31 -25.49
CA ILE C 640 -23.11 -16.92 -24.16
C ILE C 640 -21.65 -17.27 -23.89
N ALA C 641 -21.27 -18.51 -24.24
CA ALA C 641 -19.87 -18.97 -24.13
C ALA C 641 -18.87 -18.10 -24.89
N LEU C 642 -19.36 -17.39 -25.89
CA LEU C 642 -18.49 -16.60 -26.78
C LEU C 642 -18.43 -15.10 -26.44
N THR C 643 -19.44 -14.62 -25.71
CA THR C 643 -19.43 -13.22 -25.27
C THR C 643 -18.51 -13.00 -24.06
N PRO C 644 -17.70 -11.93 -24.11
CA PRO C 644 -16.57 -11.61 -23.23
C PRO C 644 -16.79 -11.66 -21.71
N HIS C 645 -17.76 -10.93 -21.18
CA HIS C 645 -17.88 -10.79 -19.74
C HIS C 645 -18.81 -11.85 -19.11
N VAL C 646 -19.34 -12.75 -19.92
CA VAL C 646 -20.43 -13.61 -19.48
C VAL C 646 -20.02 -15.08 -19.28
N TYR C 647 -19.08 -15.57 -20.07
CA TYR C 647 -18.75 -17.01 -20.05
C TYR C 647 -18.24 -17.52 -18.70
N GLN C 648 -17.83 -16.58 -17.87
CA GLN C 648 -17.32 -16.83 -16.52
C GLN C 648 -17.87 -18.07 -15.85
N LYS C 649 -19.18 -18.08 -15.62
CA LYS C 649 -19.84 -19.17 -14.90
C LYS C 649 -19.88 -20.49 -15.68
N LEU C 650 -20.00 -20.40 -17.00
CA LEU C 650 -19.98 -21.59 -17.85
C LEU C 650 -18.59 -22.23 -17.79
N GLU C 651 -17.55 -21.39 -17.84
CA GLU C 651 -16.17 -21.86 -17.70
C GLU C 651 -15.98 -22.63 -16.40
N LEU C 652 -16.56 -22.10 -15.32
CA LEU C 652 -16.49 -22.72 -14.00
C LEU C 652 -17.14 -24.11 -13.97
N LEU C 653 -18.24 -24.27 -14.70
CA LEU C 653 -18.94 -25.54 -14.76
C LEU C 653 -18.26 -26.47 -15.75
N GLY C 654 -17.67 -25.90 -16.79
CA GLY C 654 -16.95 -26.66 -17.79
C GLY C 654 -15.66 -27.23 -17.23
N ASP C 655 -14.91 -26.38 -16.53
CA ASP C 655 -13.68 -26.81 -15.85
C ASP C 655 -13.94 -28.02 -14.95
N ALA C 656 -15.04 -27.95 -14.19
CA ALA C 656 -15.44 -29.00 -13.27
C ALA C 656 -15.80 -30.30 -13.97
N PHE C 657 -16.62 -30.18 -15.01
CA PHE C 657 -17.07 -31.35 -15.77
C PHE C 657 -15.90 -32.06 -16.46
N LEU C 658 -14.99 -31.29 -17.03
CA LEU C 658 -13.85 -31.84 -17.76
C LEU C 658 -12.92 -32.65 -16.86
N LYS C 659 -12.66 -32.14 -15.66
CA LYS C 659 -11.86 -32.86 -14.67
C LYS C 659 -12.51 -34.20 -14.35
N CYS C 660 -13.81 -34.15 -14.08
CA CYS C 660 -14.58 -35.34 -13.75
C CYS C 660 -14.69 -36.35 -14.89
N SER C 661 -14.87 -35.85 -16.11
CA SER C 661 -15.05 -36.71 -17.28
C SER C 661 -13.75 -37.33 -17.76
N LEU C 662 -12.68 -36.56 -17.77
CA LEU C 662 -11.36 -37.12 -18.07
C LEU C 662 -10.98 -38.17 -17.04
N ALA C 663 -11.24 -37.86 -15.76
CA ALA C 663 -10.97 -38.79 -14.68
C ALA C 663 -11.68 -40.12 -14.89
N LEU C 664 -12.92 -40.06 -15.38
CA LEU C 664 -13.73 -41.25 -15.63
C LEU C 664 -13.29 -41.99 -16.87
N HIS C 665 -13.00 -41.24 -17.93
CA HIS C 665 -12.56 -41.83 -19.19
C HIS C 665 -11.23 -42.58 -19.00
N LEU C 666 -10.36 -42.02 -18.17
CA LEU C 666 -9.08 -42.66 -17.89
C LEU C 666 -9.22 -43.85 -16.95
N HIS C 667 -10.14 -43.72 -16.01
CA HIS C 667 -10.42 -44.79 -15.05
C HIS C 667 -10.78 -46.07 -15.78
N ALA C 668 -11.44 -45.92 -16.93
CA ALA C 668 -11.88 -47.05 -17.73
C ALA C 668 -10.79 -47.56 -18.68
N LEU C 669 -10.13 -46.64 -19.41
CA LEU C 669 -9.10 -47.03 -20.37
C LEU C 669 -7.84 -47.60 -19.71
N HIS C 670 -7.58 -47.21 -18.47
CA HIS C 670 -6.44 -47.75 -17.72
C HIS C 670 -6.87 -48.30 -16.36
N PRO C 671 -7.40 -49.55 -16.35
CA PRO C 671 -7.88 -50.18 -15.12
C PRO C 671 -6.81 -50.52 -14.07
N THR C 672 -5.57 -50.73 -14.49
CA THR C 672 -4.51 -51.17 -13.55
C THR C 672 -3.62 -50.04 -13.04
N LEU C 673 -3.80 -48.84 -13.58
CA LEU C 673 -3.06 -47.69 -13.10
C LEU C 673 -3.67 -47.12 -11.82
N THR C 674 -2.82 -46.45 -11.03
CA THR C 674 -3.21 -45.95 -9.71
C THR C 674 -3.39 -44.42 -9.65
N GLU C 675 -3.48 -43.91 -8.43
CA GLU C 675 -3.69 -42.49 -8.15
C GLU C 675 -2.68 -41.59 -8.86
N GLY C 676 -1.40 -41.93 -8.76
CA GLY C 676 -0.33 -41.07 -9.27
C GLY C 676 -0.42 -40.78 -10.75
N ALA C 677 -0.35 -41.82 -11.56
CA ALA C 677 -0.30 -41.71 -13.01
C ALA C 677 -1.59 -41.12 -13.57
N LEU C 678 -2.73 -41.60 -13.09
CA LEU C 678 -4.05 -41.10 -13.49
C LEU C 678 -4.21 -39.59 -13.30
N THR C 679 -3.53 -39.06 -12.29
CA THR C 679 -3.48 -37.62 -12.07
C THR C 679 -2.55 -36.97 -13.09
N ARG C 680 -1.28 -37.35 -13.07
CA ARG C 680 -0.28 -36.81 -14.00
C ARG C 680 -0.76 -36.83 -15.45
N MET C 681 -1.54 -37.86 -15.81
CA MET C 681 -2.10 -37.96 -17.14
C MET C 681 -3.16 -36.89 -17.39
N ARG C 682 -4.29 -36.97 -16.67
CA ARG C 682 -5.42 -36.09 -16.94
C ARG C 682 -5.10 -34.62 -16.72
N GLN C 683 -4.11 -34.34 -15.88
CA GLN C 683 -3.67 -32.97 -15.67
C GLN C 683 -3.05 -32.39 -16.93
N SER C 684 -2.40 -33.25 -17.72
CA SER C 684 -1.70 -32.82 -18.93
C SER C 684 -2.62 -32.36 -20.05
N ALA C 685 -3.82 -32.92 -20.10
CA ALA C 685 -4.81 -32.53 -21.10
C ALA C 685 -5.89 -31.62 -20.53
N GLU C 686 -5.56 -30.94 -19.44
CA GLU C 686 -6.52 -30.05 -18.80
C GLU C 686 -5.97 -28.62 -18.70
N THR C 687 -4.68 -28.46 -18.95
CA THR C 687 -4.04 -27.14 -18.92
C THR C 687 -4.58 -26.23 -20.01
N ASN C 688 -4.51 -24.92 -19.74
CA ASN C 688 -5.04 -23.90 -20.62
C ASN C 688 -4.52 -23.97 -22.06
N SER C 689 -3.21 -23.97 -22.23
CA SER C 689 -2.58 -24.05 -23.55
C SER C 689 -3.09 -25.22 -24.42
N VAL C 690 -3.26 -26.38 -23.81
CA VAL C 690 -3.80 -27.55 -24.52
C VAL C 690 -5.21 -27.26 -25.06
N LEU C 691 -6.10 -26.80 -24.18
CA LEU C 691 -7.49 -26.51 -24.55
C LEU C 691 -7.63 -25.41 -25.60
N GLY C 692 -6.78 -24.39 -25.51
CA GLY C 692 -6.79 -23.25 -26.43
C GLY C 692 -6.54 -23.70 -27.86
N ARG C 693 -5.55 -24.58 -28.02
CA ARG C 693 -5.31 -25.22 -29.30
C ARG C 693 -6.60 -25.79 -29.87
N LEU C 694 -7.35 -26.51 -29.03
CA LEU C 694 -8.61 -27.14 -29.42
C LEU C 694 -9.65 -26.14 -29.91
N THR C 695 -9.69 -24.96 -29.29
CA THR C 695 -10.57 -23.89 -29.72
C THR C 695 -10.23 -23.49 -31.16
N LYS C 696 -8.94 -23.32 -31.43
CA LYS C 696 -8.48 -22.89 -32.75
C LYS C 696 -8.77 -23.90 -33.86
N ARG C 697 -9.14 -25.12 -33.47
CA ARG C 697 -9.46 -26.18 -34.43
C ARG C 697 -10.90 -26.10 -34.94
N PHE C 698 -11.72 -25.27 -34.29
CA PHE C 698 -13.02 -24.94 -34.84
C PHE C 698 -12.82 -23.98 -36.00
N PRO C 699 -13.71 -24.04 -37.02
CA PRO C 699 -13.66 -23.12 -38.16
C PRO C 699 -13.17 -21.74 -37.74
N SER C 700 -12.21 -21.21 -38.48
CA SER C 700 -11.56 -19.94 -38.16
C SER C 700 -12.54 -18.77 -37.91
N VAL C 701 -13.84 -19.04 -38.12
CA VAL C 701 -14.91 -18.11 -37.79
C VAL C 701 -15.02 -17.94 -36.27
N VAL C 702 -14.71 -19.02 -35.56
CA VAL C 702 -14.72 -19.02 -34.09
C VAL C 702 -13.54 -18.21 -33.56
N SER C 703 -12.36 -18.43 -34.14
CA SER C 703 -11.16 -17.67 -33.79
C SER C 703 -11.32 -16.18 -34.09
N GLU C 704 -12.05 -15.88 -35.17
CA GLU C 704 -12.33 -14.50 -35.58
C GLU C 704 -13.14 -13.74 -34.55
N VAL C 705 -14.17 -14.40 -33.99
CA VAL C 705 -15.09 -13.77 -33.05
C VAL C 705 -14.38 -13.41 -31.75
N ILE C 706 -13.53 -14.31 -31.27
CA ILE C 706 -12.74 -14.08 -30.07
C ILE C 706 -11.84 -12.84 -30.21
N ILE C 707 -11.13 -12.74 -31.34
CA ILE C 707 -10.21 -11.61 -31.58
C ILE C 707 -10.94 -10.27 -31.73
N GLU C 708 -12.19 -10.31 -32.18
CA GLU C 708 -13.01 -9.11 -32.33
C GLU C 708 -13.54 -8.66 -30.97
N SER C 709 -14.00 -9.62 -30.16
CA SER C 709 -14.51 -9.33 -28.83
C SER C 709 -13.39 -8.98 -27.85
N HIS C 710 -12.18 -9.45 -28.15
CA HIS C 710 -11.01 -9.17 -27.34
C HIS C 710 -9.94 -8.52 -28.23
N PRO C 711 -9.78 -7.20 -28.14
CA PRO C 711 -8.79 -6.53 -29.00
C PRO C 711 -7.35 -6.82 -28.58
N LYS C 712 -6.49 -7.07 -29.57
CA LYS C 712 -5.06 -7.34 -29.39
C LYS C 712 -4.73 -8.46 -28.39
N ILE C 713 -5.27 -9.65 -28.63
CA ILE C 713 -4.97 -10.81 -27.79
C ILE C 713 -4.10 -11.83 -28.53
N GLN C 714 -2.99 -12.23 -27.90
CA GLN C 714 -2.03 -13.11 -28.54
C GLN C 714 -2.35 -14.59 -28.36
N PRO C 715 -2.01 -15.43 -29.37
CA PRO C 715 -2.32 -16.86 -29.43
C PRO C 715 -2.26 -17.63 -28.11
N ASP C 716 -1.34 -17.25 -27.22
CA ASP C 716 -1.19 -17.96 -25.95
C ASP C 716 -2.04 -17.35 -24.81
N SER C 717 -3.07 -16.61 -25.19
CA SER C 717 -3.98 -16.01 -24.21
C SER C 717 -4.72 -17.05 -23.39
N LYS C 718 -5.23 -16.62 -22.23
CA LYS C 718 -6.01 -17.47 -21.34
C LYS C 718 -7.35 -17.78 -21.98
N VAL C 719 -7.84 -16.81 -22.77
CA VAL C 719 -9.18 -16.83 -23.34
C VAL C 719 -9.48 -18.07 -24.18
N TYR C 720 -8.55 -18.44 -25.06
CA TYR C 720 -8.79 -19.58 -25.93
C TYR C 720 -9.04 -20.83 -25.09
N GLY C 721 -8.20 -21.06 -24.10
CA GLY C 721 -8.39 -22.17 -23.18
C GLY C 721 -9.70 -22.09 -22.41
N ASP C 722 -10.01 -20.90 -21.89
CA ASP C 722 -11.17 -20.74 -21.02
C ASP C 722 -12.52 -20.75 -21.75
N THR C 723 -12.55 -20.34 -23.02
CA THR C 723 -13.79 -20.37 -23.81
C THR C 723 -14.10 -21.79 -24.27
N PHE C 724 -13.06 -22.61 -24.39
CA PHE C 724 -13.26 -24.03 -24.64
C PHE C 724 -13.97 -24.66 -23.45
N GLU C 725 -13.43 -24.40 -22.25
CA GLU C 725 -14.07 -24.81 -21.00
C GLU C 725 -15.51 -24.30 -20.94
N ALA C 726 -15.74 -23.09 -21.45
CA ALA C 726 -17.08 -22.52 -21.52
C ALA C 726 -17.96 -23.26 -22.55
N ILE C 727 -17.42 -23.56 -23.72
CA ILE C 727 -18.17 -24.26 -24.77
C ILE C 727 -18.67 -25.61 -24.28
N LEU C 728 -17.81 -26.29 -23.53
CA LEU C 728 -18.10 -27.61 -22.97
C LEU C 728 -19.28 -27.57 -22.00
N ALA C 729 -19.37 -26.52 -21.20
CA ALA C 729 -20.50 -26.35 -20.29
C ALA C 729 -21.80 -26.15 -21.09
N ALA C 730 -21.70 -25.37 -22.16
CA ALA C 730 -22.84 -25.10 -23.04
C ALA C 730 -23.36 -26.41 -23.64
N ILE C 731 -22.44 -27.27 -24.09
CA ILE C 731 -22.78 -28.60 -24.58
C ILE C 731 -23.45 -29.46 -23.48
N LEU C 732 -22.90 -29.43 -22.26
CA LEU C 732 -23.47 -30.18 -21.14
C LEU C 732 -24.86 -29.66 -20.81
N LEU C 733 -24.99 -28.34 -20.68
CA LEU C 733 -26.25 -27.73 -20.22
C LEU C 733 -27.37 -27.88 -21.24
N ALA C 734 -27.01 -27.87 -22.52
CA ALA C 734 -27.96 -27.98 -23.62
C ALA C 734 -28.24 -29.42 -24.10
N CYS C 735 -27.21 -30.28 -24.07
CA CYS C 735 -27.33 -31.61 -24.69
C CYS C 735 -27.24 -32.77 -23.70
N GLY C 736 -26.82 -32.51 -22.47
CA GLY C 736 -26.76 -33.55 -21.45
C GLY C 736 -25.36 -34.03 -21.10
N GLU C 737 -25.28 -34.87 -20.07
CA GLU C 737 -24.01 -35.34 -19.53
C GLU C 737 -23.29 -36.23 -20.54
N GLU C 738 -23.98 -37.23 -21.07
CA GLU C 738 -23.37 -38.19 -22.00
C GLU C 738 -22.88 -37.53 -23.29
N ALA C 739 -23.61 -36.51 -23.75
CA ALA C 739 -23.22 -35.74 -24.92
C ALA C 739 -21.88 -35.08 -24.69
N ALA C 740 -21.83 -34.15 -23.72
CA ALA C 740 -20.59 -33.45 -23.40
C ALA C 740 -19.42 -34.38 -23.10
N GLY C 741 -19.69 -35.46 -22.37
CA GLY C 741 -18.67 -36.47 -22.05
C GLY C 741 -18.11 -37.14 -23.29
N ALA C 742 -18.99 -37.34 -24.27
CA ALA C 742 -18.58 -37.88 -25.56
C ALA C 742 -17.72 -36.86 -26.29
N PHE C 743 -18.13 -35.59 -26.25
CA PHE C 743 -17.33 -34.50 -26.82
C PHE C 743 -15.93 -34.49 -26.22
N VAL C 744 -15.83 -34.89 -24.95
CA VAL C 744 -14.56 -34.94 -24.23
C VAL C 744 -13.64 -36.02 -24.80
N ARG C 745 -14.13 -37.25 -24.89
CA ARG C 745 -13.31 -38.37 -25.39
C ARG C 745 -12.88 -38.18 -26.85
N GLU C 746 -13.68 -37.46 -27.63
CA GLU C 746 -13.38 -37.25 -29.03
C GLU C 746 -12.32 -36.20 -29.25
N HIS C 747 -12.30 -35.19 -28.39
CA HIS C 747 -11.43 -34.04 -28.60
C HIS C 747 -10.36 -33.88 -27.54
N VAL C 748 -10.77 -33.96 -26.27
CA VAL C 748 -9.86 -33.71 -25.16
C VAL C 748 -8.95 -34.91 -24.85
N LEU C 749 -9.54 -36.08 -24.67
CA LEU C 749 -8.81 -37.30 -24.31
C LEU C 749 -7.59 -37.59 -25.20
N PRO C 750 -7.73 -37.43 -26.54
CA PRO C 750 -6.54 -37.62 -27.38
C PRO C 750 -5.32 -36.83 -26.90
N GLN C 751 -5.53 -35.61 -26.42
CA GLN C 751 -4.42 -34.72 -26.04
C GLN C 751 -3.72 -35.11 -24.74
N VAL C 752 -4.18 -36.18 -24.10
CA VAL C 752 -3.53 -36.69 -22.89
C VAL C 752 -2.20 -37.36 -23.25
N VAL C 753 -1.12 -36.93 -22.61
CA VAL C 753 0.20 -37.52 -22.84
C VAL C 753 0.48 -38.68 -21.88
N ALA C 754 0.78 -39.85 -22.46
CA ALA C 754 1.11 -41.05 -21.68
C ALA C 754 2.32 -40.81 -20.78
N ASP C 755 2.37 -41.53 -19.66
CA ASP C 755 3.40 -41.31 -18.65
C ASP C 755 4.72 -42.04 -18.95
N ALA C 756 4.78 -42.72 -20.09
CA ALA C 756 6.00 -43.45 -20.51
C ALA C 756 7.02 -42.53 -21.21
N ALA D 2 29.92 -11.94 41.54
CA ALA D 2 29.65 -11.59 40.10
C ALA D 2 28.35 -10.79 39.96
N MET D 3 28.42 -9.73 39.16
CA MET D 3 27.25 -8.88 38.87
C MET D 3 26.21 -9.59 38.00
N HIS D 4 26.68 -10.46 37.11
CA HIS D 4 25.85 -11.21 36.18
C HIS D 4 24.76 -11.97 36.94
N ALA D 5 23.59 -11.34 37.05
CA ALA D 5 22.46 -11.92 37.78
C ALA D 5 21.16 -11.18 37.44
N LEU D 6 20.20 -11.90 36.89
CA LEU D 6 18.90 -11.35 36.52
C LEU D 6 17.81 -11.92 37.40
N GLY D 7 16.76 -11.12 37.63
CA GLY D 7 15.74 -11.43 38.62
C GLY D 7 14.37 -11.84 38.11
N HIS D 8 13.72 -12.71 38.88
CA HIS D 8 12.36 -13.19 38.61
C HIS D 8 11.57 -13.29 39.92
N CYS D 9 10.44 -12.59 40.00
CA CYS D 9 9.57 -12.67 41.19
C CYS D 9 8.77 -13.96 41.20
N CYS D 10 9.40 -15.04 41.66
CA CYS D 10 8.80 -16.36 41.65
C CYS D 10 7.77 -16.53 42.78
N THR D 11 6.56 -16.99 42.42
CA THR D 11 5.47 -17.14 43.40
C THR D 11 4.88 -18.56 43.41
N VAL D 12 5.07 -19.26 44.52
CA VAL D 12 4.49 -20.59 44.74
C VAL D 12 3.15 -20.47 45.49
N VAL D 13 2.07 -20.94 44.87
CA VAL D 13 0.73 -20.85 45.45
C VAL D 13 0.10 -22.22 45.74
N THR D 14 -0.17 -22.47 47.01
CA THR D 14 -0.93 -23.66 47.42
C THR D 14 -2.26 -23.21 48.02
N THR D 15 -3.15 -24.19 48.25
CA THR D 15 -4.42 -23.95 48.91
C THR D 15 -4.31 -23.00 50.10
N ARG D 16 -3.30 -23.21 50.97
CA ARG D 16 -3.19 -22.43 52.20
C ARG D 16 -2.58 -21.04 52.04
N GLY D 17 -2.16 -20.71 50.83
CA GLY D 17 -1.69 -19.36 50.53
C GLY D 17 -0.59 -19.25 49.50
N PRO D 18 -0.20 -18.01 49.15
CA PRO D 18 0.95 -17.75 48.28
C PRO D 18 2.27 -17.48 49.04
N SER D 19 3.39 -17.98 48.50
CA SER D 19 4.71 -17.67 49.04
C SER D 19 5.58 -17.04 47.95
N HIS D 20 6.29 -15.98 48.33
CA HIS D 20 7.06 -15.19 47.36
C HIS D 20 8.56 -15.38 47.47
N TRP D 21 9.20 -15.48 46.31
CA TRP D 21 10.61 -15.71 46.25
C TRP D 21 11.20 -14.87 45.13
N LEU D 22 12.50 -14.61 45.21
CA LEU D 22 13.23 -13.94 44.16
C LEU D 22 14.19 -14.95 43.59
N LEU D 23 13.94 -15.36 42.35
CA LEU D 23 14.84 -16.27 41.65
C LEU D 23 15.90 -15.47 40.90
N LEU D 24 17.15 -15.87 41.06
CA LEU D 24 18.25 -15.19 40.37
C LEU D 24 18.83 -16.11 39.31
N LEU D 25 18.94 -15.60 38.09
CA LEU D 25 19.53 -16.37 37.01
C LEU D 25 20.76 -15.70 36.43
N ASP D 26 21.82 -16.48 36.27
CA ASP D 26 23.03 -16.02 35.61
C ASP D 26 22.92 -16.16 34.09
N THR D 27 21.71 -16.45 33.61
CA THR D 27 21.43 -16.61 32.19
C THR D 27 20.20 -15.81 31.84
N HIS D 28 20.17 -15.23 30.63
CA HIS D 28 18.97 -14.61 30.08
C HIS D 28 18.08 -15.74 29.51
N LEU D 29 16.98 -16.04 30.20
CA LEU D 29 15.99 -17.00 29.71
C LEU D 29 14.62 -16.34 29.56
N GLY D 30 14.63 -15.18 28.91
CA GLY D 30 13.43 -14.35 28.75
C GLY D 30 12.55 -14.39 29.99
N THR D 31 11.27 -14.69 29.79
CA THR D 31 10.36 -14.98 30.89
C THR D 31 10.11 -16.49 30.98
N LEU D 32 9.95 -16.97 32.20
CA LEU D 32 9.71 -18.39 32.42
C LEU D 32 8.22 -18.67 32.46
N PRO D 33 7.77 -19.66 31.67
CA PRO D 33 6.39 -20.14 31.72
C PRO D 33 6.07 -20.75 33.08
N GLY D 34 5.03 -20.22 33.74
CA GLY D 34 4.57 -20.75 35.01
C GLY D 34 4.08 -22.17 34.82
N PHE D 35 4.23 -23.00 35.84
CA PHE D 35 3.77 -24.39 35.77
C PHE D 35 2.99 -24.73 37.02
N LYS D 36 2.36 -25.91 37.02
CA LYS D 36 1.68 -26.40 38.22
C LYS D 36 2.02 -27.84 38.49
N VAL D 37 2.33 -28.13 39.68
CA VAL D 37 2.69 -29.47 40.11
C VAL D 37 1.47 -30.24 40.62
N SER D 38 1.46 -31.56 40.29
CA SER D 38 0.36 -32.45 40.66
C SER D 38 0.38 -32.81 42.16
N ALA D 39 -0.75 -33.30 42.68
CA ALA D 39 -0.84 -33.82 44.07
C ALA D 39 0.40 -34.70 44.35
N GLY D 40 1.07 -34.45 45.46
CA GLY D 40 2.47 -34.86 45.51
C GLY D 40 3.05 -35.91 46.42
N ARG D 41 4.31 -36.21 46.08
CA ARG D 41 5.21 -37.12 46.77
C ARG D 41 5.52 -36.58 48.18
N GLY D 42 4.44 -36.42 48.96
CA GLY D 42 4.49 -35.88 50.32
C GLY D 42 4.01 -34.44 50.38
N LEU D 43 3.89 -33.81 49.21
CA LEU D 43 3.50 -32.39 49.09
C LEU D 43 2.17 -32.21 48.34
N PRO D 44 1.47 -31.07 48.56
CA PRO D 44 0.17 -30.88 47.93
C PRO D 44 0.30 -30.47 46.46
N ALA D 45 -0.85 -30.22 45.84
CA ALA D 45 -0.88 -29.58 44.53
C ALA D 45 -0.54 -28.11 44.71
N ALA D 46 0.05 -27.52 43.68
CA ALA D 46 0.41 -26.11 43.70
C ALA D 46 0.56 -25.54 42.29
N GLU D 47 0.69 -24.23 42.21
CA GLU D 47 0.97 -23.55 40.94
C GLU D 47 2.12 -22.58 41.16
N VAL D 48 3.02 -22.51 40.20
CA VAL D 48 4.19 -21.63 40.30
C VAL D 48 4.13 -20.57 39.21
N TYR D 49 4.23 -19.31 39.61
CA TYR D 49 4.19 -18.20 38.66
C TYR D 49 5.50 -17.41 38.67
N PHE D 50 5.96 -17.04 37.48
CA PHE D 50 7.18 -16.25 37.34
C PHE D 50 6.89 -14.95 36.61
N GLU D 51 7.64 -13.90 36.96
CA GLU D 51 7.74 -12.70 36.13
C GLU D 51 9.07 -12.01 36.32
N ALA D 52 9.66 -11.58 35.20
CA ALA D 52 10.97 -10.95 35.18
C ALA D 52 10.93 -9.58 35.85
N GLY D 53 12.02 -9.22 36.51
CA GLY D 53 12.15 -7.92 37.18
C GLY D 53 13.42 -7.18 36.77
N PRO D 54 14.15 -6.63 37.76
CA PRO D 54 15.38 -5.89 37.49
C PRO D 54 16.54 -6.81 37.10
N ARG D 55 17.71 -6.23 36.89
CA ARG D 55 18.91 -7.00 36.59
C ARG D 55 19.91 -6.92 37.75
N VAL D 56 19.35 -7.03 38.97
CA VAL D 56 20.08 -7.02 40.26
C VAL D 56 21.61 -7.22 40.21
N SER D 57 22.34 -6.25 40.73
CA SER D 57 23.80 -6.33 40.83
C SER D 57 24.22 -6.64 42.26
N LEU D 58 25.31 -7.39 42.41
CA LEU D 58 25.79 -7.84 43.71
C LEU D 58 27.32 -7.80 43.82
N SER D 59 27.81 -7.34 44.96
CA SER D 59 29.24 -7.42 45.28
C SER D 59 29.59 -8.85 45.69
N ARG D 60 30.86 -9.24 45.51
CA ARG D 60 31.34 -10.58 45.90
C ARG D 60 30.93 -10.89 47.34
N THR D 61 30.82 -9.84 48.15
CA THR D 61 30.34 -9.93 49.53
C THR D 61 28.89 -10.42 49.59
N ASP D 62 28.04 -9.82 48.77
CA ASP D 62 26.61 -10.16 48.70
C ASP D 62 26.38 -11.51 48.08
N ALA D 63 27.24 -11.89 47.14
CA ALA D 63 27.22 -13.22 46.56
C ALA D 63 27.37 -14.28 47.65
N THR D 64 28.41 -14.14 48.48
CA THR D 64 28.70 -15.11 49.54
C THR D 64 27.61 -15.18 50.59
N ILE D 65 26.83 -14.10 50.71
CA ILE D 65 25.69 -14.01 51.63
C ILE D 65 24.45 -14.74 51.11
N VAL D 66 24.12 -14.55 49.83
CA VAL D 66 23.10 -15.36 49.16
C VAL D 66 23.46 -16.86 49.27
N ALA D 67 24.74 -17.17 49.04
CA ALA D 67 25.27 -18.52 49.20
C ALA D 67 24.96 -19.12 50.58
N VAL D 68 24.87 -18.26 51.60
CA VAL D 68 24.53 -18.69 52.95
C VAL D 68 23.09 -19.14 53.03
N TYR D 69 22.19 -18.27 52.57
CA TYR D 69 20.77 -18.59 52.58
C TYR D 69 20.50 -19.86 51.78
N GLN D 70 21.18 -20.00 50.65
CA GLN D 70 21.17 -21.24 49.87
C GLN D 70 21.43 -22.45 50.76
N SER D 71 22.58 -22.43 51.44
CA SER D 71 22.98 -23.57 52.26
C SER D 71 21.91 -23.90 53.28
N ILE D 72 21.28 -22.87 53.84
CA ILE D 72 20.18 -23.09 54.78
C ILE D 72 19.10 -23.93 54.12
N LEU D 73 18.53 -23.42 53.02
CA LEU D 73 17.42 -24.06 52.31
C LEU D 73 17.70 -25.52 52.02
N PHE D 74 18.91 -25.80 51.55
CA PHE D 74 19.29 -27.16 51.18
C PHE D 74 19.21 -28.11 52.36
N GLN D 75 19.57 -27.60 53.54
CA GLN D 75 19.52 -28.39 54.75
C GLN D 75 18.09 -28.76 55.08
N LEU D 76 17.21 -27.77 55.01
CA LEU D 76 15.77 -27.97 55.22
C LEU D 76 15.15 -28.92 54.19
N LEU D 77 15.67 -28.91 52.97
CA LEU D 77 15.23 -29.83 51.93
C LEU D 77 15.48 -31.30 52.29
N GLY D 78 16.47 -31.52 53.15
CA GLY D 78 16.86 -32.86 53.56
C GLY D 78 18.11 -33.31 52.81
N PRO D 79 18.66 -34.47 53.19
CA PRO D 79 19.86 -35.01 52.54
C PRO D 79 19.54 -35.72 51.23
N THR D 80 18.25 -35.96 50.97
CA THR D 80 17.81 -36.60 49.72
C THR D 80 18.08 -35.73 48.49
N PHE D 81 18.42 -34.46 48.71
CA PHE D 81 18.71 -33.53 47.63
C PHE D 81 20.17 -33.06 47.69
N PRO D 82 20.85 -32.99 46.53
CA PRO D 82 22.21 -32.45 46.50
C PRO D 82 22.21 -30.96 46.79
N ALA D 83 23.23 -30.47 47.49
CA ALA D 83 23.28 -29.08 47.91
C ALA D 83 23.67 -28.11 46.79
N SER D 84 23.03 -28.25 45.62
CA SER D 84 23.25 -27.37 44.47
C SER D 84 21.98 -27.35 43.62
N TRP D 85 21.60 -26.16 43.15
CA TRP D 85 20.40 -26.01 42.33
C TRP D 85 20.57 -26.64 40.95
N THR D 86 21.79 -26.59 40.43
CA THR D 86 22.10 -27.20 39.15
C THR D 86 22.01 -28.72 39.28
N GLU D 87 22.73 -29.26 40.25
CA GLU D 87 22.81 -30.72 40.39
C GLU D 87 21.46 -31.37 40.68
N ILE D 88 20.48 -30.58 41.10
CA ILE D 88 19.11 -31.10 41.29
C ILE D 88 18.45 -31.36 39.94
N GLY D 89 18.52 -30.37 39.05
CA GLY D 89 18.01 -30.53 37.70
C GLY D 89 18.86 -31.47 36.86
N ALA D 90 20.17 -31.22 36.83
CA ALA D 90 21.10 -32.01 36.02
C ALA D 90 21.22 -33.48 36.46
N THR D 91 20.32 -33.91 37.33
CA THR D 91 20.26 -35.31 37.73
C THR D 91 18.86 -35.90 37.62
N MET D 92 17.89 -35.10 37.21
CA MET D 92 16.55 -35.61 36.94
C MET D 92 16.62 -36.93 36.21
N PRO D 93 15.68 -37.86 36.52
CA PRO D 93 15.55 -39.00 35.62
C PRO D 93 15.03 -38.51 34.27
N HIS D 94 15.35 -39.23 33.19
CA HIS D 94 14.95 -38.85 31.84
C HIS D 94 13.45 -38.60 31.71
N ASN D 95 12.64 -39.46 32.33
CA ASN D 95 11.18 -39.40 32.25
C ASN D 95 10.55 -38.25 33.06
N GLU D 96 11.36 -37.29 33.46
CA GLU D 96 10.84 -36.08 34.12
C GLU D 96 10.98 -34.85 33.22
N TYR D 97 11.60 -35.04 32.05
CA TYR D 97 11.73 -33.99 31.04
C TYR D 97 10.47 -33.89 30.18
N THR D 98 10.35 -32.79 29.43
CA THR D 98 9.23 -32.60 28.50
C THR D 98 9.43 -33.43 27.23
N PHE D 99 10.69 -33.64 26.86
CA PHE D 99 11.02 -34.46 25.70
C PHE D 99 11.99 -35.58 26.05
N PRO D 100 11.50 -36.63 26.73
CA PRO D 100 12.39 -37.69 27.23
C PRO D 100 13.18 -38.35 26.09
N ARG D 101 12.59 -38.41 24.91
CA ARG D 101 13.20 -39.02 23.74
C ARG D 101 14.30 -38.16 23.15
N PHE D 102 14.45 -36.94 23.66
CA PHE D 102 15.44 -36.00 23.14
C PHE D 102 16.19 -35.27 24.26
N ILE D 103 16.96 -36.01 25.04
CA ILE D 103 17.77 -35.43 26.10
C ILE D 103 19.09 -34.95 25.51
N SER D 104 19.39 -33.67 25.72
CA SER D 104 20.65 -33.07 25.28
C SER D 104 21.47 -32.64 26.47
N ASN D 105 22.77 -32.92 26.42
CA ASN D 105 23.70 -32.46 27.44
C ASN D 105 24.30 -31.12 27.03
N PRO D 106 23.63 -30.01 27.40
CA PRO D 106 24.11 -28.70 26.95
C PRO D 106 25.50 -28.42 27.50
N PRO D 107 26.26 -27.51 26.84
CA PRO D 107 27.53 -27.09 27.44
C PRO D 107 27.31 -26.34 28.76
N GLN D 108 26.33 -25.45 28.79
CA GLN D 108 26.04 -24.63 29.96
C GLN D 108 24.81 -25.08 30.75
N PHE D 109 24.99 -25.16 32.06
CA PHE D 109 23.88 -25.39 32.99
C PHE D 109 23.70 -24.14 33.83
N ALA D 110 22.48 -23.62 33.84
CA ALA D 110 22.19 -22.35 34.49
C ALA D 110 22.36 -22.42 36.01
N THR D 111 22.94 -21.35 36.57
CA THR D 111 23.13 -21.20 38.00
C THR D 111 22.02 -20.33 38.56
N LEU D 112 21.24 -20.88 39.47
CA LEU D 112 20.13 -20.12 40.05
C LEU D 112 20.33 -19.89 41.53
N ALA D 113 19.53 -18.98 42.09
CA ALA D 113 19.48 -18.75 43.53
C ALA D 113 18.07 -18.36 43.96
N PHE D 114 17.71 -18.68 45.20
CA PHE D 114 16.39 -18.36 45.75
C PHE D 114 16.48 -17.60 47.07
N LEU D 115 15.71 -16.53 47.14
CA LEU D 115 15.65 -15.67 48.32
C LEU D 115 14.20 -15.36 48.68
N PRO D 116 13.91 -15.13 49.99
CA PRO D 116 12.56 -14.81 50.39
C PRO D 116 12.15 -13.40 49.95
N LEU D 117 10.86 -13.20 49.77
CA LEU D 117 10.30 -11.88 49.56
C LEU D 117 8.99 -11.79 50.33
N LEU D 118 8.89 -10.79 51.21
CA LEU D 118 7.73 -10.62 52.06
C LEU D 118 6.46 -10.39 51.23
N SER D 119 6.64 -9.83 50.03
CA SER D 119 5.58 -9.70 49.03
C SER D 119 6.26 -9.51 47.67
N PRO D 120 5.48 -9.54 46.57
CA PRO D 120 6.09 -9.36 45.24
C PRO D 120 6.45 -7.91 44.88
N THR D 121 6.53 -7.04 45.89
CA THR D 121 6.97 -5.65 45.69
C THR D 121 8.11 -5.23 46.62
N SER D 122 8.21 -5.86 47.80
CA SER D 122 9.34 -5.60 48.70
C SER D 122 10.65 -5.83 47.95
N PRO D 123 11.65 -4.94 48.14
CA PRO D 123 12.94 -5.16 47.49
C PRO D 123 13.70 -6.33 48.11
N LEU D 124 14.81 -6.73 47.49
CA LEU D 124 15.70 -7.68 48.13
C LEU D 124 16.41 -7.00 49.31
N ASP D 125 16.27 -7.60 50.50
CA ASP D 125 16.99 -7.10 51.66
C ASP D 125 18.13 -8.04 52.00
N LEU D 126 19.35 -7.57 51.79
CA LEU D 126 20.52 -8.39 52.06
C LEU D 126 20.81 -8.53 53.55
N ARG D 127 20.39 -7.54 54.33
CA ARG D 127 20.62 -7.55 55.77
C ARG D 127 19.74 -8.59 56.46
N ALA D 128 18.49 -8.70 56.00
CA ALA D 128 17.52 -9.64 56.56
C ALA D 128 17.97 -11.09 56.47
N LEU D 129 18.59 -11.44 55.35
CA LEU D 129 19.21 -12.74 55.16
C LEU D 129 20.22 -13.00 56.27
N MET D 130 20.99 -11.97 56.61
CA MET D 130 22.02 -12.07 57.63
C MET D 130 21.41 -12.28 59.01
N VAL D 131 20.28 -11.62 59.25
CA VAL D 131 19.50 -11.85 60.46
C VAL D 131 19.13 -13.34 60.54
N THR D 132 18.41 -13.81 59.53
CA THR D 132 17.96 -15.20 59.44
C THR D 132 19.08 -16.20 59.68
N ALA D 133 20.21 -15.97 59.02
CA ALA D 133 21.36 -16.85 59.09
C ALA D 133 21.89 -16.92 60.52
N GLN D 134 21.63 -15.88 61.29
CA GLN D 134 21.97 -15.85 62.71
C GLN D 134 20.95 -16.62 63.54
N LEU D 135 19.68 -16.48 63.19
CA LEU D 135 18.60 -17.13 63.91
C LEU D 135 18.63 -18.65 63.69
N MET D 136 18.89 -19.08 62.46
CA MET D 136 19.09 -20.49 62.17
C MET D 136 20.31 -21.03 62.90
N CYS D 137 21.29 -20.16 63.09
CA CYS D 137 22.52 -20.48 63.80
C CYS D 137 22.27 -20.55 65.32
N ASP D 138 21.38 -19.70 65.81
CA ASP D 138 21.04 -19.62 67.23
C ASP D 138 19.91 -20.56 67.67
N ALA D 139 19.08 -20.99 66.72
CA ALA D 139 17.93 -21.87 67.00
C ALA D 139 18.30 -23.10 67.81
N LYS D 140 17.75 -23.18 69.01
CA LYS D 140 18.03 -24.28 69.93
C LYS D 140 16.88 -25.30 69.90
N ARG D 141 17.19 -26.52 70.34
CA ARG D 141 16.19 -27.57 70.49
C ARG D 141 15.07 -27.14 71.42
N LEU D 142 13.99 -27.91 71.45
CA LEU D 142 12.87 -27.60 72.33
C LEU D 142 13.21 -27.80 73.81
N SER D 143 14.02 -28.82 74.10
CA SER D 143 14.42 -29.15 75.48
C SER D 143 14.98 -27.96 76.26
N ASP D 144 15.60 -27.02 75.55
CA ASP D 144 16.11 -25.80 76.18
C ASP D 144 14.98 -24.82 76.49
N GLU D 145 14.02 -24.70 75.57
CA GLU D 145 12.96 -23.70 75.67
C GLU D 145 11.77 -24.08 76.57
N TYR D 146 11.62 -25.37 76.93
CA TYR D 146 10.58 -25.81 77.88
C TYR D 146 10.68 -25.08 79.20
N THR D 147 11.93 -24.94 79.67
CA THR D 147 12.27 -24.22 80.88
C THR D 147 12.01 -22.71 80.74
N ASP D 148 12.27 -22.20 79.50
CA ASP D 148 12.06 -20.79 79.15
C ASP D 148 10.61 -20.35 79.38
N TYR D 149 9.67 -21.23 79.02
CA TYR D 149 8.27 -21.01 79.33
C TYR D 149 8.00 -21.30 80.80
N LEU D 152 2.94 -22.85 76.77
CA LEU D 152 3.80 -22.66 75.62
C LEU D 152 3.15 -23.30 74.41
N SER D 153 2.40 -24.37 74.64
CA SER D 153 1.68 -25.11 73.60
C SER D 153 0.60 -24.26 72.93
N ALA D 154 0.64 -22.96 73.19
CA ALA D 154 -0.15 -21.97 72.45
C ALA D 154 0.76 -21.05 71.63
N SER D 155 1.89 -20.66 72.22
CA SER D 155 2.91 -19.85 71.52
C SER D 155 3.75 -20.66 70.51
N LEU D 156 3.69 -21.99 70.61
CA LEU D 156 4.37 -22.90 69.68
C LEU D 156 3.44 -23.41 68.61
N HIS D 157 2.13 -23.24 68.83
CA HIS D 157 1.14 -23.83 67.95
C HIS D 157 1.34 -23.44 66.49
N GLY D 158 1.50 -24.46 65.63
CA GLY D 158 1.61 -24.25 64.19
C GLY D 158 3.00 -23.87 63.71
N ARG D 159 3.96 -23.82 64.63
CA ARG D 159 5.34 -23.48 64.30
C ARG D 159 6.06 -24.67 63.70
N MET D 160 7.13 -24.39 62.98
CA MET D 160 7.89 -25.43 62.31
C MET D 160 9.00 -25.99 63.17
N VAL D 161 9.12 -27.31 63.17
CA VAL D 161 10.18 -28.00 63.89
C VAL D 161 10.83 -29.04 62.97
N ALA D 162 12.14 -29.23 63.12
CA ALA D 162 12.85 -30.24 62.36
C ALA D 162 13.62 -31.18 63.29
N THR D 163 13.74 -32.45 62.90
CA THR D 163 14.48 -33.43 63.71
C THR D 163 15.81 -33.77 63.05
N PRO D 164 16.82 -32.90 63.23
CA PRO D 164 18.10 -32.97 62.51
C PRO D 164 18.92 -34.22 62.75
N GLU D 165 18.52 -35.06 63.69
CA GLU D 165 19.18 -36.35 63.90
C GLU D 165 18.54 -37.45 63.06
N ILE D 166 17.29 -37.21 62.64
CA ILE D 166 16.56 -38.15 61.79
C ILE D 166 16.18 -37.46 60.47
N SER D 167 17.11 -37.47 59.52
CA SER D 167 16.87 -36.99 58.14
C SER D 167 16.66 -35.49 57.98
N TRP D 168 16.56 -34.74 59.08
CA TRP D 168 16.09 -33.35 59.05
C TRP D 168 14.64 -33.26 58.57
N SER D 169 13.82 -34.26 58.90
CA SER D 169 12.41 -34.28 58.52
C SER D 169 11.69 -33.12 59.17
N LEU D 170 10.68 -32.59 58.49
CA LEU D 170 9.97 -31.41 58.96
C LEU D 170 8.58 -31.74 59.51
N TYR D 171 8.28 -31.17 60.68
CA TYR D 171 7.02 -31.38 61.37
C TYR D 171 6.33 -30.06 61.68
N VAL D 172 5.02 -30.12 61.92
CA VAL D 172 4.26 -28.94 62.32
C VAL D 172 3.74 -29.11 63.75
N VAL D 173 4.32 -28.36 64.68
CA VAL D 173 3.96 -28.50 66.10
C VAL D 173 2.51 -28.06 66.33
N LEU D 174 1.75 -28.94 66.98
CA LEU D 174 0.36 -28.68 67.32
C LEU D 174 0.19 -28.35 68.79
N GLY D 175 1.15 -28.77 69.62
CA GLY D 175 1.13 -28.52 71.06
C GLY D 175 1.96 -29.50 71.83
N ILE D 176 1.96 -29.36 73.16
CA ILE D 176 2.73 -30.24 74.03
C ILE D 176 1.78 -31.15 74.79
N ASP D 177 2.08 -32.43 74.78
CA ASP D 177 1.25 -33.46 75.38
C ASP D 177 1.85 -33.95 76.70
N SER D 178 1.36 -33.42 77.83
CA SER D 178 1.85 -33.85 79.14
C SER D 178 1.29 -35.21 79.57
N THR D 179 0.40 -35.77 78.73
CA THR D 179 -0.13 -37.13 78.90
C THR D 179 1.01 -38.15 78.99
N GLN D 180 1.93 -38.05 78.04
CA GLN D 180 3.04 -38.99 77.96
C GLN D 180 4.38 -38.29 77.80
N THR D 181 5.44 -39.09 77.88
CA THR D 181 6.80 -38.59 77.91
C THR D 181 7.68 -39.62 77.24
N SER D 182 8.88 -39.22 76.83
CA SER D 182 9.83 -40.12 76.15
C SER D 182 9.96 -41.49 76.84
N LEU D 183 9.57 -41.56 78.11
CA LEU D 183 9.59 -42.80 78.88
C LEU D 183 8.27 -43.57 78.79
N SER D 184 7.26 -42.99 78.13
CA SER D 184 5.97 -43.64 77.98
C SER D 184 5.98 -44.66 76.84
N TYR D 185 5.01 -45.56 76.87
CA TYR D 185 4.89 -46.62 75.87
C TYR D 185 3.97 -46.24 74.72
N PHE D 186 4.31 -46.77 73.53
CA PHE D 186 3.41 -46.74 72.38
C PHE D 186 3.39 -48.16 71.81
N THR D 187 2.28 -48.56 71.20
CA THR D 187 2.16 -49.92 70.66
C THR D 187 1.99 -49.93 69.14
N ARG D 188 2.59 -50.94 68.50
CA ARG D 188 2.16 -51.41 67.17
C ARG D 188 1.70 -52.85 67.39
N ALA D 189 0.80 -53.34 66.53
CA ALA D 189 0.20 -54.68 66.68
C ALA D 189 1.13 -55.72 67.32
N ASN D 190 0.71 -56.24 68.49
CA ASN D 190 1.42 -57.29 69.25
C ASN D 190 2.59 -56.84 70.14
N GLU D 191 2.98 -55.57 70.01
CA GLU D 191 4.24 -55.10 70.60
C GLU D 191 4.16 -53.67 71.20
N SER D 192 4.59 -53.55 72.45
CA SER D 192 4.64 -52.26 73.15
C SER D 192 6.08 -51.86 73.54
N ILE D 193 6.50 -50.68 73.08
CA ILE D 193 7.85 -50.15 73.32
C ILE D 193 7.80 -48.73 73.86
N THR D 194 8.74 -48.39 74.74
CA THR D 194 8.95 -47.00 75.14
C THR D 194 9.57 -46.21 73.99
N TYR D 195 9.19 -44.94 73.85
CA TYR D 195 9.76 -44.07 72.81
C TYR D 195 11.30 -44.00 72.87
N MET D 196 11.84 -43.78 74.06
CA MET D 196 13.30 -43.72 74.27
C MET D 196 14.00 -45.01 73.82
N ARG D 197 13.33 -46.13 74.06
CA ARG D 197 13.82 -47.44 73.64
C ARG D 197 13.73 -47.58 72.11
N TYR D 198 12.76 -46.92 71.49
CA TYR D 198 12.62 -46.94 70.03
C TYR D 198 13.78 -46.24 69.33
N TYR D 199 14.03 -44.98 69.70
CA TYR D 199 15.08 -44.17 69.08
C TYR D 199 16.47 -44.75 69.32
N ALA D 200 16.62 -45.49 70.43
CA ALA D 200 17.82 -46.25 70.69
C ALA D 200 17.86 -47.52 69.81
N THR D 201 16.73 -48.25 69.76
CA THR D 201 16.61 -49.45 68.91
C THR D 201 16.90 -49.10 67.45
N ALA D 202 16.17 -48.10 66.93
CA ALA D 202 16.22 -47.76 65.51
C ALA D 202 17.45 -46.95 65.09
N HIS D 203 17.50 -45.68 65.47
CA HIS D 203 18.49 -44.73 64.92
C HIS D 203 19.74 -44.53 65.78
N ASN D 204 19.97 -45.44 66.72
CA ASN D 204 21.06 -45.33 67.71
C ASN D 204 21.19 -43.91 68.26
N ILE D 205 20.12 -43.44 68.90
CA ILE D 205 20.13 -42.19 69.63
C ILE D 205 19.70 -42.48 71.06
N HIS D 206 20.62 -42.26 72.00
CA HIS D 206 20.33 -42.43 73.41
C HIS D 206 19.87 -41.07 73.93
N LEU D 207 18.61 -41.01 74.38
CA LEU D 207 18.03 -39.75 74.86
C LEU D 207 18.59 -39.34 76.23
N ARG D 208 18.90 -38.05 76.36
CA ARG D 208 19.38 -37.48 77.62
C ARG D 208 18.23 -37.06 78.53
N ALA D 209 17.57 -35.96 78.17
CA ALA D 209 16.44 -35.45 78.93
C ALA D 209 15.16 -36.21 78.57
N ALA D 210 15.19 -37.51 78.83
CA ALA D 210 14.11 -38.43 78.49
C ALA D 210 12.84 -38.22 79.34
N ASP D 211 12.97 -37.41 80.38
CA ASP D 211 11.87 -37.17 81.32
C ASP D 211 10.90 -36.06 80.88
N LEU D 212 11.19 -35.43 79.75
CA LEU D 212 10.39 -34.29 79.30
C LEU D 212 9.16 -34.70 78.47
N PRO D 213 8.04 -33.97 78.64
CA PRO D 213 6.78 -34.25 77.95
C PRO D 213 6.86 -34.10 76.43
N LEU D 214 6.41 -35.14 75.72
CA LEU D 214 6.54 -35.24 74.27
C LEU D 214 5.82 -34.14 73.50
N VAL D 215 6.36 -33.81 72.32
CA VAL D 215 5.78 -32.82 71.43
C VAL D 215 4.74 -33.48 70.53
N ALA D 216 3.57 -32.87 70.41
CA ALA D 216 2.56 -33.33 69.48
C ALA D 216 2.61 -32.54 68.17
N ALA D 217 3.04 -33.21 67.11
CA ALA D 217 3.23 -32.57 65.80
C ALA D 217 2.85 -33.50 64.66
N VAL D 218 2.54 -32.91 63.51
CA VAL D 218 2.24 -33.67 62.30
C VAL D 218 3.39 -33.52 61.31
N ARG D 219 3.69 -34.61 60.59
CA ARG D 219 4.74 -34.59 59.58
C ARG D 219 4.29 -33.76 58.38
N LEU D 220 5.21 -33.00 57.80
CA LEU D 220 4.88 -32.12 56.67
C LEU D 220 4.52 -32.90 55.40
N ASP D 221 5.07 -34.11 55.28
CA ASP D 221 4.76 -35.04 54.20
C ASP D 221 3.34 -35.58 54.31
N ASP D 222 2.80 -35.56 55.53
CA ASP D 222 1.46 -36.05 55.81
C ASP D 222 0.44 -34.93 55.84
N LEU D 223 0.86 -33.75 56.30
CA LEU D 223 -0.02 -32.59 56.28
C LEU D 223 -0.11 -32.10 54.84
N LYS D 224 -0.82 -32.86 54.02
CA LYS D 224 -0.75 -32.67 52.57
C LYS D 224 -1.34 -31.34 52.15
N ASP D 225 -2.50 -30.99 52.72
CA ASP D 225 -3.06 -29.65 52.57
C ASP D 225 -4.10 -29.33 53.65
N HIS D 226 -4.35 -30.31 54.52
CA HIS D 226 -5.32 -30.18 55.62
C HIS D 226 -5.00 -28.96 56.49
N GLN D 227 -6.05 -28.31 56.96
CA GLN D 227 -5.93 -27.12 57.81
C GLN D 227 -5.42 -27.52 59.21
N ILE D 228 -4.78 -26.57 59.89
CA ILE D 228 -4.25 -26.80 61.24
C ILE D 228 -5.36 -26.55 62.28
N PRO D 229 -5.56 -27.52 63.22
CA PRO D 229 -6.53 -27.37 64.32
C PRO D 229 -6.28 -26.18 65.25
N ALA D 230 -7.25 -25.89 66.13
CA ALA D 230 -7.10 -24.85 67.15
C ALA D 230 -6.53 -25.50 68.42
N PRO D 231 -5.95 -24.68 69.33
CA PRO D 231 -5.34 -25.20 70.57
C PRO D 231 -6.29 -26.11 71.37
N ASP D 235 -8.47 -31.45 68.06
CA ASP D 235 -7.56 -31.95 67.04
C ASP D 235 -8.32 -32.64 65.90
N ASP D 236 -8.48 -31.91 64.79
CA ASP D 236 -9.30 -32.34 63.64
C ASP D 236 -8.95 -33.73 63.08
N LEU D 237 -7.90 -33.79 62.25
CA LEU D 237 -7.43 -35.06 61.69
C LEU D 237 -6.28 -35.62 62.53
N ALA D 238 -6.63 -36.50 63.46
CA ALA D 238 -5.70 -37.01 64.46
C ALA D 238 -5.06 -38.40 64.22
N PRO D 239 -5.43 -39.12 63.12
CA PRO D 239 -4.83 -40.46 62.93
C PRO D 239 -3.37 -40.47 62.46
N LYS D 240 -2.91 -39.34 61.92
CA LYS D 240 -1.52 -39.19 61.45
C LYS D 240 -0.65 -38.47 62.47
N LEU D 241 -1.27 -38.00 63.56
CA LEU D 241 -0.62 -37.26 64.65
C LEU D 241 0.49 -38.07 65.33
N ARG D 242 1.68 -37.47 65.41
CA ARG D 242 2.86 -38.13 65.97
C ARG D 242 3.45 -37.40 67.16
N PHE D 243 3.84 -38.15 68.18
CA PHE D 243 4.47 -37.61 69.38
C PHE D 243 5.96 -37.88 69.31
N LEU D 244 6.78 -36.86 69.57
CA LEU D 244 8.24 -36.99 69.43
C LEU D 244 9.04 -36.21 70.49
N PRO D 245 10.16 -36.78 70.96
CA PRO D 245 10.98 -36.25 72.05
C PRO D 245 11.44 -34.82 71.82
N PRO D 246 11.28 -33.96 72.83
CA PRO D 246 11.62 -32.54 72.87
C PRO D 246 13.06 -32.20 72.48
N GLU D 247 14.00 -33.04 72.90
CA GLU D 247 15.42 -32.79 72.66
C GLU D 247 15.87 -33.09 71.23
N LEU D 248 15.03 -33.78 70.47
CA LEU D 248 15.35 -34.10 69.07
C LEU D 248 14.83 -33.03 68.12
N CYS D 249 14.00 -32.14 68.64
CA CYS D 249 13.29 -31.17 67.81
C CYS D 249 13.99 -29.82 67.79
N LEU D 250 14.51 -29.46 66.62
CA LEU D 250 15.12 -28.15 66.43
C LEU D 250 14.02 -27.19 66.01
N LEU D 251 13.70 -26.23 66.87
CA LEU D 251 12.67 -25.26 66.55
C LEU D 251 13.19 -24.18 65.60
N LEU D 252 12.61 -24.15 64.41
CA LEU D 252 13.02 -23.23 63.35
C LEU D 252 12.54 -21.79 63.64
N PRO D 253 13.38 -20.78 63.35
CA PRO D 253 13.05 -19.35 63.52
C PRO D 253 11.75 -18.92 62.83
N ASP D 254 11.08 -17.93 63.41
CA ASP D 254 9.75 -17.44 62.98
C ASP D 254 9.56 -17.41 61.47
N GLU D 255 10.59 -16.93 60.78
CA GLU D 255 10.57 -16.64 59.34
C GLU D 255 10.18 -17.85 58.50
N PHE D 256 10.54 -19.05 58.96
CA PHE D 256 10.20 -20.28 58.27
C PHE D 256 8.95 -20.88 58.91
N ASP D 257 7.82 -20.20 58.70
CA ASP D 257 6.52 -20.69 59.13
C ASP D 257 6.04 -21.78 58.17
N LEU D 258 4.88 -22.36 58.46
CA LEU D 258 4.31 -23.42 57.64
C LEU D 258 4.24 -23.09 56.15
N ILE D 259 3.92 -21.85 55.81
CA ILE D 259 3.86 -21.45 54.41
C ILE D 259 5.23 -21.56 53.73
N ARG D 260 6.22 -20.80 54.20
CA ARG D 260 7.59 -20.80 53.63
C ARG D 260 8.15 -22.20 53.46
N VAL D 261 7.96 -23.02 54.48
CA VAL D 261 8.58 -24.32 54.56
C VAL D 261 7.99 -25.27 53.53
N GLN D 262 6.67 -25.24 53.39
CA GLN D 262 6.00 -26.11 52.42
C GLN D 262 6.18 -25.62 50.99
N ALA D 263 6.17 -24.31 50.79
CA ALA D 263 6.51 -23.75 49.48
C ALA D 263 7.96 -24.10 49.12
N LEU D 264 8.80 -24.34 50.14
CA LEU D 264 10.19 -24.70 49.92
C LEU D 264 10.34 -26.04 49.18
N GLN D 265 9.49 -27.00 49.49
CA GLN D 265 9.59 -28.32 48.87
C GLN D 265 9.50 -28.25 47.33
N PHE D 266 8.82 -27.23 46.80
CA PHE D 266 8.61 -27.13 45.35
C PHE D 266 9.75 -26.44 44.61
N LEU D 267 10.69 -25.86 45.36
CA LEU D 267 11.83 -25.18 44.74
C LEU D 267 12.64 -26.08 43.83
N PRO D 268 12.90 -27.33 44.27
CA PRO D 268 13.48 -28.31 43.34
C PRO D 268 12.71 -28.45 42.02
N GLU D 269 11.37 -28.44 42.09
CA GLU D 269 10.56 -28.53 40.86
C GLU D 269 10.83 -27.36 39.93
N ILE D 270 11.01 -26.16 40.52
CA ILE D 270 11.44 -24.99 39.76
C ILE D 270 12.82 -25.21 39.13
N ALA D 271 13.71 -25.87 39.87
CA ALA D 271 15.05 -26.10 39.36
C ALA D 271 15.01 -27.06 38.18
N LYS D 272 14.26 -28.16 38.33
CA LYS D 272 14.04 -29.13 37.25
C LYS D 272 13.47 -28.41 36.02
N HIS D 273 12.49 -27.55 36.28
CA HIS D 273 11.82 -26.77 35.24
C HIS D 273 12.83 -26.01 34.40
N ILE D 274 13.72 -25.28 35.06
CA ILE D 274 14.73 -24.48 34.35
C ILE D 274 15.68 -25.38 33.60
N CYS D 275 15.99 -26.54 34.20
CA CYS D 275 16.84 -27.53 33.57
C CYS D 275 16.18 -28.01 32.28
N ASP D 276 14.89 -28.32 32.37
CA ASP D 276 14.10 -28.78 31.23
C ASP D 276 14.12 -27.78 30.08
N ILE D 277 13.80 -26.53 30.38
CA ILE D 277 13.87 -25.44 29.42
C ILE D 277 15.18 -25.49 28.62
N GLN D 278 16.30 -25.38 29.31
CA GLN D 278 17.63 -25.36 28.68
C GLN D 278 17.93 -26.60 27.83
N ASN D 279 17.49 -27.76 28.31
CA ASN D 279 17.64 -29.00 27.56
C ASN D 279 16.84 -28.93 26.25
N THR D 280 15.53 -28.76 26.41
CA THR D 280 14.58 -28.69 25.30
C THR D 280 15.03 -27.73 24.22
N ILE D 281 15.54 -26.57 24.62
CA ILE D 281 16.11 -25.64 23.65
C ILE D 281 17.28 -26.26 22.89
N CYS D 282 18.31 -26.71 23.59
CA CYS D 282 19.47 -27.24 22.89
C CYS D 282 19.33 -28.72 22.52
N ALA D 283 18.08 -29.14 22.30
CA ALA D 283 17.76 -30.45 21.77
C ALA D 283 16.87 -30.30 20.53
N LEU D 284 16.20 -29.16 20.41
CA LEU D 284 15.12 -29.01 19.45
C LEU D 284 15.04 -27.62 18.81
N ASP D 285 15.75 -26.64 19.38
CA ASP D 285 15.75 -25.25 18.87
C ASP D 285 16.19 -25.14 17.40
N LYS D 286 17.02 -26.06 16.95
CA LYS D 286 17.46 -26.07 15.56
C LYS D 286 16.56 -26.95 14.68
N SER D 287 15.90 -27.93 15.30
CA SER D 287 15.02 -28.86 14.59
C SER D 287 13.57 -28.36 14.45
N PHE D 288 13.22 -27.32 15.18
CA PHE D 288 11.87 -26.77 15.13
C PHE D 288 11.97 -25.34 14.60
N PRO D 289 11.12 -24.98 13.62
CA PRO D 289 11.17 -23.69 12.95
C PRO D 289 11.36 -22.51 13.90
N ASP D 290 12.43 -21.76 13.63
CA ASP D 290 12.82 -20.60 14.43
C ASP D 290 11.78 -19.48 14.40
N CYS D 291 11.28 -19.16 15.58
CA CYS D 291 10.37 -18.05 15.76
C CYS D 291 11.11 -16.82 16.33
N GLY D 292 12.39 -16.98 16.64
CA GLY D 292 13.20 -15.88 17.19
C GLY D 292 13.05 -15.68 18.69
N ARG D 293 12.21 -16.50 19.31
CA ARG D 293 12.05 -16.50 20.77
C ARG D 293 13.27 -17.12 21.43
N ILE D 294 13.47 -16.79 22.71
CA ILE D 294 14.60 -17.35 23.48
C ILE D 294 14.14 -18.00 24.78
N GLY D 295 15.03 -18.80 25.36
CA GLY D 295 14.82 -19.40 26.68
C GLY D 295 13.42 -19.92 26.99
N GLY D 296 12.83 -19.35 28.05
CA GLY D 296 11.54 -19.79 28.57
C GLY D 296 10.46 -19.91 27.52
N GLU D 297 10.28 -18.85 26.72
CA GLU D 297 9.24 -18.82 25.69
C GLU D 297 9.55 -19.77 24.54
N ARG D 298 10.81 -19.78 24.10
CA ARG D 298 11.24 -20.74 23.10
C ARG D 298 10.87 -22.15 23.52
N TYR D 299 11.04 -22.46 24.82
CA TYR D 299 10.63 -23.76 25.33
C TYR D 299 9.14 -23.96 25.13
N PHE D 300 8.33 -23.08 25.72
CA PHE D 300 6.89 -23.22 25.67
C PHE D 300 6.36 -23.35 24.24
N ALA D 301 6.94 -22.59 23.32
CA ALA D 301 6.59 -22.66 21.91
C ALA D 301 6.78 -24.08 21.39
N ILE D 302 8.00 -24.61 21.54
CA ILE D 302 8.30 -25.99 21.15
C ILE D 302 7.39 -27.01 21.86
N THR D 303 7.12 -26.80 23.15
CA THR D 303 6.27 -27.69 23.92
C THR D 303 4.88 -27.72 23.31
N ALA D 304 4.34 -26.54 23.02
CA ALA D 304 2.97 -26.41 22.50
C ALA D 304 2.89 -26.91 21.06
N GLY D 305 3.93 -26.63 20.28
CA GLY D 305 3.98 -27.06 18.90
C GLY D 305 4.18 -28.55 18.71
N LEU D 306 4.81 -29.21 19.68
CA LEU D 306 5.19 -30.64 19.56
C LEU D 306 4.55 -31.63 20.55
N ARG D 307 4.36 -31.24 21.80
CA ARG D 307 3.60 -32.09 22.72
C ARG D 307 2.14 -31.92 22.38
N LEU D 308 1.59 -32.89 21.65
CA LEU D 308 0.27 -32.72 21.03
C LEU D 308 -0.90 -33.10 21.95
N ASP D 309 -0.63 -34.00 22.89
CA ASP D 309 -1.60 -34.39 23.89
C ASP D 309 -1.38 -33.52 25.10
N GLN D 310 -2.16 -33.78 26.14
CA GLN D 310 -1.91 -33.22 27.47
C GLN D 310 -1.12 -34.25 28.29
N GLY D 311 -0.89 -33.98 29.57
CA GLY D 311 -0.12 -34.90 30.42
C GLY D 311 -0.74 -36.28 30.58
N ARG D 312 -0.16 -37.09 31.45
CA ARG D 312 -0.79 -38.35 31.83
C ARG D 312 -0.99 -38.37 33.35
N GLY D 313 -2.10 -37.77 33.79
CA GLY D 313 -2.45 -37.71 35.22
C GLY D 313 -1.46 -36.92 36.06
N ARG D 314 -0.32 -37.54 36.33
CA ARG D 314 0.78 -36.91 37.08
C ARG D 314 1.27 -35.59 36.45
N GLY D 315 1.32 -35.53 35.12
CA GLY D 315 1.66 -34.28 34.43
C GLY D 315 2.39 -34.42 33.11
N LEU D 316 2.49 -33.31 32.38
CA LEU D 316 3.14 -33.26 31.07
C LEU D 316 4.61 -33.63 31.12
N ALA D 317 5.38 -32.90 31.94
CA ALA D 317 6.80 -33.19 32.15
C ALA D 317 7.06 -33.57 33.61
N GLY D 318 7.19 -34.87 33.86
CA GLY D 318 7.23 -35.37 35.21
C GLY D 318 5.93 -35.03 35.93
N TRP D 319 6.05 -34.24 37.00
CA TRP D 319 4.92 -33.89 37.86
C TRP D 319 4.41 -32.46 37.59
N ARG D 320 5.15 -31.74 36.75
CA ARG D 320 4.84 -30.34 36.47
C ARG D 320 4.29 -30.13 35.06
N THR D 321 3.26 -29.30 34.97
CA THR D 321 2.57 -28.98 33.72
C THR D 321 2.66 -27.47 33.43
N PRO D 322 3.42 -27.09 32.37
CA PRO D 322 3.62 -25.68 32.07
C PRO D 322 2.39 -25.07 31.44
N PHE D 323 2.16 -23.79 31.72
CA PHE D 323 1.08 -23.04 31.10
C PHE D 323 1.53 -21.67 30.58
N GLY D 324 0.81 -21.16 29.59
CA GLY D 324 1.13 -19.86 29.00
C GLY D 324 0.69 -18.68 29.86
N PRO D 325 0.71 -17.46 29.28
CA PRO D 325 0.17 -16.30 30.00
C PRO D 325 -1.35 -16.41 30.10
N PHE D 326 -1.91 -15.87 31.19
CA PHE D 326 -3.35 -15.95 31.50
C PHE D 326 -3.78 -17.38 31.80
N GLY D 327 -2.79 -18.22 32.08
CA GLY D 327 -3.01 -19.59 32.52
C GLY D 327 -3.50 -20.51 31.43
N VAL D 328 -3.12 -20.20 30.19
CA VAL D 328 -3.57 -20.99 29.04
C VAL D 328 -2.83 -22.33 29.00
N SER D 329 -3.58 -23.41 28.75
CA SER D 329 -3.00 -24.73 28.49
C SER D 329 -2.14 -24.71 27.23
N HIS D 330 -1.08 -25.51 27.22
CA HIS D 330 -0.19 -25.57 26.04
C HIS D 330 -0.92 -26.07 24.79
N THR D 331 -1.94 -26.89 25.01
CA THR D 331 -2.82 -27.38 23.96
C THR D 331 -3.62 -26.21 23.43
N ASP D 332 -4.29 -25.50 24.33
CA ASP D 332 -5.05 -24.32 23.96
C ASP D 332 -4.20 -23.36 23.15
N VAL D 333 -2.96 -23.12 23.57
CA VAL D 333 -2.07 -22.28 22.79
C VAL D 333 -1.99 -22.78 21.36
N PHE D 334 -1.63 -24.05 21.18
CA PHE D 334 -1.56 -24.66 19.85
C PHE D 334 -2.85 -24.42 19.09
N GLN D 335 -3.96 -24.59 19.79
CA GLN D 335 -5.29 -24.48 19.20
C GLN D 335 -5.49 -23.08 18.61
N ARG D 336 -5.36 -22.07 19.45
CA ARG D 336 -5.57 -20.70 19.01
C ARG D 336 -4.44 -20.14 18.14
N LEU D 337 -3.26 -20.75 18.20
CA LEU D 337 -2.18 -20.38 17.29
C LEU D 337 -2.41 -20.98 15.90
N GLU D 338 -2.97 -22.21 15.84
CA GLU D 338 -3.28 -22.85 14.57
C GLU D 338 -4.24 -21.96 13.83
N LEU D 339 -5.24 -21.48 14.56
CA LEU D 339 -6.27 -20.62 14.03
C LEU D 339 -5.73 -19.32 13.47
N LEU D 340 -4.72 -18.78 14.16
CA LEU D 340 -4.12 -17.52 13.76
C LEU D 340 -3.23 -17.72 12.54
N GLY D 341 -2.50 -18.82 12.53
CA GLY D 341 -1.62 -19.13 11.42
C GLY D 341 -2.45 -19.29 10.16
N ASP D 342 -3.45 -20.15 10.23
CA ASP D 342 -4.39 -20.36 9.15
C ASP D 342 -4.80 -19.03 8.53
N ALA D 343 -5.11 -18.06 9.38
CA ALA D 343 -5.64 -16.76 8.96
C ALA D 343 -4.64 -15.89 8.23
N VAL D 344 -3.36 -15.96 8.63
CA VAL D 344 -2.32 -15.15 7.98
C VAL D 344 -1.62 -15.88 6.85
N LEU D 345 -1.63 -17.21 6.92
CA LEU D 345 -1.15 -18.01 5.80
C LEU D 345 -2.00 -17.66 4.58
N GLY D 346 -3.30 -17.51 4.82
CA GLY D 346 -4.25 -17.16 3.81
C GLY D 346 -4.01 -15.77 3.27
N PHE D 347 -3.61 -14.85 4.14
CA PHE D 347 -3.38 -13.49 3.66
C PHE D 347 -2.13 -13.43 2.81
N ILE D 348 -1.02 -13.95 3.33
CA ILE D 348 0.25 -13.89 2.61
C ILE D 348 0.14 -14.59 1.27
N VAL D 349 -0.45 -15.78 1.26
CA VAL D 349 -0.61 -16.53 0.02
C VAL D 349 -1.52 -15.78 -0.98
N THR D 350 -2.51 -15.06 -0.47
CA THR D 350 -3.39 -14.31 -1.35
C THR D 350 -2.65 -13.13 -1.97
N ALA D 351 -1.97 -12.36 -1.14
CA ALA D 351 -1.27 -11.16 -1.58
C ALA D 351 -0.17 -11.51 -2.58
N ARG D 352 0.60 -12.55 -2.28
CA ARG D 352 1.72 -12.90 -3.14
C ARG D 352 1.30 -13.51 -4.46
N LEU D 353 0.26 -14.34 -4.45
CA LEU D 353 -0.28 -14.94 -5.67
C LEU D 353 -0.89 -13.88 -6.56
N LEU D 354 -1.46 -12.88 -5.91
CA LEU D 354 -2.07 -11.75 -6.59
C LEU D 354 -1.03 -11.12 -7.52
N CYS D 355 0.23 -11.06 -7.08
CA CYS D 355 1.29 -10.43 -7.88
C CYS D 355 2.04 -11.40 -8.78
N LEU D 356 2.16 -12.66 -8.35
CA LEU D 356 2.87 -13.65 -9.13
C LEU D 356 2.14 -13.94 -10.45
N PHE D 357 0.82 -13.97 -10.41
CA PHE D 357 0.01 -14.09 -11.61
C PHE D 357 -0.90 -12.88 -11.72
N PRO D 358 -0.34 -11.76 -12.19
CA PRO D 358 -1.12 -10.53 -12.10
C PRO D 358 -2.33 -10.53 -13.02
N ASP D 359 -2.35 -11.42 -14.02
CA ASP D 359 -3.44 -11.45 -14.98
C ASP D 359 -4.53 -12.47 -14.65
N ALA D 360 -4.32 -13.29 -13.63
CA ALA D 360 -5.31 -14.30 -13.22
C ALA D 360 -6.64 -13.69 -12.82
N SER D 361 -7.73 -14.42 -13.11
CA SER D 361 -9.07 -14.03 -12.65
C SER D 361 -9.20 -14.32 -11.15
N VAL D 362 -10.17 -13.70 -10.48
CA VAL D 362 -10.38 -13.96 -9.04
C VAL D 362 -10.79 -15.43 -8.86
N GLY D 363 -11.45 -15.96 -9.88
CA GLY D 363 -11.85 -17.36 -9.89
C GLY D 363 -10.66 -18.28 -9.69
N THR D 364 -9.68 -18.17 -10.58
CA THR D 364 -8.52 -19.09 -10.55
C THR D 364 -7.50 -18.79 -9.44
N LEU D 365 -7.45 -17.54 -8.98
CA LEU D 365 -6.60 -17.14 -7.85
C LEU D 365 -7.00 -17.86 -6.57
N VAL D 366 -8.29 -17.81 -6.26
CA VAL D 366 -8.85 -18.55 -5.14
C VAL D 366 -8.51 -20.02 -5.30
N GLU D 367 -8.74 -20.56 -6.51
CA GLU D 367 -8.36 -21.94 -6.84
C GLU D 367 -6.89 -22.25 -6.49
N LEU D 368 -5.97 -21.38 -6.95
CA LEU D 368 -4.54 -21.55 -6.70
C LEU D 368 -4.16 -21.43 -5.24
N LYS D 369 -4.92 -20.64 -4.48
CA LYS D 369 -4.69 -20.47 -3.05
C LYS D 369 -4.93 -21.79 -2.32
N MET D 370 -6.07 -22.41 -2.59
CA MET D 370 -6.45 -23.65 -1.94
C MET D 370 -5.58 -24.77 -2.46
N GLU D 371 -4.82 -24.48 -3.49
CA GLU D 371 -3.92 -25.44 -4.05
C GLU D 371 -2.63 -25.47 -3.24
N LEU D 372 -2.40 -24.39 -2.49
CA LEU D 372 -1.20 -24.23 -1.68
C LEU D 372 -1.46 -24.35 -0.17
N VAL D 373 -2.67 -24.04 0.26
CA VAL D 373 -3.00 -24.09 1.68
C VAL D 373 -3.80 -25.34 1.99
N ARG D 374 -4.22 -26.00 0.92
CA ARG D 374 -4.88 -27.31 0.98
C ARG D 374 -4.21 -28.18 2.01
N ASN D 375 -5.03 -28.93 2.75
CA ASN D 375 -4.53 -29.91 3.70
C ASN D 375 -3.54 -30.85 3.03
N GLU D 376 -3.98 -31.48 1.94
CA GLU D 376 -3.12 -32.34 1.12
C GLU D 376 -1.67 -31.85 1.04
N ALA D 377 -1.51 -30.53 0.89
CA ALA D 377 -0.21 -29.91 0.61
C ALA D 377 0.58 -29.63 1.88
N LEU D 378 -0.03 -28.95 2.83
CA LEU D 378 0.62 -28.64 4.11
C LEU D 378 1.10 -29.91 4.80
N ASN D 379 0.39 -31.00 4.50
CA ASN D 379 0.69 -32.31 5.06
C ASN D 379 2.05 -32.77 4.60
N TYR D 380 2.26 -32.70 3.30
CA TYR D 380 3.54 -32.99 2.69
C TYR D 380 4.62 -32.11 3.28
N LEU D 381 4.32 -30.82 3.42
CA LEU D 381 5.32 -29.87 3.90
C LEU D 381 5.75 -30.16 5.32
N VAL D 382 4.85 -30.70 6.12
CA VAL D 382 5.18 -31.05 7.49
C VAL D 382 6.11 -32.25 7.49
N GLN D 383 5.78 -33.26 6.67
CA GLN D 383 6.64 -34.44 6.50
C GLN D 383 8.08 -34.02 6.16
N THR D 384 8.21 -33.09 5.21
CA THR D 384 9.51 -32.63 4.76
C THR D 384 10.24 -31.82 5.83
N LEU D 385 9.50 -31.25 6.77
CA LEU D 385 10.12 -30.55 7.88
C LEU D 385 10.53 -31.56 8.96
N GLY D 386 10.03 -32.78 8.81
CA GLY D 386 10.35 -33.88 9.72
C GLY D 386 9.75 -33.74 11.10
N LEU D 387 8.67 -32.98 11.21
CA LEU D 387 7.98 -32.81 12.49
C LEU D 387 7.30 -34.08 12.99
N PRO D 388 6.64 -34.86 12.10
CA PRO D 388 6.00 -36.08 12.58
C PRO D 388 6.90 -36.95 13.48
N GLN D 389 8.20 -36.94 13.24
CA GLN D 389 9.10 -37.74 14.06
C GLN D 389 9.18 -37.16 15.47
N LEU D 390 9.36 -35.85 15.54
CA LEU D 390 9.62 -35.18 16.80
C LEU D 390 8.36 -35.06 17.69
N ALA D 391 7.19 -35.23 17.07
CA ALA D 391 5.92 -35.01 17.76
C ALA D 391 5.50 -36.20 18.63
N GLU D 392 5.07 -35.88 19.85
CA GLU D 392 4.56 -36.89 20.79
C GLU D 392 3.09 -36.67 21.18
N PHE D 393 2.33 -37.77 21.32
CA PHE D 393 0.91 -37.73 21.70
C PHE D 393 0.37 -39.00 22.39
N SER D 401 -9.74 -35.54 14.43
CA SER D 401 -10.02 -34.10 14.42
C SER D 401 -8.80 -33.23 14.06
N LYS D 402 -7.60 -33.61 14.53
CA LYS D 402 -6.36 -32.90 14.19
C LYS D 402 -5.62 -33.59 13.05
N THR D 403 -4.78 -32.84 12.35
CA THR D 403 -4.04 -33.38 11.22
C THR D 403 -2.59 -32.96 11.33
N TRP D 404 -1.73 -33.67 10.61
CA TRP D 404 -0.35 -33.25 10.42
C TRP D 404 -0.30 -31.83 9.87
N ALA D 405 -1.18 -31.54 8.90
CA ALA D 405 -1.23 -30.25 8.22
C ALA D 405 -1.43 -29.09 9.17
N ASP D 406 -2.05 -29.37 10.32
CA ASP D 406 -2.36 -28.35 11.32
C ASP D 406 -1.11 -27.77 11.94
N MET D 407 -0.07 -28.59 12.06
CA MET D 407 1.21 -28.15 12.62
C MET D 407 1.85 -27.01 11.82
N TYR D 408 1.66 -27.04 10.51
CA TYR D 408 2.16 -25.98 9.65
C TYR D 408 1.46 -24.65 10.01
N GLU D 409 0.13 -24.65 10.07
CA GLU D 409 -0.63 -23.45 10.40
C GLU D 409 -0.22 -22.91 11.76
N GLU D 410 -0.07 -23.82 12.72
CA GLU D 410 0.31 -23.45 14.07
C GLU D 410 1.66 -22.72 14.09
N ILE D 411 2.65 -23.28 13.38
CA ILE D 411 3.98 -22.66 13.31
C ILE D 411 3.89 -21.25 12.77
N VAL D 412 3.14 -21.06 11.68
CA VAL D 412 2.97 -19.73 11.11
C VAL D 412 2.40 -18.80 12.17
N GLY D 413 1.38 -19.28 12.88
CA GLY D 413 0.83 -18.58 14.05
C GLY D 413 1.91 -18.23 15.07
N SER D 414 2.65 -19.25 15.50
CA SER D 414 3.74 -19.07 16.47
C SER D 414 4.73 -18.01 16.02
N ILE D 415 5.27 -18.14 14.80
CA ILE D 415 6.26 -17.19 14.29
C ILE D 415 5.69 -15.78 14.21
N PHE D 416 4.43 -15.68 13.77
CA PHE D 416 3.77 -14.39 13.58
C PHE D 416 3.59 -13.62 14.88
N THR D 417 3.25 -14.34 15.95
CA THR D 417 3.11 -13.77 17.29
C THR D 417 4.46 -13.61 18.02
N GLY D 418 5.51 -14.22 17.48
CA GLY D 418 6.85 -14.08 18.03
C GLY D 418 7.53 -12.79 17.62
N PRO D 419 8.79 -12.59 18.05
CA PRO D 419 9.55 -11.38 17.78
C PRO D 419 9.96 -11.19 16.33
N ASN D 420 9.78 -12.22 15.50
CA ASN D 420 10.07 -12.09 14.09
C ASN D 420 8.92 -11.54 13.27
N GLY D 421 7.70 -11.72 13.78
CA GLY D 421 6.51 -11.18 13.15
C GLY D 421 6.27 -11.66 11.74
N ILE D 422 5.58 -10.83 10.96
CA ILE D 422 5.22 -11.17 9.59
C ILE D 422 6.42 -11.51 8.71
N TYR D 423 7.50 -10.74 8.87
CA TYR D 423 8.75 -11.02 8.19
C TYR D 423 9.16 -12.46 8.38
N GLY D 424 8.89 -12.99 9.57
CA GLY D 424 9.23 -14.35 9.91
C GLY D 424 8.37 -15.34 9.13
N CYS D 425 7.09 -15.01 8.98
CA CYS D 425 6.16 -15.86 8.26
C CYS D 425 6.43 -15.88 6.77
N GLU D 426 6.58 -14.70 6.19
CA GLU D 426 6.92 -14.57 4.77
C GLU D 426 8.14 -15.42 4.45
N GLU D 427 9.18 -15.27 5.27
CA GLU D 427 10.38 -16.12 5.20
C GLU D 427 10.09 -17.61 5.33
N PHE D 428 9.32 -18.01 6.34
CA PHE D 428 8.97 -19.41 6.53
C PHE D 428 8.25 -20.01 5.34
N LEU D 429 7.20 -19.35 4.87
CA LEU D 429 6.43 -19.82 3.72
C LEU D 429 7.33 -20.03 2.52
N ALA D 430 8.17 -19.04 2.23
CA ALA D 430 9.00 -19.04 1.05
C ALA D 430 10.12 -20.09 1.06
N LYS D 431 10.47 -20.58 2.24
CA LYS D 431 11.44 -21.68 2.39
C LYS D 431 10.80 -23.00 2.01
N THR D 432 9.49 -23.09 2.23
CA THR D 432 8.78 -24.37 2.28
C THR D 432 7.80 -24.61 1.15
N LEU D 433 7.09 -23.56 0.72
CA LEU D 433 6.16 -23.68 -0.39
C LEU D 433 6.92 -23.90 -1.68
N MET D 434 8.13 -23.35 -1.73
CA MET D 434 9.04 -23.54 -2.86
C MET D 434 10.35 -24.19 -2.42
N SER D 435 10.66 -25.31 -3.03
CA SER D 435 11.86 -26.04 -2.70
C SER D 435 12.27 -26.92 -3.86
N PRO D 436 13.59 -26.98 -4.16
CA PRO D 436 14.09 -27.89 -5.19
C PRO D 436 13.70 -29.34 -4.90
N GLU D 437 13.30 -29.57 -3.65
CA GLU D 437 12.89 -30.88 -3.16
C GLU D 437 11.47 -31.28 -3.61
N HIS D 438 10.85 -30.45 -4.45
CA HIS D 438 9.49 -30.73 -4.94
C HIS D 438 9.40 -31.32 -6.35
N SER D 439 10.53 -31.62 -6.98
CA SER D 439 10.50 -32.24 -8.30
C SER D 439 11.31 -33.53 -8.37
N LYS D 440 11.28 -34.20 -9.51
CA LYS D 440 11.99 -35.49 -9.67
C LYS D 440 12.98 -35.51 -10.84
N THR D 441 14.07 -36.27 -10.67
CA THR D 441 15.06 -36.45 -11.74
C THR D 441 15.82 -37.75 -11.53
N ALA D 445 19.16 -37.44 -17.53
CA ALA D 445 20.23 -36.46 -17.76
C ALA D 445 19.84 -35.42 -18.83
N CYS D 446 20.62 -34.33 -18.90
CA CYS D 446 20.25 -33.13 -19.68
C CYS D 446 21.00 -32.97 -21.02
N PRO D 447 20.43 -32.15 -21.94
CA PRO D 447 21.07 -31.77 -23.21
C PRO D 447 22.34 -30.94 -23.03
N ASP D 448 23.06 -30.71 -24.12
CA ASP D 448 24.41 -30.15 -24.08
C ASP D 448 24.46 -28.64 -23.84
N ALA D 449 23.44 -27.93 -24.32
CA ALA D 449 23.40 -26.47 -24.19
C ALA D 449 22.82 -26.02 -22.85
N VAL D 450 22.29 -26.97 -22.08
CA VAL D 450 21.66 -26.66 -20.80
C VAL D 450 22.67 -26.54 -19.67
N THR D 451 23.62 -27.48 -19.61
CA THR D 451 24.66 -27.47 -18.59
C THR D 451 25.51 -26.20 -18.70
N LYS D 452 25.74 -25.77 -19.93
CA LYS D 452 26.49 -24.53 -20.20
C LYS D 452 25.76 -23.31 -19.64
N ALA D 453 24.47 -23.20 -19.97
CA ALA D 453 23.60 -22.13 -19.45
C ALA D 453 23.56 -22.11 -17.92
N SER D 454 23.42 -23.29 -17.31
CA SER D 454 23.40 -23.43 -15.86
C SER D 454 24.67 -22.91 -15.19
N LYS D 455 25.81 -23.05 -15.87
CA LYS D 455 27.08 -22.55 -15.35
C LYS D 455 27.14 -21.03 -15.43
N ARG D 456 26.75 -20.50 -16.58
CA ARG D 456 26.78 -19.06 -16.83
C ARG D 456 25.94 -18.30 -15.81
N VAL D 457 24.82 -18.90 -15.42
CA VAL D 457 23.93 -18.34 -14.41
C VAL D 457 24.59 -18.37 -13.03
N CYS D 458 25.39 -19.39 -12.77
CA CYS D 458 26.07 -19.56 -11.48
C CYS D 458 27.22 -18.60 -11.20
N MET D 459 27.74 -17.97 -12.26
CA MET D 459 28.81 -16.99 -12.10
C MET D 459 28.53 -15.63 -12.73
N GLY D 460 27.29 -15.17 -12.56
CA GLY D 460 26.84 -13.85 -13.04
C GLY D 460 26.77 -13.71 -14.56
N GLU D 461 27.61 -14.48 -15.25
CA GLU D 461 27.82 -14.35 -16.69
C GLU D 461 26.61 -14.77 -17.53
N ALA D 462 25.46 -14.95 -16.86
CA ALA D 462 24.22 -15.36 -17.52
C ALA D 462 23.47 -14.19 -18.13
N GLY D 463 22.79 -14.46 -19.25
CA GLY D 463 22.05 -13.43 -19.96
C GLY D 463 20.61 -13.80 -20.27
N ALA D 464 20.14 -13.34 -21.42
CA ALA D 464 18.73 -13.51 -21.83
C ALA D 464 18.38 -14.94 -22.24
N HIS D 465 19.10 -15.50 -23.22
CA HIS D 465 18.80 -16.85 -23.73
C HIS D 465 19.17 -17.89 -22.71
N GLU D 466 20.20 -17.59 -21.92
CA GLU D 466 20.63 -18.48 -20.87
C GLU D 466 19.43 -18.92 -20.06
N PHE D 467 18.72 -17.95 -19.45
CA PHE D 467 17.52 -18.23 -18.66
C PHE D 467 16.39 -18.81 -19.51
N ARG D 468 16.13 -18.17 -20.64
CA ARG D 468 15.07 -18.59 -21.56
C ARG D 468 15.16 -20.05 -22.00
N SER D 469 16.39 -20.57 -22.10
CA SER D 469 16.65 -21.97 -22.45
C SER D 469 16.44 -22.88 -21.23
N LEU D 470 16.80 -22.39 -20.05
CA LEU D 470 16.63 -23.11 -18.79
C LEU D 470 15.15 -23.27 -18.45
N VAL D 471 14.39 -22.20 -18.64
CA VAL D 471 12.96 -22.20 -18.41
C VAL D 471 12.29 -23.19 -19.37
N ASP D 472 12.56 -23.04 -20.65
CA ASP D 472 11.94 -23.88 -21.68
C ASP D 472 12.21 -25.35 -21.45
N TYR D 473 13.42 -25.67 -21.02
CA TYR D 473 13.78 -27.04 -20.68
C TYR D 473 12.93 -27.53 -19.51
N ALA D 474 12.99 -26.80 -18.39
CA ALA D 474 12.21 -27.14 -17.21
C ALA D 474 10.74 -27.37 -17.54
N CYS D 475 10.23 -26.56 -18.48
CA CYS D 475 8.83 -26.60 -18.87
C CYS D 475 8.42 -27.92 -19.53
N GLU D 476 9.31 -28.49 -20.32
CA GLU D 476 9.00 -29.70 -21.10
C GLU D 476 9.47 -30.97 -20.41
N GLN D 477 10.45 -30.83 -19.52
CA GLN D 477 10.83 -31.90 -18.62
C GLN D 477 9.89 -31.92 -17.42
N GLY D 478 9.01 -30.92 -17.33
CA GLY D 478 8.02 -30.84 -16.27
C GLY D 478 8.64 -30.76 -14.88
N ILE D 479 9.18 -29.60 -14.53
CA ILE D 479 9.81 -29.37 -13.24
C ILE D 479 8.88 -28.54 -12.37
N SER D 480 8.57 -29.07 -11.19
CA SER D 480 7.69 -28.38 -10.26
C SER D 480 8.43 -27.92 -9.00
N VAL D 481 8.60 -26.61 -8.85
CA VAL D 481 9.28 -26.06 -7.67
C VAL D 481 8.32 -25.79 -6.52
N PHE D 482 7.03 -25.70 -6.84
CA PHE D 482 5.97 -25.50 -5.84
C PHE D 482 5.42 -26.82 -5.32
N CYS D 483 4.79 -26.78 -4.15
CA CYS D 483 4.16 -27.95 -3.57
C CYS D 483 2.77 -28.20 -4.17
N SER D 484 2.61 -27.83 -5.44
CA SER D 484 1.40 -28.17 -6.18
C SER D 484 1.70 -28.29 -7.66
N SER D 485 1.19 -29.35 -8.28
CA SER D 485 1.42 -29.53 -9.70
C SER D 485 0.81 -28.40 -10.53
N ARG D 486 -0.35 -27.89 -10.10
CA ARG D 486 -1.01 -26.84 -10.89
C ARG D 486 -0.25 -25.54 -10.83
N VAL D 487 0.14 -25.13 -9.63
CA VAL D 487 0.86 -23.87 -9.43
C VAL D 487 2.24 -23.92 -10.06
N SER D 488 2.87 -25.10 -10.04
CA SER D 488 4.17 -25.30 -10.67
C SER D 488 4.06 -25.10 -12.17
N THR D 489 3.10 -25.77 -12.77
CA THR D 489 2.81 -25.62 -14.19
C THR D 489 2.56 -24.17 -14.53
N MET D 490 1.75 -23.51 -13.71
CA MET D 490 1.37 -22.14 -13.98
C MET D 490 2.50 -21.15 -13.76
N PHE D 491 3.40 -21.51 -12.85
CA PHE D 491 4.59 -20.73 -12.62
C PHE D 491 5.44 -20.70 -13.89
N LEU D 492 5.54 -21.84 -14.55
CA LEU D 492 6.35 -21.94 -15.75
C LEU D 492 5.82 -21.07 -16.89
N GLU D 493 4.50 -21.03 -17.07
CA GLU D 493 3.91 -20.17 -18.10
C GLU D 493 4.11 -18.69 -17.76
N ARG D 494 3.89 -18.31 -16.50
CA ARG D 494 4.16 -16.94 -16.05
C ARG D 494 5.57 -16.52 -16.44
N LEU D 495 6.51 -17.45 -16.33
CA LEU D 495 7.92 -17.22 -16.64
C LEU D 495 8.15 -16.90 -18.10
N ARG D 496 7.41 -17.57 -18.99
CA ARG D 496 7.47 -17.25 -20.41
C ARG D 496 6.99 -15.82 -20.69
N ASP D 497 6.15 -15.29 -19.79
CA ASP D 497 5.56 -13.96 -19.97
C ASP D 497 6.44 -12.84 -19.41
N ILE D 498 7.41 -13.22 -18.59
CA ILE D 498 8.32 -12.25 -18.01
C ILE D 498 9.54 -12.07 -18.91
N PRO D 499 9.80 -10.82 -19.37
CA PRO D 499 10.93 -10.52 -20.25
C PRO D 499 12.27 -11.03 -19.69
N ALA D 500 12.96 -11.83 -20.51
CA ALA D 500 14.19 -12.53 -20.11
C ALA D 500 15.25 -11.64 -19.45
N GLU D 501 15.32 -10.37 -19.88
CA GLU D 501 16.21 -9.39 -19.27
C GLU D 501 15.97 -9.18 -17.77
N ASP D 502 14.74 -9.47 -17.34
CA ASP D 502 14.36 -9.27 -15.95
C ASP D 502 14.71 -10.48 -15.09
N MET D 503 14.89 -11.63 -15.73
CA MET D 503 15.07 -12.89 -15.01
C MET D 503 16.33 -12.93 -14.16
N LEU D 504 17.41 -12.33 -14.65
CA LEU D 504 18.65 -12.26 -13.88
C LEU D 504 18.43 -11.60 -12.52
N ASP D 505 17.62 -10.54 -12.50
CA ASP D 505 17.32 -9.83 -11.27
C ASP D 505 16.52 -10.68 -10.30
N TRP D 506 15.41 -11.26 -10.78
CA TRP D 506 14.60 -12.16 -9.96
C TRP D 506 15.46 -13.28 -9.40
N TYR D 507 16.20 -13.95 -10.28
CA TYR D 507 17.11 -15.00 -9.85
C TYR D 507 18.02 -14.53 -8.71
N ARG D 508 18.68 -13.38 -8.90
CA ARG D 508 19.57 -12.83 -7.87
C ARG D 508 18.82 -12.55 -6.58
N LEU D 509 17.63 -11.95 -6.68
CA LEU D 509 16.79 -11.70 -5.49
C LEU D 509 16.48 -13.01 -4.78
N GLY D 510 16.18 -14.03 -5.58
CA GLY D 510 15.92 -15.38 -5.08
C GLY D 510 17.12 -15.99 -4.39
N ILE D 511 18.28 -15.91 -5.03
CA ILE D 511 19.48 -16.50 -4.44
C ILE D 511 19.90 -15.74 -3.18
N GLN D 512 19.68 -14.43 -3.19
CA GLN D 512 19.93 -13.60 -2.02
C GLN D 512 19.19 -14.21 -0.83
N PHE D 513 17.90 -14.46 -1.05
CA PHE D 513 16.99 -15.00 -0.03
C PHE D 513 17.39 -16.39 0.46
N SER D 514 17.96 -17.19 -0.44
CA SER D 514 18.46 -18.50 -0.09
C SER D 514 19.62 -18.37 0.89
N HIS D 515 20.53 -17.44 0.60
CA HIS D 515 21.72 -17.24 1.45
C HIS D 515 21.36 -16.76 2.85
N ARG D 516 20.66 -15.62 2.97
CA ARG D 516 20.29 -15.06 4.26
C ARG D 516 19.44 -16.05 5.09
N SER D 517 18.71 -16.92 4.41
CA SER D 517 17.91 -17.94 5.08
C SER D 517 18.74 -19.06 5.66
N GLY D 518 20.00 -19.14 5.23
CA GLY D 518 20.91 -20.18 5.68
C GLY D 518 20.52 -21.57 5.16
N LEU D 519 20.08 -21.63 3.91
CA LEU D 519 19.78 -22.90 3.26
C LEU D 519 20.56 -23.07 1.95
N SER D 520 21.45 -22.14 1.66
CA SER D 520 22.28 -22.20 0.46
C SER D 520 23.65 -21.55 0.67
N VAL D 526 23.53 -25.12 -8.98
CA VAL D 526 24.08 -25.31 -10.34
C VAL D 526 23.18 -26.23 -11.19
N SER D 527 22.09 -26.71 -10.59
CA SER D 527 21.13 -27.56 -11.29
C SER D 527 19.95 -26.72 -11.77
N VAL D 528 19.26 -27.20 -12.81
CA VAL D 528 18.12 -26.48 -13.40
C VAL D 528 16.97 -26.36 -12.42
N ILE D 529 16.78 -27.38 -11.59
CA ILE D 529 15.77 -27.35 -10.55
C ILE D 529 16.08 -26.21 -9.59
N ASP D 530 17.32 -26.16 -9.11
CA ASP D 530 17.75 -25.15 -8.17
C ASP D 530 17.59 -23.74 -8.71
N ILE D 531 18.05 -23.53 -9.95
CA ILE D 531 17.85 -22.26 -10.63
C ILE D 531 16.35 -21.96 -10.69
N MET D 532 15.55 -22.95 -11.07
CA MET D 532 14.12 -22.75 -11.23
C MET D 532 13.43 -22.34 -9.94
N THR D 533 14.03 -22.70 -8.82
CA THR D 533 13.50 -22.36 -7.51
C THR D 533 13.86 -20.94 -7.11
N HIS D 534 15.09 -20.52 -7.39
CA HIS D 534 15.49 -19.16 -7.06
C HIS D 534 14.64 -18.14 -7.80
N LEU D 535 14.39 -18.40 -9.08
CA LEU D 535 13.48 -17.58 -9.87
C LEU D 535 12.14 -17.53 -9.17
N ALA D 536 11.66 -18.70 -8.75
CA ALA D 536 10.39 -18.78 -8.07
C ALA D 536 10.44 -17.84 -6.86
N ARG D 537 11.25 -18.18 -5.86
CA ARG D 537 11.28 -17.42 -4.63
C ARG D 537 11.48 -15.93 -4.88
N GLY D 538 12.26 -15.60 -5.91
CA GLY D 538 12.40 -14.22 -6.36
C GLY D 538 11.04 -13.61 -6.64
N LEU D 539 10.39 -14.12 -7.68
CA LEU D 539 9.07 -13.67 -8.11
C LEU D 539 7.98 -13.80 -7.05
N TRP D 540 8.08 -14.80 -6.19
CA TRP D 540 7.15 -14.89 -5.07
C TRP D 540 7.25 -13.65 -4.20
N LEU D 541 8.47 -13.36 -3.75
CA LEU D 541 8.69 -12.29 -2.79
C LEU D 541 8.55 -10.88 -3.37
N GLY D 542 9.13 -10.66 -4.55
CA GLY D 542 9.29 -9.32 -5.07
C GLY D 542 8.43 -8.86 -6.24
N SER D 543 7.55 -9.73 -6.75
CA SER D 543 6.66 -9.32 -7.85
C SER D 543 5.93 -7.99 -7.52
N PRO D 544 6.01 -7.01 -8.44
CA PRO D 544 5.60 -5.61 -8.19
C PRO D 544 4.11 -5.36 -7.94
N GLY D 545 3.22 -6.14 -8.53
CA GLY D 545 1.79 -5.83 -8.44
C GLY D 545 0.91 -6.62 -9.38
N PHE D 546 -0.37 -6.27 -9.40
CA PHE D 546 -1.38 -7.04 -10.10
C PHE D 546 -2.24 -6.14 -10.97
N TYR D 547 -2.85 -6.71 -12.00
CA TYR D 547 -3.69 -5.93 -12.90
C TYR D 547 -5.13 -6.05 -12.51
N VAL D 548 -5.82 -4.91 -12.48
CA VAL D 548 -7.28 -4.94 -12.46
C VAL D 548 -7.76 -5.04 -13.90
N GLU D 549 -8.70 -5.94 -14.14
CA GLU D 549 -9.14 -6.23 -15.50
C GLU D 549 -10.16 -5.20 -15.98
N GLN D 550 -10.58 -5.32 -17.24
CA GLN D 550 -11.53 -4.38 -17.86
C GLN D 550 -12.97 -4.55 -17.36
N PRO D 560 -7.89 1.87 -16.35
CA PRO D 560 -7.46 0.55 -15.85
C PRO D 560 -5.91 0.36 -15.92
N PRO D 561 -5.19 0.79 -14.87
CA PRO D 561 -3.73 0.60 -14.84
C PRO D 561 -3.31 -0.61 -13.98
N THR D 562 -2.05 -0.63 -13.56
CA THR D 562 -1.52 -1.69 -12.69
C THR D 562 -1.34 -1.15 -11.29
N ILE D 563 -1.91 -1.86 -10.33
CA ILE D 563 -1.86 -1.51 -8.93
C ILE D 563 -0.60 -2.09 -8.27
N PRO D 564 0.23 -1.23 -7.63
CA PRO D 564 1.43 -1.73 -6.98
C PRO D 564 1.21 -2.20 -5.54
N VAL D 565 1.80 -3.35 -5.22
CA VAL D 565 1.78 -3.90 -3.87
C VAL D 565 3.08 -3.47 -3.16
N LEU D 566 2.94 -2.61 -2.15
CA LEU D 566 4.11 -2.05 -1.44
C LEU D 566 3.89 -1.80 0.06
N TYR D 567 2.88 -2.44 0.65
CA TYR D 567 2.55 -2.21 2.06
C TYR D 567 3.74 -2.61 2.94
N ILE D 568 4.70 -3.31 2.36
CA ILE D 568 5.87 -3.77 3.09
C ILE D 568 6.82 -2.63 3.45
N TYR D 569 6.82 -1.58 2.64
CA TYR D 569 7.72 -0.45 2.84
C TYR D 569 7.24 0.46 3.97
N HIS D 570 5.96 0.32 4.33
CA HIS D 570 5.41 1.07 5.45
C HIS D 570 5.75 0.45 6.81
N ARG D 571 6.14 -0.82 6.82
CA ARG D 571 6.55 -1.49 8.07
C ARG D 571 7.60 -0.69 8.81
N SER D 572 7.38 -0.48 10.10
CA SER D 572 8.29 0.30 10.92
C SER D 572 9.69 -0.33 11.00
N VAL D 573 9.82 -1.58 10.55
CA VAL D 573 11.10 -2.30 10.56
C VAL D 573 11.46 -2.77 9.15
N GLN D 574 12.33 -2.05 8.46
CA GLN D 574 12.61 -2.34 7.04
C GLN D 574 13.64 -3.43 6.78
N CYS D 575 13.62 -3.99 5.57
CA CYS D 575 14.63 -4.99 5.19
C CYS D 575 15.22 -4.69 3.80
N PRO D 576 16.32 -3.91 3.74
CA PRO D 576 16.88 -3.42 2.48
C PRO D 576 17.60 -4.50 1.69
N VAL D 577 17.99 -5.58 2.38
CA VAL D 577 18.71 -6.71 1.78
C VAL D 577 17.91 -7.38 0.65
N LEU D 578 16.60 -7.53 0.86
CA LEU D 578 15.74 -8.12 -0.17
C LEU D 578 14.97 -7.04 -0.93
N TYR D 579 14.19 -6.27 -0.20
CA TYR D 579 13.23 -5.36 -0.81
C TYR D 579 13.83 -4.03 -1.25
N GLY D 580 14.98 -3.67 -0.69
CA GLY D 580 15.67 -2.46 -1.14
C GLY D 580 15.09 -1.23 -0.47
N SER D 581 14.96 -0.14 -1.26
CA SER D 581 14.49 1.15 -0.73
C SER D 581 13.85 2.04 -1.79
N LEU D 582 12.82 2.78 -1.37
CA LEU D 582 12.24 3.85 -2.17
C LEU D 582 12.95 5.14 -1.75
N THR D 583 13.92 5.57 -2.56
CA THR D 583 14.94 6.61 -2.25
C THR D 583 16.10 6.06 -1.42
N THR D 587 18.08 2.99 -6.02
CA THR D 587 16.68 2.56 -6.07
C THR D 587 16.51 1.12 -6.62
N GLY D 588 17.30 0.18 -6.11
CA GLY D 588 17.14 -1.26 -6.38
C GLY D 588 16.77 -1.75 -7.79
N PRO D 589 16.52 -3.08 -7.93
CA PRO D 589 15.96 -3.71 -9.14
C PRO D 589 14.48 -4.15 -8.99
N VAL D 590 14.06 -4.36 -7.74
CA VAL D 590 12.66 -4.67 -7.42
C VAL D 590 11.95 -3.37 -7.07
N ALA D 591 12.40 -2.73 -5.98
CA ALA D 591 11.85 -1.46 -5.49
C ALA D 591 11.56 -0.45 -6.61
N SER D 592 12.38 -0.51 -7.66
CA SER D 592 12.24 0.36 -8.82
C SER D 592 11.03 0.02 -9.66
N LYS D 593 10.73 -1.28 -9.80
CA LYS D 593 9.55 -1.71 -10.56
C LYS D 593 8.27 -1.31 -9.86
N VAL D 594 8.27 -1.50 -8.54
CA VAL D 594 7.20 -1.09 -7.65
C VAL D 594 6.93 0.41 -7.80
N LEU D 595 7.99 1.19 -7.73
CA LEU D 595 7.93 2.65 -7.80
C LEU D 595 7.34 3.17 -9.11
N ALA D 596 7.80 2.62 -10.23
CA ALA D 596 7.29 3.04 -11.53
C ALA D 596 5.78 2.95 -11.58
N LEU D 597 5.24 1.84 -11.09
CA LEU D 597 3.79 1.58 -11.07
C LEU D 597 3.09 2.55 -10.16
N TYR D 598 3.76 2.92 -9.07
CA TYR D 598 3.26 3.93 -8.13
C TYR D 598 3.15 5.27 -8.83
N GLU D 599 4.21 5.66 -9.53
CA GLU D 599 4.25 6.92 -10.24
C GLU D 599 3.31 6.96 -11.42
N LYS D 600 3.04 5.79 -12.01
CA LYS D 600 2.12 5.71 -13.15
C LYS D 600 0.66 5.69 -12.72
N ILE D 601 0.43 5.32 -11.46
CA ILE D 601 -0.93 5.22 -10.95
C ILE D 601 -1.43 6.57 -10.46
N LEU D 602 -0.51 7.51 -10.27
CA LEU D 602 -0.87 8.87 -9.89
C LEU D 602 -1.23 9.71 -11.11
N ALA D 603 -0.61 9.42 -12.25
CA ALA D 603 -0.92 10.10 -13.51
C ALA D 603 -2.26 9.65 -14.15
N TYR D 604 -2.94 8.70 -13.51
CA TYR D 604 -4.26 8.21 -13.92
C TYR D 604 -5.31 9.36 -13.94
N GLU D 605 -6.50 9.07 -14.47
CA GLU D 605 -7.58 10.08 -14.65
C GLU D 605 -7.99 10.83 -13.38
N GLY D 609 -14.62 12.63 -11.90
CA GLY D 609 -16.07 12.37 -11.83
C GLY D 609 -16.69 12.77 -10.50
N SER D 610 -17.78 12.08 -10.15
CA SER D 610 -18.46 12.28 -8.86
C SER D 610 -18.09 11.15 -7.89
N LYS D 611 -17.41 10.12 -8.41
CA LYS D 611 -16.86 9.09 -7.52
C LYS D 611 -15.50 9.53 -6.99
N HIS D 612 -14.94 10.56 -7.60
CA HIS D 612 -13.73 11.17 -7.08
C HIS D 612 -13.99 11.90 -5.76
N ILE D 613 -15.17 12.52 -5.66
CA ILE D 613 -15.58 13.21 -4.44
C ILE D 613 -15.83 12.20 -3.34
N ALA D 614 -16.39 11.04 -3.72
CA ALA D 614 -16.68 9.99 -2.75
C ALA D 614 -15.41 9.45 -2.12
N ALA D 615 -14.39 9.24 -2.96
CA ALA D 615 -13.07 8.76 -2.52
C ALA D 615 -12.43 9.72 -1.52
N GLN D 616 -12.52 11.01 -1.82
CA GLN D 616 -12.07 12.05 -0.90
C GLN D 616 -12.74 11.93 0.47
N THR D 617 -14.07 11.94 0.48
CA THR D 617 -14.83 11.85 1.74
C THR D 617 -14.51 10.58 2.50
N VAL D 618 -14.26 9.47 1.79
CA VAL D 618 -13.84 8.21 2.42
C VAL D 618 -12.45 8.33 2.99
N SER D 619 -11.62 9.13 2.34
CA SER D 619 -10.26 9.41 2.78
C SER D 619 -10.20 10.07 4.17
N ARG D 620 -11.14 10.97 4.46
CA ARG D 620 -11.14 11.71 5.72
C ARG D 620 -12.01 11.05 6.77
N SER D 621 -12.77 10.05 6.36
CA SER D 621 -13.71 9.37 7.23
C SER D 621 -13.13 8.11 7.84
N LEU D 622 -11.80 7.98 7.82
CA LEU D 622 -11.17 6.76 8.29
C LEU D 622 -11.10 6.65 9.80
N ALA D 623 -11.25 7.80 10.48
CA ALA D 623 -11.24 7.86 11.94
C ALA D 623 -10.02 7.16 12.56
N VAL D 624 -8.89 7.24 11.86
CA VAL D 624 -7.65 6.55 12.24
C VAL D 624 -6.47 7.29 11.60
N PRO D 625 -5.31 7.30 12.28
CA PRO D 625 -4.13 7.97 11.75
C PRO D 625 -3.46 7.20 10.60
N ILE D 626 -3.40 7.84 9.44
CA ILE D 626 -2.63 7.35 8.30
C ILE D 626 -1.31 8.12 8.23
N PRO D 627 -0.23 7.47 7.74
CA PRO D 627 1.04 8.18 7.60
C PRO D 627 0.91 9.30 6.57
N SER D 628 1.96 10.11 6.40
CA SER D 628 1.84 11.28 5.54
C SER D 628 2.15 11.01 4.07
N GLY D 629 1.73 11.94 3.20
CA GLY D 629 2.00 11.86 1.77
C GLY D 629 1.37 10.63 1.15
N THR D 630 0.50 9.98 1.92
CA THR D 630 -0.07 8.70 1.56
C THR D 630 -1.46 8.87 0.93
N ILE D 631 -1.99 10.09 1.02
CA ILE D 631 -3.38 10.40 0.65
C ILE D 631 -3.64 10.33 -0.87
N PRO D 632 -2.86 11.04 -1.70
CA PRO D 632 -3.16 11.01 -3.13
C PRO D 632 -3.30 9.58 -3.66
N PHE D 633 -2.36 8.71 -3.28
CA PHE D 633 -2.37 7.30 -3.68
C PHE D 633 -3.58 6.57 -3.09
N LEU D 634 -3.95 6.90 -1.86
CA LEU D 634 -5.13 6.32 -1.24
C LEU D 634 -6.40 6.68 -2.04
N ILE D 635 -6.50 7.95 -2.44
CA ILE D 635 -7.64 8.41 -3.25
C ILE D 635 -7.73 7.59 -4.54
N ARG D 636 -6.62 7.50 -5.25
CA ARG D 636 -6.55 6.70 -6.47
C ARG D 636 -7.15 5.32 -6.27
N LEU D 637 -6.73 4.65 -5.20
CA LEU D 637 -7.18 3.29 -4.94
C LEU D 637 -8.61 3.23 -4.41
N LEU D 638 -9.01 4.26 -3.67
CA LEU D 638 -10.40 4.34 -3.23
C LEU D 638 -11.32 4.54 -4.40
N GLN D 639 -10.84 5.20 -5.45
CA GLN D 639 -11.62 5.33 -6.67
C GLN D 639 -11.86 3.96 -7.24
N ILE D 640 -10.77 3.22 -7.48
CA ILE D 640 -10.83 1.87 -8.03
C ILE D 640 -11.79 1.00 -7.22
N ALA D 641 -11.74 1.18 -5.90
CA ALA D 641 -12.62 0.46 -4.98
C ALA D 641 -14.09 0.79 -5.20
N LEU D 642 -14.35 1.99 -5.72
CA LEU D 642 -15.72 2.50 -5.85
C LEU D 642 -16.35 2.28 -7.22
N THR D 643 -15.58 1.74 -8.17
CA THR D 643 -16.07 1.49 -9.53
C THR D 643 -16.49 0.04 -9.85
N PRO D 644 -17.62 -0.10 -10.59
CA PRO D 644 -18.35 -1.33 -10.91
C PRO D 644 -17.59 -2.64 -11.17
N HIS D 645 -16.70 -2.68 -12.16
CA HIS D 645 -16.16 -3.99 -12.58
C HIS D 645 -14.73 -4.27 -12.11
N VAL D 646 -14.20 -3.34 -11.34
CA VAL D 646 -12.77 -3.30 -11.06
C VAL D 646 -12.42 -3.68 -9.59
N TYR D 647 -13.32 -3.39 -8.65
CA TYR D 647 -13.05 -3.63 -7.23
C TYR D 647 -12.80 -5.10 -6.89
N GLN D 648 -13.18 -5.98 -7.81
CA GLN D 648 -13.06 -7.44 -7.69
C GLN D 648 -11.84 -7.96 -6.96
N LYS D 649 -10.65 -7.67 -7.50
CA LYS D 649 -9.43 -8.17 -6.91
C LYS D 649 -9.14 -7.48 -5.58
N LEU D 650 -9.39 -6.18 -5.50
CA LEU D 650 -9.23 -5.47 -4.25
C LEU D 650 -10.09 -6.11 -3.16
N GLU D 651 -11.32 -6.48 -3.50
CA GLU D 651 -12.21 -7.20 -2.58
C GLU D 651 -11.58 -8.49 -2.08
N LEU D 652 -11.03 -9.27 -3.01
CA LEU D 652 -10.37 -10.54 -2.67
C LEU D 652 -9.30 -10.38 -1.59
N LEU D 653 -8.52 -9.31 -1.71
CA LEU D 653 -7.40 -9.07 -0.81
C LEU D 653 -7.91 -8.45 0.47
N GLY D 654 -8.95 -7.65 0.36
CA GLY D 654 -9.57 -7.04 1.52
C GLY D 654 -10.17 -8.12 2.38
N ASP D 655 -10.82 -9.09 1.74
CA ASP D 655 -11.46 -10.21 2.42
C ASP D 655 -10.42 -11.02 3.20
N ALA D 656 -9.26 -11.21 2.57
CA ALA D 656 -8.15 -11.94 3.15
C ALA D 656 -7.59 -11.23 4.37
N PHE D 657 -7.33 -9.93 4.25
CA PHE D 657 -6.77 -9.14 5.34
C PHE D 657 -7.73 -9.00 6.53
N LEU D 658 -9.01 -8.79 6.25
CA LEU D 658 -10.01 -8.61 7.29
C LEU D 658 -10.05 -9.80 8.23
N LYS D 659 -10.07 -11.00 7.67
CA LYS D 659 -10.06 -12.22 8.46
C LYS D 659 -8.81 -12.26 9.33
N CYS D 660 -7.66 -12.10 8.70
CA CYS D 660 -6.39 -12.12 9.39
C CYS D 660 -6.32 -11.12 10.54
N SER D 661 -6.73 -9.87 10.29
CA SER D 661 -6.66 -8.85 11.33
C SER D 661 -7.65 -9.09 12.45
N LEU D 662 -8.90 -9.42 12.12
CA LEU D 662 -9.89 -9.72 13.14
C LEU D 662 -9.43 -10.87 14.01
N ALA D 663 -8.86 -11.91 13.40
CA ALA D 663 -8.30 -13.05 14.13
C ALA D 663 -7.25 -12.57 15.13
N LEU D 664 -6.28 -11.79 14.63
CA LEU D 664 -5.26 -11.20 15.47
C LEU D 664 -5.87 -10.42 16.63
N HIS D 665 -6.76 -9.47 16.32
CA HIS D 665 -7.37 -8.63 17.35
C HIS D 665 -8.09 -9.43 18.39
N LEU D 666 -8.88 -10.40 17.94
CA LEU D 666 -9.65 -11.21 18.85
C LEU D 666 -8.68 -12.01 19.70
N HIS D 667 -7.64 -12.51 19.05
CA HIS D 667 -6.64 -13.30 19.74
C HIS D 667 -6.06 -12.56 20.94
N ALA D 668 -5.95 -11.25 20.82
CA ALA D 668 -5.34 -10.44 21.87
C ALA D 668 -6.33 -10.04 22.94
N LEU D 669 -7.58 -9.77 22.54
CA LEU D 669 -8.59 -9.33 23.51
C LEU D 669 -9.12 -10.50 24.34
N HIS D 670 -8.85 -11.72 23.89
CA HIS D 670 -9.44 -12.88 24.54
C HIS D 670 -8.40 -13.96 24.69
N PRO D 671 -7.43 -13.73 25.57
CA PRO D 671 -6.25 -14.56 25.68
C PRO D 671 -6.55 -15.98 26.17
N THR D 672 -7.75 -16.21 26.69
CA THR D 672 -8.08 -17.52 27.26
C THR D 672 -9.08 -18.31 26.43
N LEU D 673 -9.62 -17.69 25.38
CA LEU D 673 -10.62 -18.33 24.52
C LEU D 673 -9.98 -19.15 23.42
N THR D 674 -10.69 -20.17 22.96
CA THR D 674 -10.09 -21.14 22.03
C THR D 674 -10.70 -21.14 20.62
N GLU D 675 -10.31 -22.14 19.83
CA GLU D 675 -10.60 -22.26 18.39
C GLU D 675 -12.04 -21.94 18.03
N GLY D 676 -12.98 -22.67 18.60
CA GLY D 676 -14.39 -22.52 18.28
C GLY D 676 -14.97 -21.16 18.61
N ALA D 677 -14.86 -20.76 19.87
CA ALA D 677 -15.41 -19.49 20.33
C ALA D 677 -14.78 -18.30 19.64
N LEU D 678 -13.49 -18.39 19.34
CA LEU D 678 -12.79 -17.33 18.63
C LEU D 678 -13.22 -17.26 17.18
N THR D 679 -13.54 -18.41 16.60
CA THR D 679 -14.03 -18.48 15.22
C THR D 679 -15.45 -17.91 15.13
N ARG D 680 -16.40 -18.53 15.83
CA ARG D 680 -17.77 -18.02 15.93
C ARG D 680 -17.82 -16.49 16.07
N MET D 681 -16.85 -15.94 16.78
CA MET D 681 -16.77 -14.51 16.98
C MET D 681 -16.46 -13.73 15.70
N ARG D 682 -15.23 -13.84 15.18
CA ARG D 682 -14.87 -13.05 14.00
C ARG D 682 -15.84 -13.22 12.86
N GLN D 683 -16.28 -14.45 12.59
CA GLN D 683 -17.26 -14.73 11.54
C GLN D 683 -18.50 -13.85 11.67
N SER D 684 -18.87 -13.54 12.90
CA SER D 684 -20.06 -12.73 13.16
C SER D 684 -19.93 -11.30 12.64
N ALA D 685 -18.70 -10.80 12.58
CA ALA D 685 -18.47 -9.42 12.15
C ALA D 685 -17.79 -9.37 10.80
N GLU D 686 -17.84 -10.47 10.06
CA GLU D 686 -17.11 -10.58 8.81
C GLU D 686 -18.08 -10.83 7.66
N THR D 687 -19.36 -10.91 7.98
CA THR D 687 -20.36 -11.25 6.98
C THR D 687 -20.74 -10.04 6.16
N ASN D 688 -21.16 -10.33 4.94
CA ASN D 688 -21.48 -9.31 3.96
C ASN D 688 -22.56 -8.35 4.39
N SER D 689 -23.57 -8.87 5.10
CA SER D 689 -24.66 -8.05 5.61
C SER D 689 -24.16 -7.07 6.68
N VAL D 690 -23.20 -7.51 7.47
CA VAL D 690 -22.62 -6.68 8.54
C VAL D 690 -21.64 -5.64 7.97
N LEU D 691 -20.77 -6.09 7.06
CA LEU D 691 -19.87 -5.17 6.38
C LEU D 691 -20.64 -4.15 5.54
N GLY D 692 -21.73 -4.60 4.92
CA GLY D 692 -22.59 -3.75 4.11
C GLY D 692 -23.22 -2.58 4.85
N ARG D 693 -23.56 -2.82 6.12
CA ARG D 693 -24.04 -1.77 7.02
C ARG D 693 -22.96 -0.73 7.26
N LEU D 694 -21.72 -1.19 7.38
CA LEU D 694 -20.59 -0.31 7.67
C LEU D 694 -20.25 0.62 6.51
N THR D 695 -20.50 0.19 5.28
CA THR D 695 -20.30 1.06 4.14
C THR D 695 -21.29 2.21 4.23
N LYS D 696 -22.55 1.88 4.52
CA LYS D 696 -23.61 2.88 4.60
C LYS D 696 -23.44 3.88 5.76
N ARG D 697 -22.43 3.65 6.60
CA ARG D 697 -22.05 4.57 7.69
C ARG D 697 -21.08 5.66 7.26
N PHE D 698 -20.46 5.50 6.09
CA PHE D 698 -19.73 6.60 5.50
C PHE D 698 -20.73 7.70 5.12
N PRO D 699 -20.26 8.95 5.01
CA PRO D 699 -21.17 9.99 4.54
C PRO D 699 -21.95 9.50 3.31
N SER D 700 -23.21 9.95 3.18
CA SER D 700 -24.15 9.42 2.18
C SER D 700 -23.70 9.59 0.72
N VAL D 701 -22.55 10.23 0.53
CA VAL D 701 -21.94 10.39 -0.80
C VAL D 701 -21.43 9.06 -1.33
N VAL D 702 -20.97 8.19 -0.43
CA VAL D 702 -20.50 6.87 -0.80
C VAL D 702 -21.68 5.99 -1.23
N SER D 703 -22.78 6.09 -0.49
CA SER D 703 -24.00 5.37 -0.82
C SER D 703 -24.58 5.86 -2.14
N GLU D 704 -24.44 7.16 -2.41
CA GLU D 704 -24.99 7.77 -3.61
C GLU D 704 -24.28 7.30 -4.87
N VAL D 705 -22.96 7.22 -4.81
CA VAL D 705 -22.14 6.80 -5.93
C VAL D 705 -22.37 5.34 -6.28
N ILE D 706 -22.55 4.51 -5.27
CA ILE D 706 -22.81 3.09 -5.50
C ILE D 706 -24.14 2.90 -6.22
N ILE D 707 -25.17 3.65 -5.82
CA ILE D 707 -26.50 3.56 -6.46
C ILE D 707 -26.48 4.15 -7.87
N GLU D 708 -25.53 5.04 -8.12
CA GLU D 708 -25.33 5.60 -9.44
C GLU D 708 -24.57 4.64 -10.36
N SER D 709 -23.80 3.73 -9.77
CA SER D 709 -23.09 2.72 -10.55
C SER D 709 -23.92 1.46 -10.73
N HIS D 710 -24.86 1.24 -9.82
CA HIS D 710 -25.66 0.03 -9.83
C HIS D 710 -27.15 0.36 -9.74
N PRO D 711 -27.82 0.43 -10.90
CA PRO D 711 -29.23 0.75 -10.95
C PRO D 711 -30.09 -0.34 -10.30
N LYS D 712 -31.16 0.08 -9.64
CA LYS D 712 -32.11 -0.81 -8.97
C LYS D 712 -31.45 -1.92 -8.15
N ILE D 713 -30.55 -1.52 -7.24
CA ILE D 713 -29.97 -2.45 -6.28
C ILE D 713 -30.49 -2.11 -4.90
N GLN D 714 -30.67 -3.14 -4.08
CA GLN D 714 -31.37 -2.98 -2.82
C GLN D 714 -30.45 -2.97 -1.62
N PRO D 715 -30.85 -2.24 -0.55
CA PRO D 715 -30.04 -2.10 0.67
C PRO D 715 -29.31 -3.37 1.11
N ASP D 716 -29.95 -4.53 0.97
CA ASP D 716 -29.33 -5.80 1.36
C ASP D 716 -28.47 -6.40 0.25
N SER D 717 -28.01 -5.55 -0.68
CA SER D 717 -27.19 -6.01 -1.78
C SER D 717 -25.77 -6.35 -1.35
N LYS D 718 -25.22 -7.37 -1.98
CA LYS D 718 -23.88 -7.85 -1.71
C LYS D 718 -22.86 -6.76 -1.95
N VAL D 719 -23.19 -5.86 -2.87
CA VAL D 719 -22.27 -4.80 -3.32
C VAL D 719 -21.81 -3.87 -2.19
N TYR D 720 -22.70 -3.52 -1.27
CA TYR D 720 -22.33 -2.67 -0.12
C TYR D 720 -21.27 -3.32 0.76
N GLY D 721 -21.48 -4.59 1.09
CA GLY D 721 -20.50 -5.34 1.87
C GLY D 721 -19.21 -5.50 1.10
N ASP D 722 -19.32 -5.82 -0.18
CA ASP D 722 -18.14 -6.13 -0.97
C ASP D 722 -17.29 -4.89 -1.24
N THR D 723 -17.91 -3.72 -1.36
CA THR D 723 -17.15 -2.49 -1.57
C THR D 723 -16.47 -2.04 -0.31
N PHE D 724 -16.95 -2.48 0.85
CA PHE D 724 -16.23 -2.24 2.10
C PHE D 724 -14.90 -3.00 2.06
N GLU D 725 -14.95 -4.29 1.75
CA GLU D 725 -13.75 -5.14 1.68
C GLU D 725 -12.76 -4.55 0.69
N ALA D 726 -13.29 -3.96 -0.37
CA ALA D 726 -12.49 -3.25 -1.34
C ALA D 726 -11.76 -2.05 -0.73
N ILE D 727 -12.49 -1.23 0.02
CA ILE D 727 -11.92 -0.04 0.65
C ILE D 727 -10.83 -0.44 1.63
N LEU D 728 -11.07 -1.50 2.38
CA LEU D 728 -10.11 -1.99 3.36
C LEU D 728 -8.82 -2.36 2.67
N ALA D 729 -8.94 -2.97 1.49
CA ALA D 729 -7.76 -3.25 0.67
C ALA D 729 -7.08 -1.95 0.28
N ALA D 730 -7.89 -0.99 -0.20
CA ALA D 730 -7.38 0.30 -0.60
C ALA D 730 -6.57 0.95 0.52
N ILE D 731 -7.02 0.80 1.76
CA ILE D 731 -6.27 1.34 2.91
C ILE D 731 -5.00 0.55 3.17
N LEU D 732 -5.09 -0.78 3.04
CA LEU D 732 -3.93 -1.63 3.22
C LEU D 732 -2.89 -1.31 2.16
N LEU D 733 -3.30 -1.41 0.90
CA LEU D 733 -2.37 -1.25 -0.21
C LEU D 733 -1.71 0.13 -0.26
N ALA D 734 -2.37 1.14 0.31
CA ALA D 734 -1.91 2.52 0.21
C ALA D 734 -1.36 3.11 1.50
N CYS D 735 -1.78 2.58 2.65
CA CYS D 735 -1.30 3.11 3.93
C CYS D 735 -0.49 2.15 4.79
N GLY D 736 -0.43 0.89 4.39
CA GLY D 736 0.31 -0.10 5.15
C GLY D 736 -0.57 -0.90 6.09
N GLU D 737 0.03 -1.93 6.69
CA GLU D 737 -0.72 -2.94 7.44
C GLU D 737 -1.26 -2.46 8.78
N GLU D 738 -0.54 -1.57 9.45
CA GLU D 738 -0.97 -1.12 10.76
C GLU D 738 -2.11 -0.11 10.70
N ALA D 739 -2.15 0.67 9.61
CA ALA D 739 -3.26 1.61 9.39
C ALA D 739 -4.55 0.84 9.15
N ALA D 740 -4.50 -0.14 8.25
CA ALA D 740 -5.63 -0.98 7.93
C ALA D 740 -6.15 -1.74 9.15
N GLY D 741 -5.27 -2.44 9.85
CA GLY D 741 -5.63 -3.11 11.11
C GLY D 741 -6.23 -2.16 12.14
N ALA D 742 -5.69 -0.93 12.19
CA ALA D 742 -6.24 0.11 13.05
C ALA D 742 -7.67 0.41 12.65
N PHE D 743 -7.88 0.61 11.34
CA PHE D 743 -9.22 0.82 10.80
C PHE D 743 -10.13 -0.36 11.13
N VAL D 744 -9.57 -1.56 11.15
CA VAL D 744 -10.35 -2.77 11.44
C VAL D 744 -10.85 -2.81 12.88
N ARG D 745 -9.97 -2.46 13.83
CA ARG D 745 -10.38 -2.47 15.25
C ARG D 745 -11.35 -1.34 15.59
N GLU D 746 -11.34 -0.27 14.79
CA GLU D 746 -12.19 0.89 15.05
C GLU D 746 -13.61 0.71 14.56
N HIS D 747 -13.76 0.05 13.42
CA HIS D 747 -15.05 0.00 12.77
C HIS D 747 -15.66 -1.39 12.78
N VAL D 748 -14.83 -2.40 12.56
CA VAL D 748 -15.32 -3.77 12.36
C VAL D 748 -15.39 -4.56 13.67
N LEU D 749 -14.43 -4.32 14.56
CA LEU D 749 -14.34 -5.05 15.82
C LEU D 749 -15.56 -4.87 16.77
N PRO D 750 -16.05 -3.62 16.96
CA PRO D 750 -17.27 -3.41 17.78
C PRO D 750 -18.49 -4.22 17.34
N GLN D 751 -18.51 -4.69 16.10
CA GLN D 751 -19.62 -5.45 15.55
C GLN D 751 -19.53 -6.93 15.85
N VAL D 752 -18.49 -7.36 16.56
CA VAL D 752 -18.33 -8.78 16.87
C VAL D 752 -19.30 -9.18 17.97
N VAL D 753 -20.21 -10.11 17.67
CA VAL D 753 -21.23 -10.49 18.64
C VAL D 753 -20.72 -11.52 19.65
N ALA D 754 -20.81 -11.15 20.93
CA ALA D 754 -20.36 -11.98 22.05
C ALA D 754 -21.04 -13.35 22.07
N ASP D 755 -20.27 -14.39 22.39
CA ASP D 755 -20.74 -15.78 22.36
C ASP D 755 -21.68 -16.12 23.53
N ALA D 756 -21.54 -15.39 24.63
CA ALA D 756 -22.38 -15.57 25.83
C ALA D 756 -23.80 -15.03 25.63
MN MN E . -8.71 56.49 2.07
MN MN F . -1.65 40.04 -9.61
MN MN G . -8.22 53.92 -2.88
MN MN H . 1.18 40.50 -14.52
MN MN I . -5.98 10.71 -31.58
MN MN J . -26.80 16.01 -4.00
MN MN K . -13.45 36.58 24.01
MN MN L . -0.73 4.29 -71.41
MN MN M . -12.89 40.52 -21.31
MN MN N . -10.53 49.73 -26.43
MN MN O . -9.31 66.05 12.68
MN MN P . -14.05 40.57 15.75
MN MN Q . -1.69 43.48 17.44
MN MN R . 9.36 34.92 0.94
MN MN S . 2.25 39.80 14.82
MN MN T . 10.05 30.03 0.38
MN MN U . 39.50 27.08 -17.93
MN MN V . -0.72 68.84 1.61
MN MN W . 62.54 -7.16 -20.34
MN MN X . 2.52 39.55 -2.12
MN MN Y . 6.29 37.36 5.42
MN MN Z . -10.04 -21.88 -16.90
MN MN AA . -8.27 -36.82 -1.39
MN MN BA . -9.04 -26.49 -14.88
MN MN CA . -4.53 -40.15 -1.35
MN MN DA . -16.81 -67.89 15.94
MN MN EA . -32.54 -10.59 0.86
MN MN FA . 3.03 -16.17 -23.08
MN MN GA . -4.66 -50.11 -16.65
MN MN HA . -27.43 -15.95 -4.74
MN MN IA . -2.04 -106.58 14.70
MN MN JA . -16.97 -10.44 -0.23
MN MN KA . -6.36 -26.21 10.16
MN MN LA . -15.60 -12.20 3.72
MN MN MA . -8.08 -28.45 15.02
MN MN NA . 21.29 -37.82 31.41
MN MN OA . -17.42 3.82 9.25
MN MN PA . -9.36 16.29 -5.06
MN MN QA . -10.98 3.31 20.66
#